data_9CK5
#
_entry.id   9CK5
#
_cell.length_a   1.00
_cell.length_b   1.00
_cell.length_c   1.00
_cell.angle_alpha   90.00
_cell.angle_beta   90.00
_cell.angle_gamma   90.00
#
_symmetry.space_group_name_H-M   'P 1'
#
loop_
_entity.id
_entity.type
_entity.pdbx_description
1 polymer 'RuBisCO large subunit'
2 polymer 'RuBisCO small subunit'
3 non-polymer 'MAGNESIUM ION'
4 non-polymer 2-CARBOXYARABINITOL-1,5-DIPHOSPHATE
#
loop_
_entity_poly.entity_id
_entity_poly.type
_entity_poly.pdbx_seq_one_letter_code
_entity_poly.pdbx_strand_id
1 'polypeptide(L)'
;MSPQTETKAGVGFKAGVKDYRLTYYTPDYETKDTDILAAFRMTPQPGVPPEEAGAAVAAESSTGTWTTVWTDGLTSLDRY
KGRCYDIEPVAGEENQYIAYVAYPLDLFEEGSVTNMFTSIVGNVFGFKALRALRLEDLRIPPAYSKTFQGPPHGIQVERD
KLNKYGRPLLGCTIKPKLGLSAKNYGRAVYECLRGGLDFT(KCX)DDENVNSQPFMRWRDRFLFVAEAIFKSQAETGEIK
GHYLNATAGTCEEMMKRAQFARELGMPIVMHDYLTGGFTANTTLAHYCRDNGLLLHIHRAMHAVIDRQRNHGIHFRVLAK
ALRMSGGDHIHSGTVVGKLEGEREVTLGFVDLLRDDYIEKDRSRGIYFTQDWVSMPGVLPVASGGIHVWHMPALTEIFGD
DSVLQFGGGTLGHPWGNAPGAVANRVALEACVQARNEGRDLAREGNDIIREASKWSPELAAACEVWKEIKFVFETIDTL
;
A,B,C,D,E,F,G,H
2 'polypeptide(L)'
;MQVWNPIDNPKFETLSYLPPLTDNQIAREIDYMLRNKWIPCLEFDPSGTITTLPGQPGYYGGRYWTMWKLPMFGCNNAGY
VLREIEHCKNAYPGCFIRVLGFDNIRQVQCCAFIVHKPQHHHHHH
;
I,J,K,L,M,N,O,P
#
loop_
_chem_comp.id
_chem_comp.type
_chem_comp.name
_chem_comp.formula
CAP saccharide 2-CARBOXYARABINITOL-1,5-DIPHOSPHATE 'C6 H14 O13 P2'
MG non-polymer 'MAGNESIUM ION' 'Mg 2'
#
# COMPACT_ATOMS: atom_id res chain seq x y z
N GLY A 12 -40.30 45.15 -5.39
CA GLY A 12 -41.25 44.15 -4.93
C GLY A 12 -41.17 42.85 -5.70
N PHE A 13 -42.12 41.95 -5.46
CA PHE A 13 -42.18 40.66 -6.12
C PHE A 13 -43.52 40.53 -6.82
N LYS A 14 -43.48 40.31 -8.14
CA LYS A 14 -44.68 40.14 -8.95
C LYS A 14 -44.56 38.83 -9.72
N ALA A 15 -45.59 37.99 -9.61
CA ALA A 15 -45.60 36.70 -10.29
C ALA A 15 -46.26 36.82 -11.65
N GLY A 16 -45.59 36.32 -12.67
CA GLY A 16 -46.10 36.40 -14.03
C GLY A 16 -45.04 36.01 -15.04
N VAL A 17 -45.35 36.29 -16.30
CA VAL A 17 -44.47 35.98 -17.42
C VAL A 17 -44.18 37.25 -18.19
N LYS A 18 -42.90 37.50 -18.45
CA LYS A 18 -42.46 38.69 -19.17
C LYS A 18 -41.59 38.28 -20.35
N ASP A 19 -41.15 39.29 -21.10
CA ASP A 19 -40.32 39.06 -22.27
C ASP A 19 -38.84 38.98 -21.89
N TYR A 20 -38.05 38.47 -22.84
CA TYR A 20 -36.61 38.37 -22.64
C TYR A 20 -35.87 39.64 -23.02
N ARG A 21 -36.38 40.36 -24.03
CA ARG A 21 -35.70 41.54 -24.56
C ARG A 21 -35.60 42.67 -23.55
N LEU A 22 -36.46 42.71 -22.53
CA LEU A 22 -36.45 43.77 -21.53
C LEU A 22 -35.27 43.64 -20.57
N THR A 23 -34.57 42.51 -20.59
CA THR A 23 -33.47 42.31 -19.66
C THR A 23 -32.19 41.88 -20.37
N TYR A 24 -32.31 41.09 -21.43
CA TYR A 24 -31.15 40.44 -22.03
C TYR A 24 -30.78 41.01 -23.40
N TYR A 25 -31.13 42.25 -23.69
CA TYR A 25 -30.77 42.90 -24.94
C TYR A 25 -30.23 44.30 -24.63
N THR A 26 -28.90 44.43 -24.68
CA THR A 26 -28.22 45.69 -24.35
C THR A 26 -27.25 46.02 -25.49
N PRO A 27 -27.71 46.66 -26.56
CA PRO A 27 -26.87 46.92 -27.73
C PRO A 27 -26.04 48.20 -27.61
N ASP A 28 -25.52 48.47 -26.42
CA ASP A 28 -24.61 49.60 -26.22
C ASP A 28 -23.51 49.22 -25.24
N TYR A 29 -23.16 47.95 -25.19
CA TYR A 29 -22.27 47.41 -24.17
C TYR A 29 -20.85 47.31 -24.70
N GLU A 30 -19.89 47.69 -23.88
CA GLU A 30 -18.47 47.64 -24.23
C GLU A 30 -17.86 46.39 -23.59
N THR A 31 -17.26 45.54 -24.42
CA THR A 31 -16.68 44.30 -23.92
C THR A 31 -15.43 44.59 -23.10
N LYS A 32 -15.18 43.72 -22.12
CA LYS A 32 -13.99 43.79 -21.28
C LYS A 32 -12.90 42.89 -21.87
N ASP A 33 -11.77 42.82 -21.16
CA ASP A 33 -10.64 42.03 -21.59
C ASP A 33 -10.57 40.67 -20.91
N THR A 34 -11.60 40.31 -20.13
CA THR A 34 -11.66 39.01 -19.47
C THR A 34 -12.99 38.32 -19.74
N ASP A 35 -13.50 38.45 -20.96
CA ASP A 35 -14.78 37.89 -21.34
C ASP A 35 -14.60 36.86 -22.46
N ILE A 36 -15.60 36.00 -22.61
CA ILE A 36 -15.61 34.99 -23.65
C ILE A 36 -16.69 35.35 -24.66
N LEU A 37 -16.34 35.35 -25.94
CA LEU A 37 -17.24 35.77 -27.01
C LEU A 37 -17.56 34.60 -27.93
N ALA A 38 -18.75 34.63 -28.51
CA ALA A 38 -19.20 33.58 -29.42
C ALA A 38 -20.07 34.20 -30.51
N ALA A 39 -20.18 33.48 -31.63
CA ALA A 39 -20.96 33.93 -32.78
C ALA A 39 -21.84 32.80 -33.25
N PHE A 40 -23.13 33.08 -33.44
CA PHE A 40 -24.10 32.09 -33.90
C PHE A 40 -24.68 32.52 -35.24
N ARG A 41 -25.17 31.54 -35.99
CA ARG A 41 -25.86 31.75 -37.26
C ARG A 41 -27.19 31.02 -37.17
N MET A 42 -28.27 31.77 -36.95
CA MET A 42 -29.57 31.20 -36.61
C MET A 42 -30.60 31.48 -37.70
N THR A 43 -31.71 30.75 -37.62
CA THR A 43 -32.84 30.88 -38.53
C THR A 43 -34.13 30.92 -37.73
N PRO A 44 -34.76 32.09 -37.59
CA PRO A 44 -35.95 32.19 -36.75
C PRO A 44 -37.16 31.46 -37.33
N GLN A 45 -38.19 31.28 -36.50
CA GLN A 45 -39.45 30.67 -36.85
C GLN A 45 -40.45 31.73 -37.28
N PRO A 46 -41.28 31.47 -38.30
CA PRO A 46 -42.25 32.48 -38.76
C PRO A 46 -43.11 33.04 -37.63
N GLY A 47 -43.15 34.37 -37.52
CA GLY A 47 -43.90 35.03 -36.49
C GLY A 47 -43.11 35.43 -35.26
N VAL A 48 -41.79 35.49 -35.33
CA VAL A 48 -40.95 35.86 -34.20
C VAL A 48 -39.96 36.93 -34.63
N PRO A 49 -39.87 38.05 -33.92
CA PRO A 49 -38.90 39.09 -34.28
C PRO A 49 -37.48 38.59 -34.10
N PRO A 50 -36.54 39.07 -34.92
CA PRO A 50 -35.14 38.61 -34.79
C PRO A 50 -34.50 38.98 -33.46
N GLU A 51 -34.99 40.00 -32.77
CA GLU A 51 -34.41 40.44 -31.52
C GLU A 51 -34.94 39.69 -30.31
N GLU A 52 -35.96 38.84 -30.50
CA GLU A 52 -36.49 38.02 -29.42
C GLU A 52 -35.84 36.64 -29.37
N ALA A 53 -35.28 36.17 -30.49
CA ALA A 53 -34.55 34.91 -30.52
C ALA A 53 -33.13 35.03 -30.01
N GLY A 54 -32.43 36.11 -30.35
CA GLY A 54 -31.10 36.32 -29.82
C GLY A 54 -31.08 36.48 -28.32
N ALA A 55 -32.06 37.20 -27.78
CA ALA A 55 -32.17 37.35 -26.34
C ALA A 55 -32.48 36.01 -25.67
N ALA A 56 -33.38 35.22 -26.25
CA ALA A 56 -33.72 33.92 -25.71
C ALA A 56 -32.55 32.95 -25.74
N VAL A 57 -31.70 33.02 -26.76
CA VAL A 57 -30.50 32.19 -26.81
C VAL A 57 -29.56 32.46 -25.65
N ALA A 58 -29.30 33.73 -25.33
CA ALA A 58 -28.40 34.09 -24.24
C ALA A 58 -29.05 34.01 -22.87
N ALA A 59 -30.38 33.99 -22.79
CA ALA A 59 -31.05 33.99 -21.50
C ALA A 59 -31.39 32.60 -20.99
N GLU A 60 -30.97 31.55 -21.69
CA GLU A 60 -31.17 30.18 -21.20
C GLU A 60 -29.88 29.37 -21.23
N SER A 61 -28.73 30.03 -21.28
CA SER A 61 -27.45 29.34 -21.19
C SER A 61 -26.64 29.80 -19.98
N SER A 62 -26.98 30.92 -19.37
CA SER A 62 -26.28 31.37 -18.18
C SER A 62 -27.19 31.37 -16.95
N THR A 63 -28.28 32.14 -17.00
CA THR A 63 -29.25 32.25 -15.91
C THR A 63 -30.62 32.52 -16.49
N GLY A 64 -31.65 32.25 -15.70
CA GLY A 64 -32.99 32.62 -16.10
C GLY A 64 -33.83 31.42 -16.48
N THR A 65 -35.15 31.63 -16.52
CA THR A 65 -36.10 30.60 -16.89
C THR A 65 -37.32 31.20 -17.56
N TRP A 66 -38.41 30.45 -17.66
CA TRP A 66 -39.60 30.88 -18.38
C TRP A 66 -40.56 31.70 -17.54
N THR A 67 -40.26 31.95 -16.27
CA THR A 67 -41.12 32.75 -15.40
C THR A 67 -40.27 33.43 -14.34
N THR A 68 -40.93 34.28 -13.54
CA THR A 68 -40.25 35.07 -12.53
C THR A 68 -40.20 34.32 -11.21
N VAL A 69 -39.08 34.41 -10.52
CA VAL A 69 -38.89 33.77 -9.22
C VAL A 69 -38.54 34.84 -8.19
N TRP A 70 -38.72 34.50 -6.92
CA TRP A 70 -38.54 35.44 -5.82
C TRP A 70 -37.13 35.39 -5.23
N THR A 71 -36.33 34.38 -5.54
CA THR A 71 -35.01 34.24 -4.95
C THR A 71 -33.96 35.06 -5.66
N ASP A 72 -34.33 35.86 -6.65
CA ASP A 72 -33.39 36.69 -7.38
C ASP A 72 -33.07 37.99 -6.67
N GLY A 73 -33.80 38.33 -5.61
CA GLY A 73 -33.54 39.53 -4.86
C GLY A 73 -32.43 39.42 -3.84
N LEU A 74 -31.88 38.22 -3.64
CA LEU A 74 -30.81 38.01 -2.68
C LEU A 74 -29.43 38.12 -3.28
N THR A 75 -29.33 38.31 -4.60
CA THR A 75 -28.05 38.40 -5.28
C THR A 75 -28.08 39.57 -6.26
N SER A 76 -26.92 39.89 -6.81
CA SER A 76 -26.80 40.93 -7.82
C SER A 76 -26.77 40.27 -9.20
N LEU A 77 -27.77 40.59 -10.03
CA LEU A 77 -27.93 39.96 -11.32
C LEU A 77 -27.31 40.75 -12.45
N ASP A 78 -26.62 41.86 -12.15
CA ASP A 78 -25.99 42.70 -13.15
C ASP A 78 -24.50 42.37 -13.29
N ARG A 79 -24.08 41.25 -12.71
CA ARG A 79 -22.70 40.81 -12.81
C ARG A 79 -22.65 39.31 -13.08
N TYR A 80 -23.80 38.71 -13.36
CA TYR A 80 -23.85 37.27 -13.63
C TYR A 80 -24.64 36.91 -14.87
N LYS A 81 -25.02 37.85 -15.73
CA LYS A 81 -25.88 37.59 -16.87
C LYS A 81 -25.08 37.60 -18.17
N GLY A 82 -25.68 37.02 -19.21
CA GLY A 82 -25.14 37.06 -20.55
C GLY A 82 -25.94 38.01 -21.41
N ARG A 83 -25.26 38.70 -22.32
CA ARG A 83 -25.86 39.77 -23.08
C ARG A 83 -25.59 39.60 -24.57
N CYS A 84 -26.52 40.10 -25.39
CA CYS A 84 -26.38 40.14 -26.83
C CYS A 84 -26.24 41.60 -27.25
N TYR A 85 -25.23 41.91 -28.05
CA TYR A 85 -24.86 43.29 -28.32
C TYR A 85 -24.67 43.60 -29.81
N ASP A 86 -25.03 42.69 -30.69
CA ASP A 86 -24.87 42.94 -32.13
C ASP A 86 -25.72 41.96 -32.90
N ILE A 87 -26.31 42.44 -33.99
CA ILE A 87 -27.06 41.63 -34.94
C ILE A 87 -26.78 42.13 -36.35
N GLU A 88 -26.45 41.22 -37.27
CA GLU A 88 -26.26 41.61 -38.66
C GLU A 88 -26.83 40.56 -39.60
N PRO A 89 -27.58 40.97 -40.62
CA PRO A 89 -28.16 40.00 -41.55
C PRO A 89 -27.12 39.45 -42.51
N VAL A 90 -27.37 38.25 -43.01
CA VAL A 90 -26.50 37.64 -44.01
C VAL A 90 -26.91 38.11 -45.40
N ALA A 91 -26.00 37.95 -46.36
CA ALA A 91 -26.24 38.36 -47.74
C ALA A 91 -26.61 37.14 -48.57
N GLY A 92 -27.69 37.26 -49.34
CA GLY A 92 -28.16 36.18 -50.20
C GLY A 92 -29.33 35.40 -49.63
N GLU A 93 -29.86 35.76 -48.46
CA GLU A 93 -30.98 35.08 -47.86
C GLU A 93 -31.96 36.11 -47.34
N GLU A 94 -33.00 35.62 -46.65
CA GLU A 94 -34.01 36.50 -46.07
C GLU A 94 -34.42 36.07 -44.66
N ASN A 95 -33.95 34.93 -44.18
CA ASN A 95 -34.35 34.43 -42.87
C ASN A 95 -33.14 33.87 -42.13
N GLN A 96 -32.03 34.59 -42.16
CA GLN A 96 -30.82 34.15 -41.47
C GLN A 96 -30.06 35.36 -40.98
N TYR A 97 -29.46 35.25 -39.80
CA TYR A 97 -28.77 36.37 -39.17
C TYR A 97 -27.54 35.86 -38.43
N ILE A 98 -26.75 36.80 -37.91
CA ILE A 98 -25.58 36.50 -37.10
C ILE A 98 -25.69 37.26 -35.79
N ALA A 99 -25.43 36.59 -34.68
CA ALA A 99 -25.59 37.18 -33.35
C ALA A 99 -24.30 37.01 -32.56
N TYR A 100 -24.08 37.93 -31.62
CA TYR A 100 -22.92 37.94 -30.75
C TYR A 100 -23.35 37.93 -29.30
N VAL A 101 -22.66 37.14 -28.48
CA VAL A 101 -22.96 36.99 -27.06
C VAL A 101 -21.67 37.17 -26.27
N ALA A 102 -21.79 37.66 -25.04
CA ALA A 102 -20.66 37.85 -24.14
C ALA A 102 -20.94 37.20 -22.80
N TYR A 103 -19.93 36.54 -22.25
CA TYR A 103 -20.06 35.84 -20.97
C TYR A 103 -19.00 36.34 -19.99
N PRO A 104 -19.35 36.49 -18.70
CA PRO A 104 -18.36 36.84 -17.70
C PRO A 104 -17.39 35.69 -17.44
N LEU A 105 -16.38 35.97 -16.61
CA LEU A 105 -15.33 35.01 -16.35
C LEU A 105 -15.63 34.10 -15.16
N ASP A 106 -16.39 34.58 -14.18
CA ASP A 106 -16.63 33.83 -12.95
C ASP A 106 -17.64 32.70 -13.12
N LEU A 107 -18.00 32.35 -14.34
CA LEU A 107 -18.99 31.32 -14.58
C LEU A 107 -18.41 29.95 -14.87
N PHE A 108 -17.10 29.84 -15.05
CA PHE A 108 -16.47 28.60 -15.48
C PHE A 108 -15.52 28.07 -14.42
N GLU A 109 -15.28 26.76 -14.48
CA GLU A 109 -14.35 26.08 -13.59
C GLU A 109 -12.99 25.96 -14.25
N GLU A 110 -11.94 26.24 -13.49
CA GLU A 110 -10.59 26.26 -14.01
C GLU A 110 -10.10 24.84 -14.28
N GLY A 111 -9.54 24.62 -15.46
CA GLY A 111 -8.92 23.36 -15.79
C GLY A 111 -9.84 22.28 -16.33
N SER A 112 -11.11 22.60 -16.59
CA SER A 112 -12.08 21.63 -17.08
C SER A 112 -12.60 22.08 -18.45
N VAL A 113 -12.50 21.20 -19.44
CA VAL A 113 -13.07 21.46 -20.75
C VAL A 113 -14.50 20.95 -20.86
N THR A 114 -14.83 19.83 -20.21
CA THR A 114 -16.18 19.30 -20.26
C THR A 114 -17.19 20.24 -19.61
N ASN A 115 -16.75 21.15 -18.76
CA ASN A 115 -17.63 22.15 -18.16
C ASN A 115 -17.97 23.27 -19.13
N MET A 116 -17.01 23.73 -19.94
CA MET A 116 -17.24 24.81 -20.88
C MET A 116 -18.28 24.46 -21.94
N PHE A 117 -18.22 23.25 -22.49
CA PHE A 117 -19.19 22.85 -23.51
C PHE A 117 -20.58 22.72 -22.91
N THR A 118 -20.67 22.17 -21.69
CA THR A 118 -21.97 21.93 -21.07
C THR A 118 -22.77 23.20 -20.84
N SER A 119 -22.09 24.33 -20.63
CA SER A 119 -22.75 25.58 -20.29
C SER A 119 -23.03 26.45 -21.51
N ILE A 120 -22.72 25.99 -22.71
CA ILE A 120 -22.92 26.81 -23.91
C ILE A 120 -23.83 26.09 -24.89
N VAL A 121 -23.58 24.81 -25.13
CA VAL A 121 -24.34 24.06 -26.12
C VAL A 121 -25.21 23.02 -25.43
N GLY A 122 -25.59 23.31 -24.19
CA GLY A 122 -26.35 22.35 -23.39
C GLY A 122 -27.76 22.10 -23.86
N ASN A 123 -28.60 23.14 -23.88
CA ASN A 123 -30.02 22.97 -24.11
C ASN A 123 -30.59 23.88 -25.19
N VAL A 124 -29.88 24.93 -25.59
CA VAL A 124 -30.44 25.95 -26.47
C VAL A 124 -30.63 25.44 -27.89
N PHE A 125 -30.18 24.22 -28.15
CA PHE A 125 -30.20 23.65 -29.50
C PHE A 125 -31.51 22.97 -29.84
N GLY A 126 -32.45 22.89 -28.90
CA GLY A 126 -33.69 22.17 -29.15
C GLY A 126 -34.94 22.95 -28.82
N PHE A 127 -34.89 24.27 -29.00
CA PHE A 127 -36.05 25.10 -28.71
C PHE A 127 -37.11 24.93 -29.79
N LYS A 128 -38.36 25.21 -29.41
CA LYS A 128 -39.48 25.12 -30.33
C LYS A 128 -39.68 26.39 -31.16
N ALA A 129 -38.92 27.44 -30.88
CA ALA A 129 -39.06 28.70 -31.59
C ALA A 129 -38.00 28.91 -32.65
N LEU A 130 -37.23 27.86 -32.96
CA LEU A 130 -36.13 27.95 -33.92
C LEU A 130 -36.16 26.73 -34.84
N ARG A 131 -35.52 26.85 -36.00
CA ARG A 131 -35.42 25.75 -36.93
C ARG A 131 -33.98 25.37 -37.26
N ALA A 132 -33.00 26.19 -36.88
CA ALA A 132 -31.61 25.87 -37.17
C ALA A 132 -30.67 26.66 -36.27
N LEU A 133 -29.43 26.19 -36.12
CA LEU A 133 -28.43 26.87 -35.30
C LEU A 133 -27.06 26.26 -35.61
N ARG A 134 -26.03 27.10 -35.59
CA ARG A 134 -24.68 26.65 -35.85
C ARG A 134 -23.68 27.57 -35.16
N LEU A 135 -22.69 26.97 -34.50
CA LEU A 135 -21.62 27.71 -33.85
C LEU A 135 -20.42 27.81 -34.78
N GLU A 136 -19.78 28.98 -34.78
CA GLU A 136 -18.71 29.23 -35.75
C GLU A 136 -17.36 29.50 -35.11
N ASP A 137 -17.29 30.36 -34.10
CA ASP A 137 -16.01 30.77 -33.54
C ASP A 137 -16.12 31.05 -32.05
N LEU A 138 -14.96 31.20 -31.43
CA LEU A 138 -14.85 31.48 -30.00
C LEU A 138 -13.60 32.31 -29.76
N ARG A 139 -13.56 33.00 -28.62
CA ARG A 139 -12.41 33.81 -28.22
C ARG A 139 -12.08 33.49 -26.76
N ILE A 140 -10.91 32.89 -26.54
CA ILE A 140 -10.48 32.50 -25.20
C ILE A 140 -9.49 33.54 -24.70
N PRO A 141 -9.77 34.25 -23.60
CA PRO A 141 -8.86 35.27 -23.10
C PRO A 141 -7.60 34.64 -22.53
N PRO A 142 -6.48 35.38 -22.51
CA PRO A 142 -5.25 34.82 -21.93
C PRO A 142 -5.34 34.54 -20.44
N ALA A 143 -6.25 35.18 -19.71
CA ALA A 143 -6.40 34.90 -18.29
C ALA A 143 -7.04 33.56 -18.01
N TYR A 144 -7.59 32.89 -19.03
CA TYR A 144 -8.22 31.59 -18.87
C TYR A 144 -7.37 30.43 -19.39
N SER A 145 -6.45 30.69 -20.33
CA SER A 145 -5.65 29.62 -20.89
C SER A 145 -4.48 29.22 -20.00
N LYS A 146 -4.13 30.03 -19.01
CA LYS A 146 -2.98 29.75 -18.17
C LYS A 146 -3.26 28.68 -17.13
N THR A 147 -4.50 28.27 -16.95
CA THR A 147 -4.85 27.24 -15.97
C THR A 147 -4.78 25.83 -16.54
N PHE A 148 -4.49 25.68 -17.83
CA PHE A 148 -4.37 24.38 -18.46
C PHE A 148 -2.90 24.00 -18.61
N GLN A 149 -2.67 22.74 -19.01
CA GLN A 149 -1.32 22.23 -19.21
C GLN A 149 -0.85 22.34 -20.65
N GLY A 150 -1.69 22.01 -21.62
CA GLY A 150 -1.32 22.08 -23.01
C GLY A 150 -0.65 20.81 -23.50
N PRO A 151 -0.08 20.85 -24.71
CA PRO A 151 0.58 19.68 -25.26
C PRO A 151 1.75 19.25 -24.40
N PRO A 152 1.98 17.94 -24.27
CA PRO A 152 3.11 17.45 -23.48
C PRO A 152 4.47 17.96 -23.93
N HIS A 153 4.79 17.76 -25.21
CA HIS A 153 6.12 18.05 -25.71
C HIS A 153 6.06 19.23 -26.66
N GLY A 154 5.27 19.18 -27.71
CA GLY A 154 5.20 20.29 -28.65
C GLY A 154 5.80 19.88 -29.99
N ILE A 155 6.42 20.85 -30.66
CA ILE A 155 7.02 20.61 -31.96
C ILE A 155 8.53 20.49 -31.91
N GLN A 156 9.23 21.45 -31.29
CA GLN A 156 10.69 21.44 -31.26
C GLN A 156 11.27 20.29 -30.44
N VAL A 157 10.69 20.01 -29.27
CA VAL A 157 11.16 18.90 -28.44
C VAL A 157 10.97 17.56 -29.11
N GLU A 158 9.95 17.42 -29.95
CA GLU A 158 9.74 16.18 -30.71
C GLU A 158 10.73 16.00 -31.84
N ARG A 159 11.10 17.07 -32.54
CA ARG A 159 12.13 16.97 -33.56
C ARG A 159 13.52 16.75 -32.96
N ASP A 160 13.81 17.33 -31.80
CA ASP A 160 15.12 17.15 -31.20
C ASP A 160 15.37 15.71 -30.78
N LYS A 161 14.35 15.04 -30.25
CA LYS A 161 14.53 13.67 -29.77
C LYS A 161 14.85 12.71 -30.91
N LEU A 162 14.17 12.84 -32.04
CA LEU A 162 14.31 11.89 -33.14
C LEU A 162 15.48 12.21 -34.07
N ASN A 163 16.07 13.40 -33.96
CA ASN A 163 17.22 13.80 -34.77
C ASN A 163 16.88 13.73 -36.27
N LYS A 164 15.85 14.49 -36.64
CA LYS A 164 15.39 14.55 -38.04
C LYS A 164 15.09 15.99 -38.39
N TYR A 165 15.80 16.52 -39.39
CA TYR A 165 15.61 17.90 -39.82
C TYR A 165 15.60 17.97 -41.34
N GLY A 166 14.79 18.88 -41.90
CA GLY A 166 14.88 19.26 -43.29
C GLY A 166 13.65 18.96 -44.11
N ARG A 167 13.02 17.81 -43.87
CA ARG A 167 11.99 17.32 -44.78
C ARG A 167 10.82 16.81 -43.96
N PRO A 168 9.62 16.75 -44.56
CA PRO A 168 8.47 16.16 -43.87
C PRO A 168 8.68 14.68 -43.63
N LEU A 169 8.02 14.16 -42.59
CA LEU A 169 8.15 12.76 -42.25
C LEU A 169 7.22 11.89 -43.11
N LEU A 170 7.37 10.58 -42.96
CA LEU A 170 6.61 9.61 -43.73
C LEU A 170 6.05 8.53 -42.82
N GLY A 171 5.01 7.85 -43.30
CA GLY A 171 4.38 6.80 -42.52
C GLY A 171 3.49 5.94 -43.39
N CYS A 172 2.96 4.88 -42.77
CA CYS A 172 2.12 3.92 -43.47
C CYS A 172 1.24 3.21 -42.47
N THR A 173 0.21 2.53 -42.97
CA THR A 173 -0.71 1.77 -42.15
C THR A 173 -0.96 0.41 -42.78
N ILE A 174 -1.30 -0.58 -41.95
CA ILE A 174 -1.39 -1.96 -42.39
C ILE A 174 -2.82 -2.30 -42.79
N LYS A 175 -2.96 -2.99 -43.93
CA LYS A 175 -4.24 -3.46 -44.43
C LYS A 175 -4.09 -4.94 -44.74
N PRO A 176 -5.17 -5.73 -44.71
CA PRO A 176 -6.58 -5.37 -44.48
C PRO A 176 -6.87 -4.98 -43.04
N LYS A 177 -7.99 -4.32 -42.81
CA LYS A 177 -8.31 -3.75 -41.50
C LYS A 177 -8.42 -4.81 -40.42
N LEU A 178 -9.14 -5.89 -40.70
CA LEU A 178 -9.38 -6.95 -39.71
C LEU A 178 -9.26 -8.31 -40.38
N GLY A 179 -8.64 -9.26 -39.68
CA GLY A 179 -8.58 -10.62 -40.17
C GLY A 179 -7.22 -11.28 -40.04
N LEU A 180 -6.17 -10.50 -39.81
CA LEU A 180 -4.83 -11.04 -39.74
C LEU A 180 -4.56 -11.65 -38.37
N SER A 181 -3.58 -12.55 -38.32
CA SER A 181 -3.20 -13.21 -37.09
C SER A 181 -2.19 -12.33 -36.33
N ALA A 182 -1.58 -12.88 -35.29
CA ALA A 182 -0.63 -12.13 -34.48
C ALA A 182 0.81 -12.25 -34.96
N LYS A 183 1.19 -13.38 -35.55
CA LYS A 183 2.53 -13.56 -36.09
C LYS A 183 2.68 -12.98 -37.49
N ASN A 184 1.69 -13.14 -38.36
CA ASN A 184 1.71 -12.56 -39.68
C ASN A 184 1.60 -11.04 -39.66
N TYR A 185 1.03 -10.47 -38.59
CA TYR A 185 0.92 -9.03 -38.44
C TYR A 185 2.26 -8.37 -38.13
N GLY A 186 3.14 -9.04 -37.41
CA GLY A 186 4.45 -8.52 -37.10
C GLY A 186 5.50 -8.78 -38.15
N ARG A 187 5.14 -9.44 -39.24
CA ARG A 187 6.08 -9.73 -40.32
C ARG A 187 6.00 -8.70 -41.44
N ALA A 188 4.85 -8.11 -41.68
CA ALA A 188 4.72 -7.05 -42.67
C ALA A 188 5.27 -5.72 -42.16
N VAL A 189 5.43 -5.56 -40.85
CA VAL A 189 6.00 -4.33 -40.31
C VAL A 189 7.49 -4.25 -40.63
N TYR A 190 8.21 -5.36 -40.49
CA TYR A 190 9.65 -5.35 -40.72
C TYR A 190 9.99 -5.03 -42.16
N GLU A 191 9.24 -5.60 -43.11
CA GLU A 191 9.50 -5.33 -44.52
C GLU A 191 9.28 -3.87 -44.86
N CYS A 192 8.21 -3.27 -44.33
CA CYS A 192 7.96 -1.85 -44.59
C CYS A 192 8.99 -0.96 -43.92
N LEU A 193 9.44 -1.32 -42.71
CA LEU A 193 10.37 -0.48 -41.99
C LEU A 193 11.79 -0.55 -42.55
N ARG A 194 12.18 -1.68 -43.13
CA ARG A 194 13.52 -1.79 -43.70
C ARG A 194 13.65 -1.13 -45.06
N GLY A 195 12.57 -0.53 -45.57
CA GLY A 195 12.59 0.07 -46.88
C GLY A 195 12.96 1.55 -46.88
N GLY A 196 12.72 2.24 -45.77
CA GLY A 196 13.05 3.64 -45.69
C GLY A 196 11.96 4.53 -45.11
N LEU A 197 10.94 3.93 -44.52
CA LEU A 197 9.86 4.68 -43.89
C LEU A 197 10.22 5.01 -42.45
N ASP A 198 9.55 6.03 -41.91
CA ASP A 198 9.85 6.47 -40.55
C ASP A 198 8.88 5.91 -39.52
N PHE A 199 7.59 5.86 -39.83
CA PHE A 199 6.59 5.41 -38.88
C PHE A 199 5.73 4.34 -39.55
N THR A 200 4.94 3.65 -38.73
CA THR A 200 3.91 2.75 -39.22
C THR A 200 2.83 2.63 -38.16
N KCX A 201 1.59 2.35 -38.57
CA KCX A 201 0.44 2.58 -37.71
CB KCX A 201 -0.25 3.88 -38.15
CG KCX A 201 -1.63 4.14 -37.57
CD KCX A 201 -2.19 5.44 -38.11
CE KCX A 201 -3.63 5.62 -37.69
NZ KCX A 201 -4.54 4.67 -38.39
C KCX A 201 -0.56 1.43 -37.72
O KCX A 201 -0.70 0.73 -38.72
CX KCX A 201 -5.27 5.09 -39.41
OQ1 KCX A 201 -5.19 6.28 -39.78
OQ2 KCX A 201 -6.02 4.31 -40.00
N ASP A 202 -1.24 1.22 -36.59
CA ASP A 202 -2.30 0.23 -36.49
C ASP A 202 -3.54 0.65 -37.25
N ASP A 203 -4.69 0.62 -36.57
CA ASP A 203 -5.95 1.03 -37.16
C ASP A 203 -6.89 1.45 -36.05
N GLU A 204 -7.96 2.16 -36.42
CA GLU A 204 -8.83 2.76 -35.41
C GLU A 204 -9.63 1.71 -34.65
N ASN A 205 -10.06 0.65 -35.33
CA ASN A 205 -10.96 -0.32 -34.72
C ASN A 205 -10.28 -1.60 -34.27
N VAL A 206 -8.96 -1.61 -34.10
CA VAL A 206 -8.22 -2.78 -33.68
C VAL A 206 -7.78 -2.57 -32.24
N ASN A 207 -8.53 -3.13 -31.28
CA ASN A 207 -8.12 -3.04 -29.89
C ASN A 207 -7.80 -4.41 -29.31
N SER A 208 -8.79 -5.31 -29.30
CA SER A 208 -8.60 -6.67 -28.80
C SER A 208 -9.78 -7.52 -29.26
N GLN A 209 -9.49 -8.52 -30.08
CA GLN A 209 -10.53 -9.33 -30.70
C GLN A 209 -10.11 -10.80 -30.60
N PRO A 210 -11.06 -11.73 -30.76
CA PRO A 210 -10.73 -13.16 -30.56
C PRO A 210 -9.63 -13.68 -31.47
N PHE A 211 -9.45 -13.08 -32.65
CA PHE A 211 -8.40 -13.54 -33.55
C PHE A 211 -7.03 -12.94 -33.24
N MET A 212 -6.95 -11.94 -32.37
CA MET A 212 -5.67 -11.35 -32.00
C MET A 212 -5.85 -10.57 -30.70
N ARG A 213 -5.18 -11.01 -29.64
CA ARG A 213 -5.27 -10.33 -28.36
C ARG A 213 -4.19 -9.26 -28.24
N TRP A 214 -4.38 -8.35 -27.29
CA TRP A 214 -3.55 -7.16 -27.21
C TRP A 214 -2.16 -7.41 -26.65
N ARG A 215 -1.96 -8.46 -25.86
CA ARG A 215 -0.64 -8.72 -25.30
C ARG A 215 0.24 -9.59 -26.18
N ASP A 216 -0.29 -10.19 -27.24
CA ASP A 216 0.51 -10.99 -28.16
C ASP A 216 0.99 -10.21 -29.36
N ARG A 217 0.51 -8.98 -29.56
CA ARG A 217 0.94 -8.14 -30.67
C ARG A 217 2.09 -7.22 -30.30
N PHE A 218 2.12 -6.74 -29.06
CA PHE A 218 3.18 -5.85 -28.61
C PHE A 218 4.55 -6.52 -28.71
N LEU A 219 4.64 -7.77 -28.25
CA LEU A 219 5.91 -8.49 -28.26
C LEU A 219 6.44 -8.69 -29.67
N PHE A 220 5.56 -9.12 -30.59
CA PHE A 220 5.99 -9.36 -31.96
C PHE A 220 6.34 -8.07 -32.68
N VAL A 221 5.69 -6.96 -32.36
CA VAL A 221 6.09 -5.68 -32.95
C VAL A 221 7.44 -5.24 -32.40
N ALA A 222 7.65 -5.38 -31.09
CA ALA A 222 8.92 -4.98 -30.49
C ALA A 222 10.08 -5.80 -31.02
N GLU A 223 9.87 -7.10 -31.25
CA GLU A 223 10.94 -7.92 -31.79
C GLU A 223 11.37 -7.44 -33.18
N ALA A 224 10.42 -7.07 -34.02
CA ALA A 224 10.74 -6.60 -35.37
C ALA A 224 11.38 -5.23 -35.39
N ILE A 225 10.97 -4.34 -34.47
CA ILE A 225 11.52 -2.98 -34.47
C ILE A 225 13.03 -3.02 -34.22
N PHE A 226 13.46 -3.79 -33.22
CA PHE A 226 14.88 -3.85 -32.91
C PHE A 226 15.69 -4.42 -34.07
N LYS A 227 15.18 -5.48 -34.70
CA LYS A 227 15.87 -6.07 -35.84
C LYS A 227 15.98 -5.11 -37.02
N SER A 228 14.92 -4.38 -37.35
CA SER A 228 14.95 -3.44 -38.46
C SER A 228 15.74 -2.18 -38.15
N GLN A 229 15.91 -1.82 -36.88
CA GLN A 229 16.65 -0.62 -36.51
C GLN A 229 18.16 -0.78 -36.64
N ALA A 230 18.69 -1.98 -36.41
CA ALA A 230 20.13 -2.21 -36.38
C ALA A 230 20.70 -2.55 -37.75
N GLU A 231 19.87 -2.54 -38.79
CA GLU A 231 20.31 -2.86 -40.14
C GLU A 231 20.57 -1.63 -41.00
N THR A 232 19.81 -0.56 -40.82
CA THR A 232 20.00 0.67 -41.59
C THR A 232 20.70 1.76 -40.80
N GLY A 233 20.48 1.85 -39.50
CA GLY A 233 21.15 2.84 -38.68
C GLY A 233 20.34 4.11 -38.47
N GLU A 234 19.02 3.96 -38.32
CA GLU A 234 18.15 5.11 -38.09
C GLU A 234 17.09 4.71 -37.07
N ILE A 235 16.46 5.73 -36.47
CA ILE A 235 15.47 5.49 -35.43
C ILE A 235 14.11 5.26 -36.07
N LYS A 236 13.42 4.20 -35.61
CA LYS A 236 12.11 3.83 -36.12
C LYS A 236 11.11 3.75 -34.97
N GLY A 237 9.82 3.81 -35.31
CA GLY A 237 8.78 3.80 -34.31
C GLY A 237 7.51 3.15 -34.81
N HIS A 238 6.50 3.12 -33.93
CA HIS A 238 5.22 2.48 -34.22
C HIS A 238 4.15 2.95 -33.24
N TYR A 239 2.97 3.32 -33.76
CA TYR A 239 1.88 3.77 -32.90
C TYR A 239 1.13 2.56 -32.36
N LEU A 240 1.03 2.46 -31.03
CA LEU A 240 0.30 1.39 -30.38
C LEU A 240 -1.02 1.92 -29.85
N ASN A 241 -2.12 1.31 -30.28
CA ASN A 241 -3.44 1.75 -29.86
C ASN A 241 -3.67 1.41 -28.39
N ALA A 242 -4.30 2.34 -27.67
CA ALA A 242 -4.52 2.19 -26.23
C ALA A 242 -5.96 2.47 -25.81
N THR A 243 -6.90 2.49 -26.75
CA THR A 243 -8.29 2.68 -26.40
C THR A 243 -8.85 1.44 -25.72
N ALA A 244 -9.73 1.65 -24.75
CA ALA A 244 -10.32 0.55 -23.99
C ALA A 244 -11.76 0.91 -23.67
N GLY A 245 -12.41 0.08 -22.85
CA GLY A 245 -13.77 0.31 -22.44
C GLY A 245 -13.92 0.66 -20.98
N THR A 246 -12.80 0.78 -20.27
CA THR A 246 -12.81 1.17 -18.86
C THR A 246 -11.52 1.94 -18.58
N CYS A 247 -11.60 2.87 -17.64
CA CYS A 247 -10.48 3.71 -17.28
C CYS A 247 -9.39 2.95 -16.54
N GLU A 248 -9.65 1.72 -16.12
CA GLU A 248 -8.64 0.86 -15.53
C GLU A 248 -7.91 0.03 -16.57
N GLU A 249 -8.61 -0.57 -17.53
CA GLU A 249 -7.97 -1.29 -18.61
C GLU A 249 -7.13 -0.39 -19.51
N MET A 250 -7.46 0.90 -19.60
CA MET A 250 -6.69 1.82 -20.40
C MET A 250 -5.33 2.14 -19.79
N MET A 251 -5.25 2.18 -18.47
CA MET A 251 -4.00 2.49 -17.78
C MET A 251 -3.12 1.27 -17.58
N LYS A 252 -3.60 0.07 -17.91
CA LYS A 252 -2.77 -1.11 -17.89
C LYS A 252 -2.02 -1.35 -19.19
N ARG A 253 -2.53 -0.82 -20.31
CA ARG A 253 -1.87 -0.94 -21.59
C ARG A 253 -0.81 0.12 -21.83
N ALA A 254 -0.83 1.21 -21.07
CA ALA A 254 0.17 2.26 -21.18
C ALA A 254 1.37 2.04 -20.26
N GLN A 255 1.31 1.06 -19.36
CA GLN A 255 2.44 0.75 -18.49
C GLN A 255 3.33 -0.34 -19.06
N PHE A 256 2.81 -1.16 -19.97
CA PHE A 256 3.62 -2.17 -20.63
C PHE A 256 4.55 -1.57 -21.67
N ALA A 257 4.09 -0.56 -22.40
CA ALA A 257 4.94 0.14 -23.37
C ALA A 257 6.10 0.86 -22.69
N ARG A 258 5.88 1.43 -21.51
CA ARG A 258 6.98 2.02 -20.76
C ARG A 258 8.02 0.97 -20.36
N GLU A 259 7.57 -0.21 -19.94
CA GLU A 259 8.50 -1.28 -19.61
C GLU A 259 9.28 -1.78 -20.82
N LEU A 260 8.64 -1.92 -21.97
CA LEU A 260 9.34 -2.36 -23.17
C LEU A 260 10.24 -1.29 -23.77
N GLY A 261 9.99 -0.01 -23.50
CA GLY A 261 10.79 1.05 -24.04
C GLY A 261 10.32 1.56 -25.38
N MET A 262 9.00 1.67 -25.55
CA MET A 262 8.44 2.18 -26.79
C MET A 262 8.15 3.67 -26.67
N PRO A 263 8.30 4.44 -27.74
CA PRO A 263 8.29 5.92 -27.62
C PRO A 263 6.97 6.64 -27.90
N ILE A 264 5.89 5.94 -28.31
CA ILE A 264 4.69 6.67 -28.74
C ILE A 264 3.48 5.75 -28.61
N VAL A 265 2.31 6.34 -28.34
CA VAL A 265 1.04 5.64 -28.23
C VAL A 265 -0.02 6.39 -29.02
N MET A 266 -1.27 5.92 -28.96
CA MET A 266 -2.34 6.47 -29.78
C MET A 266 -3.66 6.41 -29.01
N HIS A 267 -4.55 7.35 -29.29
CA HIS A 267 -5.85 7.42 -28.62
C HIS A 267 -6.84 8.15 -29.51
N ASP A 268 -8.13 7.87 -29.29
CA ASP A 268 -9.23 8.53 -29.99
C ASP A 268 -9.99 9.38 -28.97
N TYR A 269 -10.13 10.67 -29.26
CA TYR A 269 -10.61 11.61 -28.26
C TYR A 269 -12.09 11.99 -28.41
N LEU A 270 -12.79 11.48 -29.43
CA LEU A 270 -14.18 11.84 -29.62
C LEU A 270 -15.16 10.76 -29.22
N THR A 271 -14.76 9.49 -29.25
CA THR A 271 -15.61 8.41 -28.75
C THR A 271 -15.22 7.94 -27.36
N GLY A 272 -14.00 8.23 -26.92
CA GLY A 272 -13.59 7.90 -25.57
C GLY A 272 -14.07 8.93 -24.55
N GLY A 273 -14.17 10.18 -24.97
CA GLY A 273 -14.66 11.25 -24.14
C GLY A 273 -13.60 12.29 -23.85
N PHE A 274 -14.05 13.39 -23.27
CA PHE A 274 -13.19 14.51 -22.92
C PHE A 274 -12.60 14.36 -21.52
N THR A 275 -12.97 13.33 -20.78
CA THR A 275 -12.43 13.10 -19.45
C THR A 275 -11.28 12.12 -19.41
N ALA A 276 -11.38 11.01 -20.15
CA ALA A 276 -10.29 10.05 -20.21
C ALA A 276 -9.08 10.58 -20.96
N ASN A 277 -9.25 11.54 -21.85
CA ASN A 277 -8.13 12.09 -22.60
C ASN A 277 -7.18 12.89 -21.71
N THR A 278 -7.71 13.72 -20.82
CA THR A 278 -6.88 14.50 -19.91
C THR A 278 -6.08 13.62 -18.96
N THR A 279 -6.67 12.54 -18.45
CA THR A 279 -5.94 11.61 -17.61
C THR A 279 -4.73 11.00 -18.31
N LEU A 280 -4.89 10.56 -19.55
CA LEU A 280 -3.78 10.03 -20.32
C LEU A 280 -2.74 11.08 -20.65
N ALA A 281 -3.17 12.31 -20.97
CA ALA A 281 -2.24 13.40 -21.22
C ALA A 281 -1.45 13.78 -19.99
N HIS A 282 -2.04 13.68 -18.81
CA HIS A 282 -1.30 13.97 -17.57
C HIS A 282 -0.29 12.90 -17.22
N TYR A 283 -0.46 11.68 -17.73
CA TYR A 283 0.47 10.58 -17.47
C TYR A 283 1.60 10.54 -18.50
N CYS A 284 1.29 10.83 -19.77
CA CYS A 284 2.33 10.85 -20.79
C CYS A 284 3.40 11.91 -20.48
N ARG A 285 2.99 13.05 -19.93
CA ARG A 285 3.95 14.08 -19.56
C ARG A 285 4.88 13.62 -18.45
N ASP A 286 4.35 12.90 -17.46
CA ASP A 286 5.14 12.46 -16.32
C ASP A 286 5.94 11.19 -16.60
N ASN A 287 5.67 10.48 -17.70
CA ASN A 287 6.45 9.30 -18.03
C ASN A 287 7.22 9.43 -19.34
N GLY A 288 7.14 10.56 -20.03
CA GLY A 288 7.94 10.79 -21.21
C GLY A 288 7.56 9.97 -22.43
N LEU A 289 6.35 10.19 -22.95
CA LEU A 289 5.87 9.50 -24.13
C LEU A 289 5.30 10.53 -25.10
N LEU A 290 4.91 10.05 -26.28
CA LEU A 290 4.27 10.89 -27.29
C LEU A 290 2.86 10.38 -27.57
N LEU A 291 1.98 11.32 -27.92
CA LEU A 291 0.55 11.02 -28.08
C LEU A 291 0.10 11.40 -29.47
N HIS A 292 -0.61 10.49 -30.13
CA HIS A 292 -1.18 10.70 -31.45
C HIS A 292 -2.69 10.61 -31.37
N ILE A 293 -3.38 11.57 -31.96
CA ILE A 293 -4.82 11.72 -31.81
C ILE A 293 -5.51 11.45 -33.15
N HIS A 294 -6.51 10.58 -33.13
CA HIS A 294 -7.31 10.26 -34.30
C HIS A 294 -8.72 10.82 -34.13
N ARG A 295 -9.21 11.52 -35.15
CA ARG A 295 -10.53 12.14 -35.11
C ARG A 295 -11.52 11.19 -35.78
N ALA A 296 -12.40 10.60 -34.99
CA ALA A 296 -13.44 9.72 -35.48
C ALA A 296 -14.80 10.26 -35.05
N MET A 297 -15.84 9.93 -35.84
CA MET A 297 -17.20 10.38 -35.59
C MET A 297 -17.23 11.91 -35.55
N HIS A 298 -16.54 12.54 -36.51
CA HIS A 298 -16.54 13.99 -36.59
C HIS A 298 -17.41 14.54 -37.71
N ALA A 299 -17.82 13.71 -38.67
CA ALA A 299 -18.68 14.14 -39.75
C ALA A 299 -20.15 14.17 -39.36
N VAL A 300 -20.51 13.58 -38.22
CA VAL A 300 -21.90 13.63 -37.75
C VAL A 300 -22.28 15.02 -37.24
N ILE A 301 -21.33 15.78 -36.71
CA ILE A 301 -21.57 17.13 -36.23
C ILE A 301 -21.27 18.18 -37.30
N ASP A 302 -20.27 17.92 -38.14
CA ASP A 302 -19.87 18.84 -39.20
C ASP A 302 -20.64 18.53 -40.48
N ARG A 303 -20.13 19.04 -41.62
CA ARG A 303 -20.59 18.74 -42.98
C ARG A 303 -21.71 19.69 -43.41
N GLN A 304 -22.90 19.54 -42.82
CA GLN A 304 -24.01 20.40 -43.19
C GLN A 304 -23.77 21.83 -42.70
N ARG A 305 -24.23 22.80 -43.48
CA ARG A 305 -23.92 24.20 -43.25
C ARG A 305 -25.01 24.96 -42.51
N ASN A 306 -26.06 24.26 -42.05
CA ASN A 306 -27.07 24.97 -41.26
C ASN A 306 -27.37 24.29 -39.93
N HIS A 307 -26.49 23.42 -39.42
CA HIS A 307 -26.70 22.77 -38.14
C HIS A 307 -25.40 22.11 -37.71
N GLY A 308 -25.05 22.28 -36.44
CA GLY A 308 -23.89 21.62 -35.89
C GLY A 308 -22.78 22.56 -35.44
N ILE A 309 -21.55 22.06 -35.43
CA ILE A 309 -20.39 22.82 -34.98
C ILE A 309 -19.28 22.69 -36.02
N HIS A 310 -18.63 23.82 -36.32
CA HIS A 310 -17.50 23.81 -37.24
C HIS A 310 -16.30 23.11 -36.60
N PHE A 311 -15.39 22.63 -37.44
CA PHE A 311 -14.18 21.96 -36.97
C PHE A 311 -13.17 22.91 -36.35
N ARG A 312 -13.16 24.18 -36.76
CA ARG A 312 -12.21 25.12 -36.19
C ARG A 312 -12.47 25.38 -34.71
N VAL A 313 -13.68 25.12 -34.24
CA VAL A 313 -13.97 25.17 -32.81
C VAL A 313 -13.56 23.89 -32.10
N LEU A 314 -13.82 22.73 -32.69
CA LEU A 314 -13.41 21.46 -32.12
C LEU A 314 -11.90 21.28 -32.11
N ALA A 315 -11.17 22.06 -32.90
CA ALA A 315 -9.71 21.98 -32.92
C ALA A 315 -9.03 22.86 -31.89
N LYS A 316 -9.71 23.88 -31.37
CA LYS A 316 -9.13 24.76 -30.36
C LYS A 316 -9.34 24.24 -28.95
N ALA A 317 -10.04 23.12 -28.79
CA ALA A 317 -10.14 22.45 -27.50
C ALA A 317 -9.09 21.37 -27.30
N LEU A 318 -8.66 20.72 -28.38
CA LEU A 318 -7.61 19.71 -28.29
C LEU A 318 -6.28 20.31 -27.87
N ARG A 319 -5.98 21.55 -28.28
CA ARG A 319 -4.75 22.19 -27.85
C ARG A 319 -4.72 22.41 -26.35
N MET A 320 -5.84 22.80 -25.76
CA MET A 320 -5.89 22.99 -24.31
C MET A 320 -5.95 21.66 -23.58
N SER A 321 -6.58 20.65 -24.17
CA SER A 321 -6.65 19.34 -23.53
C SER A 321 -5.28 18.65 -23.52
N GLY A 322 -4.71 18.43 -24.69
CA GLY A 322 -3.39 17.82 -24.78
C GLY A 322 -3.21 16.91 -25.98
N GLY A 323 -2.08 17.04 -26.66
CA GLY A 323 -1.80 16.21 -27.83
C GLY A 323 -0.63 16.70 -28.64
N ASP A 324 0.02 15.79 -29.39
CA ASP A 324 1.15 16.15 -30.22
C ASP A 324 0.87 16.09 -31.72
N HIS A 325 0.05 15.15 -32.17
CA HIS A 325 -0.33 15.04 -33.57
C HIS A 325 -1.84 15.16 -33.68
N ILE A 326 -2.31 15.56 -34.86
CA ILE A 326 -3.74 15.68 -35.11
C ILE A 326 -3.98 15.48 -36.61
N HIS A 327 -5.06 14.79 -36.94
CA HIS A 327 -5.44 14.59 -38.33
C HIS A 327 -6.08 15.87 -38.88
N SER A 328 -5.81 16.15 -40.16
CA SER A 328 -6.31 17.36 -40.79
C SER A 328 -6.95 17.13 -42.16
N GLY A 329 -6.72 15.98 -42.80
CA GLY A 329 -7.31 15.69 -44.08
C GLY A 329 -6.51 16.27 -45.24
N THR A 330 -6.89 15.84 -46.44
CA THR A 330 -6.22 16.26 -47.67
C THR A 330 -7.22 16.92 -48.60
N VAL A 331 -6.76 17.97 -49.30
CA VAL A 331 -7.61 18.63 -50.27
C VAL A 331 -7.91 17.75 -51.48
N VAL A 332 -6.94 16.99 -51.94
CA VAL A 332 -7.10 16.10 -53.10
C VAL A 332 -7.09 14.67 -52.57
N GLY A 333 -8.27 14.07 -52.48
CA GLY A 333 -8.36 12.73 -51.94
C GLY A 333 -9.77 12.19 -52.08
N LYS A 334 -10.04 11.13 -51.33
CA LYS A 334 -11.34 10.48 -51.35
C LYS A 334 -12.29 11.01 -50.29
N LEU A 335 -11.89 12.01 -49.51
CA LEU A 335 -12.72 12.59 -48.47
C LEU A 335 -12.85 14.09 -48.68
N GLU A 336 -13.96 14.64 -48.19
CA GLU A 336 -14.30 16.03 -48.44
C GLU A 336 -13.34 16.99 -47.75
N GLY A 337 -12.98 18.06 -48.45
CA GLY A 337 -12.14 19.11 -47.91
C GLY A 337 -12.05 20.30 -48.85
N GLU A 338 -11.77 21.48 -48.31
CA GLU A 338 -11.65 22.69 -49.10
C GLU A 338 -10.34 23.40 -48.77
N ARG A 339 -9.80 24.11 -49.76
CA ARG A 339 -8.47 24.71 -49.66
C ARG A 339 -8.42 25.95 -48.79
N GLU A 340 -9.28 26.94 -49.04
CA GLU A 340 -9.22 28.19 -48.32
C GLU A 340 -9.57 28.05 -46.84
N VAL A 341 -10.37 27.05 -46.48
CA VAL A 341 -10.70 26.83 -45.08
C VAL A 341 -9.58 26.07 -44.38
N THR A 342 -8.99 25.09 -45.07
CA THR A 342 -7.87 24.35 -44.49
C THR A 342 -6.68 25.26 -44.25
N LEU A 343 -6.36 26.11 -45.22
CA LEU A 343 -5.27 27.06 -45.05
C LEU A 343 -5.53 28.05 -43.92
N GLY A 344 -6.80 28.26 -43.55
CA GLY A 344 -7.12 29.18 -42.49
C GLY A 344 -7.08 28.54 -41.12
N PHE A 345 -7.58 27.32 -41.00
CA PHE A 345 -7.61 26.66 -39.70
C PHE A 345 -6.35 25.85 -39.41
N VAL A 346 -5.43 25.75 -40.36
CA VAL A 346 -4.11 25.18 -40.10
C VAL A 346 -3.18 26.18 -39.43
N ASP A 347 -3.48 27.47 -39.51
CA ASP A 347 -2.67 28.50 -38.86
C ASP A 347 -3.00 28.67 -37.38
N LEU A 348 -4.13 28.15 -36.93
CA LEU A 348 -4.50 28.21 -35.52
C LEU A 348 -3.92 27.06 -34.72
N LEU A 349 -3.11 26.21 -35.35
CA LEU A 349 -2.57 25.02 -34.70
C LEU A 349 -1.06 25.14 -34.55
N ARG A 350 -0.43 25.98 -35.36
CA ARG A 350 1.02 26.09 -35.37
C ARG A 350 1.54 27.46 -34.98
N ASP A 351 0.79 28.53 -35.22
CA ASP A 351 1.31 29.88 -35.04
C ASP A 351 1.16 30.33 -33.59
N ASP A 352 1.51 31.58 -33.32
CA ASP A 352 1.44 32.14 -31.98
C ASP A 352 0.62 33.42 -31.90
N TYR A 353 0.31 34.05 -33.04
CA TYR A 353 -0.49 35.27 -33.05
C TYR A 353 -1.21 35.43 -34.37
N ILE A 354 -2.52 35.24 -34.38
CA ILE A 354 -3.31 35.29 -35.59
C ILE A 354 -4.19 36.52 -35.56
N GLU A 355 -4.49 37.06 -36.74
CA GLU A 355 -5.27 38.28 -36.88
C GLU A 355 -6.58 37.98 -37.59
N LYS A 356 -7.53 38.91 -37.46
CA LYS A 356 -8.85 38.73 -38.05
C LYS A 356 -8.79 38.71 -39.57
N ASP A 357 -9.56 37.81 -40.17
CA ASP A 357 -9.62 37.71 -41.63
C ASP A 357 -10.91 36.98 -41.99
N ARG A 358 -11.83 37.67 -42.65
CA ARG A 358 -13.12 37.10 -43.01
C ARG A 358 -13.09 36.33 -44.32
N SER A 359 -12.02 36.43 -45.09
CA SER A 359 -11.88 35.66 -46.32
C SER A 359 -11.44 34.23 -46.05
N ARG A 360 -11.05 33.91 -44.82
CA ARG A 360 -10.64 32.57 -44.45
C ARG A 360 -11.45 31.98 -43.31
N GLY A 361 -12.45 32.70 -42.80
CA GLY A 361 -13.35 32.18 -41.78
C GLY A 361 -13.07 32.69 -40.38
N ILE A 362 -11.96 33.39 -40.17
CA ILE A 362 -11.62 33.85 -38.83
C ILE A 362 -12.45 35.08 -38.48
N TYR A 363 -13.06 35.06 -37.30
CA TYR A 363 -13.88 36.18 -36.84
C TYR A 363 -13.23 37.05 -35.78
N PHE A 364 -12.36 36.49 -34.94
CA PHE A 364 -11.78 37.21 -33.82
C PHE A 364 -10.26 37.20 -33.92
N THR A 365 -9.62 37.87 -32.97
CA THR A 365 -8.17 37.92 -32.87
C THR A 365 -7.73 37.09 -31.67
N GLN A 366 -6.77 36.19 -31.89
CA GLN A 366 -6.37 35.22 -30.88
C GLN A 366 -4.86 35.24 -30.70
N ASP A 367 -4.41 35.16 -29.45
CA ASP A 367 -3.01 34.96 -29.12
C ASP A 367 -2.90 33.91 -28.03
N TRP A 368 -1.81 33.13 -28.08
CA TRP A 368 -1.67 31.96 -27.23
C TRP A 368 -0.61 32.12 -26.14
N VAL A 369 -0.03 33.31 -25.99
CA VAL A 369 0.99 33.64 -24.99
C VAL A 369 1.96 32.49 -24.75
N SER A 370 2.76 32.15 -25.76
CA SER A 370 3.82 31.14 -25.69
C SER A 370 3.31 29.77 -25.26
N MET A 371 2.47 29.16 -26.10
CA MET A 371 2.07 27.77 -25.89
C MET A 371 2.52 26.93 -27.08
N PRO A 372 3.03 25.73 -26.85
CA PRO A 372 3.56 24.91 -27.95
C PRO A 372 2.48 24.54 -28.96
N GLY A 373 2.89 24.35 -30.21
CA GLY A 373 1.97 24.03 -31.28
C GLY A 373 1.81 22.52 -31.51
N VAL A 374 1.07 22.19 -32.56
CA VAL A 374 0.73 20.82 -32.90
C VAL A 374 1.09 20.58 -34.37
N LEU A 375 1.36 19.30 -34.71
CA LEU A 375 1.76 18.91 -36.05
C LEU A 375 0.57 18.35 -36.82
N PRO A 376 0.15 18.98 -37.92
CA PRO A 376 -0.94 18.43 -38.72
C PRO A 376 -0.51 17.17 -39.47
N VAL A 377 -1.52 16.36 -39.82
CA VAL A 377 -1.31 15.09 -40.49
C VAL A 377 -2.26 15.00 -41.67
N ALA A 378 -1.76 14.54 -42.82
CA ALA A 378 -2.56 14.38 -44.03
C ALA A 378 -2.56 12.92 -44.45
N SER A 379 -3.75 12.39 -44.74
CA SER A 379 -3.87 10.98 -45.09
C SER A 379 -5.18 10.75 -45.86
N GLY A 380 -5.23 9.63 -46.59
CA GLY A 380 -6.45 9.20 -47.24
C GLY A 380 -6.45 9.26 -48.76
N GLY A 381 -6.24 8.11 -49.39
CA GLY A 381 -6.39 7.99 -50.84
C GLY A 381 -5.45 8.80 -51.69
N ILE A 382 -4.14 8.66 -51.49
CA ILE A 382 -3.15 9.40 -52.25
C ILE A 382 -2.08 8.43 -52.77
N HIS A 383 -1.41 8.85 -53.83
CA HIS A 383 -0.34 8.05 -54.43
C HIS A 383 0.76 8.99 -54.91
N VAL A 384 1.68 8.47 -55.73
CA VAL A 384 2.91 9.20 -56.05
C VAL A 384 2.63 10.45 -56.88
N TRP A 385 1.68 10.40 -57.80
CA TRP A 385 1.44 11.54 -58.68
C TRP A 385 0.95 12.78 -57.94
N HIS A 386 0.51 12.65 -56.69
CA HIS A 386 -0.01 13.76 -55.92
C HIS A 386 1.07 14.47 -55.10
N MET A 387 2.32 14.02 -55.18
CA MET A 387 3.38 14.53 -54.33
C MET A 387 3.67 16.02 -54.53
N PRO A 388 3.85 16.51 -55.78
CA PRO A 388 4.16 17.94 -55.92
C PRO A 388 2.92 18.79 -55.92
N ALA A 389 1.99 18.49 -55.01
CA ALA A 389 0.83 19.34 -54.76
C ALA A 389 0.59 19.41 -53.26
N LEU A 390 1.21 18.48 -52.52
CA LEU A 390 1.10 18.44 -51.07
C LEU A 390 2.26 19.13 -50.37
N THR A 391 3.43 19.17 -51.01
CA THR A 391 4.56 19.93 -50.49
C THR A 391 4.33 21.43 -50.55
N GLU A 392 3.66 21.92 -51.60
CA GLU A 392 3.42 23.33 -51.79
C GLU A 392 2.37 23.89 -50.83
N ILE A 393 1.43 23.06 -50.39
CA ILE A 393 0.34 23.54 -49.54
C ILE A 393 0.78 23.60 -48.09
N PHE A 394 1.14 22.45 -47.51
CA PHE A 394 1.41 22.37 -46.08
C PHE A 394 2.74 23.01 -45.72
N GLY A 395 3.84 22.48 -46.26
CA GLY A 395 5.14 23.03 -45.98
C GLY A 395 6.13 22.01 -45.47
N ASP A 396 7.01 22.42 -44.55
CA ASP A 396 8.07 21.57 -44.04
C ASP A 396 7.75 20.93 -42.70
N ASP A 397 6.56 21.17 -42.15
CA ASP A 397 6.15 20.60 -40.86
C ASP A 397 4.82 19.88 -41.05
N SER A 398 4.89 18.62 -41.47
CA SER A 398 3.71 17.81 -41.70
C SER A 398 4.10 16.34 -41.62
N VAL A 399 3.09 15.48 -41.65
CA VAL A 399 3.28 14.03 -41.72
C VAL A 399 2.44 13.51 -42.87
N LEU A 400 3.06 12.73 -43.75
CA LEU A 400 2.39 12.16 -44.91
C LEU A 400 2.26 10.66 -44.74
N GLN A 401 1.05 10.14 -44.96
CA GLN A 401 0.75 8.73 -44.72
C GLN A 401 0.21 8.11 -45.99
N PHE A 402 0.75 6.94 -46.36
CA PHE A 402 0.31 6.19 -47.53
C PHE A 402 -0.08 4.78 -47.06
N GLY A 403 -1.38 4.49 -47.09
CA GLY A 403 -1.86 3.20 -46.64
C GLY A 403 -1.98 2.17 -47.74
N GLY A 404 -2.71 2.51 -48.80
CA GLY A 404 -2.89 1.62 -49.92
C GLY A 404 -1.88 1.76 -51.03
N GLY A 405 -1.12 2.85 -51.03
CA GLY A 405 -0.10 3.08 -52.04
C GLY A 405 1.21 2.37 -51.82
N THR A 406 1.33 1.62 -50.73
CA THR A 406 2.55 0.88 -50.41
C THR A 406 2.37 -0.62 -50.56
N LEU A 407 1.26 -1.17 -50.06
CA LEU A 407 1.01 -2.60 -50.14
C LEU A 407 0.40 -3.03 -51.47
N GLY A 408 0.13 -2.08 -52.37
CA GLY A 408 -0.43 -2.42 -53.67
C GLY A 408 0.59 -2.42 -54.79
N HIS A 409 1.86 -2.23 -54.44
CA HIS A 409 2.91 -2.21 -55.45
C HIS A 409 3.05 -3.60 -56.07
N PRO A 410 3.21 -3.67 -57.40
CA PRO A 410 3.25 -4.98 -58.07
C PRO A 410 4.47 -5.83 -57.73
N TRP A 411 5.40 -5.30 -56.96
CA TRP A 411 6.61 -6.04 -56.61
C TRP A 411 6.73 -6.39 -55.13
N GLY A 412 5.89 -5.85 -54.25
CA GLY A 412 5.96 -6.21 -52.86
C GLY A 412 5.92 -5.03 -51.92
N ASN A 413 6.45 -5.19 -50.70
CA ASN A 413 6.46 -4.14 -49.70
C ASN A 413 7.76 -3.35 -49.69
N ALA A 414 8.92 -4.02 -49.58
CA ALA A 414 10.19 -3.30 -49.55
C ALA A 414 10.43 -2.50 -50.82
N PRO A 415 10.25 -3.04 -52.03
CA PRO A 415 10.39 -2.20 -53.23
C PRO A 415 9.37 -1.08 -53.31
N GLY A 416 8.22 -1.22 -52.66
CA GLY A 416 7.19 -0.20 -52.73
C GLY A 416 7.49 1.01 -51.87
N ALA A 417 8.36 0.85 -50.89
CA ALA A 417 8.73 1.96 -50.01
C ALA A 417 9.92 2.74 -50.52
N VAL A 418 10.68 2.21 -51.47
CA VAL A 418 11.81 2.92 -52.04
C VAL A 418 11.31 3.85 -53.15
N ALA A 419 10.05 3.67 -53.55
CA ALA A 419 9.44 4.52 -54.56
C ALA A 419 8.81 5.76 -53.99
N ASN A 420 8.37 5.75 -52.73
CA ASN A 420 7.77 6.91 -52.10
C ASN A 420 8.80 7.83 -51.46
N ARG A 421 10.04 7.39 -51.31
CA ARG A 421 11.10 8.22 -50.76
C ARG A 421 11.91 8.93 -51.84
N VAL A 422 12.18 8.25 -52.95
CA VAL A 422 12.85 8.89 -54.07
C VAL A 422 11.96 9.99 -54.65
N ALA A 423 10.67 9.73 -54.80
CA ALA A 423 9.73 10.70 -55.33
C ALA A 423 9.53 11.89 -54.40
N LEU A 424 9.93 11.78 -53.14
CA LEU A 424 9.84 12.88 -52.20
C LEU A 424 11.14 13.67 -52.08
N GLU A 425 12.29 13.00 -52.04
CA GLU A 425 13.56 13.69 -51.95
C GLU A 425 13.94 14.40 -53.25
N ALA A 426 13.24 14.12 -54.34
CA ALA A 426 13.46 14.83 -55.60
C ALA A 426 12.66 16.11 -55.70
N CYS A 427 11.63 16.28 -54.87
CA CYS A 427 10.86 17.52 -54.85
C CYS A 427 11.40 18.54 -53.87
N VAL A 428 12.03 18.10 -52.78
CA VAL A 428 12.65 19.00 -51.83
C VAL A 428 13.99 19.52 -52.35
N GLN A 429 14.53 18.89 -53.40
CA GLN A 429 15.75 19.36 -54.03
C GLN A 429 15.51 20.31 -55.19
N ALA A 430 14.43 20.13 -55.96
CA ALA A 430 14.09 21.05 -57.03
C ALA A 430 13.46 22.34 -56.52
N ARG A 431 13.05 22.38 -55.26
CA ARG A 431 12.47 23.59 -54.69
C ARG A 431 13.54 24.59 -54.25
N ASN A 432 14.62 24.11 -53.63
CA ASN A 432 15.68 25.02 -53.22
C ASN A 432 16.66 25.25 -54.36
N GLU A 433 16.14 25.54 -55.55
CA GLU A 433 16.97 25.92 -56.69
C GLU A 433 16.30 27.05 -57.45
N GLY A 434 15.02 27.28 -57.17
CA GLY A 434 14.29 28.35 -57.82
C GLY A 434 13.32 27.88 -58.87
N ARG A 435 12.83 26.65 -58.74
CA ARG A 435 11.87 26.09 -59.68
C ARG A 435 10.48 26.05 -59.07
N ASP A 436 9.48 26.37 -59.89
CA ASP A 436 8.09 26.37 -59.43
C ASP A 436 7.57 24.94 -59.33
N LEU A 437 6.93 24.63 -58.21
CA LEU A 437 6.41 23.29 -57.95
C LEU A 437 4.99 23.09 -58.45
N ALA A 438 4.32 24.14 -58.91
CA ALA A 438 2.94 24.05 -59.37
C ALA A 438 2.84 23.87 -60.89
N ARG A 439 3.46 24.78 -61.64
CA ARG A 439 3.41 24.69 -63.10
C ARG A 439 4.13 23.45 -63.60
N GLU A 440 5.30 23.14 -63.04
CA GLU A 440 6.09 21.99 -63.45
C GLU A 440 6.05 20.93 -62.37
N GLY A 441 5.07 20.04 -62.45
CA GLY A 441 4.95 18.98 -61.48
C GLY A 441 4.99 17.60 -62.11
N ASN A 442 4.68 17.52 -63.39
CA ASN A 442 4.75 16.27 -64.14
C ASN A 442 6.09 16.09 -64.83
N ASP A 443 6.99 17.07 -64.73
CA ASP A 443 8.33 16.97 -65.28
C ASP A 443 9.38 16.68 -64.23
N ILE A 444 9.03 16.67 -62.94
CA ILE A 444 10.00 16.33 -61.92
C ILE A 444 9.90 14.85 -61.55
N ILE A 445 8.76 14.22 -61.87
CA ILE A 445 8.58 12.80 -61.57
C ILE A 445 8.56 12.05 -62.89
N ARG A 446 9.28 12.58 -63.87
CA ARG A 446 9.41 11.91 -65.16
C ARG A 446 10.89 11.80 -65.50
N GLU A 447 11.71 12.67 -64.92
CA GLU A 447 13.15 12.57 -65.03
C GLU A 447 13.78 11.70 -63.96
N ALA A 448 13.16 11.64 -62.77
CA ALA A 448 13.67 10.76 -61.72
C ALA A 448 13.33 9.30 -61.99
N SER A 449 12.38 9.04 -62.89
CA SER A 449 11.98 7.68 -63.19
C SER A 449 12.83 7.09 -64.30
N LYS A 450 13.99 7.71 -64.55
CA LYS A 450 14.92 7.20 -65.55
C LYS A 450 16.19 6.61 -64.95
N TRP A 451 16.40 6.76 -63.64
CA TRP A 451 17.50 6.11 -62.96
C TRP A 451 17.06 5.25 -61.78
N SER A 452 15.76 5.18 -61.52
CA SER A 452 15.21 4.32 -60.48
C SER A 452 14.21 3.36 -61.09
N PRO A 453 14.55 2.08 -61.24
CA PRO A 453 13.61 1.13 -61.86
C PRO A 453 12.38 0.83 -61.02
N GLU A 454 12.38 1.15 -59.72
CA GLU A 454 11.24 0.90 -58.86
C GLU A 454 10.19 1.99 -58.90
N LEU A 455 10.47 3.12 -59.54
CA LEU A 455 9.48 4.19 -59.67
C LEU A 455 8.76 4.15 -61.01
N ALA A 456 9.46 3.73 -62.07
CA ALA A 456 8.80 3.57 -63.36
C ALA A 456 7.81 2.41 -63.34
N ALA A 457 8.09 1.39 -62.51
CA ALA A 457 7.21 0.24 -62.41
C ALA A 457 5.94 0.60 -61.65
N ALA A 458 5.97 1.71 -60.92
CA ALA A 458 4.81 2.17 -60.17
C ALA A 458 4.09 3.35 -60.79
N CYS A 459 4.74 4.11 -61.67
CA CYS A 459 4.08 5.21 -62.35
C CYS A 459 3.09 4.75 -63.43
N GLU A 460 2.93 3.44 -63.62
CA GLU A 460 2.04 2.91 -64.64
C GLU A 460 0.76 2.31 -64.08
N VAL A 461 0.79 1.74 -62.88
CA VAL A 461 -0.41 1.13 -62.31
C VAL A 461 -1.47 2.20 -62.04
N TRP A 462 -1.08 3.28 -61.37
CA TRP A 462 -1.97 4.40 -61.09
C TRP A 462 -1.50 5.59 -61.91
N LYS A 463 -2.24 5.91 -62.98
CA LYS A 463 -1.88 7.01 -63.85
C LYS A 463 -3.03 7.96 -64.14
N GLU A 464 -4.29 7.51 -64.07
CA GLU A 464 -5.43 8.40 -64.32
C GLU A 464 -6.51 8.24 -63.26
N ILE A 465 -6.13 7.90 -62.03
CA ILE A 465 -7.09 7.70 -60.96
C ILE A 465 -7.22 9.02 -60.20
N LYS A 466 -8.27 9.77 -60.51
CA LYS A 466 -8.53 11.06 -59.87
C LYS A 466 -9.93 11.06 -59.29
N PHE A 467 -10.11 11.74 -58.17
CA PHE A 467 -11.41 11.91 -57.53
C PHE A 467 -11.81 13.37 -57.63
N VAL A 468 -12.92 13.63 -58.32
CA VAL A 468 -13.45 14.99 -58.48
C VAL A 468 -14.95 14.93 -58.28
N PHE A 469 -15.48 15.76 -57.38
CA PHE A 469 -16.90 15.82 -57.12
C PHE A 469 -17.27 17.23 -56.67
N GLU A 470 -18.57 17.45 -56.48
CA GLU A 470 -19.07 18.76 -56.05
C GLU A 470 -18.87 18.93 -54.55
N THR A 471 -18.86 20.19 -54.10
CA THR A 471 -18.64 20.54 -52.70
C THR A 471 -19.97 20.92 -52.07
N ILE A 472 -20.13 20.57 -50.79
CA ILE A 472 -21.34 20.84 -50.02
C ILE A 472 -21.20 22.07 -49.15
N ASP A 473 -20.14 22.12 -48.33
CA ASP A 473 -19.93 23.24 -47.41
C ASP A 473 -19.23 24.39 -48.11
N THR A 474 -19.97 25.15 -48.92
CA THR A 474 -19.38 26.24 -49.67
C THR A 474 -19.15 27.49 -48.81
N LEU A 475 -18.02 27.51 -48.09
CA LEU A 475 -17.62 28.64 -47.26
C LEU A 475 -18.74 29.12 -46.35
N GLY B 12 -3.68 -15.47 -58.72
CA GLY B 12 -2.66 -14.47 -58.98
C GLY B 12 -2.81 -13.23 -58.12
N PHE B 13 -2.16 -12.15 -58.52
CA PHE B 13 -2.24 -10.90 -57.77
C PHE B 13 -2.98 -9.83 -58.56
N LYS B 14 -2.48 -9.52 -59.76
CA LYS B 14 -3.13 -8.58 -60.67
C LYS B 14 -3.49 -7.26 -59.99
N ALA B 15 -2.49 -6.49 -59.59
CA ALA B 15 -2.68 -5.20 -58.93
C ALA B 15 -3.48 -4.26 -59.83
N GLY B 16 -4.41 -3.53 -59.23
CA GLY B 16 -5.25 -2.63 -59.98
C GLY B 16 -6.39 -2.11 -59.12
N VAL B 17 -7.39 -1.56 -59.80
CA VAL B 17 -8.56 -0.97 -59.15
C VAL B 17 -9.81 -1.59 -59.75
N LYS B 18 -10.72 -2.05 -58.88
CA LYS B 18 -11.97 -2.67 -59.30
C LYS B 18 -13.13 -2.00 -58.57
N ASP B 19 -14.33 -2.52 -58.81
CA ASP B 19 -15.54 -1.97 -58.21
C ASP B 19 -15.84 -2.65 -56.87
N TYR B 20 -16.85 -2.12 -56.18
CA TYR B 20 -17.27 -2.69 -54.90
C TYR B 20 -18.39 -3.70 -55.04
N ARG B 21 -19.30 -3.48 -55.99
CA ARG B 21 -20.45 -4.35 -56.19
C ARG B 21 -20.06 -5.77 -56.58
N LEU B 22 -18.84 -5.98 -57.08
CA LEU B 22 -18.40 -7.29 -57.53
C LEU B 22 -18.09 -8.22 -56.35
N THR B 23 -17.99 -7.68 -55.14
CA THR B 23 -17.63 -8.50 -54.00
C THR B 23 -18.53 -8.24 -52.80
N TYR B 24 -19.15 -7.06 -52.73
CA TYR B 24 -19.86 -6.66 -51.53
C TYR B 24 -21.37 -6.50 -51.73
N TYR B 25 -21.94 -7.10 -52.77
CA TYR B 25 -23.38 -7.03 -53.02
C TYR B 25 -23.91 -8.45 -53.21
N THR B 26 -24.52 -9.00 -52.16
CA THR B 26 -25.11 -10.33 -52.18
C THR B 26 -26.60 -10.19 -51.89
N PRO B 27 -27.46 -10.25 -52.93
CA PRO B 27 -28.89 -10.00 -52.75
C PRO B 27 -29.70 -11.25 -52.42
N ASP B 28 -29.01 -12.35 -52.10
CA ASP B 28 -29.70 -13.59 -51.78
C ASP B 28 -29.06 -14.28 -50.58
N TYR B 29 -28.75 -13.53 -49.54
CA TYR B 29 -28.07 -14.05 -48.37
C TYR B 29 -29.06 -14.24 -47.23
N GLU B 30 -28.89 -15.32 -46.48
CA GLU B 30 -29.77 -15.66 -45.37
C GLU B 30 -29.06 -15.29 -44.06
N THR B 31 -29.73 -14.49 -43.23
CA THR B 31 -29.13 -14.03 -41.99
C THR B 31 -29.08 -15.17 -40.98
N LYS B 32 -28.13 -15.08 -40.06
CA LYS B 32 -27.97 -16.04 -38.99
C LYS B 32 -28.55 -15.48 -37.70
N ASP B 33 -28.39 -16.24 -36.61
CA ASP B 33 -28.90 -15.84 -35.31
C ASP B 33 -27.84 -15.16 -34.45
N THR B 34 -26.64 -14.96 -34.97
CA THR B 34 -25.55 -14.30 -34.25
C THR B 34 -24.97 -13.17 -35.08
N ASP B 35 -25.85 -12.35 -35.64
CA ASP B 35 -25.47 -11.26 -36.52
C ASP B 35 -26.07 -9.95 -36.02
N ILE B 36 -25.42 -8.85 -36.39
CA ILE B 36 -25.86 -7.51 -36.05
C ILE B 36 -26.35 -6.83 -37.33
N LEU B 37 -27.55 -6.26 -37.28
CA LEU B 37 -28.17 -5.66 -38.45
C LEU B 37 -28.38 -4.17 -38.24
N ALA B 38 -28.34 -3.42 -39.34
CA ALA B 38 -28.52 -1.97 -39.29
C ALA B 38 -29.29 -1.52 -40.52
N ALA B 39 -29.90 -0.35 -40.42
CA ALA B 39 -30.68 0.24 -41.50
C ALA B 39 -30.23 1.67 -41.73
N PHE B 40 -29.91 2.00 -42.98
CA PHE B 40 -29.45 3.33 -43.35
C PHE B 40 -30.44 3.97 -44.32
N ARG B 41 -30.36 5.30 -44.41
CA ARG B 41 -31.12 6.08 -45.38
C ARG B 41 -30.17 7.07 -46.03
N MET B 42 -30.00 6.96 -47.35
CA MET B 42 -28.94 7.67 -48.05
C MET B 42 -29.49 8.44 -49.24
N THR B 43 -28.75 9.47 -49.64
CA THR B 43 -29.07 10.29 -50.80
C THR B 43 -27.89 10.30 -51.75
N PRO B 44 -27.88 9.45 -52.77
CA PRO B 44 -26.71 9.37 -53.66
C PRO B 44 -26.51 10.64 -54.47
N GLN B 45 -25.26 10.90 -54.81
CA GLN B 45 -24.75 11.97 -55.65
C GLN B 45 -25.10 11.71 -57.11
N PRO B 46 -25.49 12.76 -57.87
CA PRO B 46 -25.86 12.55 -59.27
C PRO B 46 -24.79 11.85 -60.09
N GLY B 47 -25.18 10.76 -60.76
CA GLY B 47 -24.26 10.02 -61.59
C GLY B 47 -23.67 8.80 -60.92
N VAL B 48 -24.39 8.23 -59.96
CA VAL B 48 -23.92 7.05 -59.24
C VAL B 48 -25.07 6.05 -59.12
N PRO B 49 -24.88 4.80 -59.53
CA PRO B 49 -25.95 3.80 -59.39
C PRO B 49 -26.25 3.52 -57.93
N PRO B 50 -27.51 3.22 -57.60
CA PRO B 50 -27.86 2.94 -56.20
C PRO B 50 -27.10 1.77 -55.60
N GLU B 51 -26.82 0.75 -56.42
CA GLU B 51 -26.14 -0.44 -55.95
C GLU B 51 -24.67 -0.22 -55.64
N GLU B 52 -24.04 0.77 -56.26
CA GLU B 52 -22.65 1.12 -55.95
C GLU B 52 -22.54 2.01 -54.72
N ALA B 53 -23.65 2.60 -54.28
CA ALA B 53 -23.65 3.41 -53.07
C ALA B 53 -23.77 2.58 -51.80
N GLY B 54 -24.69 1.61 -51.79
CA GLY B 54 -24.82 0.73 -50.64
C GLY B 54 -23.72 -0.29 -50.49
N ALA B 55 -22.99 -0.59 -51.56
CA ALA B 55 -21.89 -1.53 -51.51
C ALA B 55 -20.61 -0.93 -50.97
N ALA B 56 -20.51 0.40 -50.92
CA ALA B 56 -19.33 1.05 -50.37
C ALA B 56 -19.40 1.22 -48.85
N VAL B 57 -20.59 1.41 -48.29
CA VAL B 57 -20.73 1.52 -46.85
C VAL B 57 -20.29 0.24 -46.16
N ALA B 58 -20.70 -0.91 -46.69
CA ALA B 58 -20.27 -2.19 -46.12
C ALA B 58 -18.77 -2.40 -46.29
N ALA B 59 -18.23 -2.00 -47.43
CA ALA B 59 -16.81 -2.25 -47.71
C ALA B 59 -15.91 -1.42 -46.82
N GLU B 60 -16.21 -0.13 -46.67
CA GLU B 60 -15.37 0.77 -45.88
C GLU B 60 -15.71 0.75 -44.40
N SER B 61 -16.40 -0.27 -43.93
CA SER B 61 -16.70 -0.40 -42.50
C SER B 61 -16.05 -1.61 -41.84
N SER B 62 -15.82 -2.72 -42.57
CA SER B 62 -15.17 -3.88 -41.98
C SER B 62 -13.81 -4.15 -42.60
N THR B 63 -13.75 -4.40 -43.90
CA THR B 63 -12.50 -4.70 -44.60
C THR B 63 -12.59 -4.16 -46.01
N GLY B 64 -11.58 -3.41 -46.43
CA GLY B 64 -11.51 -2.94 -47.80
C GLY B 64 -10.85 -1.58 -47.93
N THR B 65 -10.38 -1.29 -49.14
CA THR B 65 -9.79 -0.01 -49.47
C THR B 65 -10.05 0.32 -50.93
N TRP B 66 -9.34 1.32 -51.48
CA TRP B 66 -9.58 1.75 -52.85
C TRP B 66 -8.80 0.97 -53.89
N THR B 67 -7.93 0.04 -53.49
CA THR B 67 -7.15 -0.76 -54.43
C THR B 67 -7.02 -2.18 -53.88
N THR B 68 -6.22 -2.99 -54.56
CA THR B 68 -6.02 -4.39 -54.21
C THR B 68 -4.68 -4.59 -53.52
N VAL B 69 -4.64 -5.51 -52.56
CA VAL B 69 -3.44 -5.80 -51.79
C VAL B 69 -3.16 -7.29 -51.87
N TRP B 70 -1.89 -7.65 -51.68
CA TRP B 70 -1.45 -9.03 -51.79
C TRP B 70 -1.57 -9.83 -50.50
N THR B 71 -1.83 -9.17 -49.38
CA THR B 71 -1.90 -9.86 -48.09
C THR B 71 -3.27 -10.48 -47.82
N ASP B 72 -4.22 -10.31 -48.73
CA ASP B 72 -5.55 -10.86 -48.57
C ASP B 72 -5.61 -12.36 -48.90
N GLY B 73 -4.57 -12.91 -49.50
CA GLY B 73 -4.51 -14.31 -49.82
C GLY B 73 -4.11 -15.22 -48.68
N LEU B 74 -3.75 -14.67 -47.53
CA LEU B 74 -3.34 -15.46 -46.38
C LEU B 74 -4.48 -15.76 -45.43
N THR B 75 -5.67 -15.23 -45.69
CA THR B 75 -6.82 -15.43 -44.81
C THR B 75 -8.05 -15.76 -45.65
N SER B 76 -9.11 -16.21 -44.97
CA SER B 76 -10.39 -16.50 -45.60
C SER B 76 -11.23 -15.23 -45.52
N LEU B 77 -11.36 -14.53 -46.64
CA LEU B 77 -12.04 -13.25 -46.66
C LEU B 77 -13.54 -13.34 -46.50
N ASP B 78 -14.18 -14.41 -46.99
CA ASP B 78 -15.63 -14.52 -46.92
C ASP B 78 -16.01 -15.24 -45.63
N ARG B 79 -15.41 -14.80 -44.54
CA ARG B 79 -15.82 -15.19 -43.19
C ARG B 79 -15.72 -13.97 -42.29
N TYR B 80 -15.17 -12.87 -42.83
CA TYR B 80 -14.90 -11.68 -42.04
C TYR B 80 -15.41 -10.41 -42.69
N LYS B 81 -16.33 -10.51 -43.66
CA LYS B 81 -16.75 -9.35 -44.44
C LYS B 81 -18.23 -9.06 -44.21
N GLY B 82 -18.60 -7.79 -44.30
CA GLY B 82 -19.99 -7.39 -44.28
C GLY B 82 -20.57 -7.28 -45.67
N ARG B 83 -21.90 -7.35 -45.76
CA ARG B 83 -22.55 -7.37 -47.05
C ARG B 83 -23.91 -6.72 -46.97
N CYS B 84 -24.37 -6.19 -48.11
CA CYS B 84 -25.70 -5.59 -48.23
C CYS B 84 -26.61 -6.55 -48.96
N TYR B 85 -27.81 -6.77 -48.42
CA TYR B 85 -28.70 -7.80 -48.94
C TYR B 85 -30.10 -7.31 -49.27
N ASP B 86 -30.35 -5.99 -49.23
CA ASP B 86 -31.67 -5.49 -49.56
C ASP B 86 -31.61 -3.99 -49.79
N ILE B 87 -32.30 -3.53 -50.83
CA ILE B 87 -32.44 -2.11 -51.14
C ILE B 87 -33.89 -1.86 -51.53
N GLU B 88 -34.51 -0.86 -50.92
CA GLU B 88 -35.87 -0.48 -51.26
C GLU B 88 -36.01 1.03 -51.34
N PRO B 89 -36.88 1.55 -52.20
CA PRO B 89 -37.00 3.00 -52.35
C PRO B 89 -38.03 3.61 -51.42
N VAL B 90 -37.83 4.87 -51.06
CA VAL B 90 -38.77 5.58 -50.20
C VAL B 90 -39.89 6.17 -51.04
N ALA B 91 -41.04 6.39 -50.40
CA ALA B 91 -42.22 6.93 -51.07
C ALA B 91 -42.30 8.43 -50.84
N GLY B 92 -42.52 9.18 -51.91
CA GLY B 92 -42.60 10.63 -51.85
C GLY B 92 -41.36 11.34 -52.33
N GLU B 93 -40.25 10.64 -52.50
CA GLU B 93 -39.01 11.24 -52.99
C GLU B 93 -38.48 10.41 -54.15
N GLU B 94 -37.49 10.96 -54.85
CA GLU B 94 -36.92 10.31 -56.02
C GLU B 94 -35.42 10.10 -55.90
N ASN B 95 -34.80 10.52 -54.81
CA ASN B 95 -33.37 10.33 -54.62
C ASN B 95 -33.09 9.88 -53.18
N GLN B 96 -33.90 8.94 -52.69
CA GLN B 96 -33.74 8.45 -51.32
C GLN B 96 -34.12 6.98 -51.28
N TYR B 97 -33.29 6.18 -50.60
CA TYR B 97 -33.50 4.74 -50.52
C TYR B 97 -33.19 4.30 -49.09
N ILE B 98 -33.36 3.00 -48.84
CA ILE B 98 -33.07 2.38 -47.54
C ILE B 98 -32.25 1.13 -47.81
N ALA B 99 -31.19 0.94 -47.02
CA ALA B 99 -30.27 -0.17 -47.21
C ALA B 99 -30.14 -0.97 -45.93
N TYR B 100 -29.78 -2.24 -46.08
CA TYR B 100 -29.59 -3.16 -44.96
C TYR B 100 -28.19 -3.77 -45.02
N VAL B 101 -27.55 -3.88 -43.86
CA VAL B 101 -26.20 -4.41 -43.74
C VAL B 101 -26.16 -5.45 -42.63
N ALA B 102 -25.37 -6.50 -42.83
CA ALA B 102 -25.19 -7.55 -41.84
C ALA B 102 -23.72 -7.68 -41.49
N TYR B 103 -23.44 -7.84 -40.19
CA TYR B 103 -22.08 -7.93 -39.69
C TYR B 103 -21.89 -9.24 -38.93
N PRO B 104 -20.77 -9.93 -39.10
CA PRO B 104 -20.50 -11.13 -38.29
C PRO B 104 -20.27 -10.79 -36.82
N LEU B 105 -20.16 -11.81 -35.98
CA LEU B 105 -20.04 -11.60 -34.54
C LEU B 105 -18.60 -11.46 -34.06
N ASP B 106 -17.64 -12.07 -34.73
CA ASP B 106 -16.26 -12.07 -34.28
C ASP B 106 -15.54 -10.74 -34.51
N LEU B 107 -16.25 -9.70 -34.91
CA LEU B 107 -15.64 -8.42 -35.22
C LEU B 107 -15.64 -7.44 -34.05
N PHE B 108 -16.24 -7.81 -32.92
CA PHE B 108 -16.44 -6.87 -31.83
C PHE B 108 -15.79 -7.39 -30.55
N GLU B 109 -15.31 -6.45 -29.73
CA GLU B 109 -14.76 -6.78 -28.43
C GLU B 109 -15.87 -6.90 -27.40
N GLU B 110 -15.75 -7.88 -26.52
CA GLU B 110 -16.78 -8.16 -25.52
C GLU B 110 -16.68 -7.16 -24.38
N GLY B 111 -17.78 -6.49 -24.08
CA GLY B 111 -17.85 -5.60 -22.94
C GLY B 111 -17.51 -4.15 -23.20
N SER B 112 -17.36 -3.75 -24.46
CA SER B 112 -17.00 -2.38 -24.79
C SER B 112 -18.04 -1.79 -25.73
N VAL B 113 -18.54 -0.60 -25.39
CA VAL B 113 -19.48 0.10 -26.26
C VAL B 113 -18.75 1.05 -27.22
N THR B 114 -17.54 1.50 -26.86
CA THR B 114 -16.80 2.39 -27.74
C THR B 114 -16.42 1.69 -29.04
N ASN B 115 -16.10 0.40 -28.97
CA ASN B 115 -15.67 -0.33 -30.16
C ASN B 115 -16.79 -0.40 -31.20
N MET B 116 -18.02 -0.63 -30.76
CA MET B 116 -19.13 -0.74 -31.71
C MET B 116 -19.33 0.57 -32.46
N PHE B 117 -19.35 1.70 -31.76
CA PHE B 117 -19.51 2.99 -32.39
C PHE B 117 -18.31 3.36 -33.26
N THR B 118 -17.10 2.98 -32.88
CA THR B 118 -15.94 3.22 -33.71
C THR B 118 -15.95 2.38 -34.98
N SER B 119 -16.54 1.19 -34.94
CA SER B 119 -16.58 0.32 -36.12
C SER B 119 -17.74 0.60 -37.05
N ILE B 120 -18.86 1.13 -36.56
CA ILE B 120 -20.03 1.33 -37.40
C ILE B 120 -20.13 2.74 -37.97
N VAL B 121 -19.90 3.78 -37.18
CA VAL B 121 -20.09 5.15 -37.66
C VAL B 121 -18.76 5.88 -37.71
N GLY B 122 -17.68 5.14 -37.96
CA GLY B 122 -16.34 5.70 -37.95
C GLY B 122 -16.06 6.72 -39.03
N ASN B 123 -16.02 6.28 -40.29
CA ASN B 123 -15.55 7.13 -41.38
C ASN B 123 -16.51 7.26 -42.55
N VAL B 124 -17.56 6.43 -42.62
CA VAL B 124 -18.40 6.36 -43.81
C VAL B 124 -19.27 7.60 -43.96
N PHE B 125 -19.24 8.48 -42.98
CA PHE B 125 -20.13 9.65 -42.96
C PHE B 125 -19.57 10.83 -43.75
N GLY B 126 -18.36 10.73 -44.29
CA GLY B 126 -17.77 11.86 -44.98
C GLY B 126 -17.23 11.54 -46.35
N PHE B 127 -17.89 10.65 -47.07
CA PHE B 127 -17.47 10.27 -48.42
C PHE B 127 -17.86 11.35 -49.42
N LYS B 128 -17.07 11.46 -50.48
CA LYS B 128 -17.33 12.45 -51.53
C LYS B 128 -18.45 12.04 -52.47
N ALA B 129 -18.91 10.79 -52.41
CA ALA B 129 -19.93 10.30 -53.32
C ALA B 129 -21.33 10.34 -52.73
N LEU B 130 -21.51 10.98 -51.58
CA LEU B 130 -22.79 11.03 -50.89
C LEU B 130 -23.06 12.45 -50.42
N ARG B 131 -24.34 12.76 -50.22
CA ARG B 131 -24.75 14.06 -49.73
C ARG B 131 -25.50 14.01 -48.41
N ALA B 132 -25.89 12.82 -47.95
CA ALA B 132 -26.64 12.70 -46.70
C ALA B 132 -26.57 11.25 -46.24
N LEU B 133 -26.85 11.05 -44.94
CA LEU B 133 -26.86 9.73 -44.34
C LEU B 133 -27.46 9.84 -42.95
N ARG B 134 -28.24 8.83 -42.55
CA ARG B 134 -28.84 8.81 -41.22
C ARG B 134 -29.05 7.37 -40.77
N LEU B 135 -28.69 7.09 -39.52
CA LEU B 135 -28.89 5.76 -38.95
C LEU B 135 -30.23 5.72 -38.23
N GLU B 136 -30.91 4.57 -38.32
CA GLU B 136 -32.26 4.44 -37.79
C GLU B 136 -32.39 3.42 -36.67
N ASP B 137 -31.92 2.19 -36.87
CA ASP B 137 -32.17 1.15 -35.88
C ASP B 137 -31.05 0.12 -35.90
N LEU B 138 -31.00 -0.68 -34.84
CA LEU B 138 -30.03 -1.75 -34.68
C LEU B 138 -30.71 -2.96 -34.04
N ARG B 139 -30.11 -4.13 -34.23
CA ARG B 139 -30.58 -5.35 -33.57
C ARG B 139 -29.39 -6.01 -32.90
N ILE B 140 -29.51 -6.28 -31.61
CA ILE B 140 -28.44 -6.85 -30.80
C ILE B 140 -28.82 -8.28 -30.45
N PRO B 141 -28.06 -9.29 -30.88
CA PRO B 141 -28.42 -10.67 -30.56
C PRO B 141 -28.23 -10.95 -29.08
N PRO B 142 -28.97 -11.90 -28.52
CA PRO B 142 -28.80 -12.23 -27.09
C PRO B 142 -27.41 -12.76 -26.76
N ALA B 143 -26.69 -13.34 -27.73
CA ALA B 143 -25.37 -13.86 -27.47
C ALA B 143 -24.32 -12.77 -27.24
N TYR B 144 -24.66 -11.52 -27.53
CA TYR B 144 -23.74 -10.41 -27.35
C TYR B 144 -24.05 -9.54 -26.13
N SER B 145 -25.30 -9.45 -25.73
CA SER B 145 -25.70 -8.61 -24.61
C SER B 145 -25.47 -9.28 -23.26
N LYS B 146 -25.14 -10.57 -23.23
CA LYS B 146 -24.90 -11.26 -21.98
C LYS B 146 -23.53 -10.96 -21.39
N THR B 147 -22.65 -10.32 -22.14
CA THR B 147 -21.31 -9.98 -21.65
C THR B 147 -21.26 -8.63 -20.95
N PHE B 148 -22.37 -7.89 -20.90
CA PHE B 148 -22.44 -6.62 -20.22
C PHE B 148 -23.05 -6.79 -18.84
N GLN B 149 -22.89 -5.76 -18.01
CA GLN B 149 -23.40 -5.82 -16.64
C GLN B 149 -24.83 -5.30 -16.55
N GLY B 150 -25.16 -4.21 -17.25
CA GLY B 150 -26.50 -3.68 -17.24
C GLY B 150 -26.72 -2.68 -16.11
N PRO B 151 -27.98 -2.33 -15.88
CA PRO B 151 -28.27 -1.36 -14.84
C PRO B 151 -27.87 -1.89 -13.48
N PRO B 152 -27.46 -1.02 -12.56
CA PRO B 152 -27.05 -1.49 -11.23
C PRO B 152 -28.18 -2.13 -10.45
N HIS B 153 -29.31 -1.45 -10.31
CA HIS B 153 -30.42 -1.91 -9.48
C HIS B 153 -31.66 -2.25 -10.30
N GLY B 154 -32.19 -1.30 -11.07
CA GLY B 154 -33.38 -1.56 -11.85
C GLY B 154 -34.59 -0.80 -11.36
N ILE B 155 -35.78 -1.36 -11.58
CA ILE B 155 -37.03 -0.72 -11.19
C ILE B 155 -37.60 -1.32 -9.92
N GLN B 156 -37.68 -2.65 -9.84
CA GLN B 156 -38.32 -3.30 -8.71
C GLN B 156 -37.56 -3.04 -7.41
N VAL B 157 -36.23 -3.08 -7.46
CA VAL B 157 -35.43 -2.90 -6.25
C VAL B 157 -35.54 -1.48 -5.71
N GLU B 158 -35.62 -0.48 -6.59
CA GLU B 158 -35.68 0.91 -6.14
C GLU B 158 -36.94 1.18 -5.32
N ARG B 159 -38.08 0.71 -5.81
CA ARG B 159 -39.34 0.90 -5.09
C ARG B 159 -39.30 0.21 -3.73
N ASP B 160 -38.76 -1.00 -3.66
CA ASP B 160 -38.63 -1.70 -2.40
C ASP B 160 -37.72 -0.95 -1.43
N LYS B 161 -36.61 -0.40 -1.92
CA LYS B 161 -35.71 0.33 -1.03
C LYS B 161 -36.32 1.62 -0.53
N LEU B 162 -37.08 2.32 -1.38
CA LEU B 162 -37.66 3.60 -0.98
C LEU B 162 -39.02 3.46 -0.31
N ASN B 163 -39.68 2.30 -0.43
CA ASN B 163 -40.98 2.05 0.19
C ASN B 163 -42.03 3.05 -0.28
N LYS B 164 -42.31 3.02 -1.58
CA LYS B 164 -43.30 3.90 -2.19
C LYS B 164 -44.02 3.13 -3.28
N TYR B 165 -45.35 3.01 -3.15
CA TYR B 165 -46.16 2.29 -4.12
C TYR B 165 -47.43 3.07 -4.42
N GLY B 166 -47.91 2.96 -5.66
CA GLY B 166 -49.24 3.40 -6.03
C GLY B 166 -49.27 4.54 -7.04
N ARG B 167 -48.38 5.52 -6.89
CA ARG B 167 -48.48 6.75 -7.65
C ARG B 167 -47.11 7.10 -8.19
N PRO B 168 -47.04 7.95 -9.23
CA PRO B 168 -45.76 8.46 -9.70
C PRO B 168 -45.06 9.29 -8.64
N LEU B 169 -43.82 9.66 -8.94
CA LEU B 169 -42.99 10.40 -8.00
C LEU B 169 -42.95 11.88 -8.39
N LEU B 170 -42.32 12.69 -7.54
CA LEU B 170 -42.27 14.13 -7.74
C LEU B 170 -40.87 14.65 -7.44
N GLY B 171 -40.56 15.82 -7.99
CA GLY B 171 -39.26 16.42 -7.78
C GLY B 171 -39.26 17.88 -8.18
N CYS B 172 -38.13 18.53 -7.94
CA CYS B 172 -37.98 19.96 -8.23
C CYS B 172 -36.50 20.27 -8.38
N THR B 173 -36.22 21.44 -8.96
CA THR B 173 -34.86 21.92 -9.14
C THR B 173 -34.79 23.39 -8.74
N ILE B 174 -33.61 23.81 -8.29
CA ILE B 174 -33.43 25.16 -7.74
C ILE B 174 -33.05 26.13 -8.83
N LYS B 175 -33.67 27.32 -8.79
CA LYS B 175 -33.35 28.42 -9.69
C LYS B 175 -33.11 29.64 -8.81
N PRO B 176 -32.29 30.61 -9.26
CA PRO B 176 -31.62 30.74 -10.56
C PRO B 176 -30.49 29.75 -10.74
N LYS B 177 -30.05 29.55 -11.99
CA LYS B 177 -29.08 28.50 -12.29
C LYS B 177 -27.75 28.75 -11.60
N LEU B 178 -27.26 29.99 -11.63
CA LEU B 178 -25.96 30.32 -11.09
C LEU B 178 -26.03 31.66 -10.36
N GLY B 179 -25.40 31.74 -9.20
CA GLY B 179 -25.29 33.00 -8.49
C GLY B 179 -25.52 32.91 -6.99
N LEU B 180 -26.09 31.81 -6.52
CA LEU B 180 -26.42 31.66 -5.11
C LEU B 180 -25.19 31.26 -4.31
N SER B 181 -25.26 31.52 -3.01
CA SER B 181 -24.18 31.18 -2.09
C SER B 181 -24.36 29.78 -1.52
N ALA B 182 -23.46 29.40 -0.62
CA ALA B 182 -23.50 28.03 -0.08
C ALA B 182 -24.61 27.84 0.94
N LYS B 183 -24.92 28.87 1.73
CA LYS B 183 -25.93 28.74 2.77
C LYS B 183 -27.35 29.00 2.26
N ASN B 184 -27.51 30.00 1.39
CA ASN B 184 -28.82 30.24 0.79
C ASN B 184 -29.26 29.07 -0.09
N TYR B 185 -28.31 28.42 -0.77
CA TYR B 185 -28.65 27.23 -1.55
C TYR B 185 -29.17 26.12 -0.65
N GLY B 186 -28.55 25.93 0.52
CA GLY B 186 -28.99 24.90 1.43
C GLY B 186 -30.27 25.20 2.16
N ARG B 187 -30.57 26.48 2.44
CA ARG B 187 -31.78 26.83 3.16
C ARG B 187 -33.04 26.74 2.30
N ALA B 188 -32.91 26.80 0.98
CA ALA B 188 -34.08 26.69 0.11
C ALA B 188 -34.49 25.25 -0.15
N VAL B 189 -33.61 24.28 0.12
CA VAL B 189 -33.96 22.88 -0.05
C VAL B 189 -34.90 22.42 1.05
N TYR B 190 -34.67 22.88 2.29
CA TYR B 190 -35.48 22.45 3.42
C TYR B 190 -36.94 22.86 3.26
N GLU B 191 -37.17 24.09 2.81
CA GLU B 191 -38.54 24.56 2.64
C GLU B 191 -39.29 23.73 1.60
N CYS B 192 -38.62 23.44 0.48
CA CYS B 192 -39.26 22.62 -0.54
C CYS B 192 -39.51 21.20 -0.07
N LEU B 193 -38.56 20.61 0.67
CA LEU B 193 -38.72 19.22 1.10
C LEU B 193 -39.80 19.08 2.17
N ARG B 194 -39.93 20.05 3.06
CA ARG B 194 -40.95 19.94 4.11
C ARG B 194 -42.37 20.11 3.60
N GLY B 195 -42.55 20.51 2.34
CA GLY B 195 -43.88 20.75 1.81
C GLY B 195 -44.60 19.50 1.34
N GLY B 196 -43.87 18.48 0.91
CA GLY B 196 -44.50 17.27 0.43
C GLY B 196 -43.86 16.63 -0.77
N LEU B 197 -42.79 17.24 -1.29
CA LEU B 197 -42.10 16.67 -2.43
C LEU B 197 -41.25 15.47 -2.00
N ASP B 198 -40.68 14.78 -2.98
CA ASP B 198 -39.88 13.59 -2.75
C ASP B 198 -38.39 13.80 -3.03
N PHE B 199 -38.04 14.29 -4.20
CA PHE B 199 -36.66 14.47 -4.61
C PHE B 199 -36.35 15.94 -4.80
N THR B 200 -35.06 16.23 -4.99
CA THR B 200 -34.59 17.57 -5.27
C THR B 200 -33.30 17.50 -6.07
N KCX B 201 -33.19 18.34 -7.11
CA KCX B 201 -32.13 18.21 -8.09
CB KCX B 201 -32.73 17.98 -9.47
CG KCX B 201 -31.75 17.89 -10.61
CD KCX B 201 -32.45 17.52 -11.90
CE KCX B 201 -31.52 17.63 -13.09
NZ KCX B 201 -31.25 19.05 -13.44
C KCX B 201 -31.21 19.43 -8.12
O KCX B 201 -31.65 20.55 -7.87
CX KCX B 201 -31.99 19.63 -14.37
OQ1 KCX B 201 -32.89 19.00 -14.92
OQ2 KCX B 201 -31.78 20.82 -14.68
N ASP B 202 -29.93 19.20 -8.41
CA ASP B 202 -28.97 20.27 -8.59
C ASP B 202 -29.20 20.99 -9.92
N ASP B 203 -28.17 21.03 -10.76
CA ASP B 203 -28.27 21.60 -12.08
C ASP B 203 -27.12 21.09 -12.95
N GLU B 204 -27.28 21.11 -14.27
CA GLU B 204 -26.27 20.53 -15.14
C GLU B 204 -24.93 21.25 -15.06
N ASN B 205 -24.94 22.57 -15.16
CA ASN B 205 -23.70 23.35 -15.15
C ASN B 205 -23.36 23.86 -13.76
N VAL B 206 -23.31 22.98 -12.77
CA VAL B 206 -22.93 23.32 -11.40
C VAL B 206 -22.00 22.23 -10.91
N ASN B 207 -20.68 22.45 -11.02
CA ASN B 207 -19.71 21.51 -10.48
C ASN B 207 -18.88 22.14 -9.36
N SER B 208 -18.16 23.22 -9.65
CA SER B 208 -17.35 23.91 -8.64
C SER B 208 -16.93 25.24 -9.23
N GLN B 209 -17.22 26.33 -8.54
CA GLN B 209 -17.00 27.66 -9.05
C GLN B 209 -16.60 28.58 -7.91
N PRO B 210 -16.01 29.74 -8.21
CA PRO B 210 -15.52 30.62 -7.13
C PRO B 210 -16.59 31.03 -6.13
N PHE B 211 -17.85 31.14 -6.53
CA PHE B 211 -18.89 31.55 -5.59
C PHE B 211 -19.41 30.40 -4.74
N MET B 212 -19.09 29.16 -5.07
CA MET B 212 -19.57 28.01 -4.30
C MET B 212 -18.73 26.79 -4.64
N ARG B 213 -18.11 26.19 -3.64
CA ARG B 213 -17.33 24.97 -3.83
C ARG B 213 -18.12 23.76 -3.37
N TRP B 214 -17.73 22.59 -3.88
CA TRP B 214 -18.57 21.40 -3.73
C TRP B 214 -18.60 20.90 -2.29
N ARG B 215 -17.44 20.84 -1.64
CA ARG B 215 -17.40 20.28 -0.29
C ARG B 215 -18.21 21.12 0.70
N ASP B 216 -18.27 22.43 0.52
CA ASP B 216 -19.09 23.25 1.39
C ASP B 216 -20.58 23.02 1.18
N ARG B 217 -21.00 22.88 -0.08
CA ARG B 217 -22.41 22.66 -0.38
C ARG B 217 -22.90 21.29 0.09
N PHE B 218 -22.03 20.27 0.00
CA PHE B 218 -22.42 18.93 0.42
C PHE B 218 -22.84 18.90 1.89
N LEU B 219 -22.06 19.54 2.76
CA LEU B 219 -22.33 19.52 4.19
C LEU B 219 -23.67 20.20 4.52
N PHE B 220 -23.92 21.36 3.92
CA PHE B 220 -25.17 22.06 4.20
C PHE B 220 -26.38 21.28 3.67
N VAL B 221 -26.26 20.67 2.49
CA VAL B 221 -27.36 19.87 1.98
C VAL B 221 -27.62 18.67 2.89
N ALA B 222 -26.56 18.01 3.33
CA ALA B 222 -26.72 16.87 4.23
C ALA B 222 -27.37 17.28 5.54
N GLU B 223 -26.98 18.42 6.11
CA GLU B 223 -27.63 18.90 7.33
C GLU B 223 -29.09 19.24 7.11
N ALA B 224 -29.43 19.86 5.97
CA ALA B 224 -30.81 20.20 5.69
C ALA B 224 -31.69 18.98 5.46
N ILE B 225 -31.13 17.90 4.92
CA ILE B 225 -31.95 16.72 4.64
C ILE B 225 -32.49 16.10 5.93
N PHE B 226 -31.63 15.99 6.94
CA PHE B 226 -32.01 15.28 8.16
C PHE B 226 -33.16 15.95 8.89
N LYS B 227 -33.15 17.29 8.96
CA LYS B 227 -34.15 18.00 9.74
C LYS B 227 -35.56 17.78 9.22
N SER B 228 -35.75 17.83 7.90
CA SER B 228 -37.07 17.67 7.30
C SER B 228 -37.56 16.24 7.32
N GLN B 229 -36.67 15.25 7.48
CA GLN B 229 -37.08 13.86 7.50
C GLN B 229 -37.72 13.48 8.82
N ALA B 230 -37.25 14.04 9.93
CA ALA B 230 -37.76 13.69 11.24
C ALA B 230 -39.01 14.47 11.63
N GLU B 231 -39.48 15.38 10.78
CA GLU B 231 -40.65 16.19 11.07
C GLU B 231 -41.92 15.66 10.40
N THR B 232 -41.80 15.03 9.23
CA THR B 232 -42.97 14.50 8.55
C THR B 232 -43.01 12.97 8.64
N GLY B 233 -41.84 12.34 8.68
CA GLY B 233 -41.77 10.90 8.81
C GLY B 233 -41.78 10.16 7.49
N GLU B 234 -41.00 10.66 6.52
CA GLU B 234 -40.89 10.02 5.22
C GLU B 234 -39.46 10.14 4.72
N ILE B 235 -39.10 9.28 3.79
CA ILE B 235 -37.74 9.24 3.26
C ILE B 235 -37.58 10.27 2.14
N LYS B 236 -36.52 11.07 2.22
CA LYS B 236 -36.25 12.11 1.24
C LYS B 236 -34.83 11.95 0.71
N GLY B 237 -34.58 12.56 -0.45
CA GLY B 237 -33.29 12.46 -1.09
C GLY B 237 -32.99 13.70 -1.92
N HIS B 238 -31.79 13.71 -2.50
CA HIS B 238 -31.33 14.85 -3.29
C HIS B 238 -30.17 14.40 -4.17
N TYR B 239 -30.18 14.83 -5.43
CA TYR B 239 -29.17 14.42 -6.40
C TYR B 239 -27.94 15.30 -6.25
N LEU B 240 -26.77 14.69 -6.17
CA LEU B 240 -25.50 15.40 -6.09
C LEU B 240 -24.72 15.18 -7.37
N ASN B 241 -24.29 16.28 -8.00
CA ASN B 241 -23.56 16.20 -9.25
C ASN B 241 -22.14 15.72 -8.99
N ALA B 242 -21.65 14.80 -9.81
CA ALA B 242 -20.33 14.22 -9.65
C ALA B 242 -19.50 14.30 -10.93
N THR B 243 -19.79 15.28 -11.78
CA THR B 243 -19.03 15.48 -13.01
C THR B 243 -17.79 16.31 -12.72
N ALA B 244 -16.65 15.85 -13.23
CA ALA B 244 -15.38 16.51 -13.00
C ALA B 244 -14.64 16.62 -14.34
N GLY B 245 -13.44 17.18 -14.30
CA GLY B 245 -12.64 17.32 -15.49
C GLY B 245 -11.56 16.26 -15.64
N THR B 246 -11.38 15.44 -14.61
CA THR B 246 -10.40 14.36 -14.66
C THR B 246 -10.94 13.19 -13.84
N CYS B 247 -10.43 12.00 -14.11
CA CYS B 247 -10.97 10.77 -13.54
C CYS B 247 -10.73 10.63 -12.04
N GLU B 248 -9.54 10.96 -11.54
CA GLU B 248 -9.28 10.82 -10.11
C GLU B 248 -9.99 11.89 -9.28
N GLU B 249 -10.49 12.95 -9.90
CA GLU B 249 -11.35 13.91 -9.22
C GLU B 249 -12.80 13.45 -9.15
N MET B 250 -13.28 12.74 -10.17
CA MET B 250 -14.64 12.22 -10.14
C MET B 250 -14.82 11.11 -9.12
N MET B 251 -13.81 10.26 -8.93
CA MET B 251 -13.88 9.16 -7.98
C MET B 251 -13.63 9.60 -6.54
N LYS B 252 -13.28 10.87 -6.33
CA LYS B 252 -13.11 11.41 -4.99
C LYS B 252 -14.37 12.06 -4.45
N ARG B 253 -15.31 12.44 -5.32
CA ARG B 253 -16.54 13.06 -4.88
C ARG B 253 -17.63 12.04 -4.55
N ALA B 254 -17.43 10.78 -4.92
CA ALA B 254 -18.40 9.74 -4.60
C ALA B 254 -18.13 9.09 -3.24
N GLN B 255 -16.87 8.96 -2.85
CA GLN B 255 -16.54 8.39 -1.56
C GLN B 255 -17.05 9.25 -0.42
N PHE B 256 -16.97 10.58 -0.55
CA PHE B 256 -17.53 11.45 0.48
C PHE B 256 -19.04 11.30 0.59
N ALA B 257 -19.75 11.20 -0.53
CA ALA B 257 -21.19 10.99 -0.50
C ALA B 257 -21.54 9.65 0.15
N ARG B 258 -20.77 8.61 -0.14
CA ARG B 258 -20.97 7.35 0.58
C ARG B 258 -20.72 7.49 2.06
N GLU B 259 -19.68 8.24 2.44
CA GLU B 259 -19.35 8.43 3.84
C GLU B 259 -20.47 9.14 4.60
N LEU B 260 -21.10 10.13 3.98
CA LEU B 260 -22.22 10.82 4.61
C LEU B 260 -23.52 10.03 4.55
N GLY B 261 -23.53 8.87 3.88
CA GLY B 261 -24.73 8.08 3.76
C GLY B 261 -25.82 8.68 2.89
N MET B 262 -25.45 9.28 1.76
CA MET B 262 -26.43 9.76 0.80
C MET B 262 -26.79 8.65 -0.18
N PRO B 263 -28.02 8.63 -0.69
CA PRO B 263 -28.46 7.46 -1.48
C PRO B 263 -28.36 7.58 -2.99
N ILE B 264 -28.04 8.75 -3.55
CA ILE B 264 -28.13 8.93 -5.00
C ILE B 264 -27.13 9.98 -5.46
N VAL B 265 -26.65 9.82 -6.70
CA VAL B 265 -25.73 10.74 -7.34
C VAL B 265 -26.20 11.00 -8.77
N MET B 266 -25.41 11.77 -9.53
CA MET B 266 -25.80 12.23 -10.85
C MET B 266 -24.57 12.29 -11.75
N HIS B 267 -24.81 12.15 -13.06
CA HIS B 267 -23.74 12.22 -14.04
C HIS B 267 -24.31 12.57 -15.41
N ASP B 268 -23.44 13.08 -16.29
CA ASP B 268 -23.77 13.34 -17.69
C ASP B 268 -22.94 12.39 -18.55
N TYR B 269 -23.60 11.70 -19.47
CA TYR B 269 -22.96 10.62 -20.21
C TYR B 269 -22.63 10.96 -21.65
N LEU B 270 -22.92 12.17 -22.12
CA LEU B 270 -22.60 12.56 -23.49
C LEU B 270 -21.45 13.52 -23.61
N THR B 271 -21.18 14.34 -22.59
CA THR B 271 -20.01 15.20 -22.58
C THR B 271 -18.85 14.62 -21.77
N GLY B 272 -19.14 13.75 -20.81
CA GLY B 272 -18.07 13.08 -20.09
C GLY B 272 -17.49 11.89 -20.83
N GLY B 273 -18.26 11.30 -21.73
CA GLY B 273 -17.79 10.19 -22.54
C GLY B 273 -18.32 8.86 -22.03
N PHE B 274 -18.14 7.84 -22.87
CA PHE B 274 -18.58 6.49 -22.55
C PHE B 274 -17.62 5.75 -21.64
N THR B 275 -16.32 6.00 -21.73
CA THR B 275 -15.35 5.30 -20.90
C THR B 275 -15.54 5.60 -19.42
N ALA B 276 -15.77 6.87 -19.07
CA ALA B 276 -15.90 7.25 -17.68
C ALA B 276 -17.22 6.84 -17.06
N ASN B 277 -18.22 6.47 -17.87
CA ASN B 277 -19.52 6.10 -17.33
C ASN B 277 -19.52 4.68 -16.77
N THR B 278 -18.83 3.76 -17.44
CA THR B 278 -18.81 2.37 -16.99
C THR B 278 -18.12 2.21 -15.64
N THR B 279 -17.05 2.95 -15.41
CA THR B 279 -16.37 2.89 -14.11
C THR B 279 -17.29 3.35 -12.99
N LEU B 280 -18.02 4.45 -13.21
CA LEU B 280 -18.96 4.93 -12.21
C LEU B 280 -20.07 3.91 -11.98
N ALA B 281 -20.56 3.28 -13.05
CA ALA B 281 -21.59 2.26 -12.88
C ALA B 281 -21.08 1.09 -12.04
N HIS B 282 -19.85 0.65 -12.31
CA HIS B 282 -19.27 -0.45 -11.53
C HIS B 282 -19.13 -0.06 -10.07
N TYR B 283 -18.65 1.15 -9.79
CA TYR B 283 -18.48 1.59 -8.41
C TYR B 283 -19.83 1.65 -7.70
N CYS B 284 -20.85 2.18 -8.36
CA CYS B 284 -22.18 2.25 -7.76
C CYS B 284 -22.74 0.87 -7.48
N ARG B 285 -22.53 -0.08 -8.40
CA ARG B 285 -22.97 -1.45 -8.15
C ARG B 285 -22.26 -2.04 -6.94
N ASP B 286 -20.96 -1.79 -6.81
CA ASP B 286 -20.19 -2.37 -5.73
C ASP B 286 -20.36 -1.65 -4.40
N ASN B 287 -20.98 -0.47 -4.37
CA ASN B 287 -21.15 0.25 -3.11
C ASN B 287 -22.60 0.64 -2.84
N GLY B 288 -23.55 0.10 -3.59
CA GLY B 288 -24.96 0.27 -3.28
C GLY B 288 -25.52 1.68 -3.36
N LEU B 289 -25.22 2.41 -4.44
CA LEU B 289 -25.78 3.73 -4.67
C LEU B 289 -26.72 3.70 -5.86
N LEU B 290 -27.32 4.85 -6.15
CA LEU B 290 -28.22 5.02 -7.27
C LEU B 290 -27.68 6.07 -8.23
N LEU B 291 -27.99 5.89 -9.52
CA LEU B 291 -27.43 6.74 -10.56
C LEU B 291 -28.54 7.40 -11.37
N HIS B 292 -28.37 8.68 -11.67
CA HIS B 292 -29.31 9.45 -12.47
C HIS B 292 -28.56 10.06 -13.65
N ILE B 293 -29.13 9.94 -14.84
CA ILE B 293 -28.45 10.31 -16.08
C ILE B 293 -29.16 11.49 -16.71
N HIS B 294 -28.40 12.51 -17.08
CA HIS B 294 -28.91 13.70 -17.76
C HIS B 294 -28.36 13.74 -19.18
N ARG B 295 -29.26 13.91 -20.15
CA ARG B 295 -28.86 13.93 -21.57
C ARG B 295 -28.62 15.38 -21.96
N ALA B 296 -27.36 15.72 -22.21
CA ALA B 296 -26.96 17.04 -22.66
C ALA B 296 -26.22 16.90 -23.99
N MET B 297 -26.31 17.95 -24.82
CA MET B 297 -25.71 17.96 -26.15
C MET B 297 -26.24 16.79 -26.98
N HIS B 298 -27.57 16.66 -27.04
CA HIS B 298 -28.18 15.61 -27.83
C HIS B 298 -28.94 16.14 -29.04
N ALA B 299 -29.24 17.44 -29.09
CA ALA B 299 -29.91 18.04 -30.23
C ALA B 299 -28.95 18.35 -31.37
N VAL B 300 -27.64 18.32 -31.13
CA VAL B 300 -26.67 18.51 -32.20
C VAL B 300 -26.62 17.34 -33.16
N ILE B 301 -26.92 16.13 -32.70
CA ILE B 301 -26.94 14.96 -33.56
C ILE B 301 -28.35 14.63 -34.04
N ASP B 302 -29.38 14.93 -33.25
CA ASP B 302 -30.77 14.68 -33.60
C ASP B 302 -31.36 15.89 -34.32
N ARG B 303 -32.70 15.95 -34.39
CA ARG B 303 -33.48 17.07 -34.90
C ARG B 303 -33.67 16.99 -36.41
N GLN B 304 -32.61 17.23 -37.18
CA GLN B 304 -32.74 17.17 -38.63
C GLN B 304 -32.95 15.73 -39.09
N ARG B 305 -33.78 15.58 -40.12
CA ARG B 305 -34.27 14.26 -40.55
C ARG B 305 -33.54 13.76 -41.79
N ASN B 306 -32.44 14.38 -42.19
CA ASN B 306 -31.69 13.90 -43.34
C ASN B 306 -30.21 13.75 -43.03
N HIS B 307 -29.84 13.87 -41.75
CA HIS B 307 -28.45 13.72 -41.35
C HIS B 307 -28.33 13.54 -39.84
N GLY B 308 -27.62 12.51 -39.40
CA GLY B 308 -27.39 12.31 -37.98
C GLY B 308 -27.80 10.95 -37.46
N ILE B 309 -28.09 10.88 -36.17
CA ILE B 309 -28.49 9.63 -35.51
C ILE B 309 -29.78 9.88 -34.73
N HIS B 310 -30.70 8.92 -34.81
CA HIS B 310 -31.95 9.00 -34.06
C HIS B 310 -31.67 8.77 -32.58
N PHE B 311 -32.63 9.13 -31.73
CA PHE B 311 -32.49 8.95 -30.28
C PHE B 311 -32.80 7.53 -29.83
N ARG B 312 -33.62 6.78 -30.57
CA ARG B 312 -33.92 5.42 -30.18
C ARG B 312 -32.70 4.51 -30.27
N VAL B 313 -31.68 4.91 -31.02
CA VAL B 313 -30.45 4.15 -31.11
C VAL B 313 -29.57 4.54 -29.93
N LEU B 314 -29.50 5.84 -29.64
CA LEU B 314 -28.72 6.35 -28.52
C LEU B 314 -29.27 5.89 -27.18
N ALA B 315 -30.54 5.51 -27.11
CA ALA B 315 -31.13 5.04 -25.86
C ALA B 315 -30.77 3.60 -25.53
N LYS B 316 -30.62 2.74 -26.52
CA LYS B 316 -30.28 1.34 -26.26
C LYS B 316 -28.88 1.17 -25.71
N ALA B 317 -27.92 2.00 -26.13
CA ALA B 317 -26.56 1.89 -25.62
C ALA B 317 -26.50 2.19 -24.14
N LEU B 318 -27.31 3.14 -23.68
CA LEU B 318 -27.32 3.49 -22.25
C LEU B 318 -27.77 2.32 -21.40
N ARG B 319 -28.74 1.54 -21.89
CA ARG B 319 -29.22 0.41 -21.11
C ARG B 319 -28.11 -0.61 -20.86
N MET B 320 -27.31 -0.89 -21.89
CA MET B 320 -26.21 -1.85 -21.71
C MET B 320 -25.08 -1.24 -20.90
N SER B 321 -24.84 0.07 -21.05
CA SER B 321 -23.75 0.70 -20.31
C SER B 321 -24.04 0.74 -18.82
N GLY B 322 -25.23 1.19 -18.44
CA GLY B 322 -25.61 1.19 -17.03
C GLY B 322 -26.27 2.48 -16.56
N GLY B 323 -27.42 2.36 -15.92
CA GLY B 323 -28.11 3.52 -15.39
C GLY B 323 -29.45 3.13 -14.81
N ASP B 324 -30.04 4.07 -14.07
CA ASP B 324 -31.33 3.87 -13.45
C ASP B 324 -32.40 4.83 -13.94
N HIS B 325 -32.11 6.11 -14.05
CA HIS B 325 -33.04 7.11 -14.56
C HIS B 325 -32.50 7.67 -15.88
N ILE B 326 -33.39 8.20 -16.69
CA ILE B 326 -33.00 8.85 -17.94
C ILE B 326 -34.08 9.84 -18.32
N HIS B 327 -33.67 10.96 -18.90
CA HIS B 327 -34.60 11.97 -19.37
C HIS B 327 -35.21 11.55 -20.70
N SER B 328 -36.53 11.66 -20.81
CA SER B 328 -37.22 11.33 -22.04
C SER B 328 -37.97 12.50 -22.67
N GLY B 329 -38.11 13.61 -21.97
CA GLY B 329 -38.78 14.77 -22.52
C GLY B 329 -40.29 14.67 -22.43
N THR B 330 -40.94 15.81 -22.63
CA THR B 330 -42.40 15.90 -22.59
C THR B 330 -42.93 16.19 -23.99
N VAL B 331 -44.26 16.26 -24.09
CA VAL B 331 -44.94 16.50 -25.35
C VAL B 331 -45.58 17.88 -25.38
N VAL B 332 -45.82 18.48 -24.22
CA VAL B 332 -46.55 19.75 -24.15
C VAL B 332 -45.69 20.81 -23.47
N GLY B 333 -44.37 20.66 -23.56
CA GLY B 333 -43.47 21.62 -22.94
C GLY B 333 -42.92 22.63 -23.91
N LYS B 334 -41.75 23.20 -23.61
CA LYS B 334 -41.12 24.19 -24.47
C LYS B 334 -40.05 23.59 -25.38
N LEU B 335 -39.90 22.27 -25.38
CA LEU B 335 -38.92 21.60 -26.24
C LEU B 335 -39.64 20.61 -27.15
N GLU B 336 -39.02 20.34 -28.29
CA GLU B 336 -39.68 19.55 -29.34
C GLU B 336 -39.87 18.10 -28.90
N GLY B 337 -40.90 17.48 -29.47
CA GLY B 337 -41.22 16.09 -29.17
C GLY B 337 -42.52 15.67 -29.83
N GLU B 338 -42.66 14.38 -30.13
CA GLU B 338 -43.85 13.86 -30.78
C GLU B 338 -44.39 12.68 -29.99
N ARG B 339 -45.69 12.42 -30.16
CA ARG B 339 -46.40 11.44 -29.36
C ARG B 339 -46.15 10.00 -29.81
N GLU B 340 -46.36 9.71 -31.10
CA GLU B 340 -46.24 8.36 -31.61
C GLU B 340 -44.81 7.82 -31.53
N VAL B 341 -43.82 8.69 -31.50
CA VAL B 341 -42.43 8.26 -31.38
C VAL B 341 -42.05 8.03 -29.92
N THR B 342 -42.50 8.92 -29.03
CA THR B 342 -42.24 8.75 -27.61
C THR B 342 -42.87 7.48 -27.09
N LEU B 343 -44.14 7.23 -27.46
CA LEU B 343 -44.78 5.99 -27.09
C LEU B 343 -44.05 4.79 -27.66
N GLY B 344 -43.47 4.92 -28.85
CA GLY B 344 -42.72 3.85 -29.44
C GLY B 344 -41.45 3.50 -28.70
N PHE B 345 -40.68 4.50 -28.30
CA PHE B 345 -39.38 4.21 -27.70
C PHE B 345 -39.39 4.18 -26.18
N VAL B 346 -40.54 4.43 -25.53
CA VAL B 346 -40.64 4.14 -24.11
C VAL B 346 -40.64 2.62 -23.87
N ASP B 347 -41.33 1.88 -24.74
CA ASP B 347 -41.40 0.42 -24.60
C ASP B 347 -40.03 -0.22 -24.70
N LEU B 348 -39.17 0.27 -25.59
CA LEU B 348 -37.82 -0.28 -25.70
C LEU B 348 -37.01 -0.08 -24.42
N LEU B 349 -37.42 0.86 -23.57
CA LEU B 349 -36.76 1.06 -22.28
C LEU B 349 -37.39 0.27 -21.15
N ARG B 350 -38.71 0.12 -21.15
CA ARG B 350 -39.39 -0.49 -20.00
C ARG B 350 -39.71 -1.97 -20.18
N ASP B 351 -39.96 -2.43 -21.41
CA ASP B 351 -40.54 -3.74 -21.62
C ASP B 351 -39.46 -4.83 -21.71
N ASP B 352 -39.87 -6.05 -22.03
CA ASP B 352 -38.97 -7.18 -22.13
C ASP B 352 -39.05 -7.91 -23.47
N TYR B 353 -40.06 -7.64 -24.29
CA TYR B 353 -40.18 -8.28 -25.61
C TYR B 353 -41.03 -7.37 -26.48
N ILE B 354 -40.42 -6.80 -27.52
CA ILE B 354 -41.08 -5.85 -28.40
C ILE B 354 -41.14 -6.43 -29.79
N GLU B 355 -42.30 -6.29 -30.44
CA GLU B 355 -42.50 -6.79 -31.79
C GLU B 355 -42.38 -5.66 -32.81
N LYS B 356 -42.23 -6.06 -34.07
CA LYS B 356 -42.03 -5.10 -35.14
C LYS B 356 -43.30 -4.28 -35.37
N ASP B 357 -43.11 -2.98 -35.61
CA ASP B 357 -44.23 -2.08 -35.88
C ASP B 357 -43.68 -0.86 -36.61
N ARG B 358 -44.10 -0.68 -37.86
CA ARG B 358 -43.62 0.44 -38.68
C ARG B 358 -44.41 1.72 -38.46
N SER B 359 -45.54 1.66 -37.79
CA SER B 359 -46.31 2.86 -37.47
C SER B 359 -45.74 3.62 -36.29
N ARG B 360 -44.78 3.05 -35.58
CA ARG B 360 -44.14 3.70 -34.45
C ARG B 360 -42.63 3.82 -34.58
N GLY B 361 -42.05 3.39 -35.71
CA GLY B 361 -40.64 3.54 -35.99
C GLY B 361 -39.81 2.30 -35.79
N ILE B 362 -40.38 1.23 -35.24
CA ILE B 362 -39.62 0.02 -34.97
C ILE B 362 -39.45 -0.79 -36.26
N TYR B 363 -38.21 -1.19 -36.53
CA TYR B 363 -37.90 -2.00 -37.70
C TYR B 363 -37.65 -3.46 -37.38
N PHE B 364 -36.96 -3.77 -36.29
CA PHE B 364 -36.56 -5.13 -35.96
C PHE B 364 -37.26 -5.59 -34.68
N THR B 365 -37.16 -6.88 -34.42
CA THR B 365 -37.71 -7.50 -33.21
C THR B 365 -36.60 -7.68 -32.19
N GLN B 366 -36.87 -7.30 -30.95
CA GLN B 366 -35.86 -7.28 -29.91
C GLN B 366 -36.36 -7.99 -28.65
N ASP B 367 -35.48 -8.76 -28.02
CA ASP B 367 -35.74 -9.37 -26.72
C ASP B 367 -34.50 -9.20 -25.86
N TRP B 368 -34.72 -8.91 -24.57
CA TRP B 368 -33.66 -8.51 -23.66
C TRP B 368 -33.24 -9.61 -22.69
N VAL B 369 -33.75 -10.83 -22.87
CA VAL B 369 -33.49 -12.00 -22.01
C VAL B 369 -33.27 -11.63 -20.55
N SER B 370 -34.28 -11.03 -19.92
CA SER B 370 -34.30 -10.78 -18.48
C SER B 370 -33.19 -9.84 -18.03
N MET B 371 -33.23 -8.60 -18.52
CA MET B 371 -32.42 -7.53 -17.97
C MET B 371 -33.31 -6.42 -17.46
N PRO B 372 -33.03 -5.86 -16.27
CA PRO B 372 -33.93 -4.86 -15.69
C PRO B 372 -34.02 -3.60 -16.54
N GLY B 373 -35.18 -2.94 -16.46
CA GLY B 373 -35.43 -1.72 -17.20
C GLY B 373 -35.06 -0.47 -16.44
N VAL B 374 -35.47 0.67 -16.99
CA VAL B 374 -35.16 1.98 -16.44
C VAL B 374 -36.43 2.81 -16.36
N LEU B 375 -36.35 3.91 -15.59
CA LEU B 375 -37.49 4.79 -15.33
C LEU B 375 -37.38 6.06 -16.16
N PRO B 376 -38.34 6.33 -17.04
CA PRO B 376 -38.31 7.60 -17.78
C PRO B 376 -38.66 8.78 -16.90
N VAL B 377 -38.20 9.96 -17.33
CA VAL B 377 -38.37 11.20 -16.58
C VAL B 377 -38.91 12.27 -17.51
N ALA B 378 -39.92 13.01 -17.04
CA ALA B 378 -40.54 14.08 -17.81
C ALA B 378 -40.27 15.42 -17.15
N SER B 379 -39.90 16.43 -17.95
CA SER B 379 -39.59 17.75 -17.45
C SER B 379 -39.64 18.76 -18.59
N GLY B 380 -39.34 20.01 -18.26
CA GLY B 380 -39.20 21.02 -19.29
C GLY B 380 -40.32 22.03 -19.46
N GLY B 381 -40.82 22.60 -18.37
CA GLY B 381 -41.72 23.73 -18.48
C GLY B 381 -43.20 23.42 -18.39
N ILE B 382 -43.61 22.66 -17.39
CA ILE B 382 -45.00 22.27 -17.21
C ILE B 382 -45.52 22.89 -15.92
N HIS B 383 -46.83 23.12 -15.86
CA HIS B 383 -47.46 23.67 -14.68
C HIS B 383 -48.68 22.81 -14.33
N VAL B 384 -49.51 23.32 -13.40
CA VAL B 384 -50.52 22.49 -12.75
C VAL B 384 -51.63 22.10 -13.72
N TRP B 385 -51.88 22.94 -14.73
CA TRP B 385 -52.98 22.68 -15.65
C TRP B 385 -52.70 21.50 -16.57
N HIS B 386 -51.44 21.08 -16.63
CA HIS B 386 -51.03 20.01 -17.54
C HIS B 386 -51.09 18.63 -16.91
N MET B 387 -51.48 18.55 -15.64
CA MET B 387 -51.46 17.29 -14.90
C MET B 387 -52.37 16.21 -15.47
N PRO B 388 -53.65 16.50 -15.81
CA PRO B 388 -54.53 15.40 -16.25
C PRO B 388 -54.26 14.96 -17.68
N ALA B 389 -53.16 15.42 -18.26
CA ALA B 389 -52.78 14.99 -19.61
C ALA B 389 -51.47 14.23 -19.58
N LEU B 390 -50.75 14.32 -18.46
CA LEU B 390 -49.49 13.61 -18.29
C LEU B 390 -49.66 12.27 -17.58
N THR B 391 -50.74 12.10 -16.81
CA THR B 391 -51.01 10.82 -16.15
C THR B 391 -51.58 9.79 -17.11
N GLU B 392 -52.06 10.21 -18.28
CA GLU B 392 -52.68 9.31 -19.23
C GLU B 392 -51.68 8.77 -20.25
N ILE B 393 -50.59 9.48 -20.49
CA ILE B 393 -49.60 9.07 -21.49
C ILE B 393 -48.64 8.06 -20.90
N PHE B 394 -47.91 8.47 -19.86
CA PHE B 394 -46.84 7.64 -19.32
C PHE B 394 -47.37 6.48 -18.50
N GLY B 395 -48.08 6.78 -17.43
CA GLY B 395 -48.62 5.73 -16.58
C GLY B 395 -48.20 5.94 -15.14
N ASP B 396 -48.08 4.83 -14.42
CA ASP B 396 -47.75 4.85 -13.00
C ASP B 396 -46.27 4.67 -12.72
N ASP B 397 -45.45 4.52 -13.74
CA ASP B 397 -44.00 4.33 -13.58
C ASP B 397 -43.28 5.46 -14.31
N SER B 398 -43.09 6.58 -13.62
CA SER B 398 -42.40 7.73 -14.19
C SER B 398 -42.06 8.71 -13.07
N VAL B 399 -41.33 9.76 -13.43
CA VAL B 399 -40.97 10.82 -12.50
C VAL B 399 -41.34 12.16 -13.12
N LEU B 400 -41.97 13.02 -12.32
CA LEU B 400 -42.43 14.33 -12.77
C LEU B 400 -41.66 15.40 -12.03
N GLN B 401 -41.13 16.37 -12.76
CA GLN B 401 -40.32 17.44 -12.18
C GLN B 401 -40.92 18.79 -12.54
N PHE B 402 -40.97 19.69 -11.55
CA PHE B 402 -41.40 21.07 -11.75
C PHE B 402 -40.31 22.00 -11.22
N GLY B 403 -39.65 22.71 -12.13
CA GLY B 403 -38.58 23.60 -11.73
C GLY B 403 -39.03 25.02 -11.47
N GLY B 404 -39.71 25.62 -12.44
CA GLY B 404 -40.20 26.98 -12.29
C GLY B 404 -41.61 27.12 -11.77
N GLY B 405 -42.36 26.02 -11.75
CA GLY B 405 -43.72 26.03 -11.24
C GLY B 405 -43.86 25.93 -9.75
N THR B 406 -42.74 25.85 -9.02
CA THR B 406 -42.74 25.76 -7.57
C THR B 406 -42.19 27.02 -6.92
N LEU B 407 -41.05 27.52 -7.38
CA LEU B 407 -40.45 28.73 -6.85
C LEU B 407 -41.04 30.00 -7.45
N GLY B 408 -42.20 29.90 -8.09
CA GLY B 408 -42.83 31.06 -8.68
C GLY B 408 -44.23 31.30 -8.12
N HIS B 409 -44.62 30.52 -7.13
CA HIS B 409 -45.91 30.68 -6.49
C HIS B 409 -45.97 32.00 -5.75
N PRO B 410 -47.12 32.68 -5.78
CA PRO B 410 -47.22 34.00 -5.15
C PRO B 410 -47.14 33.99 -3.63
N TRP B 411 -47.02 32.83 -2.99
CA TRP B 411 -46.97 32.78 -1.54
C TRP B 411 -45.69 32.24 -0.95
N GLY B 412 -44.84 31.55 -1.71
CA GLY B 412 -43.58 31.08 -1.19
C GLY B 412 -43.27 29.68 -1.68
N ASN B 413 -42.32 29.04 -0.99
CA ASN B 413 -41.89 27.71 -1.39
C ASN B 413 -42.80 26.63 -0.82
N ALA B 414 -42.98 26.63 0.51
CA ALA B 414 -43.77 25.57 1.14
C ALA B 414 -45.20 25.54 0.64
N PRO B 415 -45.93 26.66 0.54
CA PRO B 415 -47.28 26.58 -0.05
C PRO B 415 -47.28 26.15 -1.51
N GLY B 416 -46.17 26.32 -2.22
CA GLY B 416 -46.12 25.95 -3.62
C GLY B 416 -46.09 24.47 -3.90
N ALA B 417 -45.60 23.66 -2.96
CA ALA B 417 -45.55 22.22 -3.12
C ALA B 417 -46.86 21.53 -2.79
N VAL B 418 -47.64 22.10 -1.86
CA VAL B 418 -48.93 21.52 -1.52
C VAL B 418 -49.87 21.57 -2.70
N ALA B 419 -49.84 22.67 -3.45
CA ALA B 419 -50.70 22.78 -4.62
C ALA B 419 -50.38 21.71 -5.65
N ASN B 420 -49.10 21.44 -5.90
CA ASN B 420 -48.74 20.38 -6.82
C ASN B 420 -49.08 18.99 -6.29
N ARG B 421 -48.87 18.75 -5.00
CA ARG B 421 -49.17 17.45 -4.42
C ARG B 421 -50.65 17.13 -4.43
N VAL B 422 -51.51 18.10 -4.12
CA VAL B 422 -52.96 17.87 -4.12
C VAL B 422 -53.51 17.58 -5.51
N ALA B 423 -53.01 18.27 -6.54
CA ALA B 423 -53.51 18.10 -7.89
C ALA B 423 -53.22 16.73 -8.49
N LEU B 424 -52.29 15.96 -7.92
CA LEU B 424 -51.99 14.63 -8.42
C LEU B 424 -52.81 13.54 -7.76
N GLU B 425 -53.02 13.63 -6.45
CA GLU B 425 -53.82 12.65 -5.74
C GLU B 425 -55.31 12.77 -6.05
N ALA B 426 -55.75 13.90 -6.61
CA ALA B 426 -57.11 14.03 -7.10
C ALA B 426 -57.31 13.43 -8.48
N CYS B 427 -56.27 13.43 -9.32
CA CYS B 427 -56.31 12.74 -10.60
C CYS B 427 -56.13 11.24 -10.47
N VAL B 428 -55.28 10.79 -9.54
CA VAL B 428 -55.14 9.35 -9.30
C VAL B 428 -56.42 8.74 -8.76
N GLN B 429 -57.10 9.39 -7.81
CA GLN B 429 -58.34 8.88 -7.25
C GLN B 429 -59.47 8.85 -8.27
N ALA B 430 -59.55 9.83 -9.16
CA ALA B 430 -60.62 9.90 -10.14
C ALA B 430 -60.43 8.94 -11.31
N ARG B 431 -59.26 8.32 -11.43
CA ARG B 431 -59.02 7.38 -12.52
C ARG B 431 -59.58 6.00 -12.23
N ASN B 432 -59.28 5.43 -11.06
CA ASN B 432 -59.78 4.12 -10.71
C ASN B 432 -61.19 4.17 -10.12
N GLU B 433 -62.10 4.86 -10.81
CA GLU B 433 -63.51 4.88 -10.43
C GLU B 433 -64.37 4.72 -11.67
N GLY B 434 -63.75 4.86 -12.84
CA GLY B 434 -64.45 4.70 -14.09
C GLY B 434 -64.58 5.98 -14.89
N ARG B 435 -63.93 7.05 -14.45
CA ARG B 435 -63.99 8.33 -15.13
C ARG B 435 -62.90 8.42 -16.20
N ASP B 436 -63.13 9.29 -17.17
CA ASP B 436 -62.20 9.48 -18.28
C ASP B 436 -61.34 10.71 -18.03
N LEU B 437 -60.03 10.55 -18.21
CA LEU B 437 -59.07 11.62 -17.94
C LEU B 437 -58.79 12.50 -19.14
N ALA B 438 -59.33 12.17 -20.32
CA ALA B 438 -59.06 12.95 -21.52
C ALA B 438 -60.16 13.96 -21.82
N ARG B 439 -61.40 13.48 -21.99
CA ARG B 439 -62.51 14.39 -22.24
C ARG B 439 -62.74 15.32 -21.05
N GLU B 440 -62.70 14.77 -19.83
CA GLU B 440 -62.76 15.56 -18.63
C GLU B 440 -61.35 15.82 -18.13
N GLY B 441 -61.21 16.75 -17.19
CA GLY B 441 -59.91 17.10 -16.67
C GLY B 441 -59.79 18.58 -16.38
N ASN B 442 -60.63 19.37 -17.04
CA ASN B 442 -60.83 20.77 -16.67
C ASN B 442 -61.94 20.92 -15.64
N ASP B 443 -62.61 19.83 -15.30
CA ASP B 443 -63.61 19.80 -14.24
C ASP B 443 -63.13 19.11 -12.98
N ILE B 444 -62.18 18.19 -13.07
CA ILE B 444 -61.63 17.57 -11.87
C ILE B 444 -60.87 18.60 -11.04
N ILE B 445 -60.08 19.46 -11.69
CA ILE B 445 -59.29 20.44 -10.96
C ILE B 445 -60.17 21.53 -10.35
N ARG B 446 -61.20 21.98 -11.07
CA ARG B 446 -62.06 23.04 -10.57
C ARG B 446 -62.90 22.63 -9.36
N GLU B 447 -63.09 21.32 -9.14
CA GLU B 447 -63.74 20.82 -7.94
C GLU B 447 -62.78 20.65 -6.77
N ALA B 448 -61.54 20.23 -7.03
CA ALA B 448 -60.55 20.13 -5.96
C ALA B 448 -60.08 21.51 -5.52
N SER B 449 -60.25 22.53 -6.36
CA SER B 449 -59.81 23.86 -6.01
C SER B 449 -60.87 24.61 -5.19
N LYS B 450 -61.80 23.85 -4.59
CA LYS B 450 -62.84 24.44 -3.78
C LYS B 450 -62.67 24.17 -2.29
N TRP B 451 -61.82 23.23 -1.91
CA TRP B 451 -61.53 22.97 -0.50
C TRP B 451 -60.06 23.19 -0.15
N SER B 452 -59.23 23.59 -1.10
CA SER B 452 -57.82 23.88 -0.84
C SER B 452 -57.53 25.31 -1.26
N PRO B 453 -57.29 26.23 -0.31
CA PRO B 453 -57.04 27.63 -0.67
C PRO B 453 -55.70 27.86 -1.35
N GLU B 454 -54.78 26.90 -1.31
CA GLU B 454 -53.47 27.06 -1.94
C GLU B 454 -53.45 26.65 -3.41
N LEU B 455 -54.52 26.04 -3.91
CA LEU B 455 -54.61 25.68 -5.32
C LEU B 455 -55.38 26.70 -6.14
N ALA B 456 -56.40 27.33 -5.55
CA ALA B 456 -57.09 28.41 -6.24
C ALA B 456 -56.20 29.62 -6.46
N ALA B 457 -55.26 29.88 -5.56
CA ALA B 457 -54.31 30.96 -5.75
C ALA B 457 -53.33 30.70 -6.87
N ALA B 458 -53.10 29.44 -7.23
CA ALA B 458 -52.20 29.09 -8.32
C ALA B 458 -52.92 28.86 -9.64
N CYS B 459 -54.21 28.52 -9.62
CA CYS B 459 -54.98 28.37 -10.84
C CYS B 459 -55.29 29.69 -11.55
N GLU B 460 -54.79 30.80 -11.02
CA GLU B 460 -55.04 32.12 -11.61
C GLU B 460 -53.82 32.76 -12.24
N VAL B 461 -52.62 32.51 -11.70
CA VAL B 461 -51.42 33.13 -12.26
C VAL B 461 -51.13 32.58 -13.65
N TRP B 462 -51.16 31.27 -13.81
CA TRP B 462 -50.94 30.61 -15.09
C TRP B 462 -52.27 29.97 -15.50
N LYS B 463 -52.94 30.60 -16.46
CA LYS B 463 -54.22 30.11 -16.93
C LYS B 463 -54.32 30.02 -18.45
N GLU B 464 -53.58 30.84 -19.20
CA GLU B 464 -53.63 30.79 -20.65
C GLU B 464 -52.25 30.65 -21.27
N ILE B 465 -51.34 29.95 -20.61
CA ILE B 465 -49.97 29.80 -21.09
C ILE B 465 -49.85 28.47 -21.82
N LYS B 466 -49.59 28.53 -23.12
CA LYS B 466 -49.41 27.34 -23.93
C LYS B 466 -48.27 27.56 -24.91
N PHE B 467 -47.71 26.45 -25.41
CA PHE B 467 -46.63 26.48 -26.38
C PHE B 467 -47.03 25.64 -27.58
N VAL B 468 -47.40 26.29 -28.67
CA VAL B 468 -47.81 25.59 -29.88
C VAL B 468 -47.02 26.11 -31.08
N PHE B 469 -46.30 25.21 -31.76
CA PHE B 469 -45.54 25.55 -32.95
C PHE B 469 -45.56 24.37 -33.91
N GLU B 470 -44.90 24.54 -35.05
CA GLU B 470 -44.85 23.49 -36.06
C GLU B 470 -43.81 22.43 -35.65
N THR B 471 -43.74 21.36 -36.44
CA THR B 471 -42.86 20.24 -36.16
C THR B 471 -41.89 20.06 -37.32
N ILE B 472 -40.65 19.70 -36.98
CA ILE B 472 -39.57 19.51 -37.95
C ILE B 472 -39.40 18.05 -38.31
N ASP B 473 -39.26 17.18 -37.32
CA ASP B 473 -39.03 15.76 -37.55
C ASP B 473 -40.36 15.03 -37.72
N THR B 474 -40.98 15.15 -38.90
CA THR B 474 -42.28 14.54 -39.14
C THR B 474 -42.15 13.04 -39.45
N LEU B 475 -41.98 12.23 -38.41
CA LEU B 475 -41.87 10.77 -38.53
C LEU B 475 -40.89 10.36 -39.62
N GLY C 12 -56.47 -21.98 -4.22
CA GLY C 12 -56.38 -22.07 -2.78
C GLY C 12 -55.15 -22.80 -2.29
N PHE C 13 -55.04 -22.97 -0.97
CA PHE C 13 -53.91 -23.64 -0.35
C PHE C 13 -54.42 -24.91 0.33
N LYS C 14 -53.84 -26.05 -0.04
CA LYS C 14 -54.18 -27.34 0.56
C LYS C 14 -52.91 -28.02 1.02
N ALA C 15 -52.90 -28.49 2.27
CA ALA C 15 -51.74 -29.15 2.85
C ALA C 15 -51.84 -30.66 2.66
N GLY C 16 -50.78 -31.26 2.15
CA GLY C 16 -50.78 -32.70 1.91
C GLY C 16 -49.58 -33.10 1.07
N VAL C 17 -49.65 -34.32 0.55
CA VAL C 17 -48.58 -34.91 -0.25
C VAL C 17 -49.17 -35.40 -1.57
N LYS C 18 -48.54 -35.02 -2.68
CA LYS C 18 -48.96 -35.41 -4.01
C LYS C 18 -47.80 -36.08 -4.73
N ASP C 19 -48.05 -36.48 -5.98
CA ASP C 19 -47.04 -37.13 -6.80
C ASP C 19 -46.29 -36.12 -7.64
N TYR C 20 -45.04 -36.46 -7.97
CA TYR C 20 -44.26 -35.61 -8.86
C TYR C 20 -44.76 -35.67 -10.29
N ARG C 21 -45.34 -36.80 -10.68
CA ARG C 21 -45.82 -37.00 -12.05
C ARG C 21 -46.82 -35.95 -12.49
N LEU C 22 -47.67 -35.47 -11.59
CA LEU C 22 -48.74 -34.56 -11.92
C LEU C 22 -48.24 -33.17 -12.33
N THR C 23 -46.96 -32.88 -12.10
CA THR C 23 -46.45 -31.54 -12.37
C THR C 23 -45.18 -31.55 -13.21
N TYR C 24 -44.35 -32.59 -13.07
CA TYR C 24 -43.01 -32.58 -13.63
C TYR C 24 -42.82 -33.56 -14.78
N TYR C 25 -43.90 -33.96 -15.46
CA TYR C 25 -43.82 -34.86 -16.60
C TYR C 25 -44.58 -34.25 -17.76
N THR C 26 -43.86 -33.64 -18.70
CA THR C 26 -44.44 -33.02 -19.88
C THR C 26 -43.85 -33.71 -21.11
N PRO C 27 -44.58 -34.66 -21.71
CA PRO C 27 -44.05 -35.44 -22.84
C PRO C 27 -44.28 -34.80 -24.21
N ASP C 28 -44.66 -33.53 -24.22
CA ASP C 28 -44.91 -32.84 -25.49
C ASP C 28 -44.34 -31.43 -25.48
N TYR C 29 -43.16 -31.26 -24.91
CA TYR C 29 -42.51 -29.96 -24.78
C TYR C 29 -41.45 -29.79 -25.85
N GLU C 30 -41.32 -28.57 -26.35
CA GLU C 30 -40.36 -28.24 -27.40
C GLU C 30 -39.21 -27.45 -26.78
N THR C 31 -37.98 -27.89 -27.05
CA THR C 31 -36.82 -27.22 -26.50
C THR C 31 -36.56 -25.89 -27.21
N LYS C 32 -35.93 -24.97 -26.49
CA LYS C 32 -35.56 -23.67 -27.02
C LYS C 32 -34.08 -23.65 -27.39
N ASP C 33 -33.60 -22.48 -27.78
CA ASP C 33 -32.21 -22.30 -28.16
C ASP C 33 -31.34 -21.80 -27.01
N THR C 34 -31.91 -21.61 -25.83
CA THR C 34 -31.19 -21.14 -24.66
C THR C 34 -31.45 -22.06 -23.47
N ASP C 35 -31.34 -23.36 -23.70
CA ASP C 35 -31.60 -24.37 -22.69
C ASP C 35 -30.41 -25.30 -22.55
N ILE C 36 -30.31 -25.93 -21.38
CA ILE C 36 -29.27 -26.90 -21.08
C ILE C 36 -29.92 -28.27 -20.96
N LEU C 37 -29.38 -29.25 -21.68
CA LEU C 37 -29.95 -30.59 -21.73
C LEU C 37 -28.97 -31.60 -21.15
N ALA C 38 -29.52 -32.67 -20.57
CA ALA C 38 -28.73 -33.72 -19.98
C ALA C 38 -29.38 -35.07 -20.24
N ALA C 39 -28.58 -36.13 -20.18
CA ALA C 39 -29.05 -37.49 -20.41
C ALA C 39 -28.58 -38.37 -19.26
N PHE C 40 -29.52 -39.09 -18.65
CA PHE C 40 -29.23 -39.97 -17.52
C PHE C 40 -29.50 -41.42 -17.90
N ARG C 41 -28.83 -42.32 -17.19
CA ARG C 41 -29.06 -43.76 -17.31
C ARG C 41 -29.33 -44.30 -15.91
N MET C 42 -30.56 -44.72 -15.66
CA MET C 42 -31.02 -45.01 -14.32
C MET C 42 -31.51 -46.46 -14.20
N THR C 43 -31.59 -46.93 -12.96
CA THR C 43 -32.07 -48.27 -12.65
C THR C 43 -33.08 -48.18 -11.51
N PRO C 44 -34.36 -48.27 -11.81
CA PRO C 44 -35.39 -48.10 -10.76
C PRO C 44 -35.38 -49.24 -9.75
N GLN C 45 -36.02 -49.02 -8.61
CA GLN C 45 -36.21 -49.93 -7.49
C GLN C 45 -37.49 -50.73 -7.68
N PRO C 46 -37.49 -52.03 -7.33
CA PRO C 46 -38.71 -52.84 -7.52
C PRO C 46 -39.96 -52.24 -6.91
N GLY C 47 -40.97 -52.01 -7.74
CA GLY C 47 -42.22 -51.42 -7.30
C GLY C 47 -42.38 -49.95 -7.58
N VAL C 48 -41.70 -49.41 -8.58
CA VAL C 48 -41.79 -47.98 -8.91
C VAL C 48 -41.93 -47.84 -10.42
N PRO C 49 -42.91 -47.08 -10.90
CA PRO C 49 -43.06 -46.86 -12.34
C PRO C 49 -41.88 -46.08 -12.88
N PRO C 50 -41.50 -46.32 -14.14
CA PRO C 50 -40.34 -45.63 -14.71
C PRO C 50 -40.48 -44.11 -14.73
N GLU C 51 -41.69 -43.61 -14.92
CA GLU C 51 -41.93 -42.18 -15.03
C GLU C 51 -41.79 -41.44 -13.71
N GLU C 52 -42.17 -42.06 -12.59
CA GLU C 52 -42.05 -41.42 -11.29
C GLU C 52 -40.60 -41.18 -10.88
N ALA C 53 -39.67 -42.01 -11.35
CA ALA C 53 -38.26 -41.79 -11.08
C ALA C 53 -37.72 -40.57 -11.83
N GLY C 54 -38.03 -40.48 -13.13
CA GLY C 54 -37.62 -39.32 -13.89
C GLY C 54 -38.24 -38.04 -13.38
N ALA C 55 -39.52 -38.09 -13.01
CA ALA C 55 -40.16 -36.92 -12.43
C ALA C 55 -39.50 -36.49 -11.12
N ALA C 56 -39.16 -37.44 -10.25
CA ALA C 56 -38.46 -37.09 -9.01
C ALA C 56 -37.09 -36.50 -9.27
N VAL C 57 -36.34 -37.06 -10.23
CA VAL C 57 -35.04 -36.51 -10.56
C VAL C 57 -35.16 -35.09 -11.07
N ALA C 58 -36.15 -34.83 -11.94
CA ALA C 58 -36.34 -33.47 -12.43
C ALA C 58 -36.76 -32.53 -11.32
N ALA C 59 -37.62 -32.99 -10.40
CA ALA C 59 -38.17 -32.10 -9.39
C ALA C 59 -37.14 -31.74 -8.33
N GLU C 60 -36.36 -32.71 -7.87
CA GLU C 60 -35.44 -32.45 -6.76
C GLU C 60 -34.11 -31.86 -7.22
N SER C 61 -34.07 -31.25 -8.39
CA SER C 61 -32.87 -30.60 -8.87
C SER C 61 -33.02 -29.10 -8.98
N SER C 62 -34.19 -28.59 -9.38
CA SER C 62 -34.40 -27.16 -9.52
C SER C 62 -35.28 -26.59 -8.42
N THR C 63 -36.53 -27.07 -8.30
CA THR C 63 -37.48 -26.57 -7.32
C THR C 63 -38.39 -27.70 -6.89
N GLY C 64 -38.64 -27.81 -5.60
CA GLY C 64 -39.59 -28.78 -5.09
C GLY C 64 -39.10 -29.47 -3.83
N THR C 65 -40.03 -30.09 -3.12
CA THR C 65 -39.74 -30.85 -1.91
C THR C 65 -40.77 -31.97 -1.80
N TRP C 66 -40.84 -32.59 -0.62
CA TRP C 66 -41.71 -33.74 -0.42
C TRP C 66 -43.14 -33.36 -0.01
N THR C 67 -43.45 -32.07 0.12
CA THR C 67 -44.79 -31.65 0.51
C THR C 67 -45.10 -30.32 -0.17
N THR C 68 -46.27 -29.78 0.13
CA THR C 68 -46.75 -28.54 -0.48
C THR C 68 -46.54 -27.38 0.48
N VAL C 69 -46.07 -26.25 -0.06
CA VAL C 69 -45.83 -25.04 0.72
C VAL C 69 -46.69 -23.93 0.16
N TRP C 70 -47.01 -22.96 1.03
CA TRP C 70 -47.93 -21.89 0.66
C TRP C 70 -47.26 -20.72 -0.04
N THR C 71 -45.92 -20.66 -0.06
CA THR C 71 -45.22 -19.54 -0.67
C THR C 71 -45.12 -19.65 -2.18
N ASP C 72 -45.55 -20.75 -2.77
CA ASP C 72 -45.50 -20.93 -4.21
C ASP C 72 -46.46 -20.01 -4.96
N GLY C 73 -47.46 -19.45 -4.29
CA GLY C 73 -48.41 -18.58 -4.93
C GLY C 73 -47.93 -17.16 -5.15
N LEU C 74 -46.75 -16.81 -4.67
CA LEU C 74 -46.20 -15.48 -4.84
C LEU C 74 -45.32 -15.34 -6.08
N THR C 75 -45.10 -16.43 -6.81
CA THR C 75 -44.24 -16.42 -7.98
C THR C 75 -44.90 -17.22 -9.09
N SER C 76 -44.30 -17.16 -10.28
CA SER C 76 -44.73 -17.94 -11.42
C SER C 76 -43.84 -19.17 -11.54
N LEU C 77 -44.44 -20.35 -11.40
CA LEU C 77 -43.70 -21.61 -11.40
C LEU C 77 -43.66 -22.26 -12.78
N ASP C 78 -43.92 -21.49 -13.83
CA ASP C 78 -43.87 -21.99 -15.20
C ASP C 78 -42.64 -21.53 -15.96
N ARG C 79 -41.84 -20.64 -15.38
CA ARG C 79 -40.59 -20.20 -15.99
C ARG C 79 -39.39 -20.52 -15.13
N TYR C 80 -39.54 -21.40 -14.14
CA TYR C 80 -38.44 -21.74 -13.25
C TYR C 80 -38.31 -23.23 -12.97
N LYS C 81 -39.13 -24.08 -13.59
CA LYS C 81 -39.11 -25.51 -13.32
C LYS C 81 -38.32 -26.26 -14.39
N GLY C 82 -37.87 -27.47 -14.02
CA GLY C 82 -37.29 -28.39 -14.95
C GLY C 82 -38.23 -29.55 -15.20
N ARG C 83 -38.16 -30.12 -16.41
CA ARG C 83 -39.12 -31.14 -16.79
C ARG C 83 -38.44 -32.21 -17.64
N CYS C 84 -39.05 -33.39 -17.64
CA CYS C 84 -38.59 -34.53 -18.43
C CYS C 84 -39.52 -34.72 -19.61
N TYR C 85 -38.96 -34.90 -20.81
CA TYR C 85 -39.75 -34.92 -22.02
C TYR C 85 -39.51 -36.15 -22.89
N ASP C 86 -38.74 -37.13 -22.42
CA ASP C 86 -38.51 -38.32 -23.25
C ASP C 86 -37.97 -39.45 -22.37
N ILE C 87 -38.47 -40.66 -22.63
CA ILE C 87 -37.99 -41.87 -21.97
C ILE C 87 -37.88 -42.99 -22.99
N GLU C 88 -36.74 -43.66 -23.03
CA GLU C 88 -36.55 -44.80 -23.92
C GLU C 88 -35.80 -45.91 -23.21
N PRO C 89 -36.10 -47.18 -23.52
CA PRO C 89 -35.43 -48.28 -22.83
C PRO C 89 -34.19 -48.76 -23.56
N VAL C 90 -33.23 -49.27 -22.77
CA VAL C 90 -32.01 -49.81 -23.34
C VAL C 90 -32.25 -51.24 -23.83
N ALA C 91 -31.40 -51.68 -24.75
CA ALA C 91 -31.50 -53.00 -25.35
C ALA C 91 -30.51 -53.93 -24.68
N GLY C 92 -30.98 -55.12 -24.29
CA GLY C 92 -30.16 -56.11 -23.63
C GLY C 92 -30.43 -56.28 -22.15
N GLU C 93 -31.31 -55.48 -21.56
CA GLU C 93 -31.65 -55.55 -20.15
C GLU C 93 -33.15 -55.46 -19.98
N GLU C 94 -33.60 -55.33 -18.73
CA GLU C 94 -35.01 -55.20 -18.42
C GLU C 94 -35.29 -54.18 -17.32
N ASN C 95 -34.25 -53.59 -16.73
CA ASN C 95 -34.45 -52.65 -15.63
C ASN C 95 -33.52 -51.45 -15.79
N GLN C 96 -33.44 -50.91 -17.01
CA GLN C 96 -32.59 -49.76 -17.25
C GLN C 96 -33.23 -48.91 -18.35
N TYR C 97 -33.11 -47.60 -18.21
CA TYR C 97 -33.72 -46.66 -19.16
C TYR C 97 -32.82 -45.45 -19.33
N ILE C 98 -33.22 -44.57 -20.25
CA ILE C 98 -32.52 -43.32 -20.51
C ILE C 98 -33.55 -42.20 -20.48
N ALA C 99 -33.22 -41.11 -19.77
CA ALA C 99 -34.14 -40.00 -19.58
C ALA C 99 -33.47 -38.70 -20.04
N TYR C 100 -34.31 -37.74 -20.41
CA TYR C 100 -33.86 -36.43 -20.87
C TYR C 100 -34.51 -35.34 -20.03
N VAL C 101 -33.72 -34.32 -19.66
CA VAL C 101 -34.18 -33.23 -18.82
C VAL C 101 -33.76 -31.92 -19.46
N ALA C 102 -34.58 -30.88 -19.26
CA ALA C 102 -34.31 -29.54 -19.79
C ALA C 102 -34.34 -28.52 -18.66
N TYR C 103 -33.41 -27.57 -18.70
CA TYR C 103 -33.30 -26.55 -17.67
C TYR C 103 -33.36 -25.15 -18.29
N PRO C 104 -34.02 -24.21 -17.65
CA PRO C 104 -34.02 -22.83 -18.14
C PRO C 104 -32.66 -22.17 -17.98
N LEU C 105 -32.46 -21.08 -18.72
CA LEU C 105 -31.16 -20.42 -18.76
C LEU C 105 -30.85 -19.64 -17.49
N ASP C 106 -31.85 -18.96 -16.90
CA ASP C 106 -31.57 -18.01 -15.83
C ASP C 106 -31.49 -18.65 -14.46
N LEU C 107 -31.19 -19.94 -14.36
CA LEU C 107 -30.98 -20.60 -13.09
C LEU C 107 -29.52 -20.67 -12.69
N PHE C 108 -28.61 -20.13 -13.50
CA PHE C 108 -27.18 -20.29 -13.28
C PHE C 108 -26.50 -18.93 -13.17
N GLU C 109 -25.35 -18.92 -12.50
CA GLU C 109 -24.54 -17.72 -12.36
C GLU C 109 -23.48 -17.67 -13.44
N GLU C 110 -23.30 -16.49 -14.04
CA GLU C 110 -22.38 -16.34 -15.16
C GLU C 110 -20.94 -16.40 -14.67
N GLY C 111 -20.12 -17.18 -15.36
CA GLY C 111 -18.70 -17.23 -15.09
C GLY C 111 -18.27 -18.18 -13.99
N SER C 112 -19.15 -19.01 -13.47
CA SER C 112 -18.82 -19.93 -12.39
C SER C 112 -19.13 -21.36 -12.83
N VAL C 113 -18.14 -22.24 -12.68
CA VAL C 113 -18.34 -23.66 -12.93
C VAL C 113 -18.77 -24.41 -11.67
N THR C 114 -18.33 -23.96 -10.49
CA THR C 114 -18.74 -24.59 -9.25
C THR C 114 -20.25 -24.53 -9.04
N ASN C 115 -20.90 -23.45 -9.45
CA ASN C 115 -22.34 -23.34 -9.33
C ASN C 115 -23.11 -24.27 -10.25
N MET C 116 -22.58 -24.55 -11.44
CA MET C 116 -23.26 -25.45 -12.37
C MET C 116 -23.28 -26.89 -11.88
N PHE C 117 -22.19 -27.39 -11.32
CA PHE C 117 -22.15 -28.75 -10.82
C PHE C 117 -22.98 -28.96 -9.56
N THR C 118 -23.22 -27.91 -8.78
CA THR C 118 -23.96 -28.04 -7.54
C THR C 118 -25.46 -28.25 -7.77
N SER C 119 -25.99 -27.77 -8.89
CA SER C 119 -27.42 -27.84 -9.15
C SER C 119 -27.84 -29.10 -9.91
N ILE C 120 -26.90 -29.89 -10.41
CA ILE C 120 -27.23 -31.06 -11.20
C ILE C 120 -26.87 -32.36 -10.50
N VAL C 121 -25.69 -32.47 -9.90
CA VAL C 121 -25.26 -33.70 -9.26
C VAL C 121 -25.18 -33.49 -7.74
N GLY C 122 -25.99 -32.58 -7.24
CA GLY C 122 -25.93 -32.22 -5.83
C GLY C 122 -26.45 -33.26 -4.87
N ASN C 123 -27.72 -33.65 -5.01
CA ASN C 123 -28.35 -34.49 -4.01
C ASN C 123 -29.07 -35.70 -4.60
N VAL C 124 -29.36 -35.66 -5.90
CA VAL C 124 -30.23 -36.64 -6.52
C VAL C 124 -29.56 -38.00 -6.62
N PHE C 125 -28.30 -38.10 -6.20
CA PHE C 125 -27.52 -39.32 -6.34
C PHE C 125 -27.66 -40.26 -5.16
N GLY C 126 -28.45 -39.91 -4.15
CA GLY C 126 -28.55 -40.73 -2.97
C GLY C 126 -29.97 -40.98 -2.51
N PHE C 127 -30.92 -41.02 -3.43
CA PHE C 127 -32.31 -41.29 -3.09
C PHE C 127 -32.50 -42.75 -2.73
N LYS C 128 -33.51 -43.00 -1.88
CA LYS C 128 -33.82 -44.36 -1.46
C LYS C 128 -34.61 -45.15 -2.48
N ALA C 129 -35.11 -44.50 -3.54
CA ALA C 129 -35.93 -45.15 -4.54
C ALA C 129 -35.15 -45.56 -5.78
N LEU C 130 -33.82 -45.48 -5.74
CA LEU C 130 -32.97 -45.80 -6.87
C LEU C 130 -31.80 -46.65 -6.41
N ARG C 131 -31.20 -47.36 -7.37
CA ARG C 131 -30.04 -48.19 -7.05
C ARG C 131 -28.83 -47.86 -7.93
N ALA C 132 -28.97 -47.00 -8.92
CA ALA C 132 -27.86 -46.66 -9.80
C ALA C 132 -28.21 -45.37 -10.54
N LEU C 133 -27.18 -44.71 -11.07
CA LEU C 133 -27.34 -43.48 -11.84
C LEU C 133 -26.00 -43.15 -12.49
N ARG C 134 -26.05 -42.63 -13.72
CA ARG C 134 -24.85 -42.23 -14.42
C ARG C 134 -25.15 -41.10 -15.40
N LEU C 135 -24.23 -40.14 -15.47
CA LEU C 135 -24.36 -39.01 -16.39
C LEU C 135 -23.52 -39.27 -17.64
N GLU C 136 -24.06 -38.88 -18.78
CA GLU C 136 -23.44 -39.19 -20.06
C GLU C 136 -23.01 -37.96 -20.84
N ASP C 137 -23.89 -36.99 -21.06
CA ASP C 137 -23.56 -35.88 -21.94
C ASP C 137 -24.31 -34.62 -21.51
N LEU C 138 -23.83 -33.48 -22.00
CA LEU C 138 -24.43 -32.18 -21.76
C LEU C 138 -24.37 -31.36 -23.03
N ARG C 139 -25.22 -30.34 -23.11
CA ARG C 139 -25.23 -29.40 -24.22
C ARG C 139 -25.15 -27.99 -23.67
N ILE C 140 -24.17 -27.22 -24.11
CA ILE C 140 -23.93 -25.86 -23.64
C ILE C 140 -24.34 -24.89 -24.75
N PRO C 141 -25.37 -24.06 -24.55
CA PRO C 141 -25.76 -23.13 -25.61
C PRO C 141 -24.71 -22.06 -25.80
N PRO C 142 -24.61 -21.50 -27.01
CA PRO C 142 -23.63 -20.43 -27.24
C PRO C 142 -23.86 -19.19 -26.39
N ALA C 143 -25.10 -18.94 -25.96
CA ALA C 143 -25.39 -17.77 -25.14
C ALA C 143 -24.83 -17.88 -23.73
N TYR C 144 -24.36 -19.06 -23.33
CA TYR C 144 -23.82 -19.26 -21.98
C TYR C 144 -22.31 -19.38 -21.95
N SER C 145 -21.68 -19.87 -23.00
CA SER C 145 -20.24 -20.05 -23.03
C SER C 145 -19.48 -18.77 -23.38
N LYS C 146 -20.18 -17.70 -23.74
CA LYS C 146 -19.53 -16.44 -24.07
C LYS C 146 -19.13 -15.63 -22.85
N THR C 147 -19.54 -16.05 -21.65
CA THR C 147 -19.22 -15.34 -20.42
C THR C 147 -17.95 -15.86 -19.76
N PHE C 148 -17.31 -16.87 -20.33
CA PHE C 148 -16.07 -17.42 -19.79
C PHE C 148 -14.88 -16.90 -20.57
N GLN C 149 -13.69 -17.11 -19.99
CA GLN C 149 -12.46 -16.66 -20.64
C GLN C 149 -11.87 -17.70 -21.58
N GLY C 150 -11.86 -18.96 -21.17
CA GLY C 150 -11.34 -20.02 -22.00
C GLY C 150 -9.84 -20.21 -21.83
N PRO C 151 -9.24 -20.99 -22.73
CA PRO C 151 -7.80 -21.23 -22.64
C PRO C 151 -7.04 -19.92 -22.78
N PRO C 152 -5.91 -19.78 -22.07
CA PRO C 152 -5.12 -18.55 -22.17
C PRO C 152 -4.58 -18.29 -23.57
N HIS C 153 -3.93 -19.28 -24.17
CA HIS C 153 -3.25 -19.10 -25.45
C HIS C 153 -3.87 -19.92 -26.57
N GLY C 154 -3.96 -21.24 -26.41
CA GLY C 154 -4.53 -22.06 -27.46
C GLY C 154 -3.54 -23.00 -28.11
N ILE C 155 -3.71 -23.28 -29.39
CA ILE C 155 -2.83 -24.20 -30.11
C ILE C 155 -1.88 -23.42 -31.00
N GLN C 156 -2.42 -22.51 -31.81
CA GLN C 156 -1.61 -21.77 -32.77
C GLN C 156 -0.63 -20.81 -32.11
N VAL C 157 -1.06 -20.05 -31.11
CA VAL C 157 -0.14 -19.15 -30.42
C VAL C 157 0.94 -19.90 -29.67
N GLU C 158 0.61 -21.06 -29.10
CA GLU C 158 1.62 -21.86 -28.43
C GLU C 158 2.66 -22.41 -29.40
N ARG C 159 2.23 -22.82 -30.59
CA ARG C 159 3.16 -23.30 -31.60
C ARG C 159 3.99 -22.18 -32.22
N ASP C 160 3.46 -20.97 -32.32
CA ASP C 160 4.21 -19.86 -32.89
C ASP C 160 5.35 -19.38 -32.01
N LYS C 161 5.18 -19.43 -30.68
CA LYS C 161 6.23 -18.93 -29.79
C LYS C 161 7.47 -19.82 -29.79
N LEU C 162 7.29 -21.13 -29.89
CA LEU C 162 8.39 -22.07 -29.81
C LEU C 162 9.07 -22.34 -31.15
N ASN C 163 8.48 -21.90 -32.26
CA ASN C 163 9.05 -22.08 -33.59
C ASN C 163 9.30 -23.55 -33.90
N LYS C 164 8.23 -24.33 -33.86
CA LYS C 164 8.30 -25.77 -34.12
C LYS C 164 7.11 -26.16 -34.98
N TYR C 165 7.39 -26.70 -36.17
CA TYR C 165 6.35 -27.11 -37.10
C TYR C 165 6.72 -28.46 -37.73
N GLY C 166 5.69 -29.26 -38.03
CA GLY C 166 5.84 -30.43 -38.87
C GLY C 166 5.59 -31.75 -38.18
N ARG C 167 6.03 -31.88 -36.93
CA ARG C 167 6.05 -33.18 -36.26
C ARG C 167 5.52 -33.02 -34.86
N PRO C 168 5.07 -34.11 -34.24
CA PRO C 168 4.68 -34.05 -32.83
C PRO C 168 5.86 -33.70 -31.94
N LEU C 169 5.57 -33.49 -30.65
CA LEU C 169 6.56 -33.09 -29.68
C LEU C 169 6.94 -34.26 -28.78
N LEU C 170 8.06 -34.12 -28.08
CA LEU C 170 8.61 -35.18 -27.24
C LEU C 170 8.85 -34.65 -25.83
N GLY C 171 8.88 -35.57 -24.87
CA GLY C 171 9.11 -35.21 -23.49
C GLY C 171 9.51 -36.42 -22.67
N CYS C 172 9.81 -36.16 -21.40
CA CYS C 172 10.27 -37.21 -20.49
C CYS C 172 10.00 -36.76 -19.06
N THR C 173 10.07 -37.72 -18.14
CA THR C 173 9.88 -37.45 -16.72
C THR C 173 10.96 -38.17 -15.93
N ILE C 174 11.27 -37.64 -14.75
CA ILE C 174 12.42 -38.11 -13.97
C ILE C 174 11.96 -39.15 -12.96
N LYS C 175 12.73 -40.24 -12.87
CA LYS C 175 12.49 -41.31 -11.91
C LYS C 175 13.80 -41.56 -11.19
N PRO C 176 13.77 -42.07 -9.93
CA PRO C 176 12.61 -42.52 -9.14
C PRO C 176 11.74 -41.37 -8.65
N LYS C 177 10.52 -41.68 -8.23
CA LYS C 177 9.54 -40.64 -7.91
C LYS C 177 10.00 -39.79 -6.73
N LEU C 178 10.52 -40.41 -5.69
CA LEU C 178 10.90 -39.71 -4.47
C LEU C 178 12.21 -40.27 -3.93
N GLY C 179 13.08 -39.39 -3.46
CA GLY C 179 14.31 -39.82 -2.81
C GLY C 179 15.56 -39.10 -3.25
N LEU C 180 15.49 -38.36 -4.35
CA LEU C 180 16.66 -37.68 -4.90
C LEU C 180 16.91 -36.36 -4.18
N SER C 181 18.15 -35.91 -4.24
CA SER C 181 18.57 -34.66 -3.62
C SER C 181 18.31 -33.51 -4.59
N ALA C 182 18.82 -32.32 -4.29
CA ALA C 182 18.57 -31.14 -5.12
C ALA C 182 19.58 -30.96 -6.24
N LYS C 183 20.81 -31.45 -6.07
CA LYS C 183 21.83 -31.33 -7.11
C LYS C 183 21.82 -32.50 -8.07
N ASN C 184 21.61 -33.71 -7.56
CA ASN C 184 21.45 -34.87 -8.45
C ASN C 184 20.21 -34.75 -9.32
N TYR C 185 19.14 -34.16 -8.78
CA TYR C 185 17.95 -33.91 -9.58
C TYR C 185 18.25 -32.96 -10.73
N GLY C 186 19.03 -31.91 -10.47
CA GLY C 186 19.37 -30.97 -11.51
C GLY C 186 20.37 -31.47 -12.54
N ARG C 187 21.31 -32.33 -12.13
CA ARG C 187 22.29 -32.85 -13.06
C ARG C 187 21.74 -33.91 -14.01
N ALA C 188 20.60 -34.51 -13.69
CA ALA C 188 20.01 -35.51 -14.57
C ALA C 188 19.12 -34.89 -15.64
N VAL C 189 18.86 -33.59 -15.57
CA VAL C 189 18.05 -32.90 -16.58
C VAL C 189 18.90 -32.45 -17.76
N TYR C 190 20.12 -31.98 -17.48
CA TYR C 190 21.00 -31.50 -18.54
C TYR C 190 21.33 -32.62 -19.53
N GLU C 191 21.62 -33.82 -19.01
CA GLU C 191 21.96 -34.94 -19.89
C GLU C 191 20.79 -35.30 -20.80
N CYS C 192 19.57 -35.32 -20.25
CA CYS C 192 18.41 -35.64 -21.07
C CYS C 192 18.15 -34.56 -22.10
N LEU C 193 18.30 -33.28 -21.71
CA LEU C 193 17.99 -32.20 -22.62
C LEU C 193 19.01 -32.06 -23.75
N ARG C 194 20.28 -32.34 -23.49
CA ARG C 194 21.29 -32.21 -24.53
C ARG C 194 21.21 -33.33 -25.57
N GLY C 195 20.39 -34.35 -25.34
CA GLY C 195 20.32 -35.46 -26.27
C GLY C 195 19.41 -35.25 -27.46
N GLY C 196 18.41 -34.39 -27.32
CA GLY C 196 17.51 -34.13 -28.43
C GLY C 196 16.05 -34.00 -28.07
N LEU C 197 15.71 -34.14 -26.79
CA LEU C 197 14.32 -33.99 -26.38
C LEU C 197 13.93 -32.52 -26.34
N ASP C 198 12.63 -32.28 -26.16
CA ASP C 198 12.08 -30.94 -26.11
C ASP C 198 11.66 -30.51 -24.71
N PHE C 199 10.86 -31.32 -24.03
CA PHE C 199 10.35 -30.99 -22.71
C PHE C 199 10.82 -32.03 -21.69
N THR C 200 10.66 -31.69 -20.42
CA THR C 200 10.87 -32.63 -19.32
C THR C 200 10.14 -32.09 -18.09
N KCX C 201 9.54 -32.98 -17.30
CA KCX C 201 8.66 -32.53 -16.24
CB KCX C 201 7.21 -32.95 -16.54
CG KCX C 201 7.00 -34.44 -16.64
CD KCX C 201 5.57 -34.76 -17.01
CE KCX C 201 4.61 -34.50 -15.86
NZ KCX C 201 4.70 -35.55 -14.82
C KCX C 201 9.03 -33.05 -14.86
O KCX C 201 9.96 -33.85 -14.70
CX KCX C 201 3.97 -36.65 -14.94
OQ1 KCX C 201 3.22 -36.79 -15.91
OQ2 KCX C 201 4.03 -37.54 -14.07
N ASP C 202 8.29 -32.59 -13.85
CA ASP C 202 8.51 -33.00 -12.47
C ASP C 202 7.78 -34.31 -12.19
N ASP C 203 6.89 -34.28 -11.20
CA ASP C 203 6.08 -35.43 -10.87
C ASP C 203 4.83 -34.98 -10.10
N GLU C 204 3.80 -35.81 -10.06
CA GLU C 204 2.53 -35.38 -9.46
C GLU C 204 2.68 -35.11 -7.97
N ASN C 205 3.43 -35.95 -7.25
CA ASN C 205 3.51 -35.86 -5.80
C ASN C 205 4.83 -35.27 -5.32
N VAL C 206 5.37 -34.27 -6.01
CA VAL C 206 6.60 -33.61 -5.61
C VAL C 206 6.31 -32.12 -5.48
N ASN C 207 6.06 -31.67 -4.25
CA ASN C 207 5.84 -30.25 -4.02
C ASN C 207 6.92 -29.65 -3.14
N SER C 208 7.07 -30.18 -1.92
CA SER C 208 8.10 -29.70 -1.00
C SER C 208 8.18 -30.70 0.14
N GLN C 209 9.38 -31.21 0.41
CA GLN C 209 9.58 -32.27 1.38
C GLN C 209 10.94 -32.10 2.03
N PRO C 210 11.18 -32.75 3.17
CA PRO C 210 12.45 -32.52 3.89
C PRO C 210 13.70 -32.82 3.06
N PHE C 211 13.64 -33.77 2.13
CA PHE C 211 14.84 -34.09 1.36
C PHE C 211 15.09 -33.12 0.21
N MET C 212 14.11 -32.29 -0.15
CA MET C 212 14.29 -31.34 -1.24
C MET C 212 13.21 -30.27 -1.14
N ARG C 213 13.62 -29.01 -1.03
CA ARG C 213 12.69 -27.89 -1.00
C ARG C 213 12.61 -27.23 -2.37
N TRP C 214 11.53 -26.47 -2.58
CA TRP C 214 11.22 -26.00 -3.92
C TRP C 214 12.18 -24.90 -4.39
N ARG C 215 12.48 -23.94 -3.52
CA ARG C 215 13.32 -22.83 -3.94
C ARG C 215 14.72 -23.26 -4.29
N ASP C 216 15.22 -24.34 -3.68
CA ASP C 216 16.53 -24.86 -4.04
C ASP C 216 16.53 -25.54 -5.40
N ARG C 217 15.49 -26.30 -5.73
CA ARG C 217 15.40 -26.99 -7.00
C ARG C 217 15.15 -26.04 -8.17
N PHE C 218 14.40 -24.95 -7.93
CA PHE C 218 14.12 -23.99 -9.00
C PHE C 218 15.40 -23.40 -9.56
N LEU C 219 16.38 -23.09 -8.70
CA LEU C 219 17.63 -22.49 -9.18
C LEU C 219 18.47 -23.48 -9.95
N PHE C 220 18.57 -24.72 -9.47
CA PHE C 220 19.42 -25.70 -10.12
C PHE C 220 18.85 -26.13 -11.46
N VAL C 221 17.52 -26.14 -11.62
CA VAL C 221 16.95 -26.45 -12.93
C VAL C 221 17.25 -25.33 -13.92
N ALA C 222 17.12 -24.07 -13.49
CA ALA C 222 17.37 -22.93 -14.35
C ALA C 222 18.83 -22.87 -14.78
N GLU C 223 19.75 -23.22 -13.87
CA GLU C 223 21.16 -23.21 -14.26
C GLU C 223 21.45 -24.19 -15.38
N ALA C 224 20.84 -25.38 -15.34
CA ALA C 224 21.07 -26.38 -16.36
C ALA C 224 20.38 -26.06 -17.68
N ILE C 225 19.21 -25.42 -17.63
CA ILE C 225 18.48 -25.12 -18.86
C ILE C 225 19.32 -24.22 -19.77
N PHE C 226 19.91 -23.17 -19.19
CA PHE C 226 20.69 -22.23 -20.00
C PHE C 226 21.90 -22.92 -20.63
N LYS C 227 22.60 -23.76 -19.86
CA LYS C 227 23.76 -24.45 -20.41
C LYS C 227 23.37 -25.41 -21.53
N SER C 228 22.27 -26.14 -21.36
CA SER C 228 21.83 -27.08 -22.39
C SER C 228 21.28 -26.38 -23.63
N GLN C 229 20.75 -25.17 -23.49
CA GLN C 229 20.18 -24.45 -24.63
C GLN C 229 21.21 -23.86 -25.56
N ALA C 230 22.35 -23.40 -25.04
CA ALA C 230 23.33 -22.69 -25.84
C ALA C 230 24.33 -23.62 -26.53
N GLU C 231 24.15 -24.93 -26.41
CA GLU C 231 25.06 -25.88 -27.02
C GLU C 231 24.49 -26.51 -28.29
N THR C 232 23.17 -26.66 -28.40
CA THR C 232 22.57 -27.25 -29.58
C THR C 232 21.86 -26.19 -30.42
N GLY C 233 21.52 -25.06 -29.81
CA GLY C 233 20.87 -23.99 -30.54
C GLY C 233 19.39 -24.19 -30.76
N GLU C 234 18.66 -24.64 -29.74
CA GLU C 234 17.22 -24.83 -29.85
C GLU C 234 16.57 -24.44 -28.52
N ILE C 235 15.28 -24.16 -28.57
CA ILE C 235 14.56 -23.72 -27.38
C ILE C 235 14.12 -24.93 -26.57
N LYS C 236 14.38 -24.88 -25.26
CA LYS C 236 14.05 -25.98 -24.36
C LYS C 236 13.26 -25.42 -23.17
N GLY C 237 12.53 -26.31 -22.49
CA GLY C 237 11.70 -25.92 -21.38
C GLY C 237 11.55 -27.05 -20.36
N HIS C 238 10.82 -26.75 -19.29
CA HIS C 238 10.63 -27.69 -18.19
C HIS C 238 9.42 -27.25 -17.37
N TYR C 239 8.59 -28.21 -17.00
CA TYR C 239 7.36 -27.92 -16.25
C TYR C 239 7.69 -27.87 -14.76
N LEU C 240 7.31 -26.78 -14.10
CA LEU C 240 7.53 -26.61 -12.67
C LEU C 240 6.21 -26.76 -11.94
N ASN C 241 6.20 -27.60 -10.91
CA ASN C 241 4.98 -27.84 -10.14
C ASN C 241 4.66 -26.62 -9.28
N ALA C 242 3.37 -26.29 -9.17
CA ALA C 242 2.93 -25.13 -8.40
C ALA C 242 1.73 -25.43 -7.52
N THR C 243 1.54 -26.68 -7.14
CA THR C 243 0.46 -27.05 -6.23
C THR C 243 0.89 -26.81 -4.78
N ALA C 244 -0.03 -26.29 -3.99
CA ALA C 244 0.26 -25.96 -2.60
C ALA C 244 -0.96 -26.28 -1.75
N GLY C 245 -0.90 -25.97 -0.46
CA GLY C 245 -2.01 -26.25 0.44
C GLY C 245 -2.78 -25.01 0.82
N THR C 246 -2.34 -23.85 0.35
CA THR C 246 -3.03 -22.59 0.64
C THR C 246 -2.90 -21.70 -0.59
N CYS C 247 -3.86 -20.79 -0.74
CA CYS C 247 -3.90 -19.90 -1.90
C CYS C 247 -2.86 -18.80 -1.84
N GLU C 248 -2.33 -18.49 -0.65
CA GLU C 248 -1.24 -17.54 -0.53
C GLU C 248 0.12 -18.15 -0.83
N GLU C 249 0.27 -19.47 -0.65
CA GLU C 249 1.49 -20.16 -1.01
C GLU C 249 1.56 -20.53 -2.49
N MET C 250 0.41 -20.73 -3.14
CA MET C 250 0.40 -21.04 -4.56
C MET C 250 0.76 -19.84 -5.42
N MET C 251 0.40 -18.63 -5.00
CA MET C 251 0.70 -17.42 -5.75
C MET C 251 2.08 -16.86 -5.45
N LYS C 252 2.81 -17.45 -4.50
CA LYS C 252 4.20 -17.09 -4.27
C LYS C 252 5.16 -17.90 -5.13
N ARG C 253 4.77 -19.09 -5.56
CA ARG C 253 5.61 -19.92 -6.42
C ARG C 253 5.46 -19.59 -7.89
N ALA C 254 4.42 -18.84 -8.26
CA ALA C 254 4.20 -18.47 -9.65
C ALA C 254 4.85 -17.14 -10.02
N GLN C 255 5.33 -16.38 -9.05
CA GLN C 255 6.04 -15.14 -9.36
C GLN C 255 7.54 -15.32 -9.48
N PHE C 256 8.12 -16.26 -8.72
CA PHE C 256 9.54 -16.56 -8.86
C PHE C 256 9.85 -17.12 -10.24
N ALA C 257 8.99 -17.97 -10.78
CA ALA C 257 9.19 -18.51 -12.13
C ALA C 257 9.17 -17.40 -13.17
N ARG C 258 8.26 -16.44 -13.05
CA ARG C 258 8.26 -15.31 -13.96
C ARG C 258 9.52 -14.47 -13.80
N GLU C 259 9.95 -14.27 -12.55
CA GLU C 259 11.15 -13.47 -12.31
C GLU C 259 12.38 -14.10 -12.95
N LEU C 260 12.52 -15.42 -12.84
CA LEU C 260 13.63 -16.10 -13.49
C LEU C 260 13.49 -16.14 -15.01
N GLY C 261 12.27 -16.09 -15.53
CA GLY C 261 12.05 -16.13 -16.97
C GLY C 261 11.82 -17.52 -17.51
N MET C 262 10.90 -18.28 -16.88
CA MET C 262 10.55 -19.61 -17.32
C MET C 262 9.24 -19.61 -18.09
N PRO C 263 9.06 -20.51 -19.05
CA PRO C 263 7.92 -20.40 -19.96
C PRO C 263 6.65 -21.14 -19.55
N ILE C 264 6.71 -22.09 -18.60
CA ILE C 264 5.59 -23.00 -18.39
C ILE C 264 5.57 -23.48 -16.95
N VAL C 265 4.35 -23.73 -16.44
CA VAL C 265 4.10 -24.31 -15.13
C VAL C 265 3.08 -25.43 -15.27
N MET C 266 2.72 -26.06 -14.15
CA MET C 266 1.80 -27.18 -14.19
C MET C 266 1.02 -27.25 -12.88
N HIS C 267 -0.24 -27.70 -12.97
CA HIS C 267 -1.16 -27.72 -11.84
C HIS C 267 -2.07 -28.94 -11.95
N ASP C 268 -2.61 -29.36 -10.81
CA ASP C 268 -3.60 -30.42 -10.73
C ASP C 268 -4.95 -29.80 -10.42
N TYR C 269 -5.98 -30.18 -11.18
CA TYR C 269 -7.26 -29.49 -11.13
C TYR C 269 -8.38 -30.31 -10.49
N LEU C 270 -8.12 -31.55 -10.08
CA LEU C 270 -9.15 -32.36 -9.46
C LEU C 270 -9.00 -32.49 -7.95
N THR C 271 -7.80 -32.39 -7.42
CA THR C 271 -7.59 -32.38 -5.97
C THR C 271 -7.42 -30.97 -5.41
N GLY C 272 -6.99 -30.02 -6.23
CA GLY C 272 -6.91 -28.64 -5.77
C GLY C 272 -8.24 -27.92 -5.77
N GLY C 273 -9.17 -28.36 -6.61
CA GLY C 273 -10.50 -27.79 -6.67
C GLY C 273 -10.73 -26.97 -7.93
N PHE C 274 -11.98 -26.60 -8.12
CA PHE C 274 -12.40 -25.81 -9.27
C PHE C 274 -12.30 -24.31 -9.04
N THR C 275 -11.97 -23.87 -7.82
CA THR C 275 -11.87 -22.46 -7.52
C THR C 275 -10.45 -21.92 -7.67
N ALA C 276 -9.43 -22.67 -7.25
CA ALA C 276 -8.06 -22.23 -7.39
C ALA C 276 -7.56 -22.26 -8.83
N ASN C 277 -8.12 -23.15 -9.66
CA ASN C 277 -7.69 -23.25 -11.05
C ASN C 277 -7.99 -21.98 -11.84
N THR C 278 -9.17 -21.38 -11.63
CA THR C 278 -9.57 -20.18 -12.34
C THR C 278 -8.66 -18.99 -12.06
N THR C 279 -8.26 -18.78 -10.81
CA THR C 279 -7.32 -17.71 -10.48
C THR C 279 -5.98 -17.89 -11.16
N LEU C 280 -5.46 -19.13 -11.17
CA LEU C 280 -4.21 -19.40 -11.85
C LEU C 280 -4.32 -19.13 -13.34
N ALA C 281 -5.47 -19.49 -13.93
CA ALA C 281 -5.67 -19.22 -15.35
C ALA C 281 -5.62 -17.72 -15.63
N HIS C 282 -6.28 -16.92 -14.80
CA HIS C 282 -6.26 -15.46 -14.99
C HIS C 282 -4.85 -14.91 -14.85
N TYR C 283 -4.10 -15.38 -13.84
CA TYR C 283 -2.73 -14.91 -13.66
C TYR C 283 -1.86 -15.26 -14.87
N CYS C 284 -1.98 -16.49 -15.37
CA CYS C 284 -1.20 -16.90 -16.52
C CYS C 284 -1.55 -16.07 -17.75
N ARG C 285 -2.84 -15.79 -17.94
CA ARG C 285 -3.24 -14.93 -19.06
C ARG C 285 -2.65 -13.54 -18.93
N ASP C 286 -2.63 -13.00 -17.71
CA ASP C 286 -2.14 -11.64 -17.52
C ASP C 286 -0.62 -11.54 -17.47
N ASN C 287 0.11 -12.64 -17.37
CA ASN C 287 1.56 -12.57 -17.31
C ASN C 287 2.25 -13.44 -18.36
N GLY C 288 1.52 -13.93 -19.35
CA GLY C 288 2.14 -14.60 -20.48
C GLY C 288 2.86 -15.90 -20.19
N LEU C 289 2.23 -16.79 -19.42
CA LEU C 289 2.79 -18.10 -19.11
C LEU C 289 1.95 -19.19 -19.77
N LEU C 290 2.46 -20.41 -19.72
CA LEU C 290 1.75 -21.57 -20.25
C LEU C 290 1.39 -22.51 -19.11
N LEU C 291 0.23 -23.17 -19.24
CA LEU C 291 -0.32 -23.99 -18.18
C LEU C 291 -0.50 -25.42 -18.65
N HIS C 292 -0.09 -26.38 -17.82
CA HIS C 292 -0.21 -27.81 -18.10
C HIS C 292 -1.04 -28.45 -17.00
N ILE C 293 -1.99 -29.30 -17.40
CA ILE C 293 -2.98 -29.85 -16.48
C ILE C 293 -2.79 -31.36 -16.38
N HIS C 294 -2.73 -31.86 -15.14
CA HIS C 294 -2.60 -33.28 -14.86
C HIS C 294 -3.89 -33.77 -14.20
N ARG C 295 -4.44 -34.87 -14.72
CA ARG C 295 -5.68 -35.43 -14.18
C ARG C 295 -5.31 -36.51 -13.17
N ALA C 296 -5.56 -36.22 -11.90
CA ALA C 296 -5.33 -37.15 -10.81
C ALA C 296 -6.64 -37.41 -10.07
N MET C 297 -6.78 -38.61 -9.54
CA MET C 297 -8.01 -39.02 -8.85
C MET C 297 -9.20 -38.88 -9.80
N HIS C 298 -9.18 -39.64 -10.89
CA HIS C 298 -10.29 -39.64 -11.84
C HIS C 298 -10.88 -41.01 -12.07
N ALA C 299 -10.21 -42.09 -11.70
CA ALA C 299 -10.76 -43.43 -11.81
C ALA C 299 -11.72 -43.76 -10.69
N VAL C 300 -11.76 -42.96 -9.62
CA VAL C 300 -12.74 -43.15 -8.56
C VAL C 300 -14.15 -42.84 -9.02
N ILE C 301 -14.33 -41.90 -9.94
CA ILE C 301 -15.63 -41.57 -10.49
C ILE C 301 -15.96 -42.36 -11.74
N ASP C 302 -14.98 -42.61 -12.61
CA ASP C 302 -15.18 -43.38 -13.84
C ASP C 302 -14.91 -44.85 -13.58
N ARG C 303 -14.71 -45.63 -14.66
CA ARG C 303 -14.25 -47.01 -14.62
C ARG C 303 -15.40 -47.96 -14.27
N GLN C 304 -16.58 -47.43 -13.99
CA GLN C 304 -17.76 -48.26 -13.82
C GLN C 304 -18.89 -47.76 -14.71
N ARG C 305 -19.62 -48.70 -15.28
CA ARG C 305 -20.63 -48.40 -16.31
C ARG C 305 -22.04 -48.32 -15.74
N ASN C 306 -22.19 -48.40 -14.41
CA ASN C 306 -23.51 -48.23 -13.84
C ASN C 306 -23.55 -47.21 -12.70
N HIS C 307 -22.49 -46.43 -12.48
CA HIS C 307 -22.49 -45.43 -11.43
C HIS C 307 -21.32 -44.46 -11.61
N GLY C 308 -21.59 -43.16 -11.57
CA GLY C 308 -20.55 -42.15 -11.63
C GLY C 308 -20.78 -41.18 -12.78
N ILE C 309 -19.67 -40.61 -13.26
CA ILE C 309 -19.68 -39.64 -14.34
C ILE C 309 -18.65 -40.04 -15.38
N HIS C 310 -19.03 -39.93 -16.65
CA HIS C 310 -18.12 -40.21 -17.75
C HIS C 310 -17.06 -39.11 -17.86
N PHE C 311 -15.94 -39.44 -18.47
CA PHE C 311 -14.84 -38.49 -18.65
C PHE C 311 -15.11 -37.43 -19.71
N ARG C 312 -15.95 -37.74 -20.70
CA ARG C 312 -16.22 -36.75 -21.74
C ARG C 312 -16.95 -35.54 -21.19
N VAL C 313 -17.66 -35.68 -20.08
CA VAL C 313 -18.29 -34.56 -19.40
C VAL C 313 -17.27 -33.72 -18.63
N LEU C 314 -16.36 -34.37 -17.90
CA LEU C 314 -15.30 -33.67 -17.20
C LEU C 314 -14.34 -32.97 -18.15
N ALA C 315 -14.20 -33.46 -19.38
CA ALA C 315 -13.32 -32.81 -20.34
C ALA C 315 -13.85 -31.45 -20.79
N LYS C 316 -15.16 -31.31 -20.96
CA LYS C 316 -15.71 -30.06 -21.43
C LYS C 316 -15.58 -28.94 -20.40
N ALA C 317 -15.67 -29.26 -19.10
CA ALA C 317 -15.52 -28.24 -18.07
C ALA C 317 -14.13 -27.64 -18.07
N LEU C 318 -13.10 -28.45 -18.31
CA LEU C 318 -11.74 -27.94 -18.32
C LEU C 318 -11.53 -26.94 -19.44
N ARG C 319 -12.16 -27.16 -20.59
CA ARG C 319 -12.01 -26.24 -21.71
C ARG C 319 -12.55 -24.86 -21.36
N MET C 320 -13.69 -24.80 -20.67
CA MET C 320 -14.26 -23.51 -20.28
C MET C 320 -13.47 -22.89 -19.12
N SER C 321 -12.97 -23.72 -18.20
CA SER C 321 -12.22 -23.17 -17.07
C SER C 321 -10.89 -22.57 -17.50
N GLY C 322 -10.13 -23.31 -18.31
CA GLY C 322 -8.87 -22.79 -18.82
C GLY C 322 -7.71 -23.77 -18.76
N GLY C 323 -6.98 -23.90 -19.87
CA GLY C 323 -5.83 -24.78 -19.90
C GLY C 323 -5.30 -24.90 -21.31
N ASP C 324 -4.06 -25.39 -21.40
CA ASP C 324 -3.40 -25.58 -22.68
C ASP C 324 -3.10 -27.03 -23.02
N HIS C 325 -2.60 -27.81 -22.06
CA HIS C 325 -2.39 -29.23 -22.25
C HIS C 325 -3.31 -30.00 -21.33
N ILE C 326 -3.56 -31.27 -21.68
CA ILE C 326 -4.36 -32.15 -20.83
C ILE C 326 -3.97 -33.58 -21.16
N HIS C 327 -4.00 -34.43 -20.13
CA HIS C 327 -3.69 -35.84 -20.32
C HIS C 327 -4.90 -36.56 -20.91
N SER C 328 -4.66 -37.44 -21.87
CA SER C 328 -5.73 -38.19 -22.50
C SER C 328 -5.55 -39.70 -22.45
N GLY C 329 -4.37 -40.19 -22.07
CA GLY C 329 -4.15 -41.62 -21.98
C GLY C 329 -3.87 -42.26 -23.33
N THR C 330 -3.33 -43.47 -23.27
CA THR C 330 -3.01 -44.25 -24.46
C THR C 330 -3.93 -45.45 -24.57
N VAL C 331 -3.76 -46.20 -25.65
CA VAL C 331 -4.59 -47.37 -25.94
C VAL C 331 -3.79 -48.67 -25.83
N VAL C 332 -2.46 -48.59 -25.80
CA VAL C 332 -1.63 -49.77 -25.79
C VAL C 332 -0.68 -49.75 -24.59
N GLY C 333 -1.02 -48.95 -23.58
CA GLY C 333 -0.18 -48.83 -22.41
C GLY C 333 -0.58 -49.75 -21.27
N LYS C 334 -0.21 -49.37 -20.04
CA LYS C 334 -0.51 -50.16 -18.86
C LYS C 334 -1.78 -49.72 -18.14
N LEU C 335 -2.55 -48.79 -18.72
CA LEU C 335 -3.77 -48.30 -18.12
C LEU C 335 -4.93 -48.46 -19.10
N GLU C 336 -6.14 -48.52 -18.55
CA GLU C 336 -7.31 -48.83 -19.35
C GLU C 336 -7.64 -47.72 -20.35
N GLY C 337 -8.08 -48.12 -21.53
CA GLY C 337 -8.51 -47.19 -22.56
C GLY C 337 -9.12 -47.92 -23.75
N GLU C 338 -9.93 -47.23 -24.53
CA GLU C 338 -10.58 -47.82 -25.70
C GLU C 338 -10.43 -46.88 -26.89
N ARG C 339 -10.47 -47.47 -28.09
CA ARG C 339 -10.19 -46.74 -29.31
C ARG C 339 -11.36 -45.87 -29.77
N GLU C 340 -12.56 -46.45 -29.90
CA GLU C 340 -13.71 -45.73 -30.43
C GLU C 340 -14.19 -44.61 -29.53
N VAL C 341 -13.82 -44.62 -28.25
CA VAL C 341 -14.18 -43.56 -27.33
C VAL C 341 -13.14 -42.45 -27.31
N THR C 342 -11.86 -42.81 -27.34
CA THR C 342 -10.80 -41.81 -27.42
C THR C 342 -10.90 -41.02 -28.71
N LEU C 343 -11.11 -41.73 -29.83
CA LEU C 343 -11.30 -41.04 -31.10
C LEU C 343 -12.53 -40.15 -31.07
N GLY C 344 -13.54 -40.52 -30.28
CA GLY C 344 -14.73 -39.70 -30.16
C GLY C 344 -14.52 -38.42 -29.38
N PHE C 345 -13.84 -38.50 -28.24
CA PHE C 345 -13.73 -37.32 -27.39
C PHE C 345 -12.45 -36.52 -27.62
N VAL C 346 -11.57 -36.94 -28.54
CA VAL C 346 -10.51 -36.05 -28.96
C VAL C 346 -11.07 -34.91 -29.80
N ASP C 347 -12.06 -35.21 -30.65
CA ASP C 347 -12.67 -34.18 -31.49
C ASP C 347 -13.34 -33.11 -30.67
N LEU C 348 -14.02 -33.48 -29.57
CA LEU C 348 -14.63 -32.49 -28.69
C LEU C 348 -13.59 -31.57 -28.06
N LEU C 349 -12.33 -31.96 -28.03
CA LEU C 349 -11.27 -31.12 -27.49
C LEU C 349 -10.55 -30.30 -28.55
N ARG C 350 -10.45 -30.78 -29.78
CA ARG C 350 -9.68 -30.08 -30.81
C ARG C 350 -10.50 -29.38 -31.86
N ASP C 351 -11.73 -29.82 -32.14
CA ASP C 351 -12.46 -29.28 -33.28
C ASP C 351 -13.26 -28.05 -32.90
N ASP C 352 -14.03 -27.54 -33.88
CA ASP C 352 -14.85 -26.36 -33.71
C ASP C 352 -16.33 -26.60 -33.98
N TYR C 353 -16.69 -27.75 -34.55
CA TYR C 353 -18.09 -28.07 -34.84
C TYR C 353 -18.21 -29.58 -34.97
N ILE C 354 -18.96 -30.19 -34.06
CA ILE C 354 -19.12 -31.65 -34.04
C ILE C 354 -20.59 -31.98 -34.24
N GLU C 355 -20.83 -33.13 -34.87
CA GLU C 355 -22.18 -33.57 -35.20
C GLU C 355 -22.50 -34.84 -34.41
N LYS C 356 -23.81 -35.10 -34.28
CA LYS C 356 -24.27 -36.23 -33.49
C LYS C 356 -23.82 -37.55 -34.11
N ASP C 357 -23.39 -38.48 -33.26
CA ASP C 357 -22.95 -39.80 -33.71
C ASP C 357 -23.05 -40.75 -32.52
N ARG C 358 -23.94 -41.73 -32.60
CA ARG C 358 -24.15 -42.67 -31.51
C ARG C 358 -23.17 -43.84 -31.54
N SER C 359 -22.44 -44.04 -32.64
CA SER C 359 -21.43 -45.09 -32.70
C SER C 359 -20.16 -44.70 -31.96
N ARG C 360 -19.99 -43.43 -31.60
CA ARG C 360 -18.84 -42.98 -30.85
C ARG C 360 -19.21 -42.38 -29.50
N GLY C 361 -20.49 -42.38 -29.14
CA GLY C 361 -20.95 -41.96 -27.82
C GLY C 361 -21.52 -40.56 -27.78
N ILE C 362 -21.47 -39.81 -28.87
CA ILE C 362 -21.97 -38.44 -28.87
C ILE C 362 -23.49 -38.44 -28.97
N TYR C 363 -24.15 -37.70 -28.09
CA TYR C 363 -25.60 -37.60 -28.09
C TYR C 363 -26.15 -36.30 -28.67
N PHE C 364 -25.43 -35.18 -28.52
CA PHE C 364 -25.94 -33.87 -28.91
C PHE C 364 -24.97 -33.22 -29.90
N THR C 365 -25.46 -32.17 -30.56
CA THR C 365 -24.66 -31.38 -31.47
C THR C 365 -24.10 -30.17 -30.74
N GLN C 366 -22.81 -29.89 -30.94
CA GLN C 366 -22.12 -28.85 -30.19
C GLN C 366 -21.31 -27.98 -31.13
N ASP C 367 -21.32 -26.67 -30.88
CA ASP C 367 -20.46 -25.72 -31.56
C ASP C 367 -19.88 -24.75 -30.53
N TRP C 368 -18.63 -24.35 -30.75
CA TRP C 368 -17.87 -23.60 -29.76
C TRP C 368 -17.67 -22.13 -30.12
N VAL C 369 -18.32 -21.65 -31.20
CA VAL C 369 -18.26 -20.28 -31.70
C VAL C 369 -16.88 -19.65 -31.51
N SER C 370 -15.87 -20.22 -32.18
CA SER C 370 -14.52 -19.64 -32.24
C SER C 370 -13.87 -19.55 -30.87
N MET C 371 -13.62 -20.70 -30.26
CA MET C 371 -12.83 -20.75 -29.04
C MET C 371 -11.65 -21.70 -29.22
N PRO C 372 -10.46 -21.32 -28.75
CA PRO C 372 -9.27 -22.12 -29.03
C PRO C 372 -9.32 -23.52 -28.44
N GLY C 373 -8.63 -24.45 -29.08
CA GLY C 373 -8.60 -25.84 -28.68
C GLY C 373 -7.51 -26.15 -27.67
N VAL C 374 -7.37 -27.44 -27.37
CA VAL C 374 -6.44 -27.94 -26.36
C VAL C 374 -5.66 -29.10 -26.94
N LEU C 375 -4.35 -29.15 -26.62
CA LEU C 375 -3.48 -30.21 -27.08
C LEU C 375 -3.58 -31.43 -26.16
N PRO C 376 -3.85 -32.62 -26.71
CA PRO C 376 -3.86 -33.83 -25.90
C PRO C 376 -2.47 -34.42 -25.72
N VAL C 377 -2.34 -35.22 -24.65
CA VAL C 377 -1.05 -35.79 -24.25
C VAL C 377 -1.22 -37.29 -24.04
N ALA C 378 -0.26 -38.08 -24.53
CA ALA C 378 -0.26 -39.52 -24.38
C ALA C 378 0.94 -39.96 -23.55
N SER C 379 0.70 -40.91 -22.63
CA SER C 379 1.75 -41.38 -21.74
C SER C 379 1.32 -42.71 -21.14
N GLY C 380 2.17 -43.26 -20.27
CA GLY C 380 1.81 -44.45 -19.53
C GLY C 380 2.44 -45.77 -19.93
N GLY C 381 3.76 -45.79 -20.14
CA GLY C 381 4.46 -47.06 -20.31
C GLY C 381 4.61 -47.56 -21.73
N ILE C 382 5.19 -46.74 -22.60
CA ILE C 382 5.38 -47.08 -24.00
C ILE C 382 6.86 -47.05 -24.33
N HIS C 383 7.24 -47.78 -25.38
CA HIS C 383 8.64 -47.84 -25.81
C HIS C 383 8.68 -47.72 -27.33
N VAL C 384 9.85 -48.03 -27.91
CA VAL C 384 10.12 -47.69 -29.31
C VAL C 384 9.20 -48.47 -30.25
N TRP C 385 8.90 -49.72 -29.91
CA TRP C 385 8.11 -50.56 -30.82
C TRP C 385 6.68 -50.07 -31.00
N HIS C 386 6.22 -49.13 -30.17
CA HIS C 386 4.85 -48.67 -30.21
C HIS C 386 4.66 -47.42 -31.06
N MET C 387 5.73 -46.89 -31.65
CA MET C 387 5.68 -45.62 -32.36
C MET C 387 4.82 -45.66 -33.63
N PRO C 388 4.94 -46.67 -34.51
CA PRO C 388 4.16 -46.64 -35.75
C PRO C 388 2.70 -46.97 -35.55
N ALA C 389 2.29 -47.16 -34.29
CA ALA C 389 0.89 -47.39 -33.97
C ALA C 389 0.32 -46.18 -33.25
N LEU C 390 1.21 -45.35 -32.70
CA LEU C 390 0.82 -44.10 -32.05
C LEU C 390 0.85 -42.92 -33.01
N THR C 391 1.68 -42.97 -34.05
CA THR C 391 1.70 -41.89 -35.04
C THR C 391 0.48 -41.91 -35.94
N GLU C 392 -0.28 -43.00 -35.97
CA GLU C 392 -1.42 -43.14 -36.87
C GLU C 392 -2.73 -42.76 -36.22
N ILE C 393 -2.84 -42.88 -34.91
CA ILE C 393 -4.10 -42.63 -34.21
C ILE C 393 -4.31 -41.13 -34.01
N PHE C 394 -3.40 -40.49 -33.29
CA PHE C 394 -3.58 -39.09 -32.90
C PHE C 394 -3.37 -38.15 -34.07
N GLY C 395 -2.18 -38.14 -34.64
CA GLY C 395 -1.90 -37.27 -35.76
C GLY C 395 -0.66 -36.42 -35.48
N ASP C 396 -0.66 -35.22 -36.04
CA ASP C 396 0.48 -34.32 -35.94
C ASP C 396 0.33 -33.29 -34.83
N ASP C 397 -0.74 -33.34 -34.04
CA ASP C 397 -0.99 -32.40 -32.95
C ASP C 397 -1.15 -33.18 -31.66
N SER C 398 -0.04 -33.49 -31.00
CA SER C 398 -0.07 -34.24 -29.75
C SER C 398 1.31 -34.13 -29.10
N VAL C 399 1.41 -34.69 -27.89
CA VAL C 399 2.65 -34.73 -27.14
C VAL C 399 2.89 -36.17 -26.68
N LEU C 400 4.11 -36.66 -26.88
CA LEU C 400 4.47 -38.02 -26.53
C LEU C 400 5.51 -37.99 -25.41
N GLN C 401 5.28 -38.78 -24.37
CA GLN C 401 6.16 -38.79 -23.19
C GLN C 401 6.65 -40.19 -22.93
N PHE C 402 7.95 -40.32 -22.65
CA PHE C 402 8.57 -41.60 -22.28
C PHE C 402 9.29 -41.40 -20.96
N GLY C 403 8.80 -42.03 -19.91
CA GLY C 403 9.40 -41.90 -18.60
C GLY C 403 10.42 -42.98 -18.29
N GLY C 404 10.01 -44.23 -18.41
CA GLY C 404 10.90 -45.35 -18.16
C GLY C 404 11.66 -45.85 -19.36
N GLY C 405 11.26 -45.45 -20.56
CA GLY C 405 11.94 -45.85 -21.77
C GLY C 405 13.19 -45.07 -22.11
N THR C 406 13.54 -44.08 -21.30
CA THR C 406 14.73 -43.27 -21.51
C THR C 406 15.81 -43.54 -20.48
N LEU C 407 15.46 -43.50 -19.18
CA LEU C 407 16.45 -43.74 -18.14
C LEU C 407 16.81 -45.21 -17.99
N GLY C 408 16.12 -46.10 -18.69
CA GLY C 408 16.41 -47.52 -18.60
C GLY C 408 17.28 -48.04 -19.72
N HIS C 409 17.84 -47.14 -20.53
CA HIS C 409 18.71 -47.56 -21.62
C HIS C 409 20.00 -48.16 -21.06
N PRO C 410 20.53 -49.20 -21.69
CA PRO C 410 21.74 -49.85 -21.15
C PRO C 410 23.01 -49.02 -21.27
N TRP C 411 22.94 -47.86 -21.94
CA TRP C 411 24.12 -47.04 -22.15
C TRP C 411 24.10 -45.70 -21.44
N GLY C 412 22.96 -45.26 -20.93
CA GLY C 412 22.91 -44.03 -20.18
C GLY C 412 21.72 -43.19 -20.60
N ASN C 413 21.82 -41.89 -20.30
CA ASN C 413 20.73 -40.95 -20.59
C ASN C 413 20.83 -40.37 -22.00
N ALA C 414 21.93 -39.71 -22.31
CA ALA C 414 22.10 -39.05 -23.60
C ALA C 414 22.02 -40.04 -24.76
N PRO C 415 22.70 -41.20 -24.72
CA PRO C 415 22.50 -42.18 -25.80
C PRO C 415 21.08 -42.69 -25.91
N GLY C 416 20.31 -42.67 -24.81
CA GLY C 416 18.96 -43.18 -24.81
C GLY C 416 17.90 -42.26 -25.39
N ALA C 417 18.23 -41.00 -25.63
CA ALA C 417 17.27 -40.06 -26.21
C ALA C 417 17.37 -39.95 -27.72
N VAL C 418 18.52 -40.31 -28.30
CA VAL C 418 18.68 -40.27 -29.75
C VAL C 418 17.80 -41.32 -30.41
N ALA C 419 17.63 -42.48 -29.77
CA ALA C 419 16.88 -43.57 -30.35
C ALA C 419 15.41 -43.23 -30.57
N ASN C 420 14.81 -42.43 -29.68
CA ASN C 420 13.41 -42.06 -29.86
C ASN C 420 13.24 -41.06 -30.99
N ARG C 421 14.11 -40.04 -31.05
CA ARG C 421 14.03 -39.06 -32.11
C ARG C 421 14.27 -39.68 -33.48
N VAL C 422 15.25 -40.58 -33.58
CA VAL C 422 15.51 -41.23 -34.86
C VAL C 422 14.31 -42.05 -35.29
N ALA C 423 13.71 -42.79 -34.36
CA ALA C 423 12.52 -43.58 -34.68
C ALA C 423 11.35 -42.72 -35.13
N LEU C 424 11.10 -41.59 -34.47
CA LEU C 424 10.00 -40.73 -34.86
C LEU C 424 10.24 -40.10 -36.24
N GLU C 425 11.46 -39.63 -36.49
CA GLU C 425 11.75 -39.00 -37.77
C GLU C 425 11.82 -40.00 -38.92
N ALA C 426 12.10 -41.27 -38.63
CA ALA C 426 12.02 -42.30 -39.65
C ALA C 426 10.59 -42.72 -39.96
N CYS C 427 9.65 -42.46 -39.04
CA CYS C 427 8.25 -42.75 -39.29
C CYS C 427 7.53 -41.60 -39.99
N VAL C 428 7.88 -40.36 -39.68
CA VAL C 428 7.29 -39.24 -40.41
C VAL C 428 7.63 -39.24 -41.90
N GLN C 429 8.89 -39.46 -42.24
CA GLN C 429 9.32 -39.52 -43.64
C GLN C 429 8.69 -40.67 -44.40
N ALA C 430 8.57 -41.84 -43.77
CA ALA C 430 7.91 -42.98 -44.41
C ALA C 430 6.43 -42.73 -44.66
N ARG C 431 5.75 -41.99 -43.78
CA ARG C 431 4.37 -41.62 -44.02
C ARG C 431 4.23 -40.59 -45.14
N ASN C 432 5.11 -39.60 -45.19
CA ASN C 432 5.00 -38.62 -46.26
C ASN C 432 5.66 -39.11 -47.54
N GLU C 433 5.34 -40.35 -47.95
CA GLU C 433 5.78 -40.86 -49.24
C GLU C 433 4.67 -41.70 -49.88
N GLY C 434 3.67 -42.06 -49.10
CA GLY C 434 2.60 -42.91 -49.57
C GLY C 434 2.58 -44.31 -48.97
N ARG C 435 3.50 -44.65 -48.08
CA ARG C 435 3.51 -45.97 -47.46
C ARG C 435 2.42 -46.06 -46.39
N ASP C 436 2.13 -47.29 -45.97
CA ASP C 436 1.12 -47.56 -44.96
C ASP C 436 1.79 -47.83 -43.62
N LEU C 437 1.34 -47.12 -42.59
CA LEU C 437 1.95 -47.21 -41.28
C LEU C 437 1.38 -48.31 -40.41
N ALA C 438 0.30 -48.98 -40.85
CA ALA C 438 -0.31 -50.02 -40.03
C ALA C 438 0.19 -51.41 -40.41
N ARG C 439 0.09 -51.76 -41.69
CA ARG C 439 0.54 -53.07 -42.14
C ARG C 439 2.06 -53.21 -42.03
N GLU C 440 2.80 -52.19 -42.44
CA GLU C 440 4.25 -52.21 -42.40
C GLU C 440 4.76 -51.35 -41.26
N GLY C 441 4.98 -51.97 -40.11
CA GLY C 441 5.45 -51.23 -38.96
C GLY C 441 6.76 -51.76 -38.41
N ASN C 442 7.09 -53.00 -38.74
CA ASN C 442 8.34 -53.57 -38.25
C ASN C 442 9.47 -53.37 -39.25
N ASP C 443 9.16 -53.44 -40.54
CA ASP C 443 10.18 -53.26 -41.56
C ASP C 443 10.73 -51.84 -41.56
N ILE C 444 9.89 -50.86 -41.20
CA ILE C 444 10.36 -49.48 -41.14
C ILE C 444 11.40 -49.28 -40.06
N ILE C 445 11.27 -49.95 -38.92
CA ILE C 445 12.19 -49.79 -37.80
C ILE C 445 13.42 -50.65 -38.01
N ARG C 446 13.22 -51.86 -38.53
CA ARG C 446 14.33 -52.79 -38.76
C ARG C 446 15.31 -52.29 -39.82
N GLU C 447 14.90 -51.35 -40.66
CA GLU C 447 15.81 -50.73 -41.61
C GLU C 447 16.52 -49.51 -41.06
N ALA C 448 15.84 -48.70 -40.25
CA ALA C 448 16.50 -47.57 -39.60
C ALA C 448 17.47 -48.04 -38.53
N SER C 449 17.30 -49.27 -38.04
CA SER C 449 18.20 -49.81 -37.02
C SER C 449 19.48 -50.40 -37.60
N LYS C 450 19.84 -50.02 -38.82
CA LYS C 450 21.05 -50.53 -39.44
C LYS C 450 22.10 -49.46 -39.72
N TRP C 451 21.79 -48.19 -39.50
CA TRP C 451 22.77 -47.13 -39.59
C TRP C 451 22.89 -46.32 -38.30
N SER C 452 22.15 -46.68 -37.26
CA SER C 452 22.24 -46.02 -35.96
C SER C 452 22.56 -47.07 -34.90
N PRO C 453 23.78 -47.11 -34.36
CA PRO C 453 24.12 -48.13 -33.36
C PRO C 453 23.38 -47.98 -32.03
N GLU C 454 22.81 -46.81 -31.74
CA GLU C 454 22.10 -46.59 -30.49
C GLU C 454 20.67 -47.10 -30.50
N LEU C 455 20.11 -47.42 -31.67
CA LEU C 455 18.77 -47.98 -31.75
C LEU C 455 18.78 -49.51 -31.73
N ALA C 456 19.81 -50.12 -32.31
CA ALA C 456 19.94 -51.57 -32.26
C ALA C 456 20.14 -52.03 -30.83
N ALA C 457 20.88 -51.27 -30.03
CA ALA C 457 21.07 -51.61 -28.63
C ALA C 457 19.78 -51.58 -27.85
N ALA C 458 18.85 -50.70 -28.22
CA ALA C 458 17.59 -50.58 -27.50
C ALA C 458 16.51 -51.51 -28.01
N CYS C 459 16.60 -51.96 -29.27
CA CYS C 459 15.59 -52.85 -29.84
C CYS C 459 15.63 -54.25 -29.26
N GLU C 460 16.67 -54.60 -28.51
CA GLU C 460 16.82 -55.94 -27.94
C GLU C 460 16.38 -56.05 -26.49
N VAL C 461 16.50 -54.99 -25.69
CA VAL C 461 16.12 -55.08 -24.28
C VAL C 461 14.62 -55.30 -24.14
N TRP C 462 13.82 -54.50 -24.84
CA TRP C 462 12.36 -54.64 -24.84
C TRP C 462 11.95 -55.09 -26.23
N LYS C 463 11.58 -56.36 -26.35
CA LYS C 463 11.19 -56.93 -27.63
C LYS C 463 9.87 -57.70 -27.58
N GLU C 464 9.50 -58.26 -26.43
CA GLU C 464 8.23 -58.99 -26.32
C GLU C 464 7.43 -58.55 -25.10
N ILE C 465 7.56 -57.30 -24.69
CA ILE C 465 6.85 -56.79 -23.52
C ILE C 465 5.58 -56.12 -24.01
N LYS C 466 4.45 -56.84 -23.92
CA LYS C 466 3.15 -56.34 -24.34
C LYS C 466 2.15 -56.51 -23.20
N PHE C 467 1.22 -55.56 -23.09
CA PHE C 467 0.17 -55.59 -22.09
C PHE C 467 -1.16 -55.84 -22.78
N VAL C 468 -1.78 -56.99 -22.49
CA VAL C 468 -3.06 -57.36 -23.07
C VAL C 468 -3.95 -57.88 -21.95
N PHE C 469 -5.14 -57.29 -21.80
CA PHE C 469 -6.11 -57.71 -20.80
C PHE C 469 -7.50 -57.40 -21.33
N GLU C 470 -8.51 -57.80 -20.54
CA GLU C 470 -9.90 -57.59 -20.92
C GLU C 470 -10.31 -56.15 -20.66
N THR C 471 -11.58 -55.85 -20.94
CA THR C 471 -12.12 -54.51 -20.81
C THR C 471 -13.35 -54.53 -19.91
N ILE C 472 -13.51 -53.47 -19.12
CA ILE C 472 -14.61 -53.35 -18.17
C ILE C 472 -15.68 -52.41 -18.71
N ASP C 473 -15.25 -51.21 -19.11
CA ASP C 473 -16.17 -50.17 -19.58
C ASP C 473 -16.41 -50.38 -21.08
N THR C 474 -17.39 -51.20 -21.39
CA THR C 474 -17.77 -51.41 -22.78
C THR C 474 -18.56 -50.20 -23.29
N LEU C 475 -18.67 -50.10 -24.61
CA LEU C 475 -19.37 -48.99 -25.24
C LEU C 475 -20.87 -49.04 -24.93
N GLY D 12 25.95 -54.09 -10.03
CA GLY D 12 25.84 -53.82 -11.45
C GLY D 12 24.57 -53.08 -11.82
N PHE D 13 24.23 -53.09 -13.10
CA PHE D 13 23.03 -52.41 -13.56
C PHE D 13 22.00 -53.42 -14.07
N LYS D 14 22.39 -54.23 -15.06
CA LYS D 14 21.54 -55.30 -15.57
C LYS D 14 20.13 -54.83 -15.93
N ALA D 15 20.02 -53.96 -16.94
CA ALA D 15 18.75 -53.42 -17.38
C ALA D 15 17.81 -54.54 -17.82
N GLY D 16 16.54 -54.43 -17.43
CA GLY D 16 15.57 -55.44 -17.75
C GLY D 16 14.27 -55.19 -16.99
N VAL D 17 13.44 -56.23 -16.96
CA VAL D 17 12.14 -56.19 -16.30
C VAL D 17 12.06 -57.33 -15.30
N LYS D 18 11.64 -57.01 -14.07
CA LYS D 18 11.53 -57.98 -12.99
C LYS D 18 10.14 -57.91 -12.37
N ASP D 19 9.95 -58.65 -11.28
CA ASP D 19 8.67 -58.73 -10.60
C ASP D 19 8.60 -57.71 -9.47
N TYR D 20 7.41 -57.57 -8.90
CA TYR D 20 7.20 -56.66 -7.77
C TYR D 20 7.36 -57.35 -6.42
N ARG D 21 6.92 -58.60 -6.31
CA ARG D 21 6.98 -59.34 -5.06
C ARG D 21 8.41 -59.56 -4.57
N LEU D 22 9.40 -59.45 -5.46
CA LEU D 22 10.79 -59.67 -5.10
C LEU D 22 11.37 -58.53 -4.25
N THR D 23 10.67 -57.40 -4.18
CA THR D 23 11.19 -56.26 -3.43
C THR D 23 10.13 -55.63 -2.54
N TYR D 24 8.85 -55.80 -2.86
CA TYR D 24 7.79 -55.07 -2.18
C TYR D 24 6.86 -55.96 -1.37
N TYR D 25 7.29 -57.15 -0.98
CA TYR D 25 6.48 -58.05 -0.16
C TYR D 25 7.35 -58.56 0.99
N THR D 26 7.13 -58.00 2.18
CA THR D 26 7.91 -58.33 3.37
C THR D 26 6.95 -58.66 4.51
N PRO D 27 6.44 -59.91 4.59
CA PRO D 27 5.43 -60.27 5.59
C PRO D 27 6.03 -60.67 6.95
N ASP D 28 7.06 -59.97 7.37
CA ASP D 28 7.63 -60.17 8.70
C ASP D 28 8.05 -58.84 9.32
N TYR D 29 7.41 -57.76 8.90
CA TYR D 29 7.85 -56.41 9.24
C TYR D 29 7.09 -55.89 10.45
N GLU D 30 7.81 -55.24 11.36
CA GLU D 30 7.23 -54.67 12.56
C GLU D 30 7.02 -53.17 12.34
N THR D 31 5.80 -52.71 12.55
CA THR D 31 5.49 -51.30 12.33
C THR D 31 6.09 -50.42 13.42
N LYS D 32 6.33 -49.16 13.08
CA LYS D 32 6.84 -48.18 14.01
C LYS D 32 5.69 -47.31 14.54
N ASP D 33 6.03 -46.33 15.36
CA ASP D 33 5.06 -45.43 15.94
C ASP D 33 4.93 -44.13 15.19
N THR D 34 5.60 -43.99 14.05
CA THR D 34 5.53 -42.80 13.22
C THR D 34 5.22 -43.16 11.77
N ASP D 35 4.32 -44.12 11.57
CA ASP D 35 3.98 -44.61 10.25
C ASP D 35 2.49 -44.46 9.98
N ILE D 36 2.14 -44.35 8.72
CA ILE D 36 0.75 -44.24 8.28
C ILE D 36 0.31 -45.56 7.69
N LEU D 37 -0.85 -46.05 8.13
CA LEU D 37 -1.36 -47.35 7.72
C LEU D 37 -2.67 -47.19 6.96
N ALA D 38 -2.94 -48.13 6.07
CA ALA D 38 -4.15 -48.13 5.26
C ALA D 38 -4.61 -49.55 5.01
N ALA D 39 -5.90 -49.69 4.68
CA ALA D 39 -6.50 -51.00 4.42
C ALA D 39 -7.27 -50.93 3.11
N PHE D 40 -7.00 -51.87 2.21
CA PHE D 40 -7.65 -51.95 0.92
C PHE D 40 -8.46 -53.23 0.79
N ARG D 41 -9.39 -53.23 -0.17
CA ARG D 41 -10.17 -54.41 -0.52
C ARG D 41 -10.20 -54.50 -2.04
N MET D 42 -9.63 -55.58 -2.58
CA MET D 42 -9.37 -55.68 -4.01
C MET D 42 -9.95 -56.95 -4.59
N THR D 43 -10.23 -56.92 -5.89
CA THR D 43 -10.73 -58.05 -6.64
C THR D 43 -9.78 -58.34 -7.81
N PRO D 44 -8.84 -59.28 -7.65
CA PRO D 44 -7.86 -59.52 -8.71
C PRO D 44 -8.50 -60.07 -9.97
N GLN D 45 -7.88 -59.77 -11.10
CA GLN D 45 -8.17 -60.24 -12.45
C GLN D 45 -7.76 -61.70 -12.60
N PRO D 46 -8.54 -62.52 -13.32
CA PRO D 46 -8.19 -63.93 -13.46
C PRO D 46 -6.79 -64.15 -14.02
N GLY D 47 -6.04 -65.07 -13.41
CA GLY D 47 -4.69 -65.37 -13.83
C GLY D 47 -3.60 -64.60 -13.12
N VAL D 48 -3.90 -63.95 -12.00
CA VAL D 48 -2.90 -63.17 -11.27
C VAL D 48 -2.89 -63.62 -9.81
N PRO D 49 -1.73 -63.98 -9.26
CA PRO D 49 -1.67 -64.37 -7.85
C PRO D 49 -1.97 -63.20 -6.94
N PRO D 50 -2.59 -63.45 -5.78
CA PRO D 50 -2.90 -62.34 -4.86
C PRO D 50 -1.68 -61.56 -4.39
N GLU D 51 -0.55 -62.24 -4.18
CA GLU D 51 0.65 -61.57 -3.69
C GLU D 51 1.26 -60.63 -4.70
N GLU D 52 1.10 -60.88 -5.99
CA GLU D 52 1.56 -59.97 -7.02
C GLU D 52 0.64 -58.76 -7.18
N ALA D 53 -0.65 -58.93 -6.96
CA ALA D 53 -1.57 -57.80 -7.01
C ALA D 53 -1.47 -56.92 -5.79
N GLY D 54 -1.24 -57.49 -4.61
CA GLY D 54 -1.12 -56.71 -3.40
C GLY D 54 0.20 -55.96 -3.32
N ALA D 55 1.20 -56.43 -4.06
CA ALA D 55 2.51 -55.79 -4.09
C ALA D 55 2.61 -54.68 -5.12
N ALA D 56 1.82 -54.73 -6.18
CA ALA D 56 1.84 -53.68 -7.19
C ALA D 56 1.23 -52.38 -6.72
N VAL D 57 0.33 -52.42 -5.74
CA VAL D 57 -0.26 -51.20 -5.21
C VAL D 57 0.78 -50.39 -4.46
N ALA D 58 1.59 -51.06 -3.65
CA ALA D 58 2.60 -50.35 -2.85
C ALA D 58 3.68 -49.74 -3.75
N ALA D 59 4.11 -50.47 -4.77
CA ALA D 59 5.24 -50.01 -5.58
C ALA D 59 4.87 -48.76 -6.38
N GLU D 60 3.70 -48.75 -6.99
CA GLU D 60 3.28 -47.64 -7.84
C GLU D 60 2.72 -46.46 -7.05
N SER D 61 2.89 -46.46 -5.73
CA SER D 61 2.45 -45.34 -4.90
C SER D 61 3.59 -44.53 -4.31
N SER D 62 4.67 -45.18 -3.87
CA SER D 62 5.79 -44.44 -3.29
C SER D 62 6.93 -44.27 -4.27
N THR D 63 7.53 -45.38 -4.72
CA THR D 63 8.70 -45.34 -5.60
C THR D 63 8.66 -46.60 -6.46
N GLY D 64 8.35 -46.45 -7.75
CA GLY D 64 8.36 -47.60 -8.62
C GLY D 64 7.95 -47.34 -10.05
N THR D 65 8.35 -48.24 -10.95
CA THR D 65 7.94 -48.18 -12.35
C THR D 65 7.94 -49.59 -12.95
N TRP D 66 7.86 -49.69 -14.27
CA TRP D 66 7.76 -50.99 -14.94
C TRP D 66 9.10 -51.54 -15.39
N THR D 67 10.21 -50.89 -15.07
CA THR D 67 11.52 -51.36 -15.47
C THR D 67 12.55 -50.87 -14.47
N THR D 68 13.82 -51.19 -14.73
CA THR D 68 14.92 -50.85 -13.83
C THR D 68 15.65 -49.62 -14.34
N VAL D 69 16.07 -48.76 -13.42
CA VAL D 69 16.78 -47.53 -13.76
C VAL D 69 18.10 -47.50 -13.01
N TRP D 70 19.05 -46.76 -13.56
CA TRP D 70 20.40 -46.70 -13.01
C TRP D 70 20.58 -45.64 -11.93
N THR D 71 19.61 -44.75 -11.74
CA THR D 71 19.74 -43.67 -10.76
C THR D 71 19.37 -44.12 -9.35
N ASP D 72 18.89 -45.35 -9.18
CA ASP D 72 18.52 -45.86 -7.87
C ASP D 72 19.72 -46.23 -7.01
N GLY D 73 20.92 -46.35 -7.60
CA GLY D 73 22.11 -46.65 -6.83
C GLY D 73 22.73 -45.46 -6.15
N LEU D 74 22.23 -44.25 -6.40
CA LEU D 74 22.75 -43.05 -5.78
C LEU D 74 22.11 -42.75 -4.43
N THR D 75 21.04 -43.46 -4.07
CA THR D 75 20.35 -43.22 -2.81
C THR D 75 20.12 -44.56 -2.11
N SER D 76 19.56 -44.48 -0.91
CA SER D 76 19.20 -45.67 -0.13
C SER D 76 17.70 -45.90 -0.27
N LEU D 77 17.32 -47.06 -0.82
CA LEU D 77 15.93 -47.36 -1.10
C LEU D 77 15.29 -48.21 -0.01
N ASP D 78 15.99 -48.45 1.10
CA ASP D 78 15.45 -49.23 2.20
C ASP D 78 14.86 -48.34 3.30
N ARG D 79 14.71 -47.06 3.01
CA ARG D 79 14.12 -46.13 3.97
C ARG D 79 13.12 -45.22 3.27
N TYR D 80 12.83 -45.50 2.00
CA TYR D 80 11.87 -44.69 1.27
C TYR D 80 10.79 -45.50 0.56
N LYS D 81 10.62 -46.78 0.86
CA LYS D 81 9.69 -47.64 0.15
C LYS D 81 8.47 -47.95 1.01
N GLY D 82 7.39 -48.32 0.34
CA GLY D 82 6.18 -48.80 0.98
C GLY D 82 6.09 -50.32 0.89
N ARG D 83 5.58 -50.93 1.94
CA ARG D 83 5.61 -52.39 2.06
C ARG D 83 4.22 -52.92 2.40
N CYS D 84 3.94 -54.13 1.93
CA CYS D 84 2.71 -54.85 2.26
C CYS D 84 3.08 -55.99 3.22
N TYR D 85 2.45 -56.02 4.39
CA TYR D 85 2.85 -56.94 5.45
C TYR D 85 1.74 -57.87 5.91
N ASP D 86 0.59 -57.87 5.24
CA ASP D 86 -0.49 -58.77 5.64
C ASP D 86 -1.56 -58.91 4.56
N ILE D 87 -2.01 -60.15 4.33
CA ILE D 87 -3.10 -60.44 3.41
C ILE D 87 -4.01 -61.46 4.06
N GLU D 88 -5.31 -61.18 4.07
CA GLU D 88 -6.29 -62.11 4.61
C GLU D 88 -7.50 -62.16 3.69
N PRO D 89 -8.18 -63.31 3.62
CA PRO D 89 -9.31 -63.44 2.70
C PRO D 89 -10.64 -63.09 3.34
N VAL D 90 -11.58 -62.60 2.53
CA VAL D 90 -12.90 -62.26 3.04
C VAL D 90 -13.77 -63.52 3.09
N ALA D 91 -14.78 -63.49 3.95
CA ALA D 91 -15.69 -64.61 4.14
C ALA D 91 -16.95 -64.39 3.32
N GLY D 92 -17.36 -65.41 2.57
CA GLY D 92 -18.53 -65.34 1.72
C GLY D 92 -18.23 -65.14 0.25
N GLU D 93 -16.99 -64.82 -0.11
CA GLU D 93 -16.60 -64.64 -1.50
C GLU D 93 -15.35 -65.45 -1.77
N GLU D 94 -15.00 -65.57 -3.05
CA GLU D 94 -13.85 -66.37 -3.47
C GLU D 94 -12.84 -65.56 -4.27
N ASN D 95 -13.11 -64.29 -4.53
CA ASN D 95 -12.18 -63.46 -5.29
C ASN D 95 -12.08 -62.08 -4.63
N GLN D 96 -11.95 -62.06 -3.31
CA GLN D 96 -11.87 -60.80 -2.59
C GLN D 96 -10.97 -61.00 -1.37
N TYR D 97 -10.08 -60.04 -1.14
CA TYR D 97 -9.11 -60.12 -0.06
C TYR D 97 -8.99 -58.73 0.58
N ILE D 98 -8.15 -58.65 1.62
CA ILE D 98 -7.88 -57.39 2.31
C ILE D 98 -6.36 -57.27 2.47
N ALA D 99 -5.82 -56.09 2.18
CA ALA D 99 -4.39 -55.87 2.21
C ALA D 99 -4.05 -54.70 3.13
N TYR D 100 -2.83 -54.70 3.64
CA TYR D 100 -2.32 -53.67 4.53
C TYR D 100 -1.02 -53.09 3.98
N VAL D 101 -0.88 -51.77 4.06
CA VAL D 101 0.29 -51.06 3.56
C VAL D 101 0.79 -50.11 4.64
N ALA D 102 2.10 -49.89 4.65
CA ALA D 102 2.73 -48.98 5.60
C ALA D 102 3.59 -47.97 4.86
N TYR D 103 3.56 -46.72 5.29
CA TYR D 103 4.28 -45.63 4.65
C TYR D 103 5.19 -44.92 5.64
N PRO D 104 6.40 -44.56 5.24
CA PRO D 104 7.27 -43.77 6.13
C PRO D 104 6.75 -42.36 6.31
N LEU D 105 7.24 -41.71 7.37
CA LEU D 105 6.72 -40.40 7.75
C LEU D 105 7.19 -39.29 6.82
N ASP D 106 8.45 -39.33 6.38
CA ASP D 106 9.04 -38.20 5.67
C ASP D 106 8.69 -38.15 4.20
N LEU D 107 7.62 -38.83 3.77
CA LEU D 107 7.16 -38.75 2.39
C LEU D 107 6.09 -37.69 2.18
N PHE D 108 5.69 -36.98 3.22
CA PHE D 108 4.57 -36.05 3.15
C PHE D 108 5.01 -34.64 3.53
N GLU D 109 4.25 -33.66 3.04
CA GLU D 109 4.49 -32.26 3.34
C GLU D 109 3.63 -31.82 4.51
N GLU D 110 4.24 -31.09 5.44
CA GLU D 110 3.56 -30.70 6.66
C GLU D 110 2.54 -29.60 6.37
N GLY D 111 1.32 -29.79 6.85
CA GLY D 111 0.29 -28.78 6.77
C GLY D 111 -0.56 -28.78 5.53
N SER D 112 -0.46 -29.79 4.68
CA SER D 112 -1.23 -29.87 3.44
C SER D 112 -2.02 -31.17 3.38
N VAL D 113 -3.30 -31.05 3.09
CA VAL D 113 -4.15 -32.23 2.87
C VAL D 113 -4.18 -32.64 1.41
N THR D 114 -4.08 -31.70 0.47
CA THR D 114 -4.05 -32.02 -0.94
C THR D 114 -2.88 -32.92 -1.32
N ASN D 115 -1.74 -32.75 -0.66
CA ASN D 115 -0.58 -33.60 -0.93
C ASN D 115 -0.76 -35.03 -0.43
N MET D 116 -1.47 -35.23 0.68
CA MET D 116 -1.70 -36.57 1.21
C MET D 116 -2.58 -37.40 0.30
N PHE D 117 -3.64 -36.84 -0.25
CA PHE D 117 -4.54 -37.56 -1.13
C PHE D 117 -3.92 -37.88 -2.49
N THR D 118 -2.94 -37.10 -2.93
CA THR D 118 -2.32 -37.31 -4.24
C THR D 118 -1.40 -38.52 -4.26
N SER D 119 -0.85 -38.92 -3.11
CA SER D 119 0.11 -40.02 -3.07
C SER D 119 -0.51 -41.37 -2.78
N ILE D 120 -1.80 -41.42 -2.42
CA ILE D 120 -2.42 -42.68 -2.07
C ILE D 120 -3.49 -43.10 -3.08
N VAL D 121 -4.33 -42.19 -3.56
CA VAL D 121 -5.40 -42.54 -4.49
C VAL D 121 -5.13 -41.88 -5.84
N GLY D 122 -3.86 -41.67 -6.15
CA GLY D 122 -3.49 -40.96 -7.36
C GLY D 122 -3.69 -41.72 -8.65
N ASN D 123 -3.05 -42.87 -8.79
CA ASN D 123 -3.03 -43.56 -10.07
C ASN D 123 -3.39 -45.04 -9.96
N VAL D 124 -3.32 -45.59 -8.75
CA VAL D 124 -3.43 -47.03 -8.56
C VAL D 124 -4.85 -47.53 -8.80
N PHE D 125 -5.78 -46.62 -9.07
CA PHE D 125 -7.18 -46.98 -9.22
C PHE D 125 -7.56 -47.35 -10.65
N GLY D 126 -6.62 -47.30 -11.59
CA GLY D 126 -6.95 -47.59 -12.97
C GLY D 126 -6.02 -48.57 -13.65
N PHE D 127 -5.51 -49.54 -12.90
CA PHE D 127 -4.62 -50.54 -13.46
C PHE D 127 -5.40 -51.57 -14.26
N LYS D 128 -4.74 -52.14 -15.27
CA LYS D 128 -5.36 -53.15 -16.12
C LYS D 128 -5.44 -54.52 -15.46
N ALA D 129 -4.77 -54.72 -14.34
CA ALA D 129 -4.72 -56.02 -13.68
C ALA D 129 -5.74 -56.16 -12.55
N LEU D 130 -6.64 -55.18 -12.40
CA LEU D 130 -7.61 -55.18 -11.32
C LEU D 130 -8.99 -54.85 -11.89
N ARG D 131 -10.03 -55.24 -11.15
CA ARG D 131 -11.40 -54.95 -11.54
C ARG D 131 -12.16 -54.13 -10.51
N ALA D 132 -11.61 -53.94 -9.31
CA ALA D 132 -12.29 -53.18 -8.27
C ALA D 132 -11.27 -52.82 -7.20
N LEU D 133 -11.63 -51.82 -6.39
CA LEU D 133 -10.79 -51.35 -5.29
C LEU D 133 -11.60 -50.39 -4.44
N ARG D 134 -11.39 -50.44 -3.12
CA ARG D 134 -12.09 -49.56 -2.20
C ARG D 134 -11.24 -49.32 -0.96
N LEU D 135 -11.15 -48.06 -0.55
CA LEU D 135 -10.41 -47.70 0.65
C LEU D 135 -11.34 -47.69 1.85
N GLU D 136 -10.83 -48.14 3.00
CA GLU D 136 -11.65 -48.32 4.18
C GLU D 136 -11.25 -47.43 5.35
N ASP D 137 -9.98 -47.40 5.74
CA ASP D 137 -9.61 -46.70 6.96
C ASP D 137 -8.17 -46.22 6.87
N LEU D 138 -7.83 -45.31 7.78
CA LEU D 138 -6.48 -44.74 7.88
C LEU D 138 -6.14 -44.57 9.35
N ARG D 139 -4.84 -44.45 9.64
CA ARG D 139 -4.34 -44.25 11.00
C ARG D 139 -3.35 -43.09 10.99
N ILE D 140 -3.77 -41.95 11.51
CA ILE D 140 -2.93 -40.75 11.55
C ILE D 140 -2.11 -40.75 12.83
N PRO D 141 -0.78 -40.72 12.74
CA PRO D 141 0.05 -40.68 13.94
C PRO D 141 -0.06 -39.33 14.63
N PRO D 142 0.22 -39.27 15.94
CA PRO D 142 0.13 -37.98 16.63
C PRO D 142 1.26 -37.03 16.26
N ALA D 143 2.36 -37.57 15.73
CA ALA D 143 3.46 -36.72 15.28
C ALA D 143 3.16 -35.98 14.01
N TYR D 144 2.07 -36.33 13.31
CA TYR D 144 1.68 -35.66 12.08
C TYR D 144 0.50 -34.72 12.24
N SER D 145 -0.35 -34.93 13.26
CA SER D 145 -1.52 -34.09 13.46
C SER D 145 -1.19 -32.76 14.10
N LYS D 146 -0.03 -32.63 14.75
CA LYS D 146 0.32 -31.39 15.44
C LYS D 146 0.71 -30.26 14.50
N THR D 147 0.92 -30.54 13.22
CA THR D 147 1.29 -29.51 12.26
C THR D 147 0.09 -28.82 11.64
N PHE D 148 -1.12 -29.26 11.96
CA PHE D 148 -2.34 -28.63 11.45
C PHE D 148 -2.93 -27.70 12.49
N GLN D 149 -3.88 -26.88 12.05
CA GLN D 149 -4.52 -25.93 12.94
C GLN D 149 -5.77 -26.49 13.59
N GLY D 150 -6.59 -27.22 12.85
CA GLY D 150 -7.79 -27.82 13.40
C GLY D 150 -8.99 -26.89 13.32
N PRO D 151 -10.09 -27.27 13.96
CA PRO D 151 -11.28 -26.43 13.92
C PRO D 151 -11.02 -25.09 14.58
N PRO D 152 -11.68 -24.03 14.10
CA PRO D 152 -11.44 -22.69 14.67
C PRO D 152 -11.82 -22.58 16.14
N HIS D 153 -13.04 -22.96 16.49
CA HIS D 153 -13.56 -22.76 17.84
C HIS D 153 -13.80 -24.06 18.59
N GLY D 154 -14.60 -24.96 18.04
CA GLY D 154 -14.88 -26.21 18.72
C GLY D 154 -16.32 -26.34 19.19
N ILE D 155 -16.52 -27.01 20.32
CA ILE D 155 -17.84 -27.25 20.88
C ILE D 155 -18.10 -26.37 22.10
N GLN D 156 -17.19 -26.39 23.06
CA GLN D 156 -17.42 -25.67 24.32
C GLN D 156 -17.49 -24.17 24.09
N VAL D 157 -16.58 -23.62 23.27
CA VAL D 157 -16.58 -22.19 23.03
C VAL D 157 -17.83 -21.77 22.26
N GLU D 158 -18.27 -22.59 21.32
CA GLU D 158 -19.47 -22.26 20.55
C GLU D 158 -20.71 -22.23 21.44
N ARG D 159 -20.82 -23.16 22.38
CA ARG D 159 -21.92 -23.13 23.33
C ARG D 159 -21.81 -21.96 24.31
N ASP D 160 -20.60 -21.62 24.76
CA ASP D 160 -20.43 -20.51 25.68
C ASP D 160 -20.79 -19.18 25.05
N LYS D 161 -20.44 -19.00 23.77
CA LYS D 161 -20.73 -17.72 23.12
C LYS D 161 -22.22 -17.46 22.99
N LEU D 162 -23.00 -18.47 22.67
CA LEU D 162 -24.44 -18.29 22.43
C LEU D 162 -25.28 -18.39 23.69
N ASN D 163 -24.71 -18.86 24.81
CA ASN D 163 -25.43 -18.97 26.08
C ASN D 163 -26.67 -19.86 25.94
N LYS D 164 -26.43 -21.12 25.63
CA LYS D 164 -27.51 -22.11 25.47
C LYS D 164 -27.05 -23.44 26.02
N TYR D 165 -27.76 -23.96 27.02
CA TYR D 165 -27.40 -25.22 27.65
C TYR D 165 -28.65 -26.05 27.88
N GLY D 166 -28.51 -27.38 27.82
CA GLY D 166 -29.52 -28.32 28.28
C GLY D 166 -30.13 -29.18 27.18
N ARG D 167 -30.40 -28.60 26.02
CA ARG D 167 -31.19 -29.28 25.01
C ARG D 167 -30.52 -29.11 23.66
N PRO D 168 -30.84 -29.96 22.69
CA PRO D 168 -30.35 -29.75 21.33
C PRO D 168 -30.87 -28.45 20.73
N LEU D 169 -30.35 -28.11 19.57
CA LEU D 169 -30.69 -26.87 18.89
C LEU D 169 -31.70 -27.14 17.77
N LEU D 170 -32.21 -26.06 17.17
CA LEU D 170 -33.23 -26.16 16.14
C LEU D 170 -32.90 -25.21 14.99
N GLY D 171 -33.44 -25.52 13.82
CA GLY D 171 -33.20 -24.70 12.66
C GLY D 171 -34.20 -25.01 11.55
N CYS D 172 -34.10 -24.24 10.47
CA CYS D 172 -35.02 -24.38 9.35
C CYS D 172 -34.34 -23.82 8.10
N THR D 173 -34.91 -24.19 6.94
CA THR D 173 -34.42 -23.70 5.66
C THR D 173 -35.60 -23.22 4.82
N ILE D 174 -35.35 -22.25 3.96
CA ILE D 174 -36.42 -21.58 3.23
C ILE D 174 -36.66 -22.27 1.89
N LYS D 175 -37.94 -22.47 1.56
CA LYS D 175 -38.35 -23.04 0.29
C LYS D 175 -39.37 -22.08 -0.32
N PRO D 176 -39.53 -22.03 -1.65
CA PRO D 176 -38.91 -22.86 -2.70
C PRO D 176 -37.42 -22.61 -2.87
N LYS D 177 -36.73 -23.54 -3.52
CA LYS D 177 -35.27 -23.45 -3.63
C LYS D 177 -34.84 -22.23 -4.42
N LEU D 178 -35.53 -21.94 -5.53
CA LEU D 178 -35.17 -20.84 -6.40
C LEU D 178 -36.44 -20.18 -6.94
N GLY D 179 -36.46 -18.85 -6.96
CA GLY D 179 -37.56 -18.13 -7.58
C GLY D 179 -38.04 -16.91 -6.82
N LEU D 180 -37.67 -16.80 -5.55
CA LEU D 180 -38.15 -15.71 -4.71
C LEU D 180 -37.35 -14.45 -4.96
N SER D 181 -37.94 -13.31 -4.57
CA SER D 181 -37.30 -12.02 -4.72
C SER D 181 -36.50 -11.66 -3.47
N ALA D 182 -35.93 -10.45 -3.47
CA ALA D 182 -35.08 -10.05 -2.36
C ALA D 182 -35.87 -9.69 -1.12
N LYS D 183 -37.04 -9.07 -1.27
CA LYS D 183 -37.82 -8.65 -0.12
C LYS D 183 -38.71 -9.74 0.44
N ASN D 184 -39.32 -10.56 -0.41
CA ASN D 184 -40.09 -11.69 0.06
C ASN D 184 -39.22 -12.71 0.77
N TYR D 185 -37.98 -12.91 0.30
CA TYR D 185 -37.04 -13.79 0.98
C TYR D 185 -36.74 -13.29 2.39
N GLY D 186 -36.56 -11.98 2.55
CA GLY D 186 -36.29 -11.43 3.86
C GLY D 186 -37.47 -11.37 4.80
N ARG D 187 -38.68 -11.21 4.27
CA ARG D 187 -39.86 -11.14 5.13
C ARG D 187 -40.27 -12.49 5.71
N ALA D 188 -39.92 -13.60 5.05
CA ALA D 188 -40.26 -14.91 5.57
C ALA D 188 -39.33 -15.36 6.69
N VAL D 189 -38.14 -14.78 6.79
CA VAL D 189 -37.21 -15.14 7.85
C VAL D 189 -37.71 -14.64 9.20
N TYR D 190 -38.28 -13.43 9.22
CA TYR D 190 -38.70 -12.82 10.48
C TYR D 190 -39.82 -13.62 11.14
N GLU D 191 -40.79 -14.08 10.35
CA GLU D 191 -41.89 -14.86 10.91
C GLU D 191 -41.40 -16.16 11.52
N CYS D 192 -40.47 -16.85 10.84
CA CYS D 192 -39.94 -18.09 11.39
C CYS D 192 -39.11 -17.83 12.64
N LEU D 193 -38.33 -16.75 12.65
CA LEU D 193 -37.45 -16.50 13.79
C LEU D 193 -38.24 -16.10 15.02
N ARG D 194 -39.31 -15.31 14.85
CA ARG D 194 -40.07 -14.85 16.01
C ARG D 194 -40.91 -15.96 16.65
N GLY D 195 -41.01 -17.12 16.01
CA GLY D 195 -41.84 -18.19 16.54
C GLY D 195 -41.19 -19.02 17.63
N GLY D 196 -39.87 -19.09 17.65
CA GLY D 196 -39.20 -19.88 18.66
C GLY D 196 -37.97 -20.64 18.20
N LEU D 197 -37.69 -20.62 16.90
CA LEU D 197 -36.52 -21.30 16.38
C LEU D 197 -35.25 -20.55 16.74
N ASP D 198 -34.11 -21.22 16.54
CA ASP D 198 -32.79 -20.67 16.85
C ASP D 198 -32.04 -20.21 15.62
N PHE D 199 -31.90 -21.07 14.61
CA PHE D 199 -31.17 -20.77 13.40
C PHE D 199 -32.09 -20.82 12.20
N THR D 200 -31.57 -20.36 11.06
CA THR D 200 -32.26 -20.47 9.79
C THR D 200 -31.22 -20.42 8.67
N KCX D 201 -31.49 -21.14 7.59
CA KCX D 201 -30.46 -21.45 6.61
CB KCX D 201 -30.17 -22.96 6.66
CG KCX D 201 -29.19 -23.48 5.62
CD KCX D 201 -28.91 -24.95 5.84
CE KCX D 201 -28.16 -25.55 4.69
NZ KCX D 201 -29.03 -25.73 3.50
C KCX D 201 -30.82 -21.02 5.18
O KCX D 201 -31.99 -21.00 4.82
CX KCX D 201 -29.61 -26.90 3.28
OQ1 KCX D 201 -29.42 -27.83 4.08
OQ2 KCX D 201 -30.35 -27.06 2.30
N ASP D 202 -29.80 -20.69 4.40
CA ASP D 202 -29.98 -20.38 2.98
C ASP D 202 -30.31 -21.65 2.18
N ASP D 203 -29.49 -21.90 1.16
CA ASP D 203 -29.62 -23.11 0.35
C ASP D 203 -28.33 -23.36 -0.41
N GLU D 204 -28.08 -24.61 -0.83
CA GLU D 204 -26.82 -24.95 -1.46
C GLU D 204 -26.60 -24.19 -2.76
N ASN D 205 -27.58 -24.24 -3.67
CA ASN D 205 -27.41 -23.62 -4.98
C ASN D 205 -27.98 -22.20 -5.01
N VAL D 206 -27.56 -21.36 -4.07
CA VAL D 206 -27.97 -19.95 -4.07
C VAL D 206 -26.75 -19.09 -3.78
N ASN D 207 -26.13 -18.55 -4.84
CA ASN D 207 -25.00 -17.64 -4.69
C ASN D 207 -25.33 -16.25 -5.21
N SER D 208 -25.65 -16.12 -6.49
CA SER D 208 -26.01 -14.85 -7.09
C SER D 208 -26.62 -15.13 -8.45
N GLN D 209 -27.82 -14.62 -8.70
CA GLN D 209 -28.56 -14.93 -9.90
C GLN D 209 -29.36 -13.70 -10.33
N PRO D 210 -29.79 -13.65 -11.59
CA PRO D 210 -30.46 -12.44 -12.07
C PRO D 210 -31.69 -12.03 -11.28
N PHE D 211 -32.42 -12.98 -10.69
CA PHE D 211 -33.62 -12.61 -9.95
C PHE D 211 -33.31 -12.12 -8.54
N MET D 212 -32.10 -12.36 -8.03
CA MET D 212 -31.75 -11.94 -6.69
C MET D 212 -30.24 -11.92 -6.54
N ARG D 213 -29.68 -10.75 -6.25
CA ARG D 213 -28.25 -10.60 -5.99
C ARG D 213 -27.99 -10.67 -4.50
N TRP D 214 -26.70 -10.66 -4.13
CA TRP D 214 -26.33 -10.95 -2.75
C TRP D 214 -26.23 -9.70 -1.88
N ARG D 215 -25.74 -8.59 -2.42
CA ARG D 215 -25.44 -7.44 -1.58
C ARG D 215 -26.68 -6.81 -0.98
N ASP D 216 -27.86 -7.03 -1.55
CA ASP D 216 -29.09 -6.54 -0.96
C ASP D 216 -29.83 -7.58 -0.15
N ARG D 217 -29.68 -8.86 -0.51
CA ARG D 217 -30.22 -9.93 0.33
C ARG D 217 -29.57 -9.90 1.71
N PHE D 218 -28.27 -9.64 1.76
CA PHE D 218 -27.59 -9.49 3.05
C PHE D 218 -28.23 -8.41 3.89
N LEU D 219 -28.47 -7.23 3.30
CA LEU D 219 -29.06 -6.11 4.03
C LEU D 219 -30.46 -6.42 4.51
N PHE D 220 -31.28 -7.03 3.65
CA PHE D 220 -32.65 -7.32 4.03
C PHE D 220 -32.72 -8.39 5.12
N VAL D 221 -31.81 -9.36 5.12
CA VAL D 221 -31.78 -10.33 6.21
C VAL D 221 -31.31 -9.69 7.51
N ALA D 222 -30.29 -8.82 7.43
CA ALA D 222 -29.78 -8.16 8.63
C ALA D 222 -30.82 -7.26 9.26
N GLU D 223 -31.65 -6.61 8.45
CA GLU D 223 -32.70 -5.76 9.01
C GLU D 223 -33.69 -6.56 9.83
N ALA D 224 -34.09 -7.74 9.36
CA ALA D 224 -35.05 -8.56 10.08
C ALA D 224 -34.46 -9.24 11.30
N ILE D 225 -33.17 -9.57 11.26
CA ILE D 225 -32.56 -10.25 12.41
C ILE D 225 -32.62 -9.37 13.65
N PHE D 226 -32.31 -8.08 13.50
CA PHE D 226 -32.34 -7.17 14.65
C PHE D 226 -33.75 -7.03 15.22
N LYS D 227 -34.75 -6.90 14.33
CA LYS D 227 -36.12 -6.73 14.81
C LYS D 227 -36.64 -7.97 15.52
N SER D 228 -36.34 -9.16 14.99
CA SER D 228 -36.82 -10.38 15.62
C SER D 228 -36.15 -10.66 16.96
N GLN D 229 -35.04 -9.99 17.26
CA GLN D 229 -34.29 -10.28 18.47
C GLN D 229 -34.78 -9.45 19.66
N ALA D 230 -35.16 -8.20 19.43
CA ALA D 230 -35.53 -7.32 20.51
C ALA D 230 -36.93 -7.56 21.04
N GLU D 231 -37.70 -8.45 20.41
CA GLU D 231 -39.08 -8.72 20.82
C GLU D 231 -39.20 -9.91 21.75
N THR D 232 -38.31 -10.90 21.65
CA THR D 232 -38.38 -12.07 22.50
C THR D 232 -37.27 -12.05 23.56
N GLY D 233 -36.11 -11.52 23.19
CA GLY D 233 -35.00 -11.43 24.12
C GLY D 233 -34.08 -12.63 24.10
N GLU D 234 -33.75 -13.12 22.91
CA GLU D 234 -32.85 -14.24 22.74
C GLU D 234 -31.97 -14.01 21.52
N ILE D 235 -30.85 -14.70 21.47
CA ILE D 235 -29.89 -14.53 20.38
C ILE D 235 -30.28 -15.41 19.21
N LYS D 236 -30.29 -14.81 18.01
CA LYS D 236 -30.67 -15.51 16.78
C LYS D 236 -29.58 -15.33 15.74
N GLY D 237 -29.61 -16.18 14.72
CA GLY D 237 -28.60 -16.16 13.68
C GLY D 237 -29.14 -16.66 12.35
N HIS D 238 -28.27 -16.63 11.35
CA HIS D 238 -28.64 -17.03 9.99
C HIS D 238 -27.36 -17.33 9.21
N TYR D 239 -27.38 -18.41 8.45
CA TYR D 239 -26.21 -18.84 7.68
C TYR D 239 -26.20 -18.12 6.33
N LEU D 240 -25.08 -17.48 6.02
CA LEU D 240 -24.91 -16.79 4.75
C LEU D 240 -23.93 -17.56 3.87
N ASN D 241 -24.34 -17.84 2.64
CA ASN D 241 -23.51 -18.60 1.72
C ASN D 241 -22.39 -17.73 1.17
N ALA D 242 -21.17 -18.25 1.16
CA ALA D 242 -20.00 -17.52 0.71
C ALA D 242 -19.24 -18.26 -0.38
N THR D 243 -19.93 -19.12 -1.14
CA THR D 243 -19.31 -19.84 -2.24
C THR D 243 -19.30 -18.96 -3.49
N ALA D 244 -18.16 -18.92 -4.17
CA ALA D 244 -18.00 -18.10 -5.37
C ALA D 244 -17.26 -18.92 -6.41
N GLY D 245 -16.92 -18.28 -7.53
CA GLY D 245 -16.22 -18.96 -8.60
C GLY D 245 -14.76 -18.58 -8.70
N THR D 246 -14.32 -17.64 -7.87
CA THR D 246 -12.93 -17.20 -7.85
C THR D 246 -12.57 -16.81 -6.42
N CYS D 247 -11.26 -16.79 -6.13
CA CYS D 247 -10.79 -16.63 -4.76
C CYS D 247 -10.74 -15.19 -4.29
N GLU D 248 -10.85 -14.21 -5.18
CA GLU D 248 -10.99 -12.82 -4.76
C GLU D 248 -12.44 -12.39 -4.62
N GLU D 249 -13.37 -13.15 -5.18
CA GLU D 249 -14.79 -12.91 -4.93
C GLU D 249 -15.28 -13.56 -3.65
N MET D 250 -14.68 -14.67 -3.25
CA MET D 250 -15.06 -15.32 -1.99
C MET D 250 -14.62 -14.51 -0.78
N MET D 251 -13.48 -13.84 -0.85
CA MET D 251 -12.97 -13.06 0.26
C MET D 251 -13.57 -11.66 0.34
N LYS D 252 -14.38 -11.27 -0.65
CA LYS D 252 -15.11 -10.01 -0.58
C LYS D 252 -16.45 -10.17 0.11
N ARG D 253 -17.08 -11.34 0.01
CA ARG D 253 -18.35 -11.59 0.69
C ARG D 253 -18.17 -11.88 2.18
N ALA D 254 -17.00 -12.35 2.59
CA ALA D 254 -16.74 -12.62 3.99
C ALA D 254 -16.33 -11.38 4.77
N GLN D 255 -15.95 -10.30 4.10
CA GLN D 255 -15.61 -9.06 4.78
C GLN D 255 -16.82 -8.17 5.00
N PHE D 256 -17.85 -8.28 4.17
CA PHE D 256 -19.07 -7.51 4.40
C PHE D 256 -19.87 -8.04 5.57
N ALA D 257 -19.76 -9.34 5.89
CA ALA D 257 -20.46 -9.90 7.03
C ALA D 257 -19.87 -9.46 8.36
N ARG D 258 -18.54 -9.29 8.43
CA ARG D 258 -17.92 -8.82 9.66
C ARG D 258 -18.30 -7.37 9.97
N GLU D 259 -18.44 -6.53 8.94
CA GLU D 259 -18.83 -5.14 9.13
C GLU D 259 -20.21 -5.00 9.76
N LEU D 260 -21.19 -5.79 9.33
CA LEU D 260 -22.54 -5.72 9.89
C LEU D 260 -22.64 -6.36 11.27
N GLY D 261 -21.82 -7.38 11.55
CA GLY D 261 -21.87 -8.05 12.84
C GLY D 261 -22.62 -9.36 12.81
N MET D 262 -22.42 -10.16 11.76
CA MET D 262 -23.06 -11.46 11.68
C MET D 262 -22.15 -12.55 12.24
N PRO D 263 -22.70 -13.59 12.86
CA PRO D 263 -21.86 -14.53 13.60
C PRO D 263 -21.44 -15.79 12.85
N ILE D 264 -21.99 -16.08 11.67
CA ILE D 264 -21.79 -17.38 11.05
C ILE D 264 -21.90 -17.28 9.53
N VAL D 265 -21.17 -18.14 8.84
CA VAL D 265 -21.19 -18.25 7.38
C VAL D 265 -21.25 -19.72 6.99
N MET D 266 -21.22 -19.99 5.69
CA MET D 266 -21.36 -21.35 5.17
C MET D 266 -20.46 -21.52 3.96
N HIS D 267 -20.05 -22.77 3.70
CA HIS D 267 -19.21 -23.09 2.57
C HIS D 267 -19.37 -24.57 2.21
N ASP D 268 -19.13 -24.88 0.93
CA ASP D 268 -19.12 -26.25 0.43
C ASP D 268 -17.68 -26.67 0.19
N TYR D 269 -17.28 -27.82 0.71
CA TYR D 269 -15.88 -28.22 0.72
C TYR D 269 -15.54 -29.32 -0.26
N LEU D 270 -16.52 -29.83 -1.02
CA LEU D 270 -16.24 -30.88 -1.99
C LEU D 270 -16.27 -30.41 -3.43
N THR D 271 -17.02 -29.35 -3.74
CA THR D 271 -16.99 -28.77 -5.07
C THR D 271 -16.13 -27.52 -5.14
N GLY D 272 -15.77 -26.94 -4.01
CA GLY D 272 -14.91 -25.77 -3.98
C GLY D 272 -13.44 -26.14 -3.98
N GLY D 273 -13.08 -27.17 -3.23
CA GLY D 273 -11.72 -27.66 -3.18
C GLY D 273 -11.21 -27.75 -1.76
N PHE D 274 -9.97 -28.21 -1.64
CA PHE D 274 -9.31 -28.37 -0.35
C PHE D 274 -8.35 -27.23 -0.04
N THR D 275 -8.33 -26.18 -0.85
CA THR D 275 -7.47 -25.03 -0.63
C THR D 275 -8.24 -23.80 -0.16
N ALA D 276 -9.33 -23.46 -0.85
CA ALA D 276 -10.20 -22.38 -0.39
C ALA D 276 -10.76 -22.67 0.99
N ASN D 277 -11.01 -23.95 1.31
CA ASN D 277 -11.48 -24.30 2.64
C ASN D 277 -10.46 -23.93 3.70
N THR D 278 -9.19 -24.27 3.49
CA THR D 278 -8.16 -23.92 4.45
C THR D 278 -7.99 -22.41 4.57
N THR D 279 -8.01 -21.70 3.44
CA THR D 279 -7.90 -20.24 3.49
C THR D 279 -9.04 -19.63 4.29
N LEU D 280 -10.27 -20.07 4.04
CA LEU D 280 -11.42 -19.54 4.75
C LEU D 280 -11.35 -19.88 6.24
N ALA D 281 -10.89 -21.08 6.59
CA ALA D 281 -10.74 -21.43 7.98
C ALA D 281 -9.73 -20.54 8.68
N HIS D 282 -8.60 -20.26 8.02
CA HIS D 282 -7.62 -19.35 8.60
C HIS D 282 -8.21 -17.97 8.82
N TYR D 283 -8.93 -17.45 7.82
CA TYR D 283 -9.52 -16.12 7.96
C TYR D 283 -10.54 -16.09 9.09
N CYS D 284 -11.38 -17.11 9.19
CA CYS D 284 -12.38 -17.15 10.25
C CYS D 284 -11.73 -17.22 11.62
N ARG D 285 -10.66 -18.01 11.76
CA ARG D 285 -9.95 -18.05 13.04
C ARG D 285 -9.36 -16.69 13.38
N ASP D 286 -8.82 -15.99 12.39
CA ASP D 286 -8.19 -14.70 12.65
C ASP D 286 -9.20 -13.56 12.81
N ASN D 287 -10.48 -13.76 12.48
CA ASN D 287 -11.46 -12.70 12.60
C ASN D 287 -12.66 -13.06 13.47
N GLY D 288 -12.66 -14.24 14.09
CA GLY D 288 -13.69 -14.58 15.06
C GLY D 288 -15.08 -14.81 14.52
N LEU D 289 -15.22 -15.70 13.54
CA LEU D 289 -16.52 -16.08 12.99
C LEU D 289 -16.74 -17.58 13.21
N LEU D 290 -17.87 -18.08 12.71
CA LEU D 290 -18.19 -19.49 12.76
C LEU D 290 -18.41 -20.04 11.36
N LEU D 291 -18.14 -21.33 11.20
CA LEU D 291 -18.16 -21.95 9.87
C LEU D 291 -19.09 -23.16 9.89
N HIS D 292 -19.90 -23.30 8.84
CA HIS D 292 -20.81 -24.41 8.66
C HIS D 292 -20.51 -25.08 7.32
N ILE D 293 -20.41 -26.41 7.32
CA ILE D 293 -19.95 -27.16 6.16
C ILE D 293 -21.11 -28.02 5.64
N HIS D 294 -21.34 -27.94 4.34
CA HIS D 294 -22.37 -28.73 3.66
C HIS D 294 -21.69 -29.73 2.72
N ARG D 295 -22.06 -30.99 2.84
CA ARG D 295 -21.47 -32.05 2.03
C ARG D 295 -22.33 -32.24 0.78
N ALA D 296 -21.79 -31.86 -0.37
CA ALA D 296 -22.44 -32.04 -1.65
C ALA D 296 -21.55 -32.86 -2.56
N MET D 297 -22.17 -33.58 -3.50
CA MET D 297 -21.45 -34.45 -4.43
C MET D 297 -20.64 -35.50 -3.66
N HIS D 298 -21.26 -36.13 -2.67
CA HIS D 298 -20.61 -37.16 -1.89
C HIS D 298 -21.13 -38.56 -2.17
N ALA D 299 -22.27 -38.69 -2.85
CA ALA D 299 -22.80 -40.00 -3.20
C ALA D 299 -22.20 -40.56 -4.48
N VAL D 300 -21.43 -39.76 -5.23
CA VAL D 300 -20.74 -40.26 -6.41
C VAL D 300 -19.54 -41.12 -6.06
N ILE D 301 -18.90 -40.88 -4.92
CA ILE D 301 -17.76 -41.65 -4.48
C ILE D 301 -18.19 -42.77 -3.52
N ASP D 302 -19.23 -42.53 -2.73
CA ASP D 302 -19.75 -43.51 -1.78
C ASP D 302 -20.81 -44.36 -2.43
N ARG D 303 -21.62 -45.05 -1.61
CA ARG D 303 -22.80 -45.83 -2.00
C ARG D 303 -22.44 -47.26 -2.36
N GLN D 304 -21.88 -47.47 -3.55
CA GLN D 304 -21.53 -48.82 -3.97
C GLN D 304 -20.41 -49.38 -3.10
N ARG D 305 -20.47 -50.69 -2.87
CA ARG D 305 -19.62 -51.36 -1.90
C ARG D 305 -18.40 -52.03 -2.54
N ASN D 306 -18.20 -51.85 -3.85
CA ASN D 306 -17.01 -52.44 -4.46
C ASN D 306 -16.15 -51.41 -5.20
N HIS D 307 -16.37 -50.11 -5.00
CA HIS D 307 -15.57 -49.09 -5.66
C HIS D 307 -15.78 -47.73 -5.02
N GLY D 308 -14.70 -47.04 -4.66
CA GLY D 308 -14.79 -45.69 -4.14
C GLY D 308 -14.14 -45.56 -2.77
N ILE D 309 -14.60 -44.58 -2.00
CA ILE D 309 -14.06 -44.26 -0.69
C ILE D 309 -15.21 -44.15 0.29
N HIS D 310 -15.00 -44.67 1.51
CA HIS D 310 -16.00 -44.56 2.56
C HIS D 310 -16.04 -43.13 3.11
N PHE D 311 -17.12 -42.82 3.82
CA PHE D 311 -17.28 -41.50 4.42
C PHE D 311 -16.47 -41.29 5.68
N ARG D 312 -16.18 -42.36 6.43
CA ARG D 312 -15.39 -42.21 7.64
C ARG D 312 -13.97 -41.77 7.33
N VAL D 313 -13.49 -41.99 6.11
CA VAL D 313 -12.21 -41.42 5.69
C VAL D 313 -12.35 -39.97 5.26
N LEU D 314 -13.46 -39.59 4.64
CA LEU D 314 -13.69 -38.22 4.22
C LEU D 314 -14.02 -37.30 5.39
N ALA D 315 -14.36 -37.83 6.55
CA ALA D 315 -14.61 -37.02 7.73
C ALA D 315 -13.36 -36.68 8.53
N LYS D 316 -12.43 -37.62 8.65
CA LYS D 316 -11.18 -37.37 9.37
C LYS D 316 -10.29 -36.37 8.66
N ALA D 317 -10.48 -36.16 7.36
CA ALA D 317 -9.80 -35.08 6.66
C ALA D 317 -10.44 -33.72 6.87
N LEU D 318 -11.77 -33.66 6.92
CA LEU D 318 -12.45 -32.41 7.22
C LEU D 318 -12.17 -31.97 8.65
N ARG D 319 -12.06 -32.91 9.59
CA ARG D 319 -11.69 -32.52 10.94
C ARG D 319 -10.32 -31.86 10.98
N MET D 320 -9.37 -32.39 10.23
CA MET D 320 -8.02 -31.82 10.22
C MET D 320 -7.98 -30.49 9.49
N SER D 321 -8.76 -30.34 8.41
CA SER D 321 -8.72 -29.11 7.63
C SER D 321 -9.32 -27.94 8.41
N GLY D 322 -10.49 -28.13 8.99
CA GLY D 322 -11.11 -27.08 9.79
C GLY D 322 -12.60 -26.90 9.57
N GLY D 323 -13.37 -26.88 10.65
CA GLY D 323 -14.80 -26.69 10.55
C GLY D 323 -15.44 -26.87 11.91
N ASP D 324 -16.67 -26.36 12.01
CA ASP D 324 -17.46 -26.45 13.24
C ASP D 324 -18.66 -27.36 13.15
N HIS D 325 -19.47 -27.23 12.10
CA HIS D 325 -20.61 -28.11 11.88
C HIS D 325 -20.36 -28.96 10.65
N ILE D 326 -21.05 -30.11 10.59
CA ILE D 326 -20.97 -30.98 9.42
C ILE D 326 -22.25 -31.79 9.36
N HIS D 327 -22.71 -32.06 8.14
CA HIS D 327 -23.90 -32.88 7.94
C HIS D 327 -23.55 -34.35 8.11
N SER D 328 -24.39 -35.08 8.85
CA SER D 328 -24.18 -36.50 9.06
C SER D 328 -25.33 -37.36 8.57
N GLY D 329 -26.48 -36.78 8.23
CA GLY D 329 -27.61 -37.53 7.72
C GLY D 329 -28.42 -38.17 8.83
N THR D 330 -29.62 -38.59 8.45
CA THR D 330 -30.54 -39.24 9.37
C THR D 330 -30.70 -40.71 9.01
N VAL D 331 -31.48 -41.42 9.82
CA VAL D 331 -31.72 -42.84 9.64
C VAL D 331 -33.13 -43.13 9.18
N VAL D 332 -34.06 -42.20 9.39
CA VAL D 332 -35.47 -42.43 9.09
C VAL D 332 -35.97 -41.39 8.10
N GLY D 333 -35.05 -40.83 7.30
CA GLY D 333 -35.43 -39.82 6.33
C GLY D 333 -35.62 -40.39 4.94
N LYS D 334 -35.43 -39.57 3.92
CA LYS D 334 -35.58 -39.98 2.53
C LYS D 334 -34.26 -40.30 1.85
N LEU D 335 -33.16 -40.35 2.59
CA LEU D 335 -31.84 -40.66 2.04
C LEU D 335 -31.24 -41.83 2.82
N GLU D 336 -30.36 -42.56 2.14
CA GLU D 336 -29.87 -43.82 2.68
C GLU D 336 -29.01 -43.59 3.92
N GLY D 337 -29.00 -44.59 4.80
CA GLY D 337 -28.22 -44.56 6.02
C GLY D 337 -28.53 -45.71 6.94
N GLU D 338 -27.52 -46.23 7.63
CA GLU D 338 -27.68 -47.42 8.46
C GLU D 338 -27.36 -47.03 9.90
N ARG D 339 -27.88 -47.80 10.85
CA ARG D 339 -27.88 -47.42 12.26
C ARG D 339 -26.58 -47.73 12.97
N GLU D 340 -25.77 -48.64 12.45
CA GLU D 340 -24.51 -48.99 13.08
C GLU D 340 -23.33 -48.16 12.59
N VAL D 341 -23.22 -47.93 11.29
CA VAL D 341 -22.11 -47.15 10.76
C VAL D 341 -22.17 -45.72 11.29
N THR D 342 -23.37 -45.16 11.40
CA THR D 342 -23.52 -43.79 11.89
C THR D 342 -23.02 -43.68 13.34
N LEU D 343 -23.42 -44.62 14.19
CA LEU D 343 -22.92 -44.64 15.56
C LEU D 343 -21.42 -44.86 15.60
N GLY D 344 -20.90 -45.62 14.64
CA GLY D 344 -19.46 -45.84 14.57
C GLY D 344 -18.67 -44.58 14.26
N PHE D 345 -19.11 -43.80 13.27
CA PHE D 345 -18.32 -42.64 12.87
C PHE D 345 -18.76 -41.33 13.54
N VAL D 346 -19.79 -41.35 14.37
CA VAL D 346 -20.04 -40.18 15.21
C VAL D 346 -18.96 -40.05 16.29
N ASP D 347 -18.55 -41.18 16.86
CA ASP D 347 -17.52 -41.15 17.90
C ASP D 347 -16.20 -40.62 17.37
N LEU D 348 -15.84 -40.99 16.14
CA LEU D 348 -14.63 -40.46 15.52
C LEU D 348 -14.69 -38.96 15.32
N LEU D 349 -15.88 -38.37 15.36
CA LEU D 349 -16.04 -36.93 15.22
C LEU D 349 -16.15 -36.20 16.55
N ARG D 350 -16.66 -36.84 17.61
CA ARG D 350 -16.91 -36.14 18.85
C ARG D 350 -15.99 -36.53 20.00
N ASP D 351 -15.36 -37.69 19.97
CA ASP D 351 -14.64 -38.21 21.12
C ASP D 351 -13.17 -37.82 21.07
N ASP D 352 -12.39 -38.36 22.01
CA ASP D 352 -10.96 -38.09 22.10
C ASP D 352 -10.08 -39.34 22.11
N TYR D 353 -10.66 -40.53 22.28
CA TYR D 353 -9.89 -41.77 22.27
C TYR D 353 -10.83 -42.91 21.92
N ILE D 354 -10.64 -43.51 20.75
CA ILE D 354 -11.52 -44.55 20.24
C ILE D 354 -10.72 -45.85 20.11
N GLU D 355 -11.32 -46.95 20.54
CA GLU D 355 -10.68 -48.26 20.50
C GLU D 355 -11.18 -49.05 19.29
N LYS D 356 -10.45 -50.11 18.97
CA LYS D 356 -10.78 -50.94 17.82
C LYS D 356 -12.08 -51.70 18.04
N ASP D 357 -12.89 -51.78 16.98
CA ASP D 357 -14.16 -52.51 17.04
C ASP D 357 -14.57 -52.84 15.62
N ARG D 358 -14.61 -54.13 15.28
CA ARG D 358 -14.95 -54.56 13.94
C ARG D 358 -16.45 -54.72 13.73
N SER D 359 -17.25 -54.65 14.79
CA SER D 359 -18.70 -54.70 14.65
C SER D 359 -19.29 -53.36 14.25
N ARG D 360 -18.49 -52.30 14.24
CA ARG D 360 -18.94 -50.98 13.84
C ARG D 360 -18.11 -50.39 12.70
N GLY D 361 -17.14 -51.11 12.17
CA GLY D 361 -16.36 -50.69 11.02
C GLY D 361 -14.98 -50.18 11.34
N ILE D 362 -14.65 -50.00 12.62
CA ILE D 362 -13.34 -49.46 12.99
C ILE D 362 -12.27 -50.54 12.90
N TYR D 363 -11.17 -50.21 12.23
CA TYR D 363 -10.05 -51.14 12.10
C TYR D 363 -8.87 -50.79 12.99
N PHE D 364 -8.54 -49.50 13.14
CA PHE D 364 -7.36 -49.07 13.88
C PHE D 364 -7.77 -48.28 15.13
N THR D 365 -6.79 -48.08 16.01
CA THR D 365 -6.97 -47.30 17.22
C THR D 365 -6.47 -45.88 16.99
N GLN D 366 -7.26 -44.89 17.40
CA GLN D 366 -6.98 -43.50 17.11
C GLN D 366 -7.07 -42.66 18.37
N ASP D 367 -6.13 -41.72 18.52
CA ASP D 367 -6.18 -40.71 19.58
C ASP D 367 -5.84 -39.36 18.98
N TRP D 368 -6.53 -38.32 19.45
CA TRP D 368 -6.47 -37.01 18.83
C TRP D 368 -5.66 -36.00 19.62
N VAL D 369 -4.97 -36.44 20.68
CA VAL D 369 -4.15 -35.62 21.58
C VAL D 369 -4.71 -34.21 21.76
N SER D 370 -5.93 -34.11 22.28
CA SER D 370 -6.53 -32.84 22.69
C SER D 370 -6.72 -31.88 21.52
N MET D 371 -7.55 -32.27 20.56
CA MET D 371 -8.03 -31.36 19.54
C MET D 371 -9.56 -31.27 19.63
N PRO D 372 -10.14 -30.09 19.52
CA PRO D 372 -11.59 -29.95 19.70
C PRO D 372 -12.38 -30.71 18.64
N GLY D 373 -13.58 -31.15 19.03
CA GLY D 373 -14.45 -31.89 18.14
C GLY D 373 -15.40 -31.00 17.37
N VAL D 374 -16.36 -31.65 16.70
CA VAL D 374 -17.34 -30.96 15.87
C VAL D 374 -18.73 -31.47 16.20
N LEU D 375 -19.74 -30.72 15.77
CA LEU D 375 -21.16 -30.97 15.99
C LEU D 375 -21.81 -31.60 14.77
N PRO D 376 -22.43 -32.76 14.90
CA PRO D 376 -23.15 -33.36 13.78
C PRO D 376 -24.55 -32.77 13.60
N VAL D 377 -25.03 -32.83 12.37
CA VAL D 377 -26.29 -32.22 11.98
C VAL D 377 -27.14 -33.27 11.28
N ALA D 378 -28.42 -33.35 11.64
CA ALA D 378 -29.36 -34.29 11.03
C ALA D 378 -30.45 -33.51 10.30
N SER D 379 -30.72 -33.89 9.05
CA SER D 379 -31.69 -33.18 8.23
C SER D 379 -32.21 -34.08 7.13
N GLY D 380 -33.38 -33.73 6.59
CA GLY D 380 -33.94 -34.40 5.44
C GLY D 380 -35.20 -35.20 5.67
N GLY D 381 -36.35 -34.63 5.34
CA GLY D 381 -37.61 -35.35 5.34
C GLY D 381 -38.09 -35.90 6.67
N ILE D 382 -38.10 -35.07 7.71
CA ILE D 382 -38.53 -35.48 9.04
C ILE D 382 -39.64 -34.56 9.53
N HIS D 383 -40.57 -35.11 10.29
CA HIS D 383 -41.68 -34.34 10.85
C HIS D 383 -41.78 -34.66 12.34
N VAL D 384 -42.90 -34.23 12.95
CA VAL D 384 -43.00 -34.23 14.41
C VAL D 384 -43.02 -35.65 14.96
N TRP D 385 -43.67 -36.57 14.26
CA TRP D 385 -43.84 -37.93 14.76
C TRP D 385 -42.51 -38.65 14.94
N HIS D 386 -41.46 -38.15 14.30
CA HIS D 386 -40.14 -38.76 14.36
C HIS D 386 -39.31 -38.26 15.54
N MET D 387 -39.84 -37.34 16.33
CA MET D 387 -39.07 -36.69 17.39
C MET D 387 -38.56 -37.66 18.45
N PRO D 388 -39.40 -38.54 19.03
CA PRO D 388 -38.87 -39.43 20.07
C PRO D 388 -38.19 -40.65 19.50
N ALA D 389 -37.39 -40.46 18.45
CA ALA D 389 -36.53 -41.50 17.91
C ALA D 389 -35.19 -40.90 17.55
N LEU D 390 -35.14 -39.57 17.47
CA LEU D 390 -33.92 -38.85 17.14
C LEU D 390 -33.19 -38.33 18.37
N THR D 391 -33.90 -38.07 19.46
CA THR D 391 -33.27 -37.65 20.70
C THR D 391 -32.69 -38.82 21.48
N GLU D 392 -32.93 -40.05 21.03
CA GLU D 392 -32.39 -41.23 21.69
C GLU D 392 -31.11 -41.73 21.02
N ILE D 393 -30.97 -41.46 19.72
CA ILE D 393 -29.80 -41.92 18.97
C ILE D 393 -28.62 -40.98 19.19
N PHE D 394 -28.80 -39.71 18.84
CA PHE D 394 -27.69 -38.76 18.86
C PHE D 394 -27.35 -38.32 20.28
N GLY D 395 -28.30 -37.70 20.97
CA GLY D 395 -28.04 -37.27 22.33
C GLY D 395 -28.35 -35.78 22.48
N ASP D 396 -27.62 -35.14 23.38
CA ASP D 396 -27.82 -33.74 23.71
C ASP D 396 -26.89 -32.80 22.96
N ASP D 397 -26.06 -33.31 22.07
CA ASP D 397 -25.12 -32.49 21.32
C ASP D 397 -25.34 -32.74 19.82
N SER D 398 -26.27 -32.01 19.23
CA SER D 398 -26.60 -32.14 17.82
C SER D 398 -27.46 -30.96 17.40
N VAL D 399 -27.75 -30.90 16.09
CA VAL D 399 -28.60 -29.86 15.52
C VAL D 399 -29.68 -30.55 14.69
N LEU D 400 -30.91 -30.10 14.87
CA LEU D 400 -32.06 -30.66 14.16
C LEU D 400 -32.65 -29.59 13.24
N GLN D 401 -32.91 -29.97 11.99
CA GLN D 401 -33.40 -29.04 10.98
C GLN D 401 -34.69 -29.58 10.36
N PHE D 402 -35.68 -28.70 10.21
CA PHE D 402 -36.94 -29.02 9.53
C PHE D 402 -37.16 -28.00 8.42
N GLY D 403 -37.07 -28.46 7.18
CA GLY D 403 -37.25 -27.57 6.06
C GLY D 403 -38.68 -27.50 5.53
N GLY D 404 -39.24 -28.66 5.22
CA GLY D 404 -40.61 -28.73 4.72
C GLY D 404 -41.67 -28.94 5.78
N GLY D 405 -41.27 -29.31 6.99
CA GLY D 405 -42.20 -29.52 8.07
C GLY D 405 -42.63 -28.28 8.81
N THR D 406 -42.13 -27.11 8.40
CA THR D 406 -42.49 -25.84 9.02
C THR D 406 -43.32 -24.96 8.09
N LEU D 407 -42.84 -24.72 6.87
CA LEU D 407 -43.57 -23.90 5.92
C LEU D 407 -44.81 -24.59 5.37
N GLY D 408 -44.98 -25.88 5.64
CA GLY D 408 -46.13 -26.61 5.14
C GLY D 408 -47.26 -26.74 6.14
N HIS D 409 -47.16 -26.02 7.26
CA HIS D 409 -48.21 -26.06 8.27
C HIS D 409 -49.49 -25.44 7.72
N PRO D 410 -50.66 -25.98 8.09
CA PRO D 410 -51.92 -25.45 7.55
C PRO D 410 -52.31 -24.09 8.11
N TRP D 411 -51.53 -23.49 9.01
CA TRP D 411 -51.91 -22.22 9.60
C TRP D 411 -50.92 -21.09 9.35
N GLY D 412 -49.71 -21.37 8.89
CA GLY D 412 -48.76 -20.33 8.57
C GLY D 412 -47.38 -20.67 9.09
N ASN D 413 -46.52 -19.66 9.15
CA ASN D 413 -45.14 -19.87 9.57
C ASN D 413 -45.02 -19.85 11.09
N ALA D 414 -45.44 -18.75 11.71
CA ALA D 414 -45.28 -18.61 13.16
C ALA D 414 -46.01 -19.70 13.93
N PRO D 415 -47.28 -20.03 13.65
CA PRO D 415 -47.90 -21.15 14.36
C PRO D 415 -47.20 -22.47 14.14
N GLY D 416 -46.54 -22.66 13.00
CA GLY D 416 -45.89 -23.91 12.69
C GLY D 416 -44.59 -24.17 13.41
N ALA D 417 -43.98 -23.16 14.02
CA ALA D 417 -42.73 -23.33 14.74
C ALA D 417 -42.93 -23.62 16.22
N VAL D 418 -44.11 -23.30 16.77
CA VAL D 418 -44.37 -23.59 18.18
C VAL D 418 -44.50 -25.09 18.41
N ALA D 419 -45.14 -25.79 17.46
CA ALA D 419 -45.35 -27.23 17.60
C ALA D 419 -44.05 -28.00 17.64
N ASN D 420 -43.06 -27.62 16.84
CA ASN D 420 -41.77 -28.31 16.86
C ASN D 420 -41.05 -28.12 18.19
N ARG D 421 -41.12 -26.93 18.78
CA ARG D 421 -40.47 -26.69 20.06
C ARG D 421 -41.18 -27.40 21.20
N VAL D 422 -42.52 -27.45 21.16
CA VAL D 422 -43.27 -28.06 22.25
C VAL D 422 -42.95 -29.54 22.36
N ALA D 423 -42.89 -30.24 21.22
CA ALA D 423 -42.60 -31.67 21.25
C ALA D 423 -41.21 -31.94 21.82
N LEU D 424 -40.22 -31.15 21.40
CA LEU D 424 -38.86 -31.34 21.91
C LEU D 424 -38.80 -31.10 23.41
N GLU D 425 -39.43 -30.02 23.88
CA GLU D 425 -39.38 -29.73 25.30
C GLU D 425 -40.21 -30.69 26.13
N ALA D 426 -41.21 -31.35 25.54
CA ALA D 426 -41.94 -32.41 26.21
C ALA D 426 -41.17 -33.71 26.28
N CYS D 427 -40.41 -34.05 25.24
CA CYS D 427 -39.54 -35.22 25.27
C CYS D 427 -38.37 -35.07 26.23
N VAL D 428 -37.74 -33.89 26.26
CA VAL D 428 -36.62 -33.67 27.18
C VAL D 428 -37.05 -33.80 28.63
N GLN D 429 -38.18 -33.20 29.01
CA GLN D 429 -38.70 -33.32 30.36
C GLN D 429 -39.07 -34.75 30.72
N ALA D 430 -39.69 -35.49 29.80
CA ALA D 430 -40.06 -36.88 30.04
C ALA D 430 -38.86 -37.80 30.17
N ARG D 431 -37.76 -37.50 29.47
CA ARG D 431 -36.57 -38.34 29.60
C ARG D 431 -35.97 -38.31 31.00
N ASN D 432 -35.89 -37.12 31.61
CA ASN D 432 -35.26 -37.00 32.92
C ASN D 432 -36.22 -37.31 34.05
N GLU D 433 -36.94 -38.42 33.95
CA GLU D 433 -37.81 -38.89 35.02
C GLU D 433 -37.65 -40.39 35.22
N GLY D 434 -37.14 -41.07 34.20
CA GLY D 434 -36.97 -42.51 34.28
C GLY D 434 -37.83 -43.25 33.27
N ARG D 435 -38.48 -42.53 32.38
CA ARG D 435 -39.34 -43.14 31.37
C ARG D 435 -38.51 -43.53 30.15
N ASP D 436 -38.97 -44.55 29.45
CA ASP D 436 -38.29 -45.07 28.27
C ASP D 436 -38.81 -44.37 27.02
N LEU D 437 -37.89 -43.85 26.21
CA LEU D 437 -38.25 -43.09 25.02
C LEU D 437 -38.48 -43.95 23.80
N ALA D 438 -38.18 -45.24 23.85
CA ALA D 438 -38.34 -46.12 22.70
C ALA D 438 -39.69 -46.84 22.71
N ARG D 439 -40.01 -47.53 23.81
CA ARG D 439 -41.27 -48.24 23.89
C ARG D 439 -42.45 -47.29 23.91
N GLU D 440 -42.36 -46.22 24.71
CA GLU D 440 -43.43 -45.24 24.84
C GLU D 440 -43.05 -43.98 24.09
N GLY D 441 -43.40 -43.92 22.82
CA GLY D 441 -43.09 -42.74 22.02
C GLY D 441 -44.32 -42.13 21.39
N ASN D 442 -45.39 -42.92 21.26
CA ASN D 442 -46.66 -42.45 20.73
C ASN D 442 -47.62 -42.03 21.82
N ASP D 443 -47.21 -42.14 23.09
CA ASP D 443 -48.03 -41.70 24.20
C ASP D 443 -47.59 -40.39 24.80
N ILE D 444 -46.31 -40.03 24.70
CA ILE D 444 -45.87 -38.72 25.18
C ILE D 444 -46.47 -37.61 24.32
N ILE D 445 -46.51 -37.80 23.01
CA ILE D 445 -47.02 -36.76 22.12
C ILE D 445 -48.52 -36.59 22.25
N ARG D 446 -49.27 -37.68 22.38
CA ARG D 446 -50.72 -37.61 22.46
C ARG D 446 -51.21 -36.94 23.73
N GLU D 447 -50.40 -36.88 24.78
CA GLU D 447 -50.73 -36.14 25.99
C GLU D 447 -50.37 -34.67 25.90
N ALA D 448 -49.24 -34.34 25.26
CA ALA D 448 -48.90 -32.94 25.07
C ALA D 448 -49.79 -32.28 24.02
N SER D 449 -50.44 -33.07 23.17
CA SER D 449 -51.30 -32.52 22.14
C SER D 449 -52.70 -32.27 22.66
N LYS D 450 -52.84 -32.15 23.99
CA LYS D 450 -54.12 -31.90 24.61
C LYS D 450 -54.24 -30.52 25.22
N TRP D 451 -53.14 -29.84 25.52
CA TRP D 451 -53.16 -28.48 26.03
C TRP D 451 -52.58 -27.48 25.04
N SER D 452 -52.16 -27.92 23.86
CA SER D 452 -51.63 -27.03 22.82
C SER D 452 -52.45 -27.20 21.56
N PRO D 453 -53.26 -26.20 21.18
CA PRO D 453 -54.08 -26.34 19.97
C PRO D 453 -53.29 -26.30 18.66
N GLU D 454 -52.03 -25.86 18.68
CA GLU D 454 -51.23 -25.80 17.48
C GLU D 454 -50.49 -27.09 17.17
N LEU D 455 -50.52 -28.07 18.07
CA LEU D 455 -49.91 -29.37 17.81
C LEU D 455 -50.92 -30.39 17.32
N ALA D 456 -52.17 -30.28 17.79
CA ALA D 456 -53.22 -31.17 17.29
C ALA D 456 -53.49 -30.94 15.80
N ALA D 457 -53.35 -29.71 15.34
CA ALA D 457 -53.49 -29.44 13.91
C ALA D 457 -52.38 -30.12 13.10
N ALA D 458 -51.15 -30.11 13.60
CA ALA D 458 -50.05 -30.71 12.86
C ALA D 458 -50.07 -32.24 12.94
N CYS D 459 -50.59 -32.81 14.01
CA CYS D 459 -50.58 -34.26 14.17
C CYS D 459 -51.51 -34.98 13.20
N GLU D 460 -52.38 -34.27 12.50
CA GLU D 460 -53.33 -34.88 11.57
C GLU D 460 -52.91 -34.81 10.11
N VAL D 461 -52.18 -33.78 9.69
CA VAL D 461 -51.81 -33.67 8.29
C VAL D 461 -50.85 -34.78 7.88
N TRP D 462 -49.80 -34.99 8.67
CA TRP D 462 -48.83 -36.06 8.44
C TRP D 462 -48.99 -37.08 9.56
N LYS D 463 -49.56 -38.24 9.23
CA LYS D 463 -49.78 -39.28 10.23
C LYS D 463 -49.36 -40.66 9.78
N GLU D 464 -49.31 -40.95 8.47
CA GLU D 464 -48.90 -42.26 8.00
C GLU D 464 -47.92 -42.13 6.84
N ILE D 465 -46.99 -41.19 6.95
CA ILE D 465 -46.00 -40.94 5.92
C ILE D 465 -44.67 -41.53 6.41
N LYS D 466 -44.34 -42.72 5.90
CA LYS D 466 -43.11 -43.41 6.27
C LYS D 466 -42.34 -43.76 5.01
N PHE D 467 -41.01 -43.77 5.12
CA PHE D 467 -40.13 -44.16 4.03
C PHE D 467 -39.40 -45.43 4.42
N VAL D 468 -39.74 -46.54 3.78
CA VAL D 468 -39.14 -47.84 4.06
C VAL D 468 -38.72 -48.45 2.74
N PHE D 469 -37.43 -48.74 2.59
CA PHE D 469 -36.89 -49.43 1.43
C PHE D 469 -35.73 -50.32 1.87
N GLU D 470 -35.16 -51.04 0.91
CA GLU D 470 -34.05 -51.94 1.19
C GLU D 470 -32.74 -51.14 1.29
N THR D 471 -31.65 -51.86 1.53
CA THR D 471 -30.34 -51.26 1.71
C THR D 471 -29.34 -51.86 0.74
N ILE D 472 -28.43 -51.01 0.25
CA ILE D 472 -27.43 -51.40 -0.73
C ILE D 472 -26.09 -51.67 -0.06
N ASP D 473 -25.67 -50.81 0.86
CA ASP D 473 -24.38 -50.93 1.52
C ASP D 473 -24.53 -51.70 2.85
N THR D 474 -24.68 -53.01 2.70
CA THR D 474 -24.89 -53.87 3.87
C THR D 474 -23.58 -54.13 4.61
N LEU D 475 -23.15 -53.17 5.42
CA LEU D 475 -21.93 -53.27 6.24
C LEU D 475 -20.73 -53.75 5.41
N GLY E 12 -14.95 -30.65 50.48
CA GLY E 12 -14.97 -29.37 51.17
C GLY E 12 -13.94 -28.39 50.67
N PHE E 13 -13.72 -27.32 51.42
CA PHE E 13 -12.74 -26.31 51.04
C PHE E 13 -11.62 -26.34 52.06
N LYS E 14 -11.90 -26.14 53.35
CA LYS E 14 -10.89 -26.24 54.41
C LYS E 14 -9.66 -25.40 54.13
N ALA E 15 -9.81 -24.08 54.11
CA ALA E 15 -8.71 -23.15 53.85
C ALA E 15 -7.61 -23.31 54.88
N GLY E 16 -6.37 -23.28 54.42
CA GLY E 16 -5.23 -23.46 55.31
C GLY E 16 -3.95 -23.62 54.51
N VAL E 17 -2.93 -24.15 55.19
CA VAL E 17 -1.60 -24.34 54.60
C VAL E 17 -1.18 -25.79 54.82
N LYS E 18 -0.72 -26.44 53.75
CA LYS E 18 -0.28 -27.83 53.78
C LYS E 18 1.11 -27.94 53.18
N ASP E 19 1.61 -29.17 53.09
CA ASP E 19 2.92 -29.44 52.54
C ASP E 19 2.84 -29.79 51.06
N TYR E 20 3.97 -29.61 50.38
CA TYR E 20 4.04 -29.97 48.96
C TYR E 20 4.16 -31.47 48.76
N ARG E 21 4.82 -32.16 49.70
CA ARG E 21 5.07 -33.59 49.60
C ARG E 21 3.79 -34.41 49.48
N LEU E 22 2.67 -33.93 50.02
CA LEU E 22 1.43 -34.67 50.03
C LEU E 22 0.77 -34.75 48.66
N THR E 23 1.24 -33.96 47.70
CA THR E 23 0.59 -33.93 46.39
C THR E 23 1.59 -34.04 45.24
N TYR E 24 2.83 -33.60 45.45
CA TYR E 24 3.77 -33.46 44.34
C TYR E 24 4.95 -34.43 44.42
N TYR E 25 4.80 -35.55 45.13
CA TYR E 25 5.86 -36.56 45.22
C TYR E 25 5.24 -37.93 44.96
N THR E 26 5.43 -38.45 43.75
CA THR E 26 4.88 -39.73 43.32
C THR E 26 5.99 -40.59 42.74
N PRO E 27 6.75 -41.30 43.59
CA PRO E 27 7.90 -42.08 43.14
C PRO E 27 7.54 -43.49 42.63
N ASP E 28 6.42 -43.59 41.92
CA ASP E 28 6.05 -44.86 41.28
C ASP E 28 5.42 -44.60 39.92
N TYR E 29 5.77 -43.50 39.30
CA TYR E 29 5.10 -43.02 38.09
C TYR E 29 5.87 -43.46 36.85
N GLU E 30 5.15 -43.91 35.84
CA GLU E 30 5.73 -44.36 34.58
C GLU E 30 5.58 -43.25 33.55
N THR E 31 6.70 -42.85 32.95
CA THR E 31 6.69 -41.76 31.99
C THR E 31 6.03 -42.20 30.69
N LYS E 32 5.43 -41.23 30.00
CA LYS E 32 4.83 -41.45 28.68
C LYS E 32 5.83 -41.07 27.60
N ASP E 33 5.39 -41.18 26.34
CA ASP E 33 6.23 -40.87 25.19
C ASP E 33 6.00 -39.46 24.67
N THR E 34 5.16 -38.66 25.32
CA THR E 34 4.92 -37.29 24.93
C THR E 34 5.17 -36.33 26.09
N ASP E 35 6.21 -36.59 26.87
CA ASP E 35 6.53 -35.80 28.05
C ASP E 35 7.91 -35.17 27.91
N ILE E 36 8.13 -34.10 28.66
CA ILE E 36 9.41 -33.40 28.69
C ILE E 36 10.06 -33.66 30.04
N LEU E 37 11.32 -34.07 30.03
CA LEU E 37 12.04 -34.44 31.23
C LEU E 37 13.22 -33.50 31.46
N ALA E 38 13.56 -33.29 32.73
CA ALA E 38 14.67 -32.42 33.11
C ALA E 38 15.39 -33.00 34.31
N ALA E 39 16.64 -32.58 34.49
CA ALA E 39 17.47 -33.05 35.60
C ALA E 39 18.09 -31.85 36.29
N PHE E 40 17.95 -31.79 37.60
CA PHE E 40 18.48 -30.70 38.41
C PHE E 40 19.53 -31.22 39.38
N ARG E 41 20.44 -30.33 39.77
CA ARG E 41 21.40 -30.60 40.83
C ARG E 41 21.26 -29.49 41.86
N MET E 42 20.91 -29.85 43.09
CA MET E 42 20.48 -28.89 44.09
C MET E 42 21.24 -29.09 45.40
N THR E 43 21.27 -28.02 46.19
CA THR E 43 21.91 -28.03 47.50
C THR E 43 20.92 -27.48 48.53
N PRO E 44 20.31 -28.35 49.33
CA PRO E 44 19.30 -27.88 50.28
C PRO E 44 19.92 -27.05 51.40
N GLN E 45 19.05 -26.37 52.13
CA GLN E 45 19.33 -25.52 53.29
C GLN E 45 19.22 -26.33 54.57
N PRO E 46 20.12 -26.09 55.55
CA PRO E 46 20.08 -26.85 56.80
C PRO E 46 18.71 -26.85 57.47
N GLY E 47 18.18 -28.04 57.74
CA GLY E 47 16.88 -28.18 58.35
C GLY E 47 15.74 -28.46 57.40
N VAL E 48 16.02 -28.98 56.21
CA VAL E 48 14.98 -29.27 55.23
C VAL E 48 15.20 -30.67 54.66
N PRO E 49 14.19 -31.53 54.65
CA PRO E 49 14.36 -32.86 54.06
C PRO E 49 14.60 -32.78 52.57
N PRO E 50 15.36 -33.72 52.00
CA PRO E 50 15.66 -33.68 50.56
C PRO E 50 14.41 -33.73 49.69
N GLU E 51 13.39 -34.44 50.14
CA GLU E 51 12.16 -34.62 49.37
C GLU E 51 11.30 -33.36 49.30
N GLU E 52 11.29 -32.55 50.36
CA GLU E 52 10.49 -31.34 50.35
C GLU E 52 11.01 -30.30 49.38
N ALA E 53 12.30 -30.28 49.09
CA ALA E 53 12.84 -29.37 48.08
C ALA E 53 12.50 -29.84 46.67
N GLY E 54 12.64 -31.15 46.42
CA GLY E 54 12.25 -31.70 45.13
C GLY E 54 10.78 -31.55 44.84
N ALA E 55 9.93 -31.68 45.85
CA ALA E 55 8.50 -31.43 45.68
C ALA E 55 8.19 -29.95 45.48
N ALA E 56 8.90 -29.07 46.17
CA ALA E 56 8.70 -27.63 46.04
C ALA E 56 9.13 -27.09 44.68
N VAL E 57 10.18 -27.65 44.08
CA VAL E 57 10.60 -27.21 42.76
C VAL E 57 9.52 -27.46 41.70
N ALA E 58 8.88 -28.62 41.72
CA ALA E 58 7.89 -28.94 40.71
C ALA E 58 6.60 -28.13 40.89
N ALA E 59 6.21 -27.87 42.13
CA ALA E 59 4.92 -27.22 42.39
C ALA E 59 4.91 -25.79 41.87
N GLU E 60 5.99 -25.04 42.09
CA GLU E 60 6.05 -23.64 41.69
C GLU E 60 6.52 -23.46 40.26
N SER E 61 6.39 -24.48 39.43
CA SER E 61 6.74 -24.38 38.02
C SER E 61 5.53 -24.54 37.11
N SER E 62 4.59 -25.42 37.45
CA SER E 62 3.40 -25.61 36.64
C SER E 62 2.15 -25.04 37.28
N THR E 63 1.78 -25.52 38.46
CA THR E 63 0.57 -25.08 39.17
C THR E 63 0.80 -25.19 40.66
N GLY E 64 0.45 -24.15 41.39
CA GLY E 64 0.53 -24.19 42.84
C GLY E 64 0.97 -22.86 43.43
N THR E 65 0.70 -22.71 44.73
CA THR E 65 1.09 -21.52 45.48
C THR E 65 1.34 -21.95 46.93
N TRP E 66 1.40 -20.97 47.82
CA TRP E 66 1.73 -21.24 49.21
C TRP E 66 0.51 -21.54 50.09
N THR E 67 -0.69 -21.54 49.52
CA THR E 67 -1.90 -21.81 50.28
C THR E 67 -2.91 -22.51 49.38
N THR E 68 -4.11 -22.75 49.91
CA THR E 68 -5.16 -23.46 49.20
C THR E 68 -6.18 -22.47 48.66
N VAL E 69 -6.65 -22.73 47.43
CA VAL E 69 -7.64 -21.87 46.78
C VAL E 69 -8.86 -22.72 46.44
N TRP E 70 -10.01 -22.05 46.36
CA TRP E 70 -11.28 -22.74 46.12
C TRP E 70 -11.58 -22.98 44.64
N THR E 71 -10.85 -22.35 43.74
CA THR E 71 -11.11 -22.49 42.32
C THR E 71 -10.53 -23.77 41.73
N ASP E 72 -9.77 -24.53 42.51
CA ASP E 72 -9.16 -25.76 42.01
C ASP E 72 -10.15 -26.89 41.85
N GLY E 73 -11.35 -26.77 42.41
CA GLY E 73 -12.37 -27.77 42.26
C GLY E 73 -13.16 -27.71 40.97
N LEU E 74 -12.89 -26.73 40.12
CA LEU E 74 -13.57 -26.58 38.85
C LEU E 74 -12.84 -27.26 37.70
N THR E 75 -11.67 -27.87 37.97
CA THR E 75 -10.88 -28.49 36.93
C THR E 75 -10.34 -29.83 37.44
N SER E 76 -9.70 -30.57 36.55
CA SER E 76 -9.04 -31.82 36.90
C SER E 76 -7.55 -31.54 37.06
N LEU E 77 -7.04 -31.71 38.28
CA LEU E 77 -5.66 -31.39 38.58
C LEU E 77 -4.72 -32.58 38.43
N ASP E 78 -5.23 -33.73 38.00
CA ASP E 78 -4.43 -34.94 37.83
C ASP E 78 -3.97 -35.10 36.37
N ARG E 79 -4.12 -34.03 35.58
CA ARG E 79 -3.68 -34.06 34.20
C ARG E 79 -2.96 -32.75 33.85
N TYR E 80 -2.74 -31.91 34.86
CA TYR E 80 -2.06 -30.64 34.62
C TYR E 80 -0.92 -30.37 35.59
N LYS E 81 -0.42 -31.35 36.33
CA LYS E 81 0.58 -31.13 37.36
C LYS E 81 1.93 -31.71 36.93
N GLY E 82 2.98 -31.21 37.57
CA GLY E 82 4.32 -31.74 37.39
C GLY E 82 4.72 -32.57 38.59
N ARG E 83 5.47 -33.64 38.34
CA ARG E 83 5.76 -34.63 39.38
C ARG E 83 7.25 -34.92 39.42
N CYS E 84 7.72 -35.29 40.61
CA CYS E 84 9.10 -35.73 40.81
C CYS E 84 9.09 -37.22 41.13
N TYR E 85 9.87 -38.00 40.38
CA TYR E 85 9.78 -39.45 40.45
C TYR E 85 11.10 -40.13 40.75
N ASP E 86 12.16 -39.39 41.04
CA ASP E 86 13.44 -40.03 41.33
C ASP E 86 14.36 -39.05 42.04
N ILE E 87 15.08 -39.56 43.03
CA ILE E 87 16.10 -38.79 43.75
C ILE E 87 17.29 -39.69 44.01
N GLU E 88 18.49 -39.22 43.66
CA GLU E 88 19.70 -39.97 43.94
C GLU E 88 20.80 -39.03 44.42
N PRO E 89 21.68 -39.50 45.31
CA PRO E 89 22.73 -38.63 45.84
C PRO E 89 24.02 -38.69 45.03
N VAL E 90 24.75 -37.57 45.07
CA VAL E 90 26.04 -37.52 44.37
C VAL E 90 27.13 -38.14 45.24
N ALA E 91 28.22 -38.54 44.58
CA ALA E 91 29.35 -39.18 45.24
C ALA E 91 30.44 -38.13 45.48
N GLY E 92 30.98 -38.11 46.69
CA GLY E 92 32.02 -37.17 47.07
C GLY E 92 31.54 -35.97 47.86
N GLU E 93 30.25 -35.87 48.15
CA GLU E 93 29.70 -34.76 48.91
C GLU E 93 28.74 -35.30 49.95
N GLU E 94 28.07 -34.38 50.64
CA GLU E 94 27.09 -34.75 51.66
C GLU E 94 25.84 -33.88 51.63
N ASN E 95 25.81 -32.85 50.78
CA ASN E 95 24.67 -31.95 50.72
C ASN E 95 24.32 -31.62 49.27
N GLN E 96 24.32 -32.64 48.41
CA GLN E 96 23.97 -32.44 47.01
C GLN E 96 23.21 -33.66 46.50
N TYR E 97 22.26 -33.44 45.61
CA TYR E 97 21.43 -34.50 45.08
C TYR E 97 21.07 -34.19 43.64
N ILE E 98 20.46 -35.17 42.97
CA ILE E 98 19.98 -35.02 41.60
C ILE E 98 18.51 -35.44 41.57
N ALA E 99 17.68 -34.61 40.94
CA ALA E 99 16.24 -34.84 40.90
C ALA E 99 15.75 -34.87 39.46
N TYR E 100 14.63 -35.56 39.25
CA TYR E 100 14.00 -35.69 37.94
C TYR E 100 12.57 -35.20 38.00
N VAL E 101 12.15 -34.48 36.96
CA VAL E 101 10.81 -33.91 36.87
C VAL E 101 10.22 -34.25 35.51
N ALA E 102 8.90 -34.36 35.45
CA ALA E 102 8.17 -34.65 34.21
C ALA E 102 7.06 -33.63 34.01
N TYR E 103 6.87 -33.23 32.76
CA TYR E 103 5.86 -32.23 32.41
C TYR E 103 4.94 -32.75 31.31
N PRO E 104 3.65 -32.45 31.39
CA PRO E 104 2.73 -32.84 30.30
C PRO E 104 2.97 -32.02 29.05
N LEU E 105 2.45 -32.54 27.94
CA LEU E 105 2.72 -31.93 26.64
C LEU E 105 1.94 -30.64 26.42
N ASP E 106 0.68 -30.59 26.86
CA ASP E 106 -0.20 -29.49 26.50
C ASP E 106 -0.01 -28.25 27.37
N LEU E 107 1.13 -28.12 28.04
CA LEU E 107 1.44 -26.94 28.84
C LEU E 107 2.23 -25.88 28.07
N PHE E 108 2.55 -26.14 26.80
CA PHE E 108 3.43 -25.26 26.04
C PHE E 108 2.75 -24.81 24.75
N GLU E 109 3.22 -23.67 24.24
CA GLU E 109 2.74 -23.11 22.99
C GLU E 109 3.62 -23.57 21.84
N GLU E 110 2.99 -23.96 20.74
CA GLU E 110 3.71 -24.51 19.60
C GLU E 110 4.45 -23.40 18.87
N GLY E 111 5.72 -23.65 18.56
CA GLY E 111 6.50 -22.74 17.74
C GLY E 111 7.19 -21.61 18.47
N SER E 112 7.14 -21.58 19.80
CA SER E 112 7.76 -20.52 20.58
C SER E 112 8.79 -21.10 21.53
N VAL E 113 10.00 -20.55 21.50
CA VAL E 113 11.04 -20.92 22.44
C VAL E 113 11.02 -20.05 23.69
N THR E 114 10.64 -18.77 23.57
CA THR E 114 10.54 -17.89 24.72
C THR E 114 9.55 -18.39 25.77
N ASN E 115 8.47 -19.04 25.34
CA ASN E 115 7.50 -19.60 26.26
C ASN E 115 8.02 -20.81 27.02
N MET E 116 8.88 -21.62 26.41
CA MET E 116 9.42 -22.80 27.07
C MET E 116 10.37 -22.43 28.21
N PHE E 117 11.22 -21.42 28.01
CA PHE E 117 12.16 -21.01 29.05
C PHE E 117 11.49 -20.29 30.21
N THR E 118 10.32 -19.69 30.00
CA THR E 118 9.64 -18.96 31.05
C THR E 118 8.98 -19.87 32.08
N SER E 119 8.68 -21.10 31.72
CA SER E 119 7.97 -22.01 32.62
C SER E 119 8.89 -22.93 33.41
N ILE E 120 10.18 -22.98 33.10
CA ILE E 120 11.10 -23.88 33.77
C ILE E 120 12.12 -23.14 34.62
N VAL E 121 12.69 -22.04 34.14
CA VAL E 121 13.72 -21.31 34.89
C VAL E 121 13.18 -19.94 35.28
N GLY E 122 11.87 -19.84 35.44
CA GLY E 122 11.23 -18.56 35.69
C GLY E 122 11.47 -17.99 37.08
N ASN E 123 11.07 -18.73 38.12
CA ASN E 123 11.05 -18.16 39.46
C ASN E 123 11.73 -19.07 40.49
N VAL E 124 11.90 -20.35 40.17
CA VAL E 124 12.32 -21.34 41.15
C VAL E 124 13.79 -21.16 41.53
N PHE E 125 14.47 -20.22 40.88
CA PHE E 125 15.90 -20.01 41.11
C PHE E 125 16.21 -19.08 42.26
N GLY E 126 15.19 -18.52 42.92
CA GLY E 126 15.44 -17.57 43.98
C GLY E 126 14.68 -17.83 45.26
N PHE E 127 14.43 -19.09 45.58
CA PHE E 127 13.73 -19.44 46.79
C PHE E 127 14.62 -19.27 48.01
N LYS E 128 13.99 -19.02 49.16
CA LYS E 128 14.72 -18.84 50.41
C LYS E 128 15.14 -20.15 51.06
N ALA E 129 14.67 -21.28 50.54
CA ALA E 129 14.97 -22.58 51.12
C ALA E 129 16.09 -23.31 50.41
N LEU E 130 16.79 -22.65 49.49
CA LEU E 130 17.83 -23.28 48.69
C LEU E 130 19.04 -22.36 48.63
N ARG E 131 20.20 -22.94 48.32
CA ARG E 131 21.43 -22.15 48.19
C ARG E 131 22.13 -22.35 46.85
N ALA E 132 21.65 -23.26 46.01
CA ALA E 132 22.28 -23.50 44.72
C ALA E 132 21.29 -24.27 43.84
N LEU E 133 21.52 -24.22 42.53
CA LEU E 133 20.70 -24.92 41.55
C LEU E 133 21.40 -24.85 40.20
N ARG E 134 21.35 -25.95 39.45
CA ARG E 134 21.94 -25.99 38.12
C ARG E 134 21.15 -26.95 37.23
N LEU E 135 20.96 -26.55 35.98
CA LEU E 135 20.28 -27.37 34.99
C LEU E 135 21.30 -28.09 34.11
N GLU E 136 21.01 -29.34 33.78
CA GLU E 136 21.97 -30.19 33.08
C GLU E 136 21.48 -30.63 31.70
N ASP E 137 20.28 -31.20 31.58
CA ASP E 137 19.87 -31.77 30.31
C ASP E 137 18.35 -31.69 30.17
N LEU E 138 17.91 -31.89 28.93
CA LEU E 138 16.49 -31.89 28.59
C LEU E 138 16.23 -32.97 27.55
N ARG E 139 14.97 -33.39 27.44
CA ARG E 139 14.55 -34.39 26.45
C ARG E 139 13.37 -33.83 25.68
N ILE E 140 13.55 -33.60 24.39
CA ILE E 140 12.51 -33.03 23.53
C ILE E 140 11.84 -34.17 22.77
N PRO E 141 10.55 -34.42 22.99
CA PRO E 141 9.88 -35.50 22.28
C PRO E 141 9.73 -35.19 20.80
N PRO E 142 9.68 -36.21 19.94
CA PRO E 142 9.51 -35.94 18.50
C PRO E 142 8.20 -35.28 18.14
N ALA E 143 7.17 -35.39 18.99
CA ALA E 143 5.89 -34.77 18.70
C ALA E 143 5.89 -33.27 18.94
N TYR E 144 6.94 -32.72 19.54
CA TYR E 144 7.02 -31.30 19.82
C TYR E 144 7.97 -30.56 18.90
N SER E 145 9.00 -31.21 18.39
CA SER E 145 9.98 -30.55 17.53
C SER E 145 9.53 -30.47 16.08
N LYS E 146 8.40 -31.08 15.72
CA LYS E 146 7.91 -31.02 14.35
C LYS E 146 7.18 -29.73 14.04
N THR E 147 6.94 -28.88 15.04
CA THR E 147 6.23 -27.62 14.82
C THR E 147 7.19 -26.45 14.57
N PHE E 148 8.49 -26.69 14.58
CA PHE E 148 9.49 -25.66 14.32
C PHE E 148 9.99 -25.76 12.88
N GLN E 149 10.68 -24.72 12.45
CA GLN E 149 11.23 -24.69 11.09
C GLN E 149 12.63 -25.27 11.01
N GLY E 150 13.49 -24.96 11.98
CA GLY E 150 14.83 -25.50 11.99
C GLY E 150 15.80 -24.65 11.18
N PRO E 151 16.99 -25.18 10.94
CA PRO E 151 17.98 -24.43 10.17
C PRO E 151 17.47 -24.15 8.77
N PRO E 152 17.82 -23.00 8.20
CA PRO E 152 17.37 -22.66 6.85
C PRO E 152 17.87 -23.63 5.78
N HIS E 153 19.17 -23.89 5.76
CA HIS E 153 19.78 -24.68 4.70
C HIS E 153 20.35 -26.00 5.21
N GLY E 154 21.27 -25.97 6.17
CA GLY E 154 21.87 -27.19 6.67
C GLY E 154 23.34 -27.32 6.34
N ILE E 155 23.81 -28.55 6.15
CA ILE E 155 25.21 -28.80 5.87
C ILE E 155 25.41 -29.12 4.39
N GLN E 156 24.61 -30.06 3.88
CA GLN E 156 24.76 -30.52 2.50
C GLN E 156 24.46 -29.42 1.49
N VAL E 157 23.35 -28.70 1.67
CA VAL E 157 23.01 -27.62 0.76
C VAL E 157 24.03 -26.49 0.80
N GLU E 158 24.58 -26.20 1.98
CA GLU E 158 25.60 -25.17 2.08
C GLU E 158 26.88 -25.56 1.35
N ARG E 159 27.27 -26.84 1.42
CA ARG E 159 28.44 -27.31 0.70
C ARG E 159 28.21 -27.37 -0.81
N ASP E 160 26.99 -27.71 -1.25
CA ASP E 160 26.74 -27.83 -2.67
C ASP E 160 26.82 -26.48 -3.39
N LYS E 161 26.37 -25.41 -2.74
CA LYS E 161 26.34 -24.11 -3.40
C LYS E 161 27.73 -23.54 -3.61
N LEU E 162 28.65 -23.77 -2.68
CA LEU E 162 29.99 -23.20 -2.77
C LEU E 162 30.97 -24.06 -3.56
N ASN E 163 30.60 -25.30 -3.89
CA ASN E 163 31.44 -26.20 -4.67
C ASN E 163 32.80 -26.41 -4.01
N LYS E 164 32.77 -26.91 -2.78
CA LYS E 164 33.98 -27.17 -2.01
C LYS E 164 33.84 -28.50 -1.30
N TYR E 165 34.73 -29.44 -1.60
CA TYR E 165 34.71 -30.76 -0.99
C TYR E 165 36.11 -31.19 -0.62
N GLY E 166 36.22 -31.96 0.47
CA GLY E 166 37.44 -32.70 0.79
C GLY E 166 38.12 -32.24 2.08
N ARG E 167 38.13 -30.94 2.35
CA ARG E 167 38.95 -30.40 3.42
C ARG E 167 38.13 -29.40 4.21
N PRO E 168 38.53 -29.11 5.44
CA PRO E 168 37.87 -28.04 6.20
C PRO E 168 38.04 -26.68 5.53
N LEU E 169 37.36 -25.69 6.07
CA LEU E 169 37.37 -24.34 5.53
C LEU E 169 38.24 -23.42 6.38
N LEU E 170 38.56 -22.27 5.81
CA LEU E 170 39.46 -21.30 6.44
C LEU E 170 38.82 -19.93 6.47
N GLY E 171 39.28 -19.10 7.40
CA GLY E 171 38.75 -17.75 7.54
C GLY E 171 39.67 -16.90 8.38
N CYS E 172 39.32 -15.61 8.46
CA CYS E 172 40.12 -14.64 9.19
C CYS E 172 39.23 -13.48 9.61
N THR E 173 39.73 -12.69 10.56
CA THR E 173 39.02 -11.52 11.05
C THR E 173 39.98 -10.34 11.13
N ILE E 174 39.44 -9.14 11.02
CA ILE E 174 40.25 -7.92 10.88
C ILE E 174 40.50 -7.31 12.26
N LYS E 175 41.75 -6.88 12.48
CA LYS E 175 42.14 -6.18 13.68
C LYS E 175 42.86 -4.91 13.23
N PRO E 176 42.86 -3.82 14.03
CA PRO E 176 42.32 -3.67 15.39
C PRO E 176 40.81 -3.70 15.45
N LYS E 177 40.25 -3.90 16.64
CA LYS E 177 38.81 -4.07 16.78
C LYS E 177 38.06 -2.80 16.38
N LEU E 178 38.57 -1.64 16.80
CA LEU E 178 37.91 -0.36 16.52
C LEU E 178 38.96 0.70 16.24
N GLY E 179 38.69 1.55 15.26
CA GLY E 179 39.57 2.67 14.99
C GLY E 179 39.89 2.92 13.53
N LEU E 180 39.52 1.98 12.66
CA LEU E 180 39.87 2.09 11.25
C LEU E 180 38.80 2.89 10.50
N SER E 181 39.20 3.41 9.34
CA SER E 181 38.31 4.19 8.50
C SER E 181 37.54 3.26 7.57
N ALA E 182 36.85 3.82 6.58
CA ALA E 182 36.04 3.03 5.67
C ALA E 182 36.80 2.51 4.46
N LYS E 183 37.83 3.23 4.01
CA LYS E 183 38.62 2.78 2.87
C LYS E 183 39.77 1.86 3.28
N ASN E 184 40.45 2.19 4.37
CA ASN E 184 41.48 1.29 4.89
C ASN E 184 40.90 -0.05 5.32
N TYR E 185 39.66 -0.06 5.80
CA TYR E 185 39.01 -1.32 6.14
C TYR E 185 38.83 -2.20 4.92
N GLY E 186 38.40 -1.61 3.80
CA GLY E 186 38.24 -2.38 2.58
C GLY E 186 39.52 -2.75 1.88
N ARG E 187 40.59 -1.98 2.10
CA ARG E 187 41.86 -2.28 1.46
C ARG E 187 42.47 -3.60 1.95
N ALA E 188 42.39 -3.90 3.24
CA ALA E 188 43.00 -5.11 3.76
C ALA E 188 42.24 -6.37 3.36
N VAL E 189 40.94 -6.26 3.13
CA VAL E 189 40.14 -7.43 2.77
C VAL E 189 40.62 -8.01 1.44
N TYR E 190 40.89 -7.16 0.46
CA TYR E 190 41.37 -7.63 -0.83
C TYR E 190 42.69 -8.37 -0.70
N GLU E 191 43.62 -7.81 0.08
CA GLU E 191 44.92 -8.45 0.28
C GLU E 191 44.76 -9.79 0.96
N CYS E 192 43.91 -9.86 1.98
CA CYS E 192 43.70 -11.13 2.68
C CYS E 192 43.06 -12.17 1.77
N LEU E 193 42.11 -11.75 0.93
CA LEU E 193 41.37 -12.70 0.11
C LEU E 193 42.19 -13.20 -1.07
N ARG E 194 43.04 -12.36 -1.65
CA ARG E 194 43.82 -12.79 -2.80
C ARG E 194 44.90 -13.79 -2.46
N GLY E 195 45.16 -14.04 -1.18
CA GLY E 195 46.23 -14.93 -0.78
C GLY E 195 45.86 -16.41 -0.78
N GLY E 196 44.59 -16.72 -0.60
CA GLY E 196 44.17 -18.11 -0.59
C GLY E 196 43.12 -18.49 0.43
N LEU E 197 42.67 -17.53 1.23
CA LEU E 197 41.64 -17.81 2.22
C LEU E 197 40.28 -17.94 1.56
N ASP E 198 39.26 -18.22 2.36
CA ASP E 198 37.90 -18.43 1.87
C ASP E 198 36.91 -17.42 2.40
N PHE E 199 36.97 -17.08 3.68
CA PHE E 199 36.01 -16.17 4.30
C PHE E 199 36.74 -15.01 4.97
N THR E 200 35.97 -14.02 5.40
CA THR E 200 36.50 -12.88 6.13
C THR E 200 35.40 -12.27 6.99
N KCX E 201 35.68 -12.11 8.28
CA KCX E 201 34.66 -11.77 9.25
CB KCX E 201 34.71 -12.78 10.41
CG KCX E 201 33.85 -12.45 11.62
CD KCX E 201 33.94 -13.57 12.64
CE KCX E 201 33.28 -13.16 13.94
NZ KCX E 201 34.09 -12.16 14.68
C KCX E 201 34.81 -10.34 9.79
O KCX E 201 35.91 -9.83 9.89
CX KCX E 201 34.86 -12.58 15.69
OQ1 KCX E 201 34.89 -13.78 15.99
OQ2 KCX E 201 35.55 -11.76 16.32
N ASP E 202 33.69 -9.71 10.11
CA ASP E 202 33.69 -8.39 10.74
C ASP E 202 34.17 -8.49 12.19
N ASP E 203 33.34 -8.02 13.12
CA ASP E 203 33.65 -8.10 14.54
C ASP E 203 32.37 -8.01 15.35
N GLU E 204 32.41 -8.44 16.62
CA GLU E 204 31.18 -8.49 17.40
C GLU E 204 30.63 -7.11 17.71
N ASN E 205 31.50 -6.14 18.00
CA ASN E 205 31.07 -4.82 18.43
C ASN E 205 31.26 -3.75 17.36
N VAL E 206 31.01 -4.07 16.10
CA VAL E 206 31.12 -3.11 15.01
C VAL E 206 29.78 -3.07 14.29
N ASN E 207 28.95 -2.08 14.64
CA ASN E 207 27.66 -1.93 13.96
C ASN E 207 27.60 -0.61 13.19
N SER E 208 27.75 0.51 13.90
CA SER E 208 27.73 1.83 13.28
C SER E 208 28.24 2.83 14.31
N GLN E 209 29.24 3.60 13.94
CA GLN E 209 29.91 4.51 14.87
C GLN E 209 30.39 5.74 14.12
N PRO E 210 30.67 6.82 14.82
CA PRO E 210 31.04 8.07 14.12
C PRO E 210 32.24 7.94 13.20
N PHE E 211 33.20 7.08 13.49
CA PHE E 211 34.37 6.97 12.63
C PHE E 211 34.10 6.14 11.38
N MET E 212 33.02 5.37 11.36
CA MET E 212 32.71 4.53 10.19
C MET E 212 31.25 4.12 10.26
N ARG E 213 30.48 4.46 9.23
CA ARG E 213 29.10 4.04 9.11
C ARG E 213 29.01 2.78 8.24
N TRP E 214 27.80 2.26 8.09
CA TRP E 214 27.64 0.96 7.45
C TRP E 214 27.36 1.04 5.96
N ARG E 215 26.58 2.02 5.52
CA ARG E 215 26.14 2.02 4.12
C ARG E 215 27.28 2.20 3.13
N ASP E 216 28.40 2.77 3.55
CA ASP E 216 29.57 2.88 2.68
C ASP E 216 30.57 1.76 2.89
N ARG E 217 30.65 1.22 4.10
CA ARG E 217 31.48 0.04 4.33
C ARG E 217 30.99 -1.12 3.49
N PHE E 218 29.66 -1.28 3.38
CA PHE E 218 29.11 -2.33 2.51
C PHE E 218 29.61 -2.17 1.08
N LEU E 219 29.54 -0.95 0.55
CA LEU E 219 29.95 -0.69 -0.83
C LEU E 219 31.44 -0.96 -1.03
N PHE E 220 32.27 -0.51 -0.08
CA PHE E 220 33.71 -0.70 -0.24
C PHE E 220 34.10 -2.16 -0.13
N VAL E 221 33.40 -2.96 0.68
CA VAL E 221 33.67 -4.39 0.72
C VAL E 221 33.22 -5.07 -0.57
N ALA E 222 32.04 -4.67 -1.07
CA ALA E 222 31.53 -5.27 -2.31
C ALA E 222 32.45 -4.99 -3.48
N GLU E 223 33.03 -3.79 -3.55
CA GLU E 223 33.95 -3.50 -4.64
C GLU E 223 35.17 -4.41 -4.61
N ALA E 224 35.73 -4.67 -3.43
CA ALA E 224 36.91 -5.50 -3.32
C ALA E 224 36.64 -6.98 -3.57
N ILE E 225 35.45 -7.46 -3.20
CA ILE E 225 35.15 -8.89 -3.38
C ILE E 225 35.20 -9.26 -4.85
N PHE E 226 34.58 -8.44 -5.70
CA PHE E 226 34.55 -8.75 -7.14
C PHE E 226 35.95 -8.76 -7.74
N LYS E 227 36.78 -7.79 -7.37
CA LYS E 227 38.14 -7.75 -7.91
C LYS E 227 38.96 -8.95 -7.45
N SER E 228 38.82 -9.34 -6.18
CA SER E 228 39.57 -10.48 -5.67
C SER E 228 39.08 -11.81 -6.22
N GLN E 229 37.80 -11.90 -6.60
CA GLN E 229 37.25 -13.15 -7.10
C GLN E 229 37.67 -13.48 -8.54
N ALA E 230 37.80 -12.47 -9.40
CA ALA E 230 38.06 -12.69 -10.81
C ALA E 230 39.53 -12.88 -11.14
N GLU E 231 40.41 -12.87 -10.13
CA GLU E 231 41.84 -13.02 -10.35
C GLU E 231 42.34 -14.44 -10.06
N THR E 232 41.70 -15.16 -9.15
CA THR E 232 42.13 -16.52 -8.82
C THR E 232 41.14 -17.55 -9.35
N GLY E 233 39.92 -17.11 -9.66
CA GLY E 233 38.92 -18.01 -10.19
C GLY E 233 38.29 -18.93 -9.16
N GLU E 234 37.96 -18.41 -7.99
CA GLU E 234 37.29 -19.20 -6.96
C GLU E 234 36.25 -18.32 -6.27
N ILE E 235 35.27 -18.98 -5.65
CA ILE E 235 34.18 -18.27 -4.98
C ILE E 235 34.63 -17.80 -3.62
N LYS E 236 34.40 -16.52 -3.31
CA LYS E 236 34.79 -15.92 -2.06
C LYS E 236 33.60 -15.20 -1.42
N GLY E 237 33.65 -15.03 -0.10
CA GLY E 237 32.57 -14.41 0.63
C GLY E 237 33.07 -13.65 1.84
N HIS E 238 32.14 -13.00 2.54
CA HIS E 238 32.46 -12.17 3.70
C HIS E 238 31.22 -11.91 4.55
N TYR E 239 31.33 -12.11 5.85
CA TYR E 239 30.19 -11.93 6.75
C TYR E 239 29.93 -10.45 6.99
N LEU E 240 28.66 -10.06 6.98
CA LEU E 240 28.26 -8.69 7.26
C LEU E 240 27.39 -8.67 8.51
N ASN E 241 27.77 -7.85 9.49
CA ASN E 241 27.04 -7.77 10.74
C ASN E 241 25.73 -7.04 10.53
N ALA E 242 24.65 -7.57 11.11
CA ALA E 242 23.32 -7.00 10.94
C ALA E 242 22.61 -6.75 12.26
N THR E 243 23.35 -6.72 13.37
CA THR E 243 22.75 -6.40 14.66
C THR E 243 22.40 -4.91 14.71
N ALA E 244 21.26 -4.61 15.33
CA ALA E 244 20.77 -3.25 15.43
C ALA E 244 20.13 -3.07 16.80
N GLY E 245 19.61 -1.87 17.04
CA GLY E 245 18.97 -1.57 18.32
C GLY E 245 17.46 -1.57 18.26
N THR E 246 16.89 -1.73 17.08
CA THR E 246 15.44 -1.76 16.92
C THR E 246 15.11 -2.68 15.75
N CYS E 247 13.87 -3.17 15.72
CA CYS E 247 13.46 -4.20 14.78
C CYS E 247 13.22 -3.69 13.36
N GLU E 248 12.99 -2.39 13.18
CA GLU E 248 12.86 -1.84 11.84
C GLU E 248 14.19 -1.36 11.27
N GLU E 249 15.23 -1.24 12.09
CA GLU E 249 16.56 -0.97 11.58
C GLU E 249 17.30 -2.24 11.21
N MET E 250 17.01 -3.36 11.86
CA MET E 250 17.64 -4.62 11.51
C MET E 250 17.17 -5.15 10.16
N MET E 251 15.90 -4.93 9.81
CA MET E 251 15.36 -5.41 8.55
C MET E 251 15.66 -4.49 7.38
N LYS E 252 16.26 -3.32 7.64
CA LYS E 252 16.72 -2.45 6.56
C LYS E 252 18.14 -2.78 6.12
N ARG E 253 18.94 -3.38 6.99
CA ARG E 253 20.30 -3.77 6.63
C ARG E 253 20.37 -5.13 5.94
N ALA E 254 19.34 -5.96 6.10
CA ALA E 254 19.28 -7.25 5.43
C ALA E 254 18.68 -7.17 4.04
N GLN E 255 18.05 -6.06 3.68
CA GLN E 255 17.52 -5.88 2.33
C GLN E 255 18.53 -5.26 1.39
N PHE E 256 19.46 -4.46 1.90
CA PHE E 256 20.52 -3.91 1.06
C PHE E 256 21.53 -4.96 0.64
N ALA E 257 21.73 -6.01 1.46
CA ALA E 257 22.65 -7.08 1.10
C ALA E 257 22.12 -7.96 -0.01
N ARG E 258 20.80 -8.16 -0.07
CA ARG E 258 20.22 -8.96 -1.15
C ARG E 258 20.30 -8.25 -2.49
N GLU E 259 20.18 -6.92 -2.49
CA GLU E 259 20.28 -6.14 -3.72
C GLU E 259 21.64 -6.25 -4.38
N LEU E 260 22.72 -6.20 -3.62
CA LEU E 260 24.07 -6.31 -4.17
C LEU E 260 24.43 -7.73 -4.57
N GLY E 261 23.86 -8.73 -3.92
CA GLY E 261 24.16 -10.12 -4.24
C GLY E 261 25.18 -10.74 -3.31
N MET E 262 25.06 -10.48 -1.99
CA MET E 262 25.97 -11.06 -1.03
C MET E 262 25.41 -12.36 -0.47
N PRO E 263 26.26 -13.33 -0.14
CA PRO E 263 25.75 -14.67 0.21
C PRO E 263 25.48 -14.92 1.68
N ILE E 264 25.97 -14.10 2.61
CA ILE E 264 25.95 -14.47 4.01
C ILE E 264 25.87 -13.23 4.89
N VAL E 265 25.23 -13.37 6.05
CA VAL E 265 25.09 -12.31 7.05
C VAL E 265 25.46 -12.88 8.42
N MET E 266 25.30 -12.05 9.45
CA MET E 266 25.74 -12.40 10.80
C MET E 266 24.79 -11.78 11.83
N HIS E 267 24.67 -12.45 12.97
CA HIS E 267 23.82 -11.97 14.05
C HIS E 267 24.29 -12.54 15.38
N ASP E 268 23.95 -11.85 16.47
CA ASP E 268 24.17 -12.31 17.83
C ASP E 268 22.84 -12.65 18.46
N TYR E 269 22.74 -13.82 19.08
CA TYR E 269 21.46 -14.35 19.51
C TYR E 269 21.25 -14.34 21.02
N LEU E 270 22.24 -13.90 21.80
CA LEU E 270 22.08 -13.87 23.25
C LEU E 270 21.86 -12.49 23.81
N THR E 271 22.35 -11.44 23.14
CA THR E 271 22.06 -10.07 23.56
C THR E 271 20.91 -9.45 22.80
N GLY E 272 20.62 -9.92 21.57
CA GLY E 272 19.48 -9.42 20.84
C GLY E 272 18.18 -10.10 21.19
N GLY E 273 18.24 -11.32 21.71
CA GLY E 273 17.06 -12.05 22.12
C GLY E 273 16.65 -13.09 21.09
N PHE E 274 15.67 -13.91 21.49
CA PHE E 274 15.16 -14.97 20.64
C PHE E 274 14.12 -14.49 19.65
N THR E 275 13.27 -13.53 20.04
CA THR E 275 12.21 -13.06 19.17
C THR E 275 12.76 -12.43 17.90
N ALA E 276 13.81 -11.62 18.03
CA ALA E 276 14.47 -11.04 16.86
C ALA E 276 15.15 -12.09 15.99
N ASN E 277 15.74 -13.12 16.61
CA ASN E 277 16.41 -14.17 15.85
C ASN E 277 15.44 -15.00 15.02
N THR E 278 14.27 -15.30 15.57
CA THR E 278 13.30 -16.13 14.85
C THR E 278 12.73 -15.44 13.61
N THR E 279 12.68 -14.11 13.58
CA THR E 279 12.25 -13.41 12.38
C THR E 279 13.34 -13.38 11.31
N LEU E 280 14.58 -13.17 11.73
CA LEU E 280 15.69 -13.18 10.79
C LEU E 280 15.84 -14.55 10.14
N ALA E 281 15.61 -15.62 10.90
CA ALA E 281 15.66 -16.95 10.32
C ALA E 281 14.63 -17.12 9.21
N HIS E 282 13.40 -16.65 9.46
CA HIS E 282 12.35 -16.76 8.44
C HIS E 282 12.71 -15.94 7.20
N TYR E 283 13.22 -14.72 7.40
CA TYR E 283 13.59 -13.90 6.25
C TYR E 283 14.69 -14.55 5.43
N CYS E 284 15.71 -15.10 6.11
CA CYS E 284 16.79 -15.76 5.38
C CYS E 284 16.29 -16.98 4.64
N ARG E 285 15.37 -17.75 5.23
CA ARG E 285 14.80 -18.88 4.52
C ARG E 285 14.04 -18.45 3.28
N ASP E 286 13.29 -17.35 3.39
CA ASP E 286 12.46 -16.89 2.28
C ASP E 286 13.23 -16.09 1.24
N ASN E 287 14.49 -15.73 1.48
CA ASN E 287 15.26 -14.98 0.51
C ASN E 287 16.60 -15.61 0.14
N GLY E 288 16.85 -16.84 0.59
CA GLY E 288 18.04 -17.56 0.16
C GLY E 288 19.37 -17.00 0.60
N LEU E 289 19.53 -16.72 1.89
CA LEU E 289 20.79 -16.26 2.44
C LEU E 289 21.31 -17.25 3.47
N LEU E 290 22.53 -17.02 3.94
CA LEU E 290 23.16 -17.86 4.94
C LEU E 290 23.36 -17.06 6.23
N LEU E 291 23.20 -17.73 7.37
CA LEU E 291 23.22 -17.08 8.67
C LEU E 291 24.35 -17.64 9.52
N HIS E 292 25.09 -16.74 10.18
CA HIS E 292 26.19 -17.10 11.07
C HIS E 292 25.90 -16.55 12.46
N ILE E 293 26.10 -17.37 13.48
CA ILE E 293 25.69 -17.05 14.85
C ILE E 293 26.93 -16.93 15.72
N HIS E 294 27.01 -15.84 16.48
CA HIS E 294 28.10 -15.58 17.40
C HIS E 294 27.55 -15.60 18.82
N ARG E 295 28.20 -16.36 19.70
CA ARG E 295 27.76 -16.50 21.10
C ARG E 295 28.51 -15.47 21.94
N ALA E 296 27.80 -14.44 22.38
CA ALA E 296 28.35 -13.42 23.25
C ALA E 296 27.58 -13.41 24.56
N MET E 297 28.27 -13.05 25.64
CA MET E 297 27.68 -13.04 26.98
C MET E 297 27.16 -14.43 27.32
N HIS E 298 28.05 -15.41 27.39
CA HIS E 298 27.67 -16.77 27.75
C HIS E 298 28.44 -17.31 28.95
N ALA E 299 29.54 -16.69 29.34
CA ALA E 299 30.27 -17.11 30.53
C ALA E 299 29.64 -16.59 31.81
N VAL E 300 28.71 -15.65 31.73
CA VAL E 300 27.99 -15.19 32.90
C VAL E 300 27.03 -16.24 33.44
N ILE E 301 26.48 -17.09 32.58
CA ILE E 301 25.60 -18.16 33.00
C ILE E 301 26.35 -19.47 33.20
N ASP E 302 27.37 -19.75 32.40
CA ASP E 302 28.16 -20.97 32.49
C ASP E 302 29.34 -20.76 33.44
N ARG E 303 30.33 -21.65 33.35
CA ARG E 303 31.62 -21.58 34.05
C ARG E 303 31.55 -22.20 35.44
N GLN E 304 30.85 -21.56 36.37
CA GLN E 304 30.74 -22.11 37.71
C GLN E 304 29.89 -23.37 37.70
N ARG E 305 30.28 -24.34 38.53
CA ARG E 305 29.70 -25.68 38.50
C ARG E 305 28.64 -25.90 39.58
N ASN E 306 28.25 -24.84 40.29
CA ASN E 306 27.17 -25.03 41.27
C ASN E 306 26.03 -24.03 41.09
N HIS E 307 25.97 -23.29 39.97
CA HIS E 307 24.89 -22.34 39.74
C HIS E 307 24.87 -21.91 38.28
N GLY E 308 23.70 -21.97 37.64
CA GLY E 308 23.54 -21.50 36.28
C GLY E 308 23.00 -22.59 35.36
N ILE E 309 23.34 -22.46 34.07
CA ILE E 309 22.89 -23.38 33.04
C ILE E 309 24.09 -23.84 32.22
N HIS E 310 24.14 -25.12 31.92
CA HIS E 310 25.20 -25.68 31.08
C HIS E 310 25.00 -25.23 29.63
N PHE E 311 26.08 -25.27 28.85
CA PHE E 311 26.03 -24.87 27.45
C PHE E 311 25.35 -25.90 26.55
N ARG E 312 25.37 -27.17 26.92
CA ARG E 312 24.75 -28.19 26.08
C ARG E 312 23.24 -28.01 25.99
N VAL E 313 22.64 -27.33 26.96
CA VAL E 313 21.22 -27.00 26.91
C VAL E 313 20.95 -25.80 26.00
N LEU E 314 21.78 -24.77 26.10
CA LEU E 314 21.65 -23.63 25.20
C LEU E 314 21.94 -24.00 23.75
N ALA E 315 22.74 -25.03 23.52
CA ALA E 315 23.03 -25.46 22.16
C ALA E 315 21.79 -26.03 21.46
N LYS E 316 20.98 -26.81 22.17
CA LYS E 316 19.81 -27.42 21.56
C LYS E 316 18.75 -26.40 21.15
N ALA E 317 18.60 -25.32 21.91
CA ALA E 317 17.62 -24.31 21.55
C ALA E 317 17.96 -23.62 20.23
N LEU E 318 19.24 -23.37 19.97
CA LEU E 318 19.64 -22.73 18.74
C LEU E 318 19.30 -23.59 17.52
N ARG E 319 19.42 -24.90 17.65
CA ARG E 319 19.10 -25.78 16.53
C ARG E 319 17.63 -25.67 16.14
N MET E 320 16.75 -25.59 17.13
CA MET E 320 15.32 -25.46 16.82
C MET E 320 14.99 -24.05 16.35
N SER E 321 15.66 -23.03 16.89
CA SER E 321 15.36 -21.67 16.50
C SER E 321 15.79 -21.39 15.06
N GLY E 322 17.02 -21.77 14.70
CA GLY E 322 17.49 -21.61 13.34
C GLY E 322 18.88 -21.04 13.20
N GLY E 323 19.72 -21.70 12.42
CA GLY E 323 21.07 -21.21 12.19
C GLY E 323 21.86 -22.21 11.38
N ASP E 324 22.99 -21.74 10.85
CA ASP E 324 23.88 -22.57 10.05
C ASP E 324 25.24 -22.78 10.68
N HIS E 325 25.90 -21.73 11.16
CA HIS E 325 27.17 -21.85 11.86
C HIS E 325 26.97 -21.49 13.33
N ILE E 326 27.88 -21.98 14.16
CA ILE E 326 27.86 -21.63 15.58
C ILE E 326 29.27 -21.80 16.12
N HIS E 327 29.63 -20.93 17.07
CA HIS E 327 30.94 -21.01 17.70
C HIS E 327 30.94 -22.11 18.75
N SER E 328 32.03 -22.89 18.79
CA SER E 328 32.14 -23.99 19.73
C SER E 328 33.39 -23.91 20.60
N GLY E 329 34.34 -23.05 20.27
CA GLY E 329 35.54 -22.90 21.06
C GLY E 329 36.56 -23.98 20.79
N THR E 330 37.80 -23.71 21.20
CA THR E 330 38.91 -24.63 21.04
C THR E 330 39.32 -25.21 22.39
N VAL E 331 40.30 -26.11 22.34
CA VAL E 331 40.78 -26.79 23.53
C VAL E 331 42.21 -26.39 23.88
N VAL E 332 42.91 -25.73 22.95
CA VAL E 332 44.31 -25.38 23.16
C VAL E 332 44.50 -23.88 22.99
N GLY E 333 43.42 -23.12 23.08
CA GLY E 333 43.48 -21.69 22.88
C GLY E 333 43.64 -20.91 24.17
N LYS E 334 43.23 -19.64 24.16
CA LYS E 334 43.33 -18.77 25.33
C LYS E 334 42.06 -18.72 26.15
N LEU E 335 41.06 -19.55 25.83
CA LEU E 335 39.80 -19.59 26.57
C LEU E 335 39.54 -21.01 27.06
N GLU E 336 38.73 -21.10 28.12
CA GLU E 336 38.51 -22.37 28.80
C GLU E 336 37.74 -23.34 27.91
N GLY E 337 38.12 -24.62 28.02
CA GLY E 337 37.45 -25.69 27.32
C GLY E 337 37.98 -27.04 27.74
N GLU E 338 37.20 -28.10 27.54
CA GLU E 338 37.61 -29.44 27.90
C GLU E 338 37.29 -30.40 26.75
N ARG E 339 38.05 -31.50 26.70
CA ARG E 339 37.99 -32.42 25.58
C ARG E 339 36.78 -33.34 25.61
N GLU E 340 36.56 -34.04 26.73
CA GLU E 340 35.49 -35.01 26.84
C GLU E 340 34.10 -34.39 26.77
N VAL E 341 33.97 -33.10 27.05
CA VAL E 341 32.70 -32.41 26.96
C VAL E 341 32.45 -31.88 25.56
N THR E 342 33.48 -31.30 24.93
CA THR E 342 33.34 -30.83 23.56
C THR E 342 33.04 -32.00 22.62
N LEU E 343 33.77 -33.10 22.78
CA LEU E 343 33.48 -34.29 21.97
C LEU E 343 32.07 -34.81 22.23
N GLY E 344 31.56 -34.61 23.45
CA GLY E 344 30.21 -35.04 23.76
C GLY E 344 29.13 -34.20 23.10
N PHE E 345 29.28 -32.87 23.13
CA PHE E 345 28.20 -32.03 22.64
C PHE E 345 28.39 -31.60 21.18
N VAL E 346 29.47 -32.00 20.52
CA VAL E 346 29.52 -31.84 19.06
C VAL E 346 28.55 -32.80 18.39
N ASP E 347 28.45 -34.03 18.91
CA ASP E 347 27.55 -35.01 18.34
C ASP E 347 26.09 -34.56 18.41
N LEU E 348 25.69 -33.95 19.51
CA LEU E 348 24.34 -33.41 19.63
C LEU E 348 24.05 -32.33 18.60
N LEU E 349 25.07 -31.71 18.02
CA LEU E 349 24.90 -30.71 16.99
C LEU E 349 24.96 -31.28 15.57
N ARG E 350 25.75 -32.33 15.34
CA ARG E 350 25.94 -32.84 13.99
C ARG E 350 25.21 -34.13 13.67
N ASP E 351 24.91 -34.97 14.66
CA ASP E 351 24.40 -36.30 14.38
C ASP E 351 22.87 -36.30 14.26
N ASP E 352 22.32 -37.50 14.07
CA ASP E 352 20.89 -37.69 13.92
C ASP E 352 20.30 -38.63 14.97
N TYR E 353 21.12 -39.36 15.71
CA TYR E 353 20.62 -40.28 16.73
C TYR E 353 21.74 -40.51 17.74
N ILE E 354 21.53 -40.10 18.98
CA ILE E 354 22.55 -40.19 20.02
C ILE E 354 22.02 -41.08 21.13
N GLU E 355 22.92 -41.80 21.79
CA GLU E 355 22.58 -42.73 22.85
C GLU E 355 23.13 -42.24 24.18
N LYS E 356 22.55 -42.74 25.27
CA LYS E 356 22.93 -42.30 26.60
C LYS E 356 24.36 -42.69 26.91
N ASP E 357 25.09 -41.78 27.55
CA ASP E 357 26.48 -42.01 27.93
C ASP E 357 26.82 -41.05 29.05
N ARG E 358 27.08 -41.58 30.25
CA ARG E 358 27.38 -40.75 31.41
C ARG E 358 28.85 -40.36 31.50
N SER E 359 29.73 -41.00 30.72
CA SER E 359 31.13 -40.61 30.71
C SER E 359 31.38 -39.35 29.89
N ARG E 360 30.39 -38.90 29.11
CA ARG E 360 30.51 -37.68 28.33
C ARG E 360 29.47 -36.65 28.71
N GLY E 361 28.63 -36.92 29.71
CA GLY E 361 27.67 -35.97 30.24
C GLY E 361 26.25 -36.13 29.74
N ILE E 362 26.02 -37.06 28.81
CA ILE E 362 24.67 -37.24 28.26
C ILE E 362 23.82 -38.05 29.24
N TYR E 363 22.62 -37.56 29.52
CA TYR E 363 21.71 -38.23 30.44
C TYR E 363 20.55 -38.95 29.74
N PHE E 364 20.10 -38.46 28.59
CA PHE E 364 18.91 -38.99 27.94
C PHE E 364 19.24 -39.40 26.51
N THR E 365 18.29 -40.10 25.89
CA THR E 365 18.39 -40.51 24.50
C THR E 365 17.59 -39.56 23.63
N GLN E 366 18.18 -39.13 22.51
CA GLN E 366 17.59 -38.11 21.66
C GLN E 366 17.63 -38.53 20.20
N ASP E 367 16.54 -38.26 19.48
CA ASP E 367 16.49 -38.44 18.04
C ASP E 367 15.81 -37.23 17.42
N TRP E 368 16.35 -36.77 16.28
CA TRP E 368 15.94 -35.51 15.67
C TRP E 368 15.02 -35.69 14.47
N VAL E 369 14.57 -36.92 14.20
CA VAL E 369 13.69 -37.28 13.08
C VAL E 369 13.95 -36.45 11.83
N SER E 370 15.16 -36.56 11.29
CA SER E 370 15.51 -35.97 9.99
C SER E 370 15.41 -34.44 10.00
N MET E 371 16.24 -33.81 10.82
CA MET E 371 16.40 -32.37 10.76
C MET E 371 17.87 -32.02 10.52
N PRO E 372 18.17 -31.08 9.63
CA PRO E 372 19.56 -30.82 9.26
C PRO E 372 20.39 -30.32 10.43
N GLY E 373 21.69 -30.63 10.40
CA GLY E 373 22.61 -30.23 11.43
C GLY E 373 23.27 -28.89 11.14
N VAL E 374 24.27 -28.57 11.97
CA VAL E 374 24.99 -27.30 11.87
C VAL E 374 26.50 -27.57 11.92
N LEU E 375 27.26 -26.57 11.50
CA LEU E 375 28.72 -26.61 11.41
C LEU E 375 29.36 -25.90 12.61
N PRO E 376 30.17 -26.59 13.39
CA PRO E 376 30.88 -25.94 14.48
C PRO E 376 32.10 -25.15 14.00
N VAL E 377 32.47 -24.15 14.80
CA VAL E 377 33.54 -23.22 14.46
C VAL E 377 34.52 -23.15 15.63
N ALA E 378 35.82 -23.20 15.33
CA ALA E 378 36.86 -23.10 16.34
C ALA E 378 37.68 -21.84 16.11
N SER E 379 37.90 -21.06 17.17
CA SER E 379 38.61 -19.80 17.04
C SER E 379 39.22 -19.39 18.38
N GLY E 380 40.21 -18.52 18.31
CA GLY E 380 40.79 -17.93 19.50
C GLY E 380 42.21 -18.34 19.83
N GLY E 381 43.18 -17.51 19.47
CA GLY E 381 44.56 -17.69 19.87
C GLY E 381 45.25 -18.96 19.40
N ILE E 382 45.25 -19.20 18.08
CA ILE E 382 45.86 -20.39 17.52
C ILE E 382 46.80 -19.98 16.38
N HIS E 383 47.90 -20.72 16.23
CA HIS E 383 48.87 -20.44 15.17
C HIS E 383 49.19 -21.76 14.46
N VAL E 384 50.24 -21.73 13.64
CA VAL E 384 50.50 -22.85 12.71
C VAL E 384 50.83 -24.13 13.46
N TRP E 385 51.57 -24.02 14.56
CA TRP E 385 52.02 -25.20 15.28
C TRP E 385 50.87 -26.03 15.85
N HIS E 386 49.66 -25.46 15.95
CA HIS E 386 48.52 -26.14 16.52
C HIS E 386 47.72 -26.93 15.48
N MET E 387 48.09 -26.84 14.20
CA MET E 387 47.33 -27.44 13.11
C MET E 387 47.20 -28.96 13.20
N PRO E 388 48.28 -29.72 13.46
CA PRO E 388 48.13 -31.18 13.43
C PRO E 388 47.45 -31.74 14.68
N ALA E 389 46.89 -30.87 15.51
CA ALA E 389 46.16 -31.32 16.69
C ALA E 389 44.70 -30.93 16.59
N LEU E 390 44.37 -30.01 15.69
CA LEU E 390 42.99 -29.59 15.46
C LEU E 390 42.30 -30.39 14.38
N THR E 391 43.05 -30.99 13.45
CA THR E 391 42.46 -31.85 12.43
C THR E 391 42.00 -33.19 12.99
N GLU E 392 42.68 -33.70 14.03
CA GLU E 392 42.36 -35.00 14.59
C GLU E 392 41.14 -34.96 15.49
N ILE E 393 40.83 -33.81 16.09
CA ILE E 393 39.71 -33.73 17.02
C ILE E 393 38.39 -33.59 16.27
N PHE E 394 38.24 -32.51 15.52
CA PHE E 394 36.96 -32.20 14.89
C PHE E 394 36.68 -33.08 13.69
N GLY E 395 37.54 -33.03 12.68
CA GLY E 395 37.31 -33.85 11.50
C GLY E 395 37.33 -32.99 10.24
N ASP E 396 36.55 -33.43 9.26
CA ASP E 396 36.48 -32.76 7.97
C ASP E 396 35.31 -31.81 7.83
N ASP E 397 34.51 -31.64 8.87
CA ASP E 397 33.35 -30.76 8.84
C ASP E 397 33.49 -29.73 9.97
N SER E 398 34.18 -28.63 9.67
CA SER E 398 34.40 -27.57 10.65
C SER E 398 34.94 -26.34 9.92
N VAL E 399 35.09 -25.25 10.66
CA VAL E 399 35.64 -24.00 10.16
C VAL E 399 36.75 -23.56 11.09
N LEU E 400 37.89 -23.17 10.53
CA LEU E 400 39.04 -22.73 11.29
C LEU E 400 39.30 -21.26 11.00
N GLN E 401 39.50 -20.48 12.06
CA GLN E 401 39.69 -19.04 11.94
C GLN E 401 40.99 -18.62 12.61
N PHE E 402 41.76 -17.77 11.93
CA PHE E 402 42.99 -17.20 12.48
C PHE E 402 42.88 -15.68 12.38
N GLY E 403 42.79 -15.01 13.52
CA GLY E 403 42.68 -13.57 13.54
C GLY E 403 44.00 -12.85 13.67
N GLY E 404 44.78 -13.20 14.69
CA GLY E 404 46.08 -12.60 14.89
C GLY E 404 47.23 -13.32 14.26
N GLY E 405 47.03 -14.55 13.82
CA GLY E 405 48.06 -15.33 13.16
C GLY E 405 48.28 -15.01 11.71
N THR E 406 47.50 -14.10 11.14
CA THR E 406 47.63 -13.70 9.75
C THR E 406 48.20 -12.29 9.60
N LEU E 407 47.62 -11.31 10.29
CA LEU E 407 48.11 -9.94 10.20
C LEU E 407 49.41 -9.73 10.95
N GLY E 408 49.86 -10.69 11.74
CA GLY E 408 51.11 -10.59 12.47
C GLY E 408 52.32 -11.14 11.75
N HIS E 409 52.17 -11.60 10.52
CA HIS E 409 53.31 -12.14 9.78
C HIS E 409 54.33 -11.05 9.52
N PRO E 410 55.63 -11.34 9.61
CA PRO E 410 56.64 -10.28 9.44
C PRO E 410 56.79 -9.78 8.01
N TRP E 411 56.03 -10.35 7.07
CA TRP E 411 56.15 -9.97 5.67
C TRP E 411 54.91 -9.31 5.09
N GLY E 412 53.77 -9.36 5.76
CA GLY E 412 52.60 -8.67 5.30
C GLY E 412 51.37 -9.56 5.40
N ASN E 413 50.36 -9.24 4.60
CA ASN E 413 49.10 -9.96 4.60
C ASN E 413 49.09 -11.13 3.62
N ALA E 414 49.32 -10.84 2.33
CA ALA E 414 49.28 -11.91 1.34
C ALA E 414 50.31 -13.00 1.60
N PRO E 415 51.58 -12.70 1.90
CA PRO E 415 52.50 -13.80 2.26
C PRO E 415 52.08 -14.56 3.49
N GLY E 416 51.32 -13.94 4.39
CA GLY E 416 50.91 -14.58 5.62
C GLY E 416 49.78 -15.57 5.50
N ALA E 417 49.07 -15.58 4.38
CA ALA E 417 47.97 -16.52 4.18
C ALA E 417 48.39 -17.79 3.45
N VAL E 418 49.48 -17.74 2.69
CA VAL E 418 49.96 -18.95 2.02
C VAL E 418 50.47 -19.96 3.03
N ALA E 419 51.08 -19.48 4.12
CA ALA E 419 51.58 -20.37 5.16
C ALA E 419 50.47 -21.13 5.86
N ASN E 420 49.32 -20.52 6.09
CA ASN E 420 48.21 -21.17 6.75
C ASN E 420 47.48 -22.15 5.85
N ARG E 421 47.70 -22.09 4.53
CA ARG E 421 47.11 -23.04 3.61
C ARG E 421 48.05 -24.20 3.27
N VAL E 422 49.34 -23.92 3.12
CA VAL E 422 50.30 -24.99 2.88
C VAL E 422 50.35 -25.95 4.07
N ALA E 423 50.35 -25.42 5.29
CA ALA E 423 50.37 -26.25 6.49
C ALA E 423 49.15 -27.15 6.62
N LEU E 424 48.00 -26.72 6.09
CA LEU E 424 46.80 -27.54 6.15
C LEU E 424 46.74 -28.57 5.04
N GLU E 425 47.13 -28.18 3.82
CA GLU E 425 47.10 -29.14 2.72
C GLU E 425 48.21 -30.18 2.84
N ALA E 426 49.21 -29.96 3.69
CA ALA E 426 50.22 -30.96 3.99
C ALA E 426 49.80 -31.92 5.08
N CYS E 427 48.99 -31.47 6.04
CA CYS E 427 48.41 -32.35 7.04
C CYS E 427 47.27 -33.20 6.50
N VAL E 428 46.47 -32.67 5.57
CA VAL E 428 45.42 -33.46 4.96
C VAL E 428 45.99 -34.62 4.13
N GLN E 429 47.05 -34.38 3.36
CA GLN E 429 47.65 -35.41 2.53
C GLN E 429 48.32 -36.51 3.33
N ALA E 430 48.93 -36.18 4.47
CA ALA E 430 49.64 -37.17 5.27
C ALA E 430 48.70 -38.06 6.09
N ARG E 431 47.42 -37.74 6.15
CA ARG E 431 46.48 -38.55 6.92
C ARG E 431 45.96 -39.73 6.12
N ASN E 432 45.48 -39.49 4.90
CA ASN E 432 44.94 -40.58 4.09
C ASN E 432 46.05 -41.30 3.33
N GLU E 433 47.12 -41.67 4.03
CA GLU E 433 48.16 -42.51 3.45
C GLU E 433 48.59 -43.55 4.47
N GLY E 434 48.19 -43.37 5.72
CA GLY E 434 48.48 -44.32 6.77
C GLY E 434 49.26 -43.77 7.95
N ARG E 435 49.70 -42.52 7.93
CA ARG E 435 50.49 -42.00 9.04
C ARG E 435 49.57 -41.53 10.17
N ASP E 436 50.18 -41.32 11.34
CA ASP E 436 49.46 -40.93 12.53
C ASP E 436 49.71 -39.45 12.81
N LEU E 437 48.63 -38.70 13.06
CA LEU E 437 48.70 -37.26 13.23
C LEU E 437 48.99 -36.83 14.65
N ALA E 438 48.98 -37.75 15.62
CA ALA E 438 49.18 -37.38 17.01
C ALA E 438 50.65 -37.50 17.41
N ARG E 439 51.23 -38.70 17.23
CA ARG E 439 52.62 -38.91 17.61
C ARG E 439 53.58 -38.10 16.74
N GLU E 440 53.33 -38.06 15.43
CA GLU E 440 54.19 -37.34 14.50
C GLU E 440 53.49 -36.07 14.05
N GLY E 441 53.78 -34.97 14.74
CA GLY E 441 53.18 -33.69 14.41
C GLY E 441 54.19 -32.64 14.03
N ASN E 442 55.43 -32.80 14.50
CA ASN E 442 56.46 -31.83 14.18
C ASN E 442 57.22 -32.22 12.92
N ASP E 443 57.38 -33.53 12.69
CA ASP E 443 58.08 -33.98 11.50
C ASP E 443 57.29 -33.68 10.23
N ILE E 444 55.96 -33.68 10.32
CA ILE E 444 55.15 -33.33 9.17
C ILE E 444 55.34 -31.88 8.75
N ILE E 445 55.52 -30.98 9.71
CA ILE E 445 55.68 -29.57 9.41
C ILE E 445 57.13 -29.19 9.07
N ARG E 446 58.12 -29.74 9.75
CA ARG E 446 59.51 -29.41 9.47
C ARG E 446 59.96 -29.87 8.08
N GLU E 447 59.27 -30.84 7.48
CA GLU E 447 59.54 -31.24 6.11
C GLU E 447 58.85 -30.34 5.08
N ALA E 448 57.62 -29.93 5.36
CA ALA E 448 56.95 -29.00 4.45
C ALA E 448 57.57 -27.61 4.51
N SER E 449 58.29 -27.30 5.59
CA SER E 449 58.93 -26.00 5.73
C SER E 449 60.28 -25.92 5.03
N LYS E 450 60.55 -26.82 4.08
CA LYS E 450 61.81 -26.80 3.37
C LYS E 450 61.68 -26.51 1.88
N TRP E 451 60.46 -26.42 1.35
CA TRP E 451 60.24 -26.01 -0.03
C TRP E 451 59.35 -24.78 -0.14
N SER E 452 58.92 -24.22 0.98
CA SER E 452 58.12 -23.00 1.01
C SER E 452 58.82 -21.97 1.88
N PRO E 453 59.40 -20.92 1.29
CA PRO E 453 60.11 -19.91 2.09
C PRO E 453 59.20 -19.08 2.98
N GLU E 454 57.89 -19.06 2.73
CA GLU E 454 56.96 -18.29 3.54
C GLU E 454 56.54 -19.00 4.82
N LEU E 455 56.80 -20.29 4.95
CA LEU E 455 56.46 -21.02 6.16
C LEU E 455 57.61 -21.07 7.15
N ALA E 456 58.85 -21.12 6.67
CA ALA E 456 60.00 -21.11 7.56
C ALA E 456 60.07 -19.80 8.33
N ALA E 457 59.74 -18.69 7.68
CA ALA E 457 59.73 -17.39 8.36
C ALA E 457 58.70 -17.34 9.46
N ALA E 458 57.52 -17.94 9.26
CA ALA E 458 56.48 -17.96 10.27
C ALA E 458 56.75 -18.95 11.39
N CYS E 459 57.49 -20.02 11.10
CA CYS E 459 57.81 -21.03 12.11
C CYS E 459 58.87 -20.57 13.10
N GLU E 460 59.26 -19.30 13.07
CA GLU E 460 60.27 -18.77 13.97
C GLU E 460 59.76 -17.72 14.94
N VAL E 461 58.79 -16.90 14.53
CA VAL E 461 58.27 -15.87 15.42
C VAL E 461 57.54 -16.49 16.61
N TRP E 462 56.65 -17.44 16.34
CA TRP E 462 55.91 -18.14 17.38
C TRP E 462 56.40 -19.58 17.40
N LYS E 463 57.19 -19.92 18.42
CA LYS E 463 57.74 -21.26 18.56
C LYS E 463 57.55 -21.86 19.94
N GLU E 464 57.43 -21.04 20.99
CA GLU E 464 57.23 -21.56 22.34
C GLU E 464 56.09 -20.86 23.06
N ILE E 465 55.09 -20.38 22.32
CA ILE E 465 53.97 -19.66 22.91
C ILE E 465 52.85 -20.66 23.16
N LYS E 466 52.76 -21.15 24.39
CA LYS E 466 51.75 -22.12 24.78
C LYS E 466 50.96 -21.59 25.98
N PHE E 467 49.67 -21.89 26.01
CA PHE E 467 48.79 -21.50 27.11
C PHE E 467 48.41 -22.74 27.89
N VAL E 468 48.82 -22.81 29.16
CA VAL E 468 48.53 -23.94 30.03
C VAL E 468 48.10 -23.40 31.38
N PHE E 469 46.92 -23.81 31.85
CA PHE E 469 46.41 -23.40 33.14
C PHE E 469 45.51 -24.51 33.69
N GLU E 470 45.01 -24.31 34.90
CA GLU E 470 44.15 -25.29 35.54
C GLU E 470 42.72 -25.19 34.99
N THR E 471 41.83 -25.99 35.56
CA THR E 471 40.44 -26.08 35.12
C THR E 471 39.51 -25.85 36.29
N ILE E 472 38.35 -25.26 36.00
CA ILE E 472 37.36 -24.94 37.02
C ILE E 472 36.21 -25.93 36.95
N ASP E 473 35.64 -26.09 35.76
CA ASP E 473 34.49 -26.97 35.57
C ASP E 473 34.96 -28.40 35.34
N THR E 474 35.36 -29.09 36.41
CA THR E 474 35.85 -30.45 36.30
C THR E 474 34.72 -31.47 36.16
N LEU E 475 34.22 -31.64 34.94
CA LEU E 475 33.17 -32.61 34.63
C LEU E 475 31.99 -32.53 35.59
N GLY F 12 59.27 1.30 13.62
CA GLY F 12 59.38 0.01 12.97
C GLY F 12 58.18 -0.89 13.20
N PHE F 13 58.34 -2.18 12.95
CA PHE F 13 57.26 -3.13 13.14
C PHE F 13 57.57 -4.09 14.28
N LYS F 14 58.69 -4.82 14.17
CA LYS F 14 59.16 -5.71 15.22
C LYS F 14 58.08 -6.66 15.71
N ALA F 15 57.63 -7.57 14.85
CA ALA F 15 56.59 -8.54 15.18
C ALA F 15 57.03 -9.40 16.36
N GLY F 16 56.11 -9.66 17.27
CA GLY F 16 56.41 -10.44 18.45
C GLY F 16 55.27 -10.36 19.45
N VAL F 17 55.59 -10.76 20.68
CA VAL F 17 54.62 -10.80 21.78
C VAL F 17 55.19 -10.03 22.96
N LYS F 18 54.39 -9.13 23.53
CA LYS F 18 54.80 -8.32 24.67
C LYS F 18 53.69 -8.31 25.71
N ASP F 19 53.89 -7.52 26.76
CA ASP F 19 52.98 -7.50 27.90
C ASP F 19 51.87 -6.48 27.71
N TYR F 20 50.87 -6.55 28.59
CA TYR F 20 49.75 -5.62 28.57
C TYR F 20 50.00 -4.38 29.41
N ARG F 21 50.67 -4.54 30.56
CA ARG F 21 50.93 -3.43 31.48
C ARG F 21 51.78 -2.33 30.86
N LEU F 22 52.52 -2.63 29.80
CA LEU F 22 53.39 -1.66 29.15
C LEU F 22 52.60 -0.61 28.37
N THR F 23 51.32 -0.83 28.13
CA THR F 23 50.53 0.10 27.34
C THR F 23 49.19 0.41 27.98
N TYR F 24 48.68 -0.49 28.82
CA TYR F 24 47.31 -0.35 29.33
C TYR F 24 47.24 -0.13 30.84
N TYR F 25 48.28 0.40 31.45
CA TYR F 25 48.28 0.72 32.89
C TYR F 25 48.85 2.12 33.07
N THR F 26 47.97 3.09 33.31
CA THR F 26 48.34 4.49 33.47
C THR F 26 47.72 5.04 34.76
N PRO F 27 48.37 4.81 35.91
CA PRO F 27 47.78 5.22 37.20
C PRO F 27 48.07 6.68 37.58
N ASP F 28 48.01 7.57 36.58
CA ASP F 28 48.13 8.99 36.85
C ASP F 28 47.19 9.79 35.94
N TYR F 29 46.08 9.18 35.54
CA TYR F 29 45.21 9.72 34.52
C TYR F 29 44.03 10.43 35.15
N GLU F 30 43.70 11.61 34.62
CA GLU F 30 42.58 12.40 35.12
C GLU F 30 41.38 12.18 34.20
N THR F 31 40.25 11.78 34.79
CA THR F 31 39.07 11.49 34.00
C THR F 31 38.45 12.78 33.44
N LYS F 32 37.73 12.63 32.35
CA LYS F 32 37.02 13.73 31.72
C LYS F 32 35.54 13.68 32.12
N ASP F 33 34.76 14.62 31.59
CA ASP F 33 33.34 14.72 31.88
C ASP F 33 32.47 14.04 30.83
N THR F 34 33.08 13.36 29.87
CA THR F 34 32.35 12.64 28.84
C THR F 34 32.84 11.21 28.73
N ASP F 35 33.12 10.57 29.86
CA ASP F 35 33.65 9.22 29.90
C ASP F 35 32.73 8.30 30.69
N ILE F 36 32.79 7.02 30.37
CA ILE F 36 32.02 5.98 31.06
C ILE F 36 32.95 5.21 31.97
N LEU F 37 32.53 5.02 33.22
CA LEU F 37 33.35 4.38 34.22
C LEU F 37 32.68 3.11 34.72
N ALA F 38 33.50 2.15 35.18
CA ALA F 38 33.00 0.87 35.67
C ALA F 38 33.90 0.39 36.80
N ALA F 39 33.35 -0.51 37.62
CA ALA F 39 34.07 -1.08 38.75
C ALA F 39 33.93 -2.60 38.72
N PHE F 40 35.05 -3.31 38.82
CA PHE F 40 35.08 -4.76 38.79
C PHE F 40 35.62 -5.30 40.10
N ARG F 41 35.35 -6.59 40.33
CA ARG F 41 35.88 -7.31 41.48
C ARG F 41 36.37 -8.67 41.00
N MET F 42 37.68 -8.90 41.08
CA MET F 42 38.30 -10.04 40.43
C MET F 42 39.11 -10.87 41.41
N THR F 43 39.29 -12.14 41.06
CA THR F 43 40.10 -13.07 41.84
C THR F 43 41.18 -13.67 40.96
N PRO F 44 42.40 -13.14 41.00
CA PRO F 44 43.45 -13.63 40.11
C PRO F 44 43.85 -15.07 40.41
N GLN F 45 44.32 -15.75 39.38
CA GLN F 45 44.87 -17.10 39.36
C GLN F 45 46.26 -17.11 39.97
N PRO F 46 46.61 -18.14 40.74
CA PRO F 46 47.94 -18.19 41.36
C PRO F 46 49.08 -18.04 40.35
N GLY F 47 50.03 -17.17 40.66
CA GLY F 47 51.15 -16.93 39.78
C GLY F 47 51.00 -15.76 38.82
N VAL F 48 50.05 -14.86 39.06
CA VAL F 48 49.83 -13.73 38.17
C VAL F 48 49.80 -12.44 39.00
N PRO F 49 50.61 -11.44 38.66
CA PRO F 49 50.58 -10.17 39.41
C PRO F 49 49.25 -9.48 39.27
N PRO F 50 48.81 -8.75 40.29
CA PRO F 50 47.52 -8.05 40.19
C PRO F 50 47.45 -7.03 39.07
N GLU F 51 48.55 -6.35 38.76
CA GLU F 51 48.54 -5.32 37.72
C GLU F 51 48.46 -5.88 36.32
N GLU F 52 48.84 -7.14 36.12
CA GLU F 52 48.71 -7.79 34.82
C GLU F 52 47.30 -8.31 34.59
N ALA F 53 46.49 -8.40 35.63
CA ALA F 53 45.10 -8.83 35.50
C ALA F 53 44.16 -7.69 35.19
N GLY F 54 44.37 -6.52 35.80
CA GLY F 54 43.54 -5.37 35.51
C GLY F 54 43.77 -4.79 34.13
N ALA F 55 44.95 -5.00 33.56
CA ALA F 55 45.25 -4.51 32.22
C ALA F 55 44.65 -5.38 31.12
N ALA F 56 44.60 -6.69 31.33
CA ALA F 56 44.01 -7.60 30.35
C ALA F 56 42.52 -7.39 30.18
N VAL F 57 41.81 -6.99 31.22
CA VAL F 57 40.40 -6.67 31.09
C VAL F 57 40.18 -5.44 30.20
N ALA F 58 41.00 -4.40 30.36
CA ALA F 58 40.85 -3.21 29.53
C ALA F 58 41.30 -3.45 28.10
N ALA F 59 42.37 -4.24 27.91
CA ALA F 59 42.91 -4.43 26.58
C ALA F 59 41.96 -5.23 25.69
N GLU F 60 41.38 -6.30 26.23
CA GLU F 60 40.54 -7.17 25.43
C GLU F 60 39.08 -6.71 25.42
N SER F 61 38.85 -5.44 25.74
CA SER F 61 37.51 -4.88 25.69
C SER F 61 37.34 -3.78 24.64
N SER F 62 38.37 -3.01 24.32
CA SER F 62 38.26 -1.98 23.29
C SER F 62 39.13 -2.27 22.08
N THR F 63 40.45 -2.39 22.27
CA THR F 63 41.38 -2.66 21.17
C THR F 63 42.54 -3.48 21.71
N GLY F 64 42.86 -4.56 21.06
CA GLY F 64 44.03 -5.34 21.41
C GLY F 64 43.85 -6.83 21.15
N THR F 65 44.98 -7.53 21.04
CA THR F 65 45.00 -8.97 20.88
C THR F 65 46.25 -9.55 21.55
N TRP F 66 46.57 -10.81 21.27
CA TRP F 66 47.68 -11.47 21.93
C TRP F 66 49.02 -11.23 21.26
N THR F 67 49.06 -10.55 20.12
CA THR F 67 50.31 -10.26 19.42
C THR F 67 50.24 -8.86 18.82
N THR F 68 51.26 -8.51 18.04
CA THR F 68 51.38 -7.20 17.44
C THR F 68 51.02 -7.26 15.96
N VAL F 69 50.38 -6.21 15.46
CA VAL F 69 49.96 -6.11 14.06
C VAL F 69 50.48 -4.80 13.49
N TRP F 70 50.61 -4.79 12.16
CA TRP F 70 51.21 -3.67 11.45
C TRP F 70 50.21 -2.57 11.07
N THR F 71 48.92 -2.81 11.25
CA THR F 71 47.91 -1.84 10.85
C THR F 71 47.66 -0.77 11.91
N ASP F 72 48.34 -0.83 13.04
CA ASP F 72 48.19 0.17 14.09
C ASP F 72 48.89 1.48 13.79
N GLY F 73 49.79 1.50 12.80
CA GLY F 73 50.49 2.71 12.44
C GLY F 73 49.72 3.66 11.56
N LEU F 74 48.54 3.26 11.10
CA LEU F 74 47.71 4.10 10.24
C LEU F 74 46.68 4.90 11.02
N THR F 75 46.67 4.79 12.34
CA THR F 75 45.69 5.49 13.16
C THR F 75 46.31 5.83 14.51
N SER F 76 45.66 6.78 15.20
CA SER F 76 46.12 7.24 16.51
C SER F 76 45.47 6.36 17.57
N LEU F 77 46.31 5.68 18.36
CA LEU F 77 45.84 4.75 19.38
C LEU F 77 45.78 5.36 20.77
N ASP F 78 46.06 6.66 20.90
CA ASP F 78 46.03 7.34 22.19
C ASP F 78 44.73 8.09 22.40
N ARG F 79 43.72 7.78 21.57
CA ARG F 79 42.42 8.39 21.70
C ARG F 79 41.32 7.35 21.52
N TYR F 80 41.73 6.07 21.43
CA TYR F 80 40.76 5.00 21.27
C TYR F 80 40.95 3.84 22.24
N LYS F 81 41.75 3.98 23.29
CA LYS F 81 42.07 2.88 24.19
C LYS F 81 41.35 3.05 25.52
N GLY F 82 41.24 1.93 26.24
CA GLY F 82 40.72 1.93 27.60
C GLY F 82 41.84 1.74 28.59
N ARG F 83 41.73 2.42 29.73
CA ARG F 83 42.82 2.48 30.68
C ARG F 83 42.33 2.11 32.08
N CYS F 84 43.21 1.48 32.85
CA CYS F 84 42.96 1.18 34.26
C CYS F 84 43.78 2.13 35.10
N TYR F 85 43.13 2.86 36.00
CA TYR F 85 43.78 3.96 36.72
C TYR F 85 43.71 3.83 38.24
N ASP F 86 43.25 2.70 38.76
CA ASP F 86 43.19 2.54 40.21
C ASP F 86 42.98 1.08 40.57
N ILE F 87 43.71 0.62 41.58
CA ILE F 87 43.55 -0.72 42.13
C ILE F 87 43.62 -0.62 43.65
N GLU F 88 42.66 -1.20 44.34
CA GLU F 88 42.64 -1.23 45.79
C GLU F 88 42.24 -2.61 46.28
N PRO F 89 42.76 -3.03 47.43
CA PRO F 89 42.46 -4.39 47.92
C PRO F 89 41.23 -4.44 48.82
N VAL F 90 40.55 -5.58 48.82
CA VAL F 90 39.37 -5.75 49.67
C VAL F 90 39.83 -6.17 51.07
N ALA F 91 38.98 -5.86 52.06
CA ALA F 91 39.25 -6.16 53.45
C ALA F 91 38.57 -7.46 53.83
N GLY F 92 39.31 -8.36 54.48
CA GLY F 92 38.79 -9.64 54.90
C GLY F 92 39.23 -10.80 54.03
N GLU F 93 39.76 -10.54 52.84
CA GLU F 93 40.27 -11.59 51.97
C GLU F 93 41.69 -11.24 51.55
N GLU F 94 42.35 -12.20 50.91
CA GLU F 94 43.74 -12.04 50.49
C GLU F 94 43.93 -12.25 48.99
N ASN F 95 42.86 -12.56 48.26
CA ASN F 95 42.97 -12.76 46.82
C ASN F 95 41.79 -12.08 46.11
N GLN F 96 41.47 -10.86 46.53
CA GLN F 96 40.37 -10.11 45.93
C GLN F 96 40.74 -8.64 45.91
N TYR F 97 40.46 -7.98 44.79
CA TYR F 97 40.78 -6.58 44.60
C TYR F 97 39.62 -5.90 43.87
N ILE F 98 39.75 -4.60 43.66
CA ILE F 98 38.75 -3.81 42.92
C ILE F 98 39.50 -2.95 41.90
N ALA F 99 38.98 -2.90 40.68
CA ALA F 99 39.62 -2.19 39.58
C ALA F 99 38.67 -1.18 38.98
N TYR F 100 39.24 -0.16 38.33
CA TYR F 100 38.49 0.90 37.67
C TYR F 100 38.96 1.03 36.23
N VAL F 101 38.01 1.25 35.33
CA VAL F 101 38.29 1.34 33.90
C VAL F 101 37.53 2.55 33.34
N ALA F 102 38.17 3.27 32.42
CA ALA F 102 37.57 4.43 31.77
C ALA F 102 37.51 4.18 30.26
N TYR F 103 36.38 4.56 29.65
CA TYR F 103 36.15 4.36 28.23
C TYR F 103 35.87 5.68 27.54
N PRO F 104 36.41 5.94 26.35
CA PRO F 104 36.08 7.15 25.62
C PRO F 104 34.64 7.13 25.12
N LEU F 105 34.14 8.31 24.77
CA LEU F 105 32.72 8.45 24.42
C LEU F 105 32.41 7.88 23.03
N ASP F 106 33.29 8.10 22.05
CA ASP F 106 32.97 7.80 20.67
C ASP F 106 33.10 6.33 20.30
N LEU F 107 33.14 5.43 21.29
CA LEU F 107 33.19 4.00 21.02
C LEU F 107 31.82 3.35 20.97
N PHE F 108 30.75 4.12 21.19
CA PHE F 108 29.41 3.56 21.30
C PHE F 108 28.49 4.18 20.26
N GLU F 109 27.42 3.45 19.94
CA GLU F 109 26.42 3.88 18.99
C GLU F 109 25.25 4.50 19.75
N GLU F 110 24.77 5.65 19.27
CA GLU F 110 23.73 6.38 19.97
C GLU F 110 22.38 5.70 19.77
N GLY F 111 21.66 5.50 20.87
CA GLY F 111 20.31 4.99 20.83
C GLY F 111 20.16 3.48 20.93
N SER F 112 21.24 2.75 21.21
CA SER F 112 21.18 1.29 21.30
C SER F 112 21.74 0.84 22.63
N VAL F 113 21.00 -0.03 23.32
CA VAL F 113 21.48 -0.66 24.55
C VAL F 113 22.19 -1.97 24.27
N THR F 114 21.78 -2.71 23.24
CA THR F 114 22.44 -3.96 22.89
C THR F 114 23.92 -3.76 22.55
N ASN F 115 24.27 -2.64 21.93
CA ASN F 115 25.66 -2.36 21.60
C ASN F 115 26.51 -2.06 22.82
N MET F 116 25.94 -1.42 23.85
CA MET F 116 26.69 -1.11 25.06
C MET F 116 27.08 -2.36 25.84
N PHE F 117 26.17 -3.33 25.95
CA PHE F 117 26.46 -4.56 26.69
C PHE F 117 27.42 -5.48 25.96
N THR F 118 27.53 -5.37 24.64
CA THR F 118 28.40 -6.24 23.87
C THR F 118 29.88 -5.87 24.03
N SER F 119 30.19 -4.62 24.35
CA SER F 119 31.57 -4.16 24.43
C SER F 119 32.17 -4.26 25.83
N ILE F 120 31.37 -4.54 26.85
CA ILE F 120 31.86 -4.58 28.21
C ILE F 120 31.85 -5.99 28.82
N VAL F 121 30.80 -6.77 28.59
CA VAL F 121 30.70 -8.10 29.17
C VAL F 121 30.73 -9.14 28.05
N GLY F 122 31.39 -8.82 26.96
CA GLY F 122 31.40 -9.68 25.80
C GLY F 122 32.22 -10.95 25.93
N ASN F 123 33.51 -10.81 26.20
CA ASN F 123 34.41 -11.96 26.15
C ASN F 123 35.29 -12.09 27.38
N VAL F 124 35.43 -11.01 28.14
CA VAL F 124 36.42 -10.95 29.21
C VAL F 124 36.04 -11.84 30.39
N PHE F 125 34.88 -12.47 30.32
CA PHE F 125 34.36 -13.28 31.42
C PHE F 125 34.82 -14.73 31.36
N GLY F 126 35.59 -15.12 30.36
CA GLY F 126 35.99 -16.50 30.22
C GLY F 126 37.47 -16.70 29.98
N PHE F 127 38.31 -15.83 30.54
CA PHE F 127 39.75 -15.95 30.36
C PHE F 127 40.30 -17.07 31.24
N LYS F 128 41.40 -17.67 30.77
CA LYS F 128 42.05 -18.75 31.50
C LYS F 128 42.88 -18.25 32.68
N ALA F 129 43.12 -16.95 32.78
CA ALA F 129 43.95 -16.39 33.84
C ALA F 129 43.16 -15.91 35.04
N LEU F 130 41.85 -16.13 35.06
CA LEU F 130 40.98 -15.65 36.12
C LEU F 130 40.08 -16.77 36.60
N ARG F 131 39.59 -16.64 37.83
CA ARG F 131 38.68 -17.62 38.42
C ARG F 131 37.33 -17.02 38.80
N ALA F 132 37.19 -15.70 38.76
CA ALA F 132 35.94 -15.06 39.16
C ALA F 132 35.93 -13.63 38.64
N LEU F 133 34.74 -13.06 38.55
CA LEU F 133 34.56 -11.67 38.11
C LEU F 133 33.11 -11.27 38.36
N ARG F 134 32.91 -10.02 38.76
CA ARG F 134 31.57 -9.50 39.00
C ARG F 134 31.53 -8.00 38.75
N LEU F 135 30.51 -7.55 38.04
CA LEU F 135 30.32 -6.13 37.78
C LEU F 135 29.44 -5.51 38.86
N GLU F 136 29.77 -4.27 39.24
CA GLU F 136 29.10 -3.62 40.36
C GLU F 136 28.33 -2.37 39.97
N ASP F 137 28.93 -1.42 39.26
CA ASP F 137 28.28 -0.15 39.02
C ASP F 137 28.77 0.46 37.72
N LEU F 138 28.01 1.46 37.25
CA LEU F 138 28.32 2.21 36.04
C LEU F 138 27.99 3.67 36.25
N ARG F 139 28.58 4.54 35.44
CA ARG F 139 28.33 5.98 35.49
C ARG F 139 28.01 6.46 34.08
N ILE F 140 26.75 6.80 33.84
CA ILE F 140 26.31 7.26 32.53
C ILE F 140 26.43 8.78 32.45
N PRO F 141 27.22 9.33 31.54
CA PRO F 141 27.33 10.79 31.43
C PRO F 141 26.06 11.40 30.89
N PRO F 142 25.79 12.67 31.19
CA PRO F 142 24.57 13.31 30.66
C PRO F 142 24.61 13.55 29.16
N ALA F 143 25.78 13.52 28.53
CA ALA F 143 25.87 13.72 27.09
C ALA F 143 25.51 12.46 26.31
N TYR F 144 25.35 11.32 26.98
CA TYR F 144 25.00 10.07 26.31
C TYR F 144 23.56 9.66 26.52
N SER F 145 22.95 10.04 27.64
CA SER F 145 21.58 9.65 27.93
C SER F 145 20.54 10.53 27.25
N LYS F 146 20.96 11.62 26.62
CA LYS F 146 20.02 12.50 25.93
C LYS F 146 19.60 11.97 24.57
N THR F 147 20.25 10.92 24.07
CA THR F 147 19.91 10.33 22.79
C THR F 147 18.86 9.25 22.90
N PHE F 148 18.42 8.90 24.10
CA PHE F 148 17.39 7.91 24.31
C PHE F 148 16.04 8.58 24.52
N GLN F 149 14.98 7.78 24.42
CA GLN F 149 13.62 8.31 24.57
C GLN F 149 13.16 8.28 26.03
N GLY F 150 13.44 7.20 26.75
CA GLY F 150 13.05 7.11 28.14
C GLY F 150 11.67 6.52 28.32
N PRO F 151 11.15 6.61 29.54
CA PRO F 151 9.82 6.06 29.81
C PRO F 151 8.77 6.77 28.99
N PRO F 152 7.71 6.06 28.57
CA PRO F 152 6.66 6.69 27.76
C PRO F 152 5.94 7.82 28.49
N HIS F 153 5.42 7.54 29.69
CA HIS F 153 4.60 8.51 30.41
C HIS F 153 5.27 9.00 31.69
N GLY F 154 5.62 8.10 32.60
CA GLY F 154 6.24 8.51 33.84
C GLY F 154 5.39 8.26 35.07
N ILE F 155 5.53 9.10 36.08
CA ILE F 155 4.79 8.97 37.33
C ILE F 155 3.66 9.98 37.42
N GLN F 156 3.96 11.25 37.18
CA GLN F 156 2.96 12.30 37.37
C GLN F 156 1.81 12.15 36.39
N VAL F 157 2.09 11.78 35.14
CA VAL F 157 1.04 11.66 34.14
C VAL F 157 0.10 10.51 34.44
N GLU F 158 0.61 9.39 34.95
CA GLU F 158 -0.23 8.24 35.24
C GLU F 158 -1.28 8.55 36.30
N ARG F 159 -0.86 9.21 37.38
CA ARG F 159 -1.80 9.58 38.43
C ARG F 159 -2.86 10.55 37.93
N ASP F 160 -2.48 11.52 37.10
CA ASP F 160 -3.46 12.43 36.52
C ASP F 160 -4.44 11.71 35.62
N LYS F 161 -3.97 10.74 34.82
CA LYS F 161 -4.87 10.02 33.93
C LYS F 161 -5.82 9.12 34.71
N LEU F 162 -5.35 8.50 35.80
CA LEU F 162 -6.19 7.60 36.56
C LEU F 162 -7.00 8.29 37.65
N ASN F 163 -6.65 9.53 38.02
CA ASN F 163 -7.38 10.29 39.03
C ASN F 163 -7.39 9.56 40.37
N LYS F 164 -6.20 9.36 40.94
CA LYS F 164 -6.05 8.70 42.23
C LYS F 164 -4.91 9.35 42.99
N TYR F 165 -5.22 9.89 44.16
CA TYR F 165 -4.22 10.57 44.99
C TYR F 165 -4.38 10.15 46.43
N GLY F 166 -3.26 10.11 47.16
CA GLY F 166 -3.25 9.99 48.61
C GLY F 166 -2.64 8.71 49.15
N ARG F 167 -2.92 7.58 48.51
CA ARG F 167 -2.59 6.29 49.08
C ARG F 167 -1.96 5.41 48.01
N PRO F 168 -1.23 4.38 48.40
CA PRO F 168 -0.72 3.41 47.42
C PRO F 168 -1.85 2.68 46.72
N LEU F 169 -1.49 1.93 45.69
CA LEU F 169 -2.46 1.22 44.87
C LEU F 169 -2.52 -0.25 45.27
N LEU F 170 -3.47 -0.98 44.69
CA LEU F 170 -3.71 -2.37 45.04
C LEU F 170 -3.92 -3.19 43.78
N GLY F 171 -3.68 -4.50 43.89
CA GLY F 171 -3.84 -5.39 42.76
C GLY F 171 -3.89 -6.84 43.21
N CYS F 172 -4.11 -7.73 42.24
CA CYS F 172 -4.23 -9.15 42.52
C CYS F 172 -3.93 -9.91 41.24
N THR F 173 -3.70 -11.21 41.39
CA THR F 173 -3.44 -12.10 40.27
C THR F 173 -4.25 -13.37 40.44
N ILE F 174 -4.62 -13.99 39.32
CA ILE F 174 -5.55 -15.12 39.33
C ILE F 174 -4.77 -16.43 39.42
N LYS F 175 -5.24 -17.32 40.30
CA LYS F 175 -4.68 -18.66 40.46
C LYS F 175 -5.83 -19.65 40.33
N PRO F 176 -5.57 -20.91 39.93
CA PRO F 176 -4.27 -21.54 39.64
C PRO F 176 -3.62 -21.02 38.37
N LYS F 177 -2.31 -21.27 38.22
CA LYS F 177 -1.55 -20.66 37.13
C LYS F 177 -2.05 -21.12 35.77
N LEU F 178 -2.29 -22.42 35.61
CA LEU F 178 -2.70 -22.98 34.32
C LEU F 178 -3.78 -24.03 34.55
N GLY F 179 -4.80 -24.01 33.70
CA GLY F 179 -5.83 -25.04 33.75
C GLY F 179 -7.24 -24.53 33.56
N LEU F 180 -7.46 -23.25 33.77
CA LEU F 180 -8.80 -22.67 33.70
C LEU F 180 -9.23 -22.48 32.26
N SER F 181 -10.55 -22.35 32.07
CA SER F 181 -11.13 -22.15 30.76
C SER F 181 -11.29 -20.66 30.46
N ALA F 182 -11.88 -20.36 29.30
CA ALA F 182 -12.00 -18.98 28.88
C ALA F 182 -13.08 -18.23 29.64
N LYS F 183 -14.20 -18.87 29.94
CA LYS F 183 -15.30 -18.21 30.62
C LYS F 183 -15.11 -18.15 32.14
N ASN F 184 -14.61 -19.23 32.74
CA ASN F 184 -14.31 -19.20 34.16
C ASN F 184 -13.21 -18.21 34.50
N TYR F 185 -12.24 -18.01 33.60
CA TYR F 185 -11.23 -17.00 33.83
C TYR F 185 -11.83 -15.60 33.89
N GLY F 186 -12.77 -15.30 32.99
CA GLY F 186 -13.43 -14.01 33.02
C GLY F 186 -14.41 -13.83 34.14
N ARG F 187 -15.03 -14.91 34.62
CA ARG F 187 -15.97 -14.79 35.73
C ARG F 187 -15.31 -14.37 37.03
N ALA F 188 -14.12 -14.88 37.33
CA ALA F 188 -13.45 -14.57 38.58
C ALA F 188 -12.90 -13.14 38.64
N VAL F 189 -12.70 -12.51 37.48
CA VAL F 189 -12.20 -11.14 37.48
C VAL F 189 -13.24 -10.16 37.99
N TYR F 190 -14.51 -10.36 37.60
CA TYR F 190 -15.57 -9.44 37.97
C TYR F 190 -15.78 -9.42 39.48
N GLU F 191 -15.76 -10.59 40.12
CA GLU F 191 -15.96 -10.66 41.56
C GLU F 191 -14.85 -9.93 42.30
N CYS F 192 -13.60 -10.11 41.87
CA CYS F 192 -12.50 -9.42 42.51
C CYS F 192 -12.56 -7.92 42.29
N LEU F 193 -12.94 -7.48 41.08
CA LEU F 193 -12.95 -6.05 40.79
C LEU F 193 -14.09 -5.34 41.52
N ARG F 194 -15.23 -5.99 41.69
CA ARG F 194 -16.34 -5.33 42.36
C ARG F 194 -16.14 -5.19 43.86
N GLY F 195 -15.10 -5.80 44.43
CA GLY F 195 -14.90 -5.75 45.86
C GLY F 195 -14.21 -4.50 46.36
N GLY F 196 -13.38 -3.87 45.52
CA GLY F 196 -12.69 -2.67 45.93
C GLY F 196 -11.25 -2.56 45.47
N LEU F 197 -10.76 -3.56 44.73
CA LEU F 197 -9.41 -3.50 44.21
C LEU F 197 -9.33 -2.55 43.02
N ASP F 198 -8.10 -2.23 42.61
CA ASP F 198 -7.85 -1.33 41.50
C ASP F 198 -7.42 -2.04 40.24
N PHE F 199 -6.40 -2.89 40.32
CA PHE F 199 -5.86 -3.60 39.18
C PHE F 199 -6.04 -5.10 39.36
N THR F 200 -5.73 -5.84 38.30
CA THR F 200 -5.69 -7.29 38.34
C THR F 200 -4.80 -7.79 37.20
N KCX F 201 -4.17 -8.94 37.38
CA KCX F 201 -3.06 -9.33 36.53
CB KCX F 201 -1.77 -9.23 37.35
CG KCX F 201 -0.49 -9.67 36.64
CD KCX F 201 0.71 -9.41 37.52
CE KCX F 201 1.96 -10.06 36.95
NZ KCX F 201 1.92 -11.54 37.12
C KCX F 201 -3.21 -10.74 35.95
O KCX F 201 -3.81 -11.61 36.55
CX KCX F 201 2.51 -12.09 38.17
OQ1 KCX F 201 3.09 -11.36 38.99
OQ2 KCX F 201 2.49 -13.31 38.32
N ASP F 202 -2.65 -10.93 34.75
CA ASP F 202 -2.60 -12.24 34.12
C ASP F 202 -1.59 -13.14 34.80
N ASP F 203 -0.63 -13.66 34.04
CA ASP F 203 0.46 -14.46 34.58
C ASP F 203 1.63 -14.50 33.61
N GLU F 204 2.81 -14.87 34.10
CA GLU F 204 4.01 -14.80 33.27
C GLU F 204 4.01 -15.85 32.17
N ASN F 205 3.43 -17.03 32.41
CA ASN F 205 3.47 -18.12 31.45
C ASN F 205 2.11 -18.41 30.83
N VAL F 206 1.34 -17.38 30.52
CA VAL F 206 0.03 -17.53 29.90
C VAL F 206 0.03 -16.65 28.65
N ASN F 207 0.32 -17.26 27.51
CA ASN F 207 0.27 -16.54 26.23
C ASN F 207 -0.82 -17.10 25.31
N SER F 208 -0.74 -18.37 24.96
CA SER F 208 -1.76 -19.02 24.14
C SER F 208 -1.52 -20.52 24.19
N GLN F 209 -2.53 -21.28 24.58
CA GLN F 209 -2.39 -22.71 24.81
C GLN F 209 -3.67 -23.40 24.38
N PRO F 210 -3.62 -24.73 24.14
CA PRO F 210 -4.80 -25.42 23.63
C PRO F 210 -6.04 -25.28 24.50
N PHE F 211 -5.90 -25.15 25.82
CA PHE F 211 -7.09 -25.05 26.67
C PHE F 211 -7.68 -23.64 26.68
N MET F 212 -6.93 -22.63 26.21
CA MET F 212 -7.42 -21.26 26.23
C MET F 212 -6.61 -20.43 25.26
N ARG F 213 -7.26 -19.86 24.26
CA ARG F 213 -6.62 -18.96 23.31
C ARG F 213 -6.83 -17.51 23.75
N TRP F 214 -6.19 -16.59 23.03
CA TRP F 214 -6.14 -15.20 23.49
C TRP F 214 -7.28 -14.34 22.95
N ARG F 215 -7.69 -14.55 21.70
CA ARG F 215 -8.63 -13.63 21.07
C ARG F 215 -10.00 -13.65 21.74
N ASP F 216 -10.36 -14.72 22.44
CA ASP F 216 -11.62 -14.76 23.17
C ASP F 216 -11.46 -14.43 24.65
N ARG F 217 -10.29 -14.72 25.23
CA ARG F 217 -10.03 -14.27 26.59
C ARG F 217 -10.05 -12.75 26.67
N PHE F 218 -9.51 -12.09 25.66
CA PHE F 218 -9.57 -10.62 25.61
C PHE F 218 -11.02 -10.14 25.66
N LEU F 219 -11.89 -10.73 24.84
CA LEU F 219 -13.29 -10.33 24.79
C LEU F 219 -14.00 -10.58 26.11
N PHE F 220 -13.75 -11.74 26.73
CA PHE F 220 -14.44 -12.06 27.97
C PHE F 220 -13.98 -11.17 29.11
N VAL F 221 -12.71 -10.77 29.11
CA VAL F 221 -12.24 -9.82 30.14
C VAL F 221 -12.83 -8.44 29.90
N ALA F 222 -12.87 -8.01 28.64
CA ALA F 222 -13.42 -6.69 28.33
C ALA F 222 -14.90 -6.59 28.70
N GLU F 223 -15.65 -7.68 28.52
CA GLU F 223 -17.06 -7.65 28.88
C GLU F 223 -17.27 -7.43 30.37
N ALA F 224 -16.43 -8.04 31.21
CA ALA F 224 -16.57 -7.89 32.66
C ALA F 224 -16.04 -6.56 33.17
N ILE F 225 -15.03 -5.99 32.50
CA ILE F 225 -14.47 -4.72 32.96
C ILE F 225 -15.53 -3.63 32.93
N PHE F 226 -16.30 -3.56 31.83
CA PHE F 226 -17.32 -2.53 31.71
C PHE F 226 -18.41 -2.70 32.77
N LYS F 227 -18.84 -3.94 33.01
CA LYS F 227 -19.89 -4.17 33.99
C LYS F 227 -19.45 -3.83 35.41
N SER F 228 -18.21 -4.20 35.77
CA SER F 228 -17.74 -3.91 37.12
C SER F 228 -17.50 -2.43 37.36
N GLN F 229 -17.44 -1.61 36.30
CA GLN F 229 -17.12 -0.20 36.46
C GLN F 229 -18.36 0.65 36.71
N ALA F 230 -19.48 0.31 36.07
CA ALA F 230 -20.68 1.12 36.16
C ALA F 230 -21.45 0.92 37.45
N GLU F 231 -21.04 -0.03 38.30
CA GLU F 231 -21.75 -0.33 39.53
C GLU F 231 -21.17 0.40 40.74
N THR F 232 -19.87 0.69 40.74
CA THR F 232 -19.24 1.37 41.87
C THR F 232 -18.90 2.81 41.53
N GLY F 233 -18.54 3.05 40.27
CA GLY F 233 -18.22 4.40 39.82
C GLY F 233 -16.75 4.76 39.97
N GLU F 234 -15.86 3.85 39.61
CA GLU F 234 -14.43 4.08 39.66
C GLU F 234 -13.77 3.41 38.47
N ILE F 235 -12.56 3.87 38.15
CA ILE F 235 -11.84 3.38 36.98
C ILE F 235 -11.07 2.12 37.36
N LYS F 236 -11.21 1.08 36.53
CA LYS F 236 -10.56 -0.20 36.76
C LYS F 236 -9.76 -0.60 35.52
N GLY F 237 -8.86 -1.55 35.69
CA GLY F 237 -8.00 -1.99 34.61
C GLY F 237 -7.58 -3.44 34.76
N HIS F 238 -6.79 -3.90 33.81
CA HIS F 238 -6.32 -5.29 33.76
C HIS F 238 -5.13 -5.37 32.83
N TYR F 239 -4.10 -6.10 33.25
CA TYR F 239 -2.87 -6.24 32.45
C TYR F 239 -3.04 -7.41 31.48
N LEU F 240 -2.83 -7.13 30.20
CA LEU F 240 -2.92 -8.15 29.16
C LEU F 240 -1.52 -8.48 28.66
N ASN F 241 -1.19 -9.78 28.64
CA ASN F 241 0.13 -10.23 28.23
C ASN F 241 0.26 -10.15 26.73
N ALA F 242 1.37 -9.60 26.25
CA ALA F 242 1.61 -9.43 24.82
C ALA F 242 2.92 -10.06 24.38
N THR F 243 3.39 -11.08 25.09
CA THR F 243 4.60 -11.79 24.72
C THR F 243 4.29 -12.86 23.68
N ALA F 244 5.11 -12.92 22.64
CA ALA F 244 4.90 -13.86 21.55
C ALA F 244 6.25 -14.49 21.20
N GLY F 245 6.27 -15.26 20.11
CA GLY F 245 7.49 -15.90 19.67
C GLY F 245 8.08 -15.30 18.41
N THR F 246 7.38 -14.32 17.84
CA THR F 246 7.84 -13.65 16.63
C THR F 246 7.35 -12.20 16.67
N CYS F 247 8.03 -11.34 15.91
CA CYS F 247 7.80 -9.90 16.00
C CYS F 247 6.56 -9.42 15.26
N GLU F 248 6.02 -10.21 14.33
CA GLU F 248 4.76 -9.86 13.71
C GLU F 248 3.55 -10.42 14.45
N GLU F 249 3.75 -11.35 15.38
CA GLU F 249 2.68 -11.80 16.25
C GLU F 249 2.53 -10.93 17.49
N MET F 250 3.60 -10.31 17.96
CA MET F 250 3.53 -9.42 19.11
C MET F 250 2.82 -8.11 18.77
N MET F 251 2.95 -7.63 17.54
CA MET F 251 2.34 -6.37 17.12
C MET F 251 0.92 -6.53 16.63
N LYS F 252 0.39 -7.76 16.58
CA LYS F 252 -1.00 -7.98 16.23
C LYS F 252 -1.93 -7.96 17.44
N ARG F 253 -1.40 -8.07 18.64
CA ARG F 253 -2.22 -8.06 19.85
C ARG F 253 -2.35 -6.66 20.44
N ALA F 254 -1.32 -5.84 20.34
CA ALA F 254 -1.41 -4.46 20.80
C ALA F 254 -2.45 -3.67 20.03
N GLN F 255 -2.54 -3.87 18.72
CA GLN F 255 -3.56 -3.18 17.93
C GLN F 255 -4.97 -3.57 18.35
N PHE F 256 -5.22 -4.86 18.61
CA PHE F 256 -6.53 -5.26 19.11
C PHE F 256 -6.82 -4.69 20.49
N ALA F 257 -5.81 -4.65 21.37
CA ALA F 257 -6.01 -4.06 22.69
C ALA F 257 -6.36 -2.59 22.58
N ARG F 258 -5.70 -1.86 21.68
CA ARG F 258 -6.06 -0.47 21.44
C ARG F 258 -7.47 -0.36 20.87
N GLU F 259 -7.83 -1.27 19.97
CA GLU F 259 -9.15 -1.23 19.35
C GLU F 259 -10.25 -1.37 20.40
N LEU F 260 -10.11 -2.33 21.31
CA LEU F 260 -11.12 -2.48 22.35
C LEU F 260 -11.15 -1.32 23.33
N GLY F 261 -10.05 -0.57 23.45
CA GLY F 261 -10.00 0.55 24.36
C GLY F 261 -9.52 0.19 25.75
N MET F 262 -8.42 -0.58 25.84
CA MET F 262 -7.81 -0.98 27.10
C MET F 262 -6.65 -0.07 27.44
N PRO F 263 -6.37 0.16 28.72
CA PRO F 263 -5.37 1.18 29.08
C PRO F 263 -3.95 0.68 29.28
N ILE F 264 -3.72 -0.63 29.42
CA ILE F 264 -2.40 -1.10 29.86
C ILE F 264 -2.14 -2.49 29.29
N VAL F 265 -0.85 -2.77 29.03
CA VAL F 265 -0.38 -4.06 28.53
C VAL F 265 0.80 -4.52 29.40
N MET F 266 1.40 -5.64 29.01
CA MET F 266 2.45 -6.29 29.80
C MET F 266 3.48 -6.93 28.88
N HIS F 267 4.71 -7.02 29.36
CA HIS F 267 5.79 -7.65 28.61
C HIS F 267 6.89 -8.11 29.55
N ASP F 268 7.70 -9.06 29.07
CA ASP F 268 8.89 -9.53 29.77
C ASP F 268 10.11 -9.11 28.95
N TYR F 269 11.10 -8.52 29.63
CA TYR F 269 12.21 -7.89 28.94
C TYR F 269 13.52 -8.64 29.05
N LEU F 270 13.56 -9.77 29.75
CA LEU F 270 14.79 -10.55 29.87
C LEU F 270 14.80 -11.82 29.04
N THR F 271 13.64 -12.37 28.70
CA THR F 271 13.58 -13.50 27.79
C THR F 271 13.19 -13.11 26.38
N GLY F 272 12.52 -11.97 26.20
CA GLY F 272 12.22 -11.50 24.86
C GLY F 272 13.33 -10.68 24.24
N GLY F 273 14.20 -10.11 25.06
CA GLY F 273 15.34 -9.35 24.58
C GLY F 273 15.06 -7.86 24.60
N PHE F 274 16.12 -7.09 24.35
CA PHE F 274 16.03 -5.65 24.32
C PHE F 274 15.50 -5.09 23.00
N THR F 275 15.84 -5.74 21.88
CA THR F 275 15.39 -5.26 20.58
C THR F 275 13.88 -5.27 20.46
N ALA F 276 13.24 -6.34 20.92
CA ALA F 276 11.79 -6.43 20.88
C ALA F 276 11.12 -5.49 21.86
N ASN F 277 11.82 -5.04 22.89
CA ASN F 277 11.26 -4.12 23.89
C ASN F 277 11.36 -2.67 23.47
N THR F 278 12.46 -2.28 22.82
CA THR F 278 12.63 -0.89 22.41
C THR F 278 11.62 -0.45 21.36
N THR F 279 11.09 -1.38 20.56
CA THR F 279 10.06 -1.03 19.59
C THR F 279 8.66 -1.01 20.19
N LEU F 280 8.41 -1.90 21.16
CA LEU F 280 7.13 -1.85 21.87
C LEU F 280 7.01 -0.55 22.65
N ALA F 281 8.11 -0.08 23.22
CA ALA F 281 8.06 1.21 23.91
C ALA F 281 7.69 2.34 22.96
N HIS F 282 8.27 2.35 21.76
CA HIS F 282 7.95 3.36 20.78
C HIS F 282 6.48 3.30 20.37
N TYR F 283 5.96 2.09 20.14
CA TYR F 283 4.56 1.95 19.77
C TYR F 283 3.65 2.46 20.88
N CYS F 284 3.96 2.10 22.13
CA CYS F 284 3.13 2.56 23.25
C CYS F 284 3.17 4.08 23.37
N ARG F 285 4.34 4.68 23.16
CA ARG F 285 4.42 6.14 23.20
C ARG F 285 3.59 6.77 22.10
N ASP F 286 3.61 6.19 20.91
CA ASP F 286 2.92 6.77 19.76
C ASP F 286 1.42 6.47 19.74
N ASN F 287 0.94 5.55 20.57
CA ASN F 287 -0.49 5.23 20.58
C ASN F 287 -1.15 5.45 21.94
N GLY F 288 -0.41 5.88 22.95
CA GLY F 288 -1.01 6.23 24.22
C GLY F 288 -1.47 5.06 25.07
N LEU F 289 -0.55 4.21 25.49
CA LEU F 289 -0.83 3.09 26.37
C LEU F 289 0.14 3.10 27.54
N LEU F 290 -0.04 2.13 28.45
CA LEU F 290 0.84 1.97 29.59
C LEU F 290 1.53 0.61 29.54
N LEU F 291 2.75 0.55 30.06
CA LEU F 291 3.57 -0.65 29.96
C LEU F 291 3.97 -1.13 31.34
N HIS F 292 3.85 -2.43 31.58
CA HIS F 292 4.22 -3.06 32.84
C HIS F 292 5.27 -4.12 32.54
N ILE F 293 6.35 -4.13 33.32
CA ILE F 293 7.52 -4.96 33.06
C ILE F 293 7.65 -6.00 34.17
N HIS F 294 7.81 -7.26 33.78
CA HIS F 294 8.02 -8.37 34.70
C HIS F 294 9.42 -8.91 34.54
N ARG F 295 10.16 -9.03 35.64
CA ARG F 295 11.53 -9.52 35.61
C ARG F 295 11.52 -11.03 35.81
N ALA F 296 11.86 -11.77 34.77
CA ALA F 296 11.96 -13.22 34.83
C ALA F 296 13.37 -13.64 34.41
N MET F 297 13.82 -14.77 34.94
CA MET F 297 15.17 -15.29 34.69
C MET F 297 16.21 -14.24 35.12
N HIS F 298 16.09 -13.73 36.34
CA HIS F 298 17.05 -12.77 36.86
C HIS F 298 17.89 -13.31 38.00
N ALA F 299 17.52 -14.44 38.58
CA ALA F 299 18.31 -15.07 39.64
C ALA F 299 19.43 -15.94 39.09
N VAL F 300 19.44 -16.22 37.79
CA VAL F 300 20.54 -16.96 37.20
C VAL F 300 21.81 -16.14 37.12
N ILE F 301 21.71 -14.82 36.99
CA ILE F 301 22.86 -13.94 36.96
C ILE F 301 23.22 -13.39 38.32
N ASP F 302 22.23 -13.10 39.16
CA ASP F 302 22.45 -12.59 40.52
C ASP F 302 22.54 -13.74 41.51
N ARG F 303 22.38 -13.44 42.80
CA ARG F 303 22.25 -14.43 43.87
C ARG F 303 23.59 -15.03 44.27
N GLN F 304 24.64 -14.69 43.55
CA GLN F 304 25.99 -15.06 43.95
C GLN F 304 26.90 -13.84 44.00
N ARG F 305 27.78 -13.81 44.99
CA ARG F 305 28.58 -12.63 45.29
C ARG F 305 30.01 -12.74 44.78
N ASN F 306 30.32 -13.74 43.97
CA ASN F 306 31.66 -13.86 43.41
C ASN F 306 31.62 -14.09 41.91
N HIS F 307 30.44 -14.00 41.30
CA HIS F 307 30.31 -14.18 39.87
C HIS F 307 28.95 -13.69 39.38
N GLY F 308 28.94 -12.84 38.35
CA GLY F 308 27.68 -12.38 37.78
C GLY F 308 27.54 -10.89 37.68
N ILE F 309 26.29 -10.40 37.66
CA ILE F 309 25.98 -8.99 37.56
C ILE F 309 24.94 -8.63 38.61
N HIS F 310 25.12 -7.48 39.25
CA HIS F 310 24.18 -6.99 40.23
C HIS F 310 22.91 -6.51 39.55
N PHE F 311 21.87 -6.26 40.34
CA PHE F 311 20.58 -5.79 39.82
C PHE F 311 20.52 -4.28 39.64
N ARG F 312 21.27 -3.52 40.43
CA ARG F 312 21.29 -2.08 40.27
C ARG F 312 21.85 -1.64 38.92
N VAL F 313 22.65 -2.49 38.28
CA VAL F 313 23.09 -2.24 36.90
C VAL F 313 22.00 -2.58 35.89
N LEU F 314 21.27 -3.67 36.10
CA LEU F 314 20.19 -4.06 35.20
C LEU F 314 19.00 -3.10 35.25
N ALA F 315 18.76 -2.43 36.37
CA ALA F 315 17.67 -1.48 36.45
C ALA F 315 17.97 -0.18 35.69
N LYS F 316 19.23 0.28 35.77
CA LYS F 316 19.61 1.52 35.09
C LYS F 316 19.61 1.39 33.58
N ALA F 317 19.57 0.17 33.04
CA ALA F 317 19.39 -0.02 31.61
C ALA F 317 17.92 -0.05 31.22
N LEU F 318 17.08 -0.70 32.02
CA LEU F 318 15.65 -0.68 31.77
C LEU F 318 15.07 0.72 31.88
N ARG F 319 15.66 1.57 32.72
CA ARG F 319 15.16 2.94 32.82
C ARG F 319 15.32 3.67 31.49
N MET F 320 16.47 3.52 30.84
CA MET F 320 16.67 4.18 29.55
C MET F 320 15.94 3.49 28.42
N SER F 321 15.81 2.15 28.49
CA SER F 321 15.12 1.44 27.41
C SER F 321 13.66 1.84 27.31
N GLY F 322 12.97 1.89 28.45
CA GLY F 322 11.57 2.33 28.46
C GLY F 322 10.65 1.47 29.29
N GLY F 323 9.88 2.08 30.16
CA GLY F 323 8.93 1.34 30.98
C GLY F 323 8.30 2.25 32.02
N ASP F 324 7.23 1.75 32.61
CA ASP F 324 6.50 2.48 33.66
C ASP F 324 6.52 1.78 35.00
N HIS F 325 6.24 0.48 35.05
CA HIS F 325 6.29 -0.28 36.28
C HIS F 325 7.44 -1.27 36.20
N ILE F 326 7.91 -1.70 37.37
CA ILE F 326 8.95 -2.73 37.43
C ILE F 326 8.85 -3.41 38.79
N HIS F 327 9.14 -4.71 38.81
CA HIS F 327 9.13 -5.47 40.03
C HIS F 327 10.41 -5.22 40.82
N SER F 328 10.27 -4.97 42.12
CA SER F 328 11.42 -4.74 42.98
C SER F 328 11.54 -5.75 44.11
N GLY F 329 10.53 -6.57 44.36
CA GLY F 329 10.58 -7.58 45.39
C GLY F 329 10.30 -7.01 46.77
N THR F 330 10.04 -7.92 47.70
CA THR F 330 9.75 -7.56 49.08
C THR F 330 10.90 -8.01 49.99
N VAL F 331 10.75 -7.71 51.28
CA VAL F 331 11.76 -8.03 52.27
C VAL F 331 11.27 -9.12 53.23
N VAL F 332 9.96 -9.32 53.33
CA VAL F 332 9.41 -10.26 54.29
C VAL F 332 8.60 -11.33 53.58
N GLY F 333 8.92 -11.60 52.32
CA GLY F 333 8.21 -12.60 51.55
C GLY F 333 8.93 -13.93 51.51
N LYS F 334 8.67 -14.72 50.47
CA LYS F 334 9.29 -16.02 50.30
C LYS F 334 10.49 -16.00 49.36
N LEU F 335 10.94 -14.81 48.94
CA LEU F 335 12.10 -14.68 48.06
C LEU F 335 13.11 -13.75 48.71
N GLU F 336 14.38 -13.94 48.35
CA GLU F 336 15.47 -13.27 49.04
C GLU F 336 15.45 -11.76 48.80
N GLY F 337 16.02 -11.03 49.74
CA GLY F 337 16.12 -9.59 49.67
C GLY F 337 16.66 -8.99 50.96
N GLU F 338 17.36 -7.88 50.86
CA GLU F 338 17.96 -7.23 52.04
C GLU F 338 17.43 -5.80 52.15
N ARG F 339 17.41 -5.31 53.38
CA ARG F 339 16.76 -4.04 53.70
C ARG F 339 17.57 -2.81 53.31
N GLU F 340 18.87 -2.95 53.10
CA GLU F 340 19.70 -1.81 52.72
C GLU F 340 19.89 -1.66 51.23
N VAL F 341 20.14 -2.75 50.51
CA VAL F 341 20.32 -2.67 49.06
C VAL F 341 19.04 -2.19 48.38
N THR F 342 17.88 -2.64 48.88
CA THR F 342 16.61 -2.23 48.30
C THR F 342 16.41 -0.72 48.44
N LEU F 343 16.66 -0.19 49.63
CA LEU F 343 16.59 1.25 49.84
C LEU F 343 17.63 1.98 49.01
N GLY F 344 18.77 1.37 48.77
CA GLY F 344 19.79 1.96 47.93
C GLY F 344 19.38 2.11 46.48
N PHE F 345 18.79 1.08 45.90
CA PHE F 345 18.47 1.14 44.47
C PHE F 345 17.04 1.56 44.18
N VAL F 346 16.21 1.82 45.19
CA VAL F 346 14.94 2.48 44.92
C VAL F 346 15.17 3.94 44.54
N ASP F 347 16.12 4.60 45.20
CA ASP F 347 16.41 6.00 44.90
C ASP F 347 16.91 6.17 43.48
N LEU F 348 17.75 5.24 43.00
CA LEU F 348 18.22 5.29 41.62
C LEU F 348 17.08 5.14 40.62
N LEU F 349 15.93 4.63 41.05
CA LEU F 349 14.78 4.49 40.19
C LEU F 349 13.79 5.64 40.29
N ARG F 350 13.69 6.30 41.45
CA ARG F 350 12.66 7.32 41.65
C ARG F 350 13.18 8.75 41.72
N ASP F 351 14.44 8.97 42.03
CA ASP F 351 14.93 10.30 42.32
C ASP F 351 15.51 10.96 41.07
N ASP F 352 16.11 12.15 41.26
CA ASP F 352 16.71 12.91 40.16
C ASP F 352 18.16 13.27 40.39
N TYR F 353 18.70 13.10 41.60
CA TYR F 353 20.10 13.42 41.87
C TYR F 353 20.52 12.62 43.10
N ILE F 354 21.42 11.66 42.90
CA ILE F 354 21.85 10.76 43.95
C ILE F 354 23.32 10.99 44.24
N GLU F 355 23.68 11.04 45.51
CA GLU F 355 25.05 11.26 45.95
C GLU F 355 25.70 9.95 46.34
N LYS F 356 27.04 9.94 46.32
CA LYS F 356 27.79 8.74 46.63
C LYS F 356 27.57 8.30 48.07
N ASP F 357 27.47 6.99 48.27
CA ASP F 357 27.29 6.42 49.61
C ASP F 357 27.70 4.96 49.55
N ARG F 358 28.75 4.60 50.27
CA ARG F 358 29.26 3.23 50.27
C ARG F 358 28.57 2.33 51.29
N SER F 359 27.77 2.89 52.19
CA SER F 359 27.01 2.08 53.14
C SER F 359 25.77 1.47 52.51
N ARG F 360 25.42 1.87 51.29
CA ARG F 360 24.27 1.32 50.59
C ARG F 360 24.60 0.76 49.22
N GLY F 361 25.87 0.72 48.82
CA GLY F 361 26.30 0.10 47.59
C GLY F 361 26.61 1.07 46.47
N ILE F 362 26.33 2.35 46.64
CA ILE F 362 26.56 3.32 45.57
C ILE F 362 28.03 3.70 45.52
N TYR F 363 28.61 3.64 44.33
CA TYR F 363 30.00 4.02 44.11
C TYR F 363 30.18 5.37 43.43
N PHE F 364 29.33 5.71 42.48
CA PHE F 364 29.47 6.93 41.69
C PHE F 364 28.29 7.86 41.92
N THR F 365 28.46 9.12 41.48
CA THR F 365 27.42 10.13 41.56
C THR F 365 26.69 10.21 40.23
N GLN F 366 25.36 10.24 40.28
CA GLN F 366 24.54 10.17 39.08
C GLN F 366 23.49 11.28 39.09
N ASP F 367 23.27 11.88 37.92
CA ASP F 367 22.19 12.82 37.70
C ASP F 367 21.51 12.52 36.38
N TRP F 368 20.18 12.64 36.36
CA TRP F 368 19.37 12.18 35.23
C TRP F 368 18.86 13.30 34.36
N VAL F 369 19.30 14.54 34.59
CA VAL F 369 18.90 15.76 33.86
C VAL F 369 17.45 15.71 33.40
N SER F 370 16.52 15.64 34.35
CA SER F 370 15.08 15.76 34.09
C SER F 370 14.57 14.64 33.18
N MET F 371 14.65 13.40 33.66
CA MET F 371 14.00 12.28 33.01
C MET F 371 13.02 11.63 33.97
N PRO F 372 11.81 11.30 33.52
CA PRO F 372 10.79 10.77 34.44
C PRO F 372 11.20 9.44 35.05
N GLY F 373 10.73 9.21 36.29
CA GLY F 373 11.02 8.00 37.01
C GLY F 373 9.99 6.91 36.78
N VAL F 374 10.12 5.83 37.54
CA VAL F 374 9.25 4.67 37.45
C VAL F 374 8.77 4.28 38.83
N LEU F 375 7.69 3.48 38.86
CA LEU F 375 7.01 3.00 40.06
C LEU F 375 7.46 1.59 40.41
N PRO F 376 7.95 1.36 41.62
CA PRO F 376 8.29 0.01 42.06
C PRO F 376 7.07 -0.78 42.53
N VAL F 377 7.18 -2.10 42.43
CA VAL F 377 6.08 -3.00 42.73
C VAL F 377 6.57 -4.05 43.73
N ALA F 378 5.77 -4.32 44.75
CA ALA F 378 6.09 -5.30 45.78
C ALA F 378 5.10 -6.47 45.70
N SER F 379 5.62 -7.69 45.76
CA SER F 379 4.80 -8.89 45.68
C SER F 379 5.58 -10.07 46.23
N GLY F 380 4.96 -11.25 46.17
CA GLY F 380 5.65 -12.47 46.54
C GLY F 380 5.30 -13.11 47.87
N GLY F 381 4.01 -13.24 48.18
CA GLY F 381 3.62 -14.04 49.32
C GLY F 381 3.42 -13.29 50.62
N ILE F 382 2.61 -12.24 50.60
CA ILE F 382 2.35 -11.42 51.77
C ILE F 382 0.88 -11.52 52.12
N HIS F 383 0.55 -11.29 53.39
CA HIS F 383 -0.83 -11.33 53.85
C HIS F 383 -1.10 -10.10 54.73
N VAL F 384 -2.24 -10.11 55.40
CA VAL F 384 -2.77 -8.88 56.00
C VAL F 384 -1.92 -8.43 57.18
N TRP F 385 -1.25 -9.37 57.86
CA TRP F 385 -0.48 -9.02 59.05
C TRP F 385 0.78 -8.24 58.71
N HIS F 386 1.17 -8.24 57.42
CA HIS F 386 2.40 -7.60 56.99
C HIS F 386 2.19 -6.15 56.57
N MET F 387 0.96 -5.66 56.61
CA MET F 387 0.63 -4.32 56.11
C MET F 387 1.35 -3.19 56.84
N PRO F 388 1.38 -3.16 58.19
CA PRO F 388 1.98 -2.00 58.87
C PRO F 388 3.50 -2.00 58.84
N ALA F 389 4.09 -2.88 58.04
CA ALA F 389 5.55 -2.92 57.91
C ALA F 389 5.96 -2.63 56.48
N LEU F 390 5.01 -2.71 55.55
CA LEU F 390 5.26 -2.42 54.15
C LEU F 390 5.00 -0.97 53.79
N THR F 391 4.10 -0.30 54.49
CA THR F 391 3.83 1.11 54.24
C THR F 391 4.87 2.02 54.88
N GLU F 392 5.76 1.47 55.70
CA GLU F 392 6.80 2.26 56.34
C GLU F 392 8.10 2.26 55.54
N ILE F 393 8.33 1.24 54.72
CA ILE F 393 9.57 1.13 53.96
C ILE F 393 9.47 1.92 52.67
N PHE F 394 8.51 1.56 51.82
CA PHE F 394 8.42 2.14 50.48
C PHE F 394 7.90 3.57 50.53
N GLY F 395 6.68 3.76 51.02
CA GLY F 395 6.12 5.10 51.09
C GLY F 395 4.76 5.14 50.42
N ASP F 396 4.44 6.30 49.86
CA ASP F 396 3.15 6.53 49.22
C ASP F 396 3.18 6.33 47.71
N ASP F 397 4.31 5.97 47.13
CA ASP F 397 4.44 5.77 45.70
C ASP F 397 4.91 4.35 45.43
N SER F 398 3.95 3.42 45.37
CA SER F 398 4.25 2.02 45.12
C SER F 398 2.96 1.29 44.78
N VAL F 399 3.10 0.02 44.44
CA VAL F 399 1.99 -0.86 44.12
C VAL F 399 2.12 -2.13 44.95
N LEU F 400 1.00 -2.55 45.54
CA LEU F 400 0.98 -3.73 46.40
C LEU F 400 0.08 -4.78 45.76
N GLN F 401 0.55 -6.02 45.69
CA GLN F 401 -0.18 -7.10 45.05
C GLN F 401 -0.34 -8.27 46.01
N PHE F 402 -1.54 -8.85 46.05
CA PHE F 402 -1.84 -10.04 46.84
C PHE F 402 -2.44 -11.08 45.90
N GLY F 403 -1.70 -12.16 45.67
CA GLY F 403 -2.17 -13.20 44.78
C GLY F 403 -2.91 -14.32 45.48
N GLY F 404 -2.26 -14.91 46.48
CA GLY F 404 -2.87 -15.99 47.24
C GLY F 404 -3.62 -15.56 48.49
N GLY F 405 -3.43 -14.33 48.92
CA GLY F 405 -4.11 -13.82 50.10
C GLY F 405 -5.51 -13.33 49.86
N THR F 406 -6.01 -13.41 48.63
CA THR F 406 -7.36 -12.99 48.29
C THR F 406 -8.25 -14.16 47.92
N LEU F 407 -7.83 -15.00 46.98
CA LEU F 407 -8.62 -16.14 46.58
C LEU F 407 -8.65 -17.24 47.63
N GLY F 408 -7.83 -17.14 48.67
CA GLY F 408 -7.80 -18.14 49.72
C GLY F 408 -8.64 -17.80 50.94
N HIS F 409 -9.44 -16.75 50.83
CA HIS F 409 -10.30 -16.35 51.95
C HIS F 409 -11.36 -17.42 52.20
N PRO F 410 -11.73 -17.65 53.45
CA PRO F 410 -12.73 -18.70 53.76
C PRO F 410 -14.15 -18.35 53.36
N TRP F 411 -14.41 -17.17 52.79
CA TRP F 411 -15.76 -16.76 52.45
C TRP F 411 -15.98 -16.48 50.97
N GLY F 412 -14.94 -16.32 50.16
CA GLY F 412 -15.09 -16.11 48.75
C GLY F 412 -14.17 -15.03 48.25
N ASN F 413 -14.47 -14.53 47.04
CA ASN F 413 -13.62 -13.52 46.43
C ASN F 413 -13.99 -12.12 46.91
N ALA F 414 -15.25 -11.73 46.73
CA ALA F 414 -15.66 -10.37 47.09
C ALA F 414 -15.46 -10.07 48.56
N PRO F 415 -15.87 -10.93 49.51
CA PRO F 415 -15.57 -10.63 50.92
C PRO F 415 -14.08 -10.56 51.22
N GLY F 416 -13.25 -11.23 50.44
CA GLY F 416 -11.82 -11.24 50.70
C GLY F 416 -11.07 -10.02 50.28
N ALA F 417 -11.67 -9.13 49.49
CA ALA F 417 -11.00 -7.92 49.06
C ALA F 417 -11.30 -6.72 49.94
N VAL F 418 -12.37 -6.76 50.73
CA VAL F 418 -12.69 -5.66 51.63
C VAL F 418 -11.68 -5.58 52.76
N ALA F 419 -11.25 -6.75 53.27
CA ALA F 419 -10.31 -6.78 54.38
C ALA F 419 -8.97 -6.16 54.02
N ASN F 420 -8.48 -6.37 52.80
CA ASN F 420 -7.22 -5.78 52.39
C ASN F 420 -7.32 -4.26 52.29
N ARG F 421 -8.44 -3.73 51.80
CA ARG F 421 -8.59 -2.29 51.69
C ARG F 421 -8.75 -1.63 53.07
N VAL F 422 -9.50 -2.28 53.97
CA VAL F 422 -9.71 -1.72 55.30
C VAL F 422 -8.39 -1.65 56.06
N ALA F 423 -7.58 -2.69 55.98
CA ALA F 423 -6.30 -2.72 56.69
C ALA F 423 -5.34 -1.64 56.23
N LEU F 424 -5.46 -1.16 55.00
CA LEU F 424 -4.62 -0.07 54.51
C LEU F 424 -5.19 1.30 54.81
N GLU F 425 -6.50 1.47 54.66
CA GLU F 425 -7.11 2.74 54.99
C GLU F 425 -7.13 3.01 56.49
N ALA F 426 -6.97 1.97 57.32
CA ALA F 426 -6.80 2.17 58.76
C ALA F 426 -5.37 2.49 59.14
N CYS F 427 -4.39 2.13 58.31
CA CYS F 427 -3.00 2.47 58.59
C CYS F 427 -2.65 3.86 58.09
N VAL F 428 -3.22 4.29 56.97
CA VAL F 428 -2.95 5.65 56.49
C VAL F 428 -3.44 6.69 57.49
N GLN F 429 -4.67 6.49 58.00
CA GLN F 429 -5.23 7.41 58.99
C GLN F 429 -4.41 7.42 60.26
N ALA F 430 -3.97 6.26 60.73
CA ALA F 430 -3.13 6.18 61.91
C ALA F 430 -1.77 6.85 61.72
N ARG F 431 -1.17 6.73 60.54
CA ARG F 431 0.09 7.42 60.27
C ARG F 431 -0.09 8.92 60.24
N ASN F 432 -1.17 9.43 59.63
CA ASN F 432 -1.35 10.87 59.57
C ASN F 432 -1.99 11.40 60.84
N GLU F 433 -1.46 11.01 62.00
CA GLU F 433 -1.88 11.61 63.26
C GLU F 433 -0.68 11.82 64.18
N GLY F 434 0.39 11.08 63.94
CA GLY F 434 1.58 11.18 64.76
C GLY F 434 1.93 9.92 65.51
N ARG F 435 1.28 8.81 65.15
CA ARG F 435 1.53 7.52 65.77
C ARG F 435 2.62 6.76 65.01
N ASP F 436 3.43 6.03 65.76
CA ASP F 436 4.53 5.27 65.17
C ASP F 436 4.00 3.96 64.60
N LEU F 437 4.39 3.67 63.35
CA LEU F 437 3.91 2.49 62.64
C LEU F 437 4.76 1.26 62.88
N ALA F 438 5.90 1.39 63.55
CA ALA F 438 6.80 0.26 63.79
C ALA F 438 6.56 -0.38 65.14
N ARG F 439 6.61 0.40 66.22
CA ARG F 439 6.41 -0.15 67.56
C ARG F 439 4.99 -0.65 67.75
N GLU F 440 4.01 0.12 67.29
CA GLU F 440 2.60 -0.23 67.42
C GLU F 440 2.04 -0.65 66.06
N GLY F 441 2.15 -1.94 65.76
CA GLY F 441 1.64 -2.43 64.49
C GLY F 441 0.65 -3.57 64.68
N ASN F 442 0.68 -4.20 65.85
CA ASN F 442 -0.27 -5.26 66.18
C ASN F 442 -1.45 -4.74 66.99
N ASP F 443 -1.50 -3.43 67.25
CA ASP F 443 -2.62 -2.82 67.94
C ASP F 443 -3.54 -2.02 67.04
N ILE F 444 -3.04 -1.48 65.93
CA ILE F 444 -3.92 -0.80 64.99
C ILE F 444 -4.88 -1.79 64.34
N ILE F 445 -4.39 -2.97 63.98
CA ILE F 445 -5.24 -3.95 63.31
C ILE F 445 -6.28 -4.54 64.24
N ARG F 446 -5.91 -4.83 65.49
CA ARG F 446 -6.84 -5.43 66.44
C ARG F 446 -7.98 -4.52 66.83
N GLU F 447 -7.85 -3.21 66.64
CA GLU F 447 -8.95 -2.28 66.85
C GLU F 447 -9.84 -2.14 65.63
N ALA F 448 -9.27 -2.16 64.44
CA ALA F 448 -10.09 -2.11 63.23
C ALA F 448 -10.82 -3.43 63.00
N SER F 449 -10.34 -4.52 63.62
CA SER F 449 -10.97 -5.81 63.43
C SER F 449 -12.13 -5.99 64.41
N LYS F 450 -12.65 -4.89 64.95
CA LYS F 450 -13.77 -4.94 65.88
C LYS F 450 -15.07 -4.39 65.30
N TRP F 451 -15.02 -3.58 64.24
CA TRP F 451 -16.22 -3.11 63.58
C TRP F 451 -16.39 -3.66 62.17
N SER F 452 -15.48 -4.52 61.72
CA SER F 452 -15.56 -5.14 60.40
C SER F 452 -15.56 -6.66 60.57
N PRO F 453 -16.69 -7.33 60.33
CA PRO F 453 -16.73 -8.79 60.50
C PRO F 453 -15.94 -9.57 59.45
N GLU F 454 -15.55 -8.95 58.34
CA GLU F 454 -14.80 -9.63 57.30
C GLU F 454 -13.30 -9.61 57.53
N LEU F 455 -12.81 -8.84 58.50
CA LEU F 455 -11.40 -8.85 58.84
C LEU F 455 -11.06 -9.80 59.98
N ALA F 456 -11.98 -9.97 60.93
CA ALA F 456 -11.77 -10.93 62.00
C ALA F 456 -11.70 -12.35 61.46
N ALA F 457 -12.45 -12.66 60.41
CA ALA F 457 -12.34 -13.97 59.77
C ALA F 457 -10.97 -14.19 59.17
N ALA F 458 -10.39 -13.17 58.53
CA ALA F 458 -9.07 -13.33 57.90
C ALA F 458 -7.94 -13.34 58.92
N CYS F 459 -8.11 -12.66 60.05
CA CYS F 459 -7.03 -12.56 61.03
C CYS F 459 -6.75 -13.88 61.75
N GLU F 460 -7.61 -14.89 61.60
CA GLU F 460 -7.43 -16.17 62.27
C GLU F 460 -6.82 -17.26 61.39
N VAL F 461 -7.08 -17.25 60.09
CA VAL F 461 -6.56 -18.32 59.23
C VAL F 461 -5.04 -18.25 59.16
N TRP F 462 -4.48 -17.08 58.90
CA TRP F 462 -3.05 -16.87 58.85
C TRP F 462 -2.67 -15.99 60.03
N LYS F 463 -2.02 -16.58 61.03
CA LYS F 463 -1.63 -15.83 62.23
C LYS F 463 -0.19 -16.10 62.66
N GLU F 464 0.40 -17.23 62.32
CA GLU F 464 1.77 -17.53 62.70
C GLU F 464 2.56 -18.08 61.52
N ILE F 465 2.35 -17.50 60.35
CA ILE F 465 3.03 -17.93 59.12
C ILE F 465 4.11 -16.91 58.82
N LYS F 466 5.35 -17.24 59.16
CA LYS F 466 6.49 -16.37 58.93
C LYS F 466 7.56 -17.13 58.16
N PHE F 467 8.31 -16.41 57.33
CA PHE F 467 9.42 -16.98 56.57
C PHE F 467 10.70 -16.33 57.06
N VAL F 468 11.55 -17.10 57.74
CA VAL F 468 12.82 -16.62 58.29
C VAL F 468 13.89 -17.63 57.90
N PHE F 469 14.90 -17.16 57.16
CA PHE F 469 16.06 -17.96 56.79
C PHE F 469 17.29 -17.06 56.75
N GLU F 470 18.44 -17.67 56.48
CA GLU F 470 19.69 -16.93 56.41
C GLU F 470 19.79 -16.19 55.08
N THR F 471 20.92 -15.51 54.88
CA THR F 471 21.16 -14.70 53.71
C THR F 471 22.46 -15.13 53.03
N ILE F 472 22.43 -15.10 51.69
CA ILE F 472 23.58 -15.50 50.87
C ILE F 472 24.36 -14.29 50.40
N ASP F 473 23.71 -13.38 49.67
CA ASP F 473 24.37 -12.17 49.16
C ASP F 473 24.37 -11.08 50.24
N THR F 474 25.37 -11.16 51.11
CA THR F 474 25.51 -10.20 52.20
C THR F 474 26.42 -9.06 51.75
N LEU F 475 25.81 -7.88 51.55
CA LEU F 475 26.46 -6.64 51.11
C LEU F 475 27.87 -6.77 50.54
N GLY G 12 0.85 36.35 48.88
CA GLY G 12 -0.33 36.99 48.35
C GLY G 12 -0.33 37.07 46.83
N PHE G 13 -1.25 37.88 46.27
CA PHE G 13 -1.34 38.04 44.84
C PHE G 13 -0.95 39.46 44.51
N LYS G 14 -1.62 40.48 45.05
CA LYS G 14 -1.25 41.87 44.85
C LYS G 14 -1.10 42.25 43.38
N ALA G 15 -2.20 42.21 42.63
CA ALA G 15 -2.19 42.52 41.21
C ALA G 15 -1.72 43.96 40.98
N GLY G 16 -0.89 44.14 39.95
CA GLY G 16 -0.34 45.45 39.66
C GLY G 16 0.75 45.34 38.60
N VAL G 17 1.59 46.38 38.54
CA VAL G 17 2.66 46.48 37.56
C VAL G 17 3.96 46.78 38.28
N LYS G 18 5.01 46.03 37.95
CA LYS G 18 6.33 46.19 38.55
C LYS G 18 7.39 46.33 37.47
N ASP G 19 8.64 46.44 37.91
CA ASP G 19 9.77 46.59 37.00
C ASP G 19 10.40 45.24 36.70
N TYR G 20 11.06 45.16 35.55
CA TYR G 20 11.76 43.94 35.16
C TYR G 20 13.04 43.74 35.96
N ARG G 21 13.71 44.83 36.32
CA ARG G 21 14.99 44.79 37.02
C ARG G 21 14.91 44.05 38.35
N LEU G 22 13.78 44.13 39.05
CA LEU G 22 13.63 43.54 40.37
C LEU G 22 13.68 42.01 40.34
N THR G 23 13.57 41.41 39.16
CA THR G 23 13.51 39.95 39.08
C THR G 23 14.51 39.39 38.08
N TYR G 24 14.82 40.14 37.02
CA TYR G 24 15.58 39.59 35.90
C TYR G 24 16.98 40.18 35.77
N TYR G 25 17.55 40.70 36.84
CA TYR G 25 18.91 41.25 36.83
C TYR G 25 19.66 40.67 38.02
N THR G 26 20.52 39.68 37.75
CA THR G 26 21.29 38.98 38.79
C THR G 26 22.76 38.98 38.39
N PRO G 27 23.51 40.06 38.67
CA PRO G 27 24.90 40.16 38.22
C PRO G 27 25.91 39.50 39.16
N ASP G 28 25.54 38.34 39.72
CA ASP G 28 26.46 37.56 40.52
C ASP G 28 26.29 36.08 40.27
N TYR G 29 25.81 35.73 39.08
CA TYR G 29 25.39 34.37 38.75
C TYR G 29 26.53 33.63 38.05
N GLU G 30 26.72 32.36 38.44
CA GLU G 30 27.75 31.51 37.86
C GLU G 30 27.10 30.58 36.85
N THR G 31 27.60 30.59 35.62
CA THR G 31 27.02 29.78 34.56
C THR G 31 27.34 28.30 34.79
N LYS G 32 26.44 27.44 34.31
CA LYS G 32 26.63 26.00 34.34
C LYS G 32 27.22 25.52 33.02
N ASP G 33 27.39 24.21 32.90
CA ASP G 33 27.96 23.60 31.70
C ASP G 33 26.90 23.09 30.75
N THR G 34 25.62 23.29 31.06
CA THR G 34 24.53 22.88 30.18
C THR G 34 23.62 24.06 29.84
N ASP G 35 24.21 25.23 29.61
CA ASP G 35 23.46 26.45 29.34
C ASP G 35 23.82 27.00 27.97
N ILE G 36 22.92 27.80 27.42
CA ILE G 36 23.12 28.46 26.13
C ILE G 36 23.31 29.95 26.38
N LEU G 37 24.37 30.51 25.80
CA LEU G 37 24.73 31.90 26.02
C LEU G 37 24.63 32.69 24.72
N ALA G 38 24.33 33.98 24.84
CA ALA G 38 24.19 34.85 23.69
C ALA G 38 24.73 36.24 24.04
N ALA G 39 25.08 37.00 23.01
CA ALA G 39 25.62 38.35 23.18
C ALA G 39 24.86 39.30 22.26
N PHE G 40 24.35 40.38 22.82
CA PHE G 40 23.60 41.39 22.07
C PHE G 40 24.33 42.72 22.09
N ARG G 41 24.08 43.52 21.06
CA ARG G 41 24.51 44.90 21.01
C ARG G 41 23.29 45.77 20.80
N MET G 42 23.08 46.75 21.69
CA MET G 42 21.81 47.46 21.76
C MET G 42 22.04 48.95 21.88
N THR G 43 21.04 49.71 21.45
CA THR G 43 21.05 51.18 21.53
C THR G 43 19.77 51.62 22.25
N PRO G 44 19.87 51.99 23.53
CA PRO G 44 18.67 52.38 24.28
C PRO G 44 18.08 53.69 23.77
N GLN G 45 16.82 53.90 24.12
CA GLN G 45 16.01 55.08 23.84
C GLN G 45 16.22 56.13 24.92
N PRO G 46 16.28 57.42 24.55
CA PRO G 46 16.53 58.47 25.56
C PRO G 46 15.56 58.41 26.74
N GLY G 47 16.11 58.38 27.94
CA GLY G 47 15.33 58.31 29.15
C GLY G 47 15.14 56.93 29.74
N VAL G 48 15.99 55.97 29.39
CA VAL G 48 15.88 54.61 29.90
C VAL G 48 17.24 54.13 30.38
N PRO G 49 17.37 53.64 31.61
CA PRO G 49 18.65 53.11 32.08
C PRO G 49 19.03 51.86 31.32
N PRO G 50 20.33 51.61 31.12
CA PRO G 50 20.77 50.42 30.37
C PRO G 50 20.31 49.12 31.02
N GLU G 51 20.31 49.08 32.34
CA GLU G 51 19.94 47.88 33.08
C GLU G 51 18.49 47.49 32.84
N GLU G 52 17.59 48.48 32.76
CA GLU G 52 16.19 48.17 32.53
C GLU G 52 15.99 47.51 31.16
N ALA G 53 16.66 48.05 30.13
CA ALA G 53 16.57 47.43 28.81
C ALA G 53 17.20 46.04 28.79
N GLY G 54 18.35 45.87 29.43
CA GLY G 54 18.97 44.57 29.50
C GLY G 54 18.11 43.54 30.19
N ALA G 55 17.40 43.94 31.24
CA ALA G 55 16.48 43.05 31.92
C ALA G 55 15.21 42.77 31.11
N ALA G 56 14.69 43.78 30.40
CA ALA G 56 13.51 43.60 29.57
C ALA G 56 13.75 42.71 28.37
N VAL G 57 14.97 42.69 27.82
CA VAL G 57 15.25 41.80 26.71
C VAL G 57 15.11 40.34 27.13
N ALA G 58 15.62 39.98 28.31
CA ALA G 58 15.59 38.59 28.75
C ALA G 58 14.20 38.16 29.18
N ALA G 59 13.43 39.06 29.79
CA ALA G 59 12.15 38.67 30.38
C ALA G 59 11.16 38.23 29.31
N GLU G 60 11.06 38.98 28.21
CA GLU G 60 10.11 38.69 27.16
C GLU G 60 10.59 37.60 26.19
N SER G 61 11.64 36.86 26.55
CA SER G 61 12.14 35.79 25.71
C SER G 61 11.83 34.40 26.26
N SER G 62 11.76 34.23 27.57
CA SER G 62 11.52 32.92 28.14
C SER G 62 10.18 32.93 28.86
N THR G 63 9.98 33.75 29.88
CA THR G 63 8.75 33.77 30.67
C THR G 63 8.53 35.19 31.17
N GLY G 64 7.46 35.83 30.73
CA GLY G 64 7.15 37.16 31.23
C GLY G 64 6.12 37.92 30.44
N THR G 65 5.52 38.93 31.07
CA THR G 65 4.56 39.80 30.42
C THR G 65 4.63 41.17 31.08
N TRP G 66 3.67 42.04 30.79
CA TRP G 66 3.68 43.41 31.27
C TRP G 66 2.95 43.59 32.60
N THR G 67 2.44 42.52 33.20
CA THR G 67 1.72 42.62 34.47
C THR G 67 1.92 41.32 35.25
N THR G 68 1.24 41.23 36.39
CA THR G 68 1.38 40.09 37.28
C THR G 68 0.18 39.16 37.13
N VAL G 69 0.43 37.85 37.16
CA VAL G 69 -0.62 36.85 37.02
C VAL G 69 -0.59 35.94 38.25
N TRP G 70 -1.74 35.37 38.56
CA TRP G 70 -1.89 34.54 39.76
C TRP G 70 -1.47 33.09 39.55
N THR G 71 -1.28 32.65 38.30
CA THR G 71 -0.95 31.27 38.02
C THR G 71 0.52 30.95 38.19
N ASP G 72 1.35 31.95 38.50
CA ASP G 72 2.78 31.73 38.70
C ASP G 72 3.10 31.08 40.02
N GLY G 73 2.14 30.99 40.94
CA GLY G 73 2.36 30.37 42.23
C GLY G 73 2.25 28.87 42.24
N LEU G 74 1.89 28.25 41.12
CA LEU G 74 1.77 26.81 41.02
C LEU G 74 3.04 26.14 40.49
N THR G 75 4.07 26.92 40.18
CA THR G 75 5.30 26.39 39.63
C THR G 75 6.49 27.05 40.31
N SER G 76 7.69 26.52 40.04
CA SER G 76 8.93 27.09 40.53
C SER G 76 9.54 27.93 39.42
N LEU G 77 9.62 29.24 39.64
CA LEU G 77 10.09 30.17 38.64
C LEU G 77 11.58 30.45 38.73
N ASP G 78 12.30 29.77 39.63
CA ASP G 78 13.73 29.96 39.80
C ASP G 78 14.52 28.90 39.06
N ARG G 79 13.85 28.18 38.17
CA ARG G 79 14.51 27.15 37.36
C ARG G 79 14.03 27.23 35.92
N TYR G 80 13.22 28.26 35.60
CA TYR G 80 12.71 28.41 34.25
C TYR G 80 12.90 29.82 33.69
N LYS G 81 13.73 30.66 34.29
CA LYS G 81 13.87 32.04 33.88
C LYS G 81 15.22 32.27 33.20
N GLY G 82 15.28 33.35 32.42
CA GLY G 82 16.52 33.79 31.82
C GLY G 82 17.07 34.99 32.58
N ARG G 83 18.40 35.10 32.61
CA ARG G 83 19.06 36.11 33.43
C ARG G 83 20.09 36.87 32.62
N CYS G 84 20.30 38.13 33.00
CA CYS G 84 21.35 38.96 32.43
C CYS G 84 22.40 39.18 33.52
N TYR G 85 23.65 38.84 33.22
CA TYR G 85 24.69 38.79 34.24
C TYR G 85 25.92 39.62 33.91
N ASP G 86 25.88 40.42 32.85
CA ASP G 86 27.04 41.25 32.53
C ASP G 86 26.63 42.35 31.56
N ILE G 87 27.16 43.55 31.79
CA ILE G 87 26.97 44.68 30.91
C ILE G 87 28.28 45.44 30.78
N GLU G 88 28.72 45.71 29.55
CA GLU G 88 29.92 46.50 29.32
C GLU G 88 29.70 47.48 28.18
N PRO G 89 30.32 48.65 28.24
CA PRO G 89 30.11 49.65 27.18
C PRO G 89 31.12 49.55 26.05
N VAL G 90 30.69 49.95 24.86
CA VAL G 90 31.57 49.94 23.70
C VAL G 90 32.47 51.18 23.72
N ALA G 91 33.57 51.11 22.98
CA ALA G 91 34.54 52.20 22.89
C ALA G 91 34.30 52.97 21.60
N GLY G 92 34.26 54.29 21.69
CA GLY G 92 34.04 55.14 20.54
C GLY G 92 32.63 55.66 20.38
N GLU G 93 31.72 55.33 21.29
CA GLU G 93 30.34 55.77 21.23
C GLU G 93 29.91 56.24 22.61
N GLU G 94 28.62 56.56 22.74
CA GLU G 94 28.06 57.00 24.01
C GLU G 94 26.69 56.39 24.29
N ASN G 95 26.10 55.69 23.33
CA ASN G 95 24.76 55.15 23.51
C ASN G 95 24.69 53.72 22.96
N GLN G 96 25.70 52.90 23.27
CA GLN G 96 25.74 51.54 22.80
C GLN G 96 26.42 50.66 23.85
N TYR G 97 25.90 49.45 24.03
CA TYR G 97 26.42 48.55 25.06
C TYR G 97 26.36 47.12 24.54
N ILE G 98 26.91 46.21 25.34
CA ILE G 98 26.90 44.78 25.05
C ILE G 98 26.38 44.04 26.28
N ALA G 99 25.45 43.11 26.07
CA ALA G 99 24.80 42.39 27.16
C ALA G 99 24.94 40.89 26.96
N TYR G 100 24.87 40.16 28.06
CA TYR G 100 24.99 38.70 28.07
C TYR G 100 23.76 38.10 28.73
N VAL G 101 23.25 37.01 28.15
CA VAL G 101 22.07 36.32 28.64
C VAL G 101 22.36 34.83 28.74
N ALA G 102 21.68 34.15 29.66
CA ALA G 102 21.84 32.72 29.86
C ALA G 102 20.46 32.05 29.87
N TYR G 103 20.39 30.86 29.26
CA TYR G 103 19.14 30.12 29.15
C TYR G 103 19.30 28.70 29.69
N PRO G 104 18.30 28.18 30.38
CA PRO G 104 18.37 26.78 30.83
C PRO G 104 18.23 25.81 29.66
N LEU G 105 18.63 24.57 29.92
CA LEU G 105 18.68 23.56 28.85
C LEU G 105 17.29 23.05 28.47
N ASP G 106 16.41 22.85 29.44
CA ASP G 106 15.15 22.16 29.18
C ASP G 106 14.08 23.07 28.59
N LEU G 107 14.44 24.20 28.01
CA LEU G 107 13.50 25.10 27.36
C LEU G 107 13.37 24.83 25.85
N PHE G 108 14.09 23.86 25.32
CA PHE G 108 14.14 23.63 23.89
C PHE G 108 13.75 22.20 23.54
N GLU G 109 13.31 22.01 22.30
CA GLU G 109 12.94 20.70 21.79
C GLU G 109 14.12 20.10 21.04
N GLU G 110 14.36 18.81 21.25
CA GLU G 110 15.52 18.13 20.68
C GLU G 110 15.29 17.87 19.20
N GLY G 111 16.24 18.30 18.37
CA GLY G 111 16.23 18.00 16.95
C GLY G 111 15.70 19.10 16.06
N SER G 112 15.16 20.18 16.63
CA SER G 112 14.54 21.23 15.85
C SER G 112 15.34 22.53 15.98
N VAL G 113 15.64 23.13 14.84
CA VAL G 113 16.25 24.46 14.80
C VAL G 113 15.20 25.56 14.76
N THR G 114 14.05 25.30 14.13
CA THR G 114 12.98 26.28 14.08
C THR G 114 12.54 26.70 15.47
N ASN G 115 12.42 25.74 16.39
CA ASN G 115 12.04 26.07 17.76
C ASN G 115 13.07 26.97 18.43
N MET G 116 14.35 26.69 18.26
CA MET G 116 15.38 27.52 18.87
C MET G 116 15.34 28.94 18.31
N PHE G 117 15.21 29.07 16.99
CA PHE G 117 15.17 30.41 16.39
C PHE G 117 13.93 31.18 16.84
N THR G 118 12.79 30.49 16.93
CA THR G 118 11.58 31.15 17.40
C THR G 118 11.71 31.59 18.86
N SER G 119 12.35 30.77 19.69
CA SER G 119 12.48 31.11 21.11
C SER G 119 13.42 32.30 21.31
N ILE G 120 14.60 32.27 20.68
CA ILE G 120 15.59 33.30 20.97
C ILE G 120 15.16 34.66 20.39
N VAL G 121 14.77 34.69 19.11
CA VAL G 121 14.38 35.95 18.50
C VAL G 121 13.02 35.84 17.84
N GLY G 122 11.96 36.10 18.60
CA GLY G 122 10.63 36.11 18.02
C GLY G 122 9.95 37.46 18.04
N ASN G 123 10.15 38.23 19.12
CA ASN G 123 9.41 39.47 19.33
C ASN G 123 10.26 40.62 19.84
N VAL G 124 11.42 40.36 20.43
CA VAL G 124 12.18 41.37 21.15
C VAL G 124 12.75 42.43 20.21
N PHE G 125 12.65 42.18 18.90
CA PHE G 125 13.24 43.07 17.91
C PHE G 125 12.34 44.24 17.55
N GLY G 126 11.16 44.34 18.12
CA GLY G 126 10.23 45.41 17.77
C GLY G 126 9.66 46.16 18.94
N PHE G 127 10.41 46.26 20.03
CA PHE G 127 9.95 46.99 21.21
C PHE G 127 10.00 48.49 20.96
N LYS G 128 9.13 49.22 21.67
CA LYS G 128 9.08 50.67 21.54
C LYS G 128 10.15 51.38 22.35
N ALA G 129 10.88 50.68 23.20
CA ALA G 129 11.89 51.28 24.06
C ALA G 129 13.29 51.13 23.51
N LEU G 130 13.45 50.68 22.27
CA LEU G 130 14.74 50.44 21.66
C LEU G 130 14.75 51.00 20.25
N ARG G 131 15.95 51.26 19.72
CA ARG G 131 16.08 51.77 18.37
C ARG G 131 17.00 50.90 17.50
N ALA G 132 17.66 49.92 18.08
CA ALA G 132 18.57 49.06 17.32
C ALA G 132 18.83 47.80 18.13
N LEU G 133 19.27 46.75 17.43
CA LEU G 133 19.61 45.48 18.05
C LEU G 133 20.32 44.58 17.05
N ARG G 134 21.38 43.89 17.49
CA ARG G 134 22.10 42.96 16.63
C ARG G 134 22.63 41.80 17.46
N LEU G 135 22.55 40.60 16.88
CA LEU G 135 23.04 39.38 17.52
C LEU G 135 24.39 39.01 16.92
N GLU G 136 25.31 38.58 17.79
CA GLU G 136 26.70 38.34 17.39
C GLU G 136 27.11 36.87 17.46
N ASP G 137 26.95 36.22 18.61
CA ASP G 137 27.50 34.88 18.76
C ASP G 137 26.60 34.04 19.66
N LEU G 138 26.83 32.73 19.61
CA LEU G 138 26.11 31.76 20.42
C LEU G 138 27.07 30.68 20.88
N ARG G 139 26.69 29.98 21.95
CA ARG G 139 27.48 28.87 22.48
C ARG G 139 26.57 27.65 22.62
N ILE G 140 26.86 26.61 21.87
CA ILE G 140 26.06 25.38 21.86
C ILE G 140 26.75 24.36 22.75
N PRO G 141 26.13 23.93 23.85
CA PRO G 141 26.77 22.94 24.72
C PRO G 141 26.85 21.59 24.05
N PRO G 142 27.84 20.76 24.41
CA PRO G 142 27.94 19.43 23.80
C PRO G 142 26.77 18.52 24.12
N ALA G 143 26.03 18.78 25.19
CA ALA G 143 24.88 17.95 25.54
C ALA G 143 23.67 18.21 24.67
N TYR G 144 23.69 19.26 23.85
CA TYR G 144 22.57 19.60 22.99
C TYR G 144 22.81 19.26 21.53
N SER G 145 24.05 19.27 21.06
CA SER G 145 24.35 19.00 19.66
C SER G 145 24.43 17.51 19.35
N LYS G 146 24.34 16.64 20.35
CA LYS G 146 24.39 15.21 20.12
C LYS G 146 23.06 14.63 19.66
N THR G 147 21.99 15.42 19.67
CA THR G 147 20.68 14.96 19.23
C THR G 147 20.42 15.23 17.76
N PHE G 148 21.35 15.84 17.05
CA PHE G 148 21.20 16.12 15.63
C PHE G 148 21.97 15.09 14.82
N GLN G 149 21.69 15.06 13.51
CA GLN G 149 22.36 14.12 12.62
C GLN G 149 23.64 14.70 12.03
N GLY G 150 23.62 15.96 11.61
CA GLY G 150 24.80 16.59 11.06
C GLY G 150 24.95 16.36 9.57
N PRO G 151 26.13 16.68 9.03
CA PRO G 151 26.35 16.49 7.60
C PRO G 151 26.21 15.03 7.22
N PRO G 152 25.68 14.74 6.04
CA PRO G 152 25.53 13.34 5.61
C PRO G 152 26.85 12.60 5.48
N HIS G 153 27.82 13.18 4.77
CA HIS G 153 29.07 12.50 4.48
C HIS G 153 30.27 13.18 5.13
N GLY G 154 30.50 14.46 4.85
CA GLY G 154 31.64 15.15 5.42
C GLY G 154 32.71 15.51 4.41
N ILE G 155 33.97 15.51 4.84
CA ILE G 155 35.08 15.85 3.97
C ILE G 155 35.84 14.63 3.50
N GLN G 156 36.27 13.78 4.43
CA GLN G 156 37.10 12.62 4.09
C GLN G 156 36.34 11.63 3.21
N VAL G 157 35.09 11.32 3.56
CA VAL G 157 34.30 10.40 2.77
C VAL G 157 34.02 10.94 1.38
N GLU G 158 33.79 12.24 1.23
CA GLU G 158 33.57 12.83 -0.07
C GLU G 158 34.83 12.72 -0.94
N ARG G 159 36.00 12.97 -0.37
CA ARG G 159 37.24 12.88 -1.12
C ARG G 159 37.60 11.45 -1.48
N ASP G 160 37.27 10.48 -0.62
CA ASP G 160 37.60 9.09 -0.91
C ASP G 160 36.79 8.54 -2.09
N LYS G 161 35.56 9.00 -2.27
CA LYS G 161 34.72 8.45 -3.33
C LYS G 161 35.15 8.93 -4.71
N LEU G 162 35.60 10.17 -4.83
CA LEU G 162 35.95 10.73 -6.13
C LEU G 162 37.41 10.48 -6.52
N ASN G 163 38.23 9.97 -5.60
CA ASN G 163 39.62 9.65 -5.89
C ASN G 163 40.39 10.86 -6.41
N LYS G 164 40.40 11.92 -5.60
CA LYS G 164 41.08 13.17 -5.95
C LYS G 164 41.83 13.68 -4.71
N TYR G 165 43.15 13.81 -4.83
CA TYR G 165 43.98 14.27 -3.72
C TYR G 165 45.02 15.25 -4.24
N GLY G 166 45.38 16.22 -3.40
CA GLY G 166 46.55 17.07 -3.62
C GLY G 166 46.25 18.52 -3.87
N ARG G 167 45.18 18.81 -4.61
CA ARG G 167 44.94 20.17 -5.10
C ARG G 167 43.48 20.52 -4.89
N PRO G 168 43.15 21.81 -4.88
CA PRO G 168 41.74 22.21 -4.84
C PRO G 168 40.99 21.75 -6.07
N LEU G 169 39.68 21.95 -6.05
CA LEU G 169 38.79 21.51 -7.12
C LEU G 169 38.36 22.70 -7.97
N LEU G 170 37.84 22.41 -9.15
CA LEU G 170 37.45 23.41 -10.12
C LEU G 170 36.01 23.19 -10.56
N GLY G 171 35.38 24.27 -11.03
CA GLY G 171 34.01 24.20 -11.48
C GLY G 171 33.65 25.39 -12.34
N CYS G 172 32.44 25.35 -12.89
CA CYS G 172 31.96 26.41 -13.78
C CYS G 172 30.44 26.40 -13.77
N THR G 173 29.87 27.49 -14.27
CA THR G 173 28.42 27.64 -14.38
C THR G 173 28.06 28.20 -15.74
N ILE G 174 26.83 27.91 -16.19
CA ILE G 174 26.42 28.22 -17.55
C ILE G 174 25.73 29.57 -17.59
N LYS G 175 26.09 30.38 -18.60
CA LYS G 175 25.46 31.67 -18.86
C LYS G 175 25.05 31.68 -20.33
N PRO G 176 24.03 32.46 -20.72
CA PRO G 176 23.21 33.40 -19.94
C PRO G 176 22.28 32.70 -18.96
N LYS G 177 21.77 33.44 -17.98
CA LYS G 177 21.01 32.85 -16.89
C LYS G 177 19.74 32.19 -17.38
N LEU G 178 18.99 32.86 -18.25
CA LEU G 178 17.71 32.37 -18.74
C LEU G 178 17.58 32.65 -20.23
N GLY G 179 17.03 31.68 -20.96
CA GLY G 179 16.76 31.89 -22.37
C GLY G 179 17.15 30.74 -23.28
N LEU G 180 17.96 29.82 -22.78
CA LEU G 180 18.46 28.72 -23.58
C LEU G 180 17.43 27.59 -23.67
N SER G 181 17.56 26.79 -24.72
CA SER G 181 16.66 25.66 -24.95
C SER G 181 17.20 24.44 -24.19
N ALA G 182 16.64 23.26 -24.47
CA ALA G 182 17.04 22.05 -23.75
C ALA G 182 18.21 21.34 -24.40
N LYS G 183 18.34 21.39 -25.73
CA LYS G 183 19.45 20.75 -26.40
C LYS G 183 20.71 21.61 -26.42
N ASN G 184 20.57 22.91 -26.65
CA ASN G 184 21.70 23.81 -26.56
C ASN G 184 22.28 23.87 -25.15
N TYR G 185 21.43 23.72 -24.12
CA TYR G 185 21.93 23.66 -22.75
C TYR G 185 22.83 22.44 -22.56
N GLY G 186 22.42 21.28 -23.07
CA GLY G 186 23.25 20.10 -22.96
C GLY G 186 24.48 20.09 -23.83
N ARG G 187 24.44 20.78 -24.97
CA ARG G 187 25.60 20.85 -25.84
C ARG G 187 26.77 21.60 -25.22
N ALA G 188 26.50 22.67 -24.48
CA ALA G 188 27.58 23.48 -23.90
C ALA G 188 28.21 22.84 -22.68
N VAL G 189 27.65 21.76 -22.15
CA VAL G 189 28.23 21.10 -20.99
C VAL G 189 29.34 20.15 -21.40
N TYR G 190 29.14 19.44 -22.51
CA TYR G 190 30.14 18.47 -22.96
C TYR G 190 31.45 19.15 -23.32
N GLU G 191 31.39 20.31 -24.00
CA GLU G 191 32.59 21.03 -24.37
C GLU G 191 33.36 21.48 -23.14
N CYS G 192 32.66 21.99 -22.12
CA CYS G 192 33.34 22.43 -20.92
C CYS G 192 33.94 21.25 -20.16
N LEU G 193 33.22 20.13 -20.10
CA LEU G 193 33.69 18.99 -19.33
C LEU G 193 34.87 18.29 -19.99
N ARG G 194 34.93 18.27 -21.31
CA ARG G 194 36.04 17.60 -21.99
C ARG G 194 37.33 18.39 -21.95
N GLY G 195 37.30 19.62 -21.44
CA GLY G 195 38.48 20.45 -21.42
C GLY G 195 39.40 20.23 -20.24
N GLY G 196 38.86 19.78 -19.11
CA GLY G 196 39.70 19.55 -17.94
C GLY G 196 39.08 19.95 -16.62
N LEU G 197 37.86 20.48 -16.63
CA LEU G 197 37.20 20.86 -15.40
C LEU G 197 36.69 19.62 -14.67
N ASP G 198 36.08 19.84 -13.51
CA ASP G 198 35.59 18.76 -12.66
C ASP G 198 34.09 18.79 -12.46
N PHE G 199 33.50 19.96 -12.23
CA PHE G 199 32.09 20.10 -11.95
C PHE G 199 31.45 21.08 -12.93
N THR G 200 30.12 21.15 -12.87
CA THR G 200 29.38 22.10 -13.69
C THR G 200 28.02 22.37 -13.03
N KCX G 201 27.74 23.63 -12.77
CA KCX G 201 26.60 24.03 -11.96
CB KCX G 201 27.06 25.05 -10.91
CG KCX G 201 25.98 25.65 -10.04
CD KCX G 201 26.59 26.54 -8.97
CE KCX G 201 25.52 27.33 -8.26
NZ KCX G 201 24.97 28.41 -9.13
C KCX G 201 25.45 24.59 -12.78
O KCX G 201 25.66 25.20 -13.83
CX KCX G 201 25.51 29.62 -9.08
OQ1 KCX G 201 26.45 29.83 -8.31
OQ2 KCX G 201 25.07 30.52 -9.80
N ASP G 202 24.22 24.37 -12.31
CA ASP G 202 23.03 24.95 -12.92
C ASP G 202 22.97 26.45 -12.64
N ASP G 203 21.86 26.89 -12.05
CA ASP G 203 21.72 28.29 -11.63
C ASP G 203 20.65 28.40 -10.56
N GLU G 204 20.66 29.49 -9.79
CA GLU G 204 19.78 29.64 -8.65
C GLU G 204 18.31 29.73 -9.04
N ASN G 205 18.00 30.42 -10.14
CA ASN G 205 16.62 30.67 -10.54
C ASN G 205 16.20 29.85 -11.76
N VAL G 206 16.65 28.61 -11.87
CA VAL G 206 16.28 27.74 -12.98
C VAL G 206 15.67 26.48 -12.38
N ASN G 207 14.34 26.43 -12.32
CA ASN G 207 13.66 25.24 -11.83
C ASN G 207 12.82 24.58 -12.92
N SER G 208 11.87 25.32 -13.47
CA SER G 208 11.01 24.82 -14.54
C SER G 208 10.26 25.99 -15.13
N GLN G 209 10.35 26.19 -16.43
CA GLN G 209 9.80 27.35 -17.10
C GLN G 209 9.35 26.95 -18.50
N PRO G 210 8.48 27.75 -19.12
CA PRO G 210 7.93 27.35 -20.43
C PRO G 210 8.98 27.09 -21.50
N PHE G 211 10.12 27.77 -21.47
CA PHE G 211 11.12 27.55 -22.51
C PHE G 211 11.94 26.30 -22.28
N MET G 212 11.91 25.73 -21.07
CA MET G 212 12.70 24.53 -20.77
C MET G 212 12.15 23.89 -19.51
N ARG G 213 11.72 22.63 -19.61
CA ARG G 213 11.28 21.86 -18.47
C ARG G 213 12.43 21.00 -17.94
N TRP G 214 12.17 20.28 -16.85
CA TRP G 214 13.24 19.60 -16.14
C TRP G 214 13.44 18.15 -16.59
N ARG G 215 12.36 17.43 -16.87
CA ARG G 215 12.48 16.00 -17.11
C ARG G 215 13.28 15.66 -18.36
N ASP G 216 13.38 16.58 -19.31
CA ASP G 216 14.22 16.36 -20.49
C ASP G 216 15.59 16.98 -20.36
N ARG G 217 15.72 18.07 -19.61
CA ARG G 217 17.04 18.62 -19.32
C ARG G 217 17.88 17.60 -18.56
N PHE G 218 17.26 16.88 -17.62
CA PHE G 218 17.99 15.81 -16.92
C PHE G 218 18.54 14.78 -17.90
N LEU G 219 17.71 14.32 -18.84
CA LEU G 219 18.14 13.31 -19.80
C LEU G 219 19.26 13.83 -20.69
N PHE G 220 19.13 15.06 -21.18
CA PHE G 220 20.15 15.60 -22.06
C PHE G 220 21.48 15.83 -21.35
N VAL G 221 21.45 16.19 -20.06
CA VAL G 221 22.70 16.31 -19.31
C VAL G 221 23.32 14.92 -19.06
N ALA G 222 22.47 13.94 -18.73
CA ALA G 222 22.98 12.60 -18.47
C ALA G 222 23.62 11.99 -19.71
N GLU G 223 23.05 12.25 -20.89
CA GLU G 223 23.67 11.72 -22.11
C GLU G 223 25.06 12.29 -22.33
N ALA G 224 25.26 13.58 -22.08
CA ALA G 224 26.55 14.22 -22.30
C ALA G 224 27.59 13.81 -21.27
N ILE G 225 27.18 13.55 -20.02
CA ILE G 225 28.14 13.20 -18.98
C ILE G 225 28.86 11.90 -19.33
N PHE G 226 28.11 10.90 -19.77
CA PHE G 226 28.72 9.61 -20.10
C PHE G 226 29.70 9.74 -21.26
N LYS G 227 29.33 10.49 -22.30
CA LYS G 227 30.24 10.68 -23.42
C LYS G 227 31.50 11.42 -23.03
N SER G 228 31.40 12.45 -22.20
CA SER G 228 32.56 13.20 -21.78
C SER G 228 33.45 12.43 -20.80
N GLN G 229 32.88 11.49 -20.04
CA GLN G 229 33.65 10.74 -19.06
C GLN G 229 34.54 9.66 -19.68
N ALA G 230 34.09 9.01 -20.74
CA ALA G 230 34.79 7.86 -21.30
C ALA G 230 35.89 8.26 -22.29
N GLU G 231 36.12 9.56 -22.48
CA GLU G 231 37.14 10.03 -23.42
C GLU G 231 38.42 10.46 -22.72
N THR G 232 38.34 10.95 -21.49
CA THR G 232 39.53 11.38 -20.76
C THR G 232 39.86 10.43 -19.63
N GLY G 233 38.93 9.56 -19.26
CA GLY G 233 39.15 8.59 -18.21
C GLY G 233 39.23 9.18 -16.81
N GLU G 234 38.32 10.09 -16.49
CA GLU G 234 38.25 10.67 -15.16
C GLU G 234 36.79 10.82 -14.75
N ILE G 235 36.56 10.89 -13.45
CA ILE G 235 35.19 10.99 -12.93
C ILE G 235 34.72 12.44 -13.00
N LYS G 236 33.51 12.63 -13.52
CA LYS G 236 32.94 13.96 -13.69
C LYS G 236 31.52 13.98 -13.12
N GLY G 237 31.06 15.18 -12.75
CA GLY G 237 29.75 15.34 -12.15
C GLY G 237 29.12 16.65 -12.54
N HIS G 238 27.91 16.88 -12.03
CA HIS G 238 27.13 18.07 -12.35
C HIS G 238 26.00 18.23 -11.35
N TYR G 239 25.81 19.45 -10.84
CA TYR G 239 24.77 19.70 -9.86
C TYR G 239 23.42 19.86 -10.53
N LEU G 240 22.39 19.24 -9.97
CA LEU G 240 21.03 19.33 -10.48
C LEU G 240 20.16 20.03 -9.44
N ASN G 241 19.46 21.07 -9.88
CA ASN G 241 18.60 21.84 -8.98
C ASN G 241 17.38 21.00 -8.58
N ALA G 242 16.99 21.09 -7.31
CA ALA G 242 15.86 20.32 -6.79
C ALA G 242 14.88 21.18 -5.99
N THR G 243 14.98 22.50 -6.11
CA THR G 243 14.03 23.38 -5.43
C THR G 243 12.68 23.35 -6.13
N ALA G 244 11.61 23.41 -5.33
CA ALA G 244 10.26 23.36 -5.87
C ALA G 244 9.34 24.17 -4.95
N GLY G 245 8.06 24.22 -5.31
CA GLY G 245 7.07 24.95 -4.53
C GLY G 245 6.22 24.11 -3.60
N THR G 246 6.40 22.79 -3.59
CA THR G 246 5.65 21.92 -2.70
C THR G 246 6.54 20.75 -2.31
N CYS G 247 6.27 20.17 -1.15
CA CYS G 247 7.08 19.08 -0.63
C CYS G 247 6.83 17.76 -1.35
N GLU G 248 5.73 17.64 -2.09
CA GLU G 248 5.50 16.47 -2.93
C GLU G 248 6.17 16.58 -4.29
N GLU G 249 6.43 17.79 -4.77
CA GLU G 249 7.18 17.96 -6.01
C GLU G 249 8.68 17.94 -5.80
N MET G 250 9.17 18.32 -4.63
CA MET G 250 10.60 18.26 -4.35
C MET G 250 11.09 16.84 -4.20
N MET G 251 10.28 15.94 -3.66
CA MET G 251 10.67 14.55 -3.47
C MET G 251 10.46 13.69 -4.70
N LYS G 252 9.87 14.25 -5.76
CA LYS G 252 9.79 13.54 -7.04
C LYS G 252 10.98 13.81 -7.94
N ARG G 253 11.64 14.96 -7.78
CA ARG G 253 12.83 15.25 -8.57
C ARG G 253 14.09 14.64 -7.98
N ALA G 254 14.06 14.20 -6.74
CA ALA G 254 15.20 13.56 -6.11
C ALA G 254 15.23 12.05 -6.30
N GLN G 255 14.13 11.46 -6.78
CA GLN G 255 14.11 10.03 -7.07
C GLN G 255 14.45 9.71 -8.52
N PHE G 256 14.20 10.64 -9.43
CA PHE G 256 14.61 10.42 -10.82
C PHE G 256 16.12 10.48 -10.97
N ALA G 257 16.80 11.31 -10.17
CA ALA G 257 18.25 11.37 -10.20
C ALA G 257 18.91 10.11 -9.65
N ARG G 258 18.22 9.38 -8.78
CA ARG G 258 18.77 8.14 -8.24
C ARG G 258 18.74 7.03 -9.29
N GLU G 259 17.69 6.99 -10.12
CA GLU G 259 17.59 5.95 -11.13
C GLU G 259 18.63 6.08 -12.23
N LEU G 260 19.12 7.29 -12.48
CA LEU G 260 20.14 7.51 -13.50
C LEU G 260 21.55 7.44 -12.93
N GLY G 261 21.70 7.20 -11.64
CA GLY G 261 23.02 7.13 -11.02
C GLY G 261 23.78 8.44 -11.01
N MET G 262 23.10 9.55 -10.70
CA MET G 262 23.80 10.82 -10.59
C MET G 262 24.31 11.03 -9.16
N PRO G 263 25.45 11.70 -9.00
CA PRO G 263 26.11 11.73 -7.69
C PRO G 263 25.73 12.89 -6.77
N ILE G 264 25.13 13.97 -7.27
CA ILE G 264 25.01 15.18 -6.47
C ILE G 264 23.79 15.99 -6.90
N VAL G 265 23.19 16.69 -5.93
CA VAL G 265 22.08 17.62 -6.14
C VAL G 265 22.40 18.93 -5.43
N MET G 266 21.46 19.87 -5.48
CA MET G 266 21.68 21.18 -4.87
C MET G 266 20.34 21.79 -4.45
N HIS G 267 20.37 22.56 -3.37
CA HIS G 267 19.17 23.13 -2.78
C HIS G 267 19.48 24.50 -2.18
N ASP G 268 18.45 25.32 -2.04
CA ASP G 268 18.52 26.61 -1.38
C ASP G 268 17.83 26.52 -0.03
N TYR G 269 18.50 26.99 1.02
CA TYR G 269 18.05 26.74 2.38
C TYR G 269 17.50 27.98 3.09
N LEU G 270 17.53 29.15 2.46
CA LEU G 270 17.01 30.35 3.09
C LEU G 270 15.66 30.80 2.56
N THR G 271 15.32 30.46 1.32
CA THR G 271 13.99 30.73 0.79
C THR G 271 13.08 29.52 0.84
N GLY G 272 13.64 28.32 0.79
CA GLY G 272 12.86 27.10 0.93
C GLY G 272 12.37 26.89 2.35
N GLY G 273 13.20 27.25 3.32
CA GLY G 273 12.85 27.16 4.72
C GLY G 273 13.75 26.19 5.46
N PHE G 274 13.59 26.19 6.78
CA PHE G 274 14.37 25.35 7.67
C PHE G 274 13.73 23.99 7.93
N THR G 275 12.55 23.75 7.37
CA THR G 275 11.86 22.48 7.54
C THR G 275 12.06 21.52 6.38
N ALA G 276 12.03 22.01 5.14
CA ALA G 276 12.25 21.15 3.98
C ALA G 276 13.70 20.70 3.85
N ASN G 277 14.65 21.49 4.36
CA ASN G 277 16.06 21.11 4.27
C ASN G 277 16.37 19.84 5.04
N THR G 278 15.81 19.70 6.24
CA THR G 278 16.06 18.53 7.07
C THR G 278 15.60 17.24 6.44
N THR G 279 14.42 17.22 5.82
CA THR G 279 13.93 16.03 5.13
C THR G 279 14.84 15.63 3.97
N LEU G 280 15.30 16.61 3.20
CA LEU G 280 16.22 16.33 2.10
C LEU G 280 17.53 15.77 2.63
N ALA G 281 18.01 16.29 3.76
CA ALA G 281 19.23 15.75 4.35
C ALA G 281 19.06 14.28 4.74
N HIS G 282 17.93 13.95 5.35
CA HIS G 282 17.67 12.55 5.73
C HIS G 282 17.60 11.66 4.50
N TYR G 283 16.92 12.12 3.45
CA TYR G 283 16.82 11.31 2.24
C TYR G 283 18.19 11.08 1.62
N CYS G 284 19.01 12.13 1.54
CA CYS G 284 20.34 11.98 0.98
C CYS G 284 21.19 11.03 1.81
N ARG G 285 21.08 11.10 3.14
CA ARG G 285 21.81 10.17 3.98
C ARG G 285 21.37 8.74 3.74
N ASP G 286 20.07 8.51 3.58
CA ASP G 286 19.54 7.16 3.42
C ASP G 286 19.64 6.63 2.00
N ASN G 287 20.03 7.45 1.02
CA ASN G 287 20.16 6.96 -0.35
C ASN G 287 21.53 7.22 -0.96
N GLY G 288 22.46 7.83 -0.23
CA GLY G 288 23.82 7.97 -0.70
C GLY G 288 24.02 8.98 -1.81
N LEU G 289 23.69 10.24 -1.53
CA LEU G 289 23.89 11.34 -2.47
C LEU G 289 24.69 12.45 -1.78
N LEU G 290 25.05 13.46 -2.57
CA LEU G 290 25.77 14.62 -2.06
C LEU G 290 24.91 15.88 -2.21
N LEU G 291 25.02 16.78 -1.24
CA LEU G 291 24.17 17.95 -1.17
C LEU G 291 25.00 19.21 -1.23
N HIS G 292 24.57 20.17 -2.06
CA HIS G 292 25.24 21.45 -2.22
C HIS G 292 24.26 22.56 -1.85
N ILE G 293 24.73 23.52 -1.06
CA ILE G 293 23.87 24.54 -0.47
C ILE G 293 24.25 25.90 -1.04
N HIS G 294 23.25 26.65 -1.50
CA HIS G 294 23.43 27.99 -2.03
C HIS G 294 22.74 28.98 -1.10
N ARG G 295 23.45 30.04 -0.71
CA ARG G 295 22.93 31.05 0.20
C ARG G 295 22.35 32.18 -0.64
N ALA G 296 21.03 32.26 -0.67
CA ALA G 296 20.32 33.33 -1.36
C ALA G 296 19.50 34.12 -0.36
N MET G 297 19.33 35.41 -0.64
CA MET G 297 18.61 36.32 0.25
C MET G 297 19.27 36.31 1.62
N HIS G 298 20.53 36.76 1.69
CA HIS G 298 21.24 36.85 2.96
C HIS G 298 21.77 38.24 3.26
N ALA G 299 21.84 39.13 2.28
CA ALA G 299 22.24 40.50 2.51
C ALA G 299 21.14 41.36 3.10
N VAL G 300 19.89 40.88 3.09
CA VAL G 300 18.79 41.59 3.72
C VAL G 300 18.90 41.57 5.23
N ILE G 301 19.47 40.52 5.82
CA ILE G 301 19.65 40.41 7.25
C ILE G 301 21.04 40.87 7.68
N ASP G 302 22.04 40.66 6.82
CA ASP G 302 23.41 41.06 7.09
C ASP G 302 23.66 42.48 6.58
N ARG G 303 24.94 42.84 6.44
CA ARG G 303 25.41 44.10 5.85
C ARG G 303 25.47 45.22 6.88
N GLN G 304 24.33 45.86 7.16
CA GLN G 304 24.33 46.96 8.12
C GLN G 304 24.77 46.48 9.49
N ARG G 305 25.55 47.31 10.17
CA ARG G 305 26.23 46.92 11.41
C ARG G 305 25.50 47.38 12.66
N ASN G 306 24.28 47.90 12.53
CA ASN G 306 23.53 48.24 13.74
C ASN G 306 22.15 47.59 13.80
N HIS G 307 21.86 46.61 12.95
CA HIS G 307 20.57 45.92 12.96
C HIS G 307 20.63 44.63 12.17
N GLY G 308 20.21 43.51 12.78
CA GLY G 308 20.16 42.25 12.07
C GLY G 308 20.94 41.13 12.73
N ILE G 309 21.39 40.17 11.92
CA ILE G 309 22.11 39.00 12.40
C ILE G 309 23.37 38.83 11.56
N HIS G 310 24.45 38.43 12.23
CA HIS G 310 25.72 38.17 11.57
C HIS G 310 25.62 36.86 10.80
N PHE G 311 26.65 36.54 10.00
CA PHE G 311 26.69 35.30 9.24
C PHE G 311 27.34 34.15 10.00
N ARG G 312 28.25 34.44 10.93
CA ARG G 312 28.85 33.39 11.73
C ARG G 312 27.83 32.69 12.61
N VAL G 313 26.71 33.34 12.91
CA VAL G 313 25.60 32.68 13.58
C VAL G 313 24.78 31.82 12.63
N LEU G 314 24.53 32.30 11.41
CA LEU G 314 23.76 31.55 10.42
C LEU G 314 24.51 30.35 9.87
N ALA G 315 25.84 30.31 10.03
CA ALA G 315 26.63 29.16 9.56
C ALA G 315 26.53 27.96 10.48
N LYS G 316 26.50 28.17 11.80
CA LYS G 316 26.40 27.05 12.73
C LYS G 316 25.08 26.32 12.60
N ALA G 317 23.99 27.05 12.36
CA ALA G 317 22.70 26.40 12.15
C ALA G 317 22.74 25.51 10.93
N LEU G 318 23.36 25.97 9.84
CA LEU G 318 23.47 25.14 8.65
C LEU G 318 24.34 23.92 8.91
N ARG G 319 25.43 24.09 9.67
CA ARG G 319 26.27 22.94 10.01
C ARG G 319 25.48 21.91 10.80
N MET G 320 24.68 22.36 11.75
CA MET G 320 23.90 21.41 12.56
C MET G 320 22.78 20.76 11.76
N SER G 321 22.16 21.49 10.84
CA SER G 321 21.04 20.94 10.08
C SER G 321 21.49 19.87 9.10
N GLY G 322 22.55 20.16 8.33
CA GLY G 322 23.08 19.18 7.40
C GLY G 322 23.48 19.75 6.05
N GLY G 323 24.66 19.38 5.57
CA GLY G 323 25.12 19.84 4.27
C GLY G 323 26.56 19.42 4.05
N ASP G 324 26.98 19.53 2.78
CA ASP G 324 28.34 19.18 2.40
C ASP G 324 29.14 20.35 1.85
N HIS G 325 28.56 21.18 0.99
CA HIS G 325 29.20 22.38 0.49
C HIS G 325 28.42 23.60 0.96
N ILE G 326 29.10 24.75 0.96
CA ILE G 326 28.44 26.01 1.29
C ILE G 326 29.23 27.14 0.65
N HIS G 327 28.52 28.18 0.26
CA HIS G 327 29.16 29.36 -0.33
C HIS G 327 29.72 30.24 0.78
N SER G 328 30.93 30.74 0.57
CA SER G 328 31.58 31.60 1.55
C SER G 328 32.01 32.95 1.00
N GLY G 329 31.99 33.14 -0.31
CA GLY G 329 32.35 34.41 -0.90
C GLY G 329 33.85 34.60 -1.00
N THR G 330 34.23 35.58 -1.82
CA THR G 330 35.64 35.91 -2.04
C THR G 330 35.94 37.27 -1.43
N VAL G 331 37.22 37.66 -1.51
CA VAL G 331 37.69 38.90 -0.95
C VAL G 331 38.11 39.89 -2.02
N VAL G 332 38.27 39.43 -3.27
CA VAL G 332 38.76 40.29 -4.34
C VAL G 332 37.78 40.27 -5.50
N GLY G 333 36.54 39.87 -5.23
CA GLY G 333 35.53 39.79 -6.27
C GLY G 333 34.66 41.03 -6.38
N LYS G 334 33.46 40.88 -6.93
CA LYS G 334 32.54 41.98 -7.11
C LYS G 334 31.53 42.11 -5.98
N LEU G 335 31.68 41.34 -4.91
CA LEU G 335 30.77 41.38 -3.77
C LEU G 335 31.56 41.64 -2.50
N GLU G 336 30.86 42.18 -1.50
CA GLU G 336 31.51 42.65 -0.28
C GLU G 336 32.05 41.49 0.54
N GLY G 337 33.22 41.71 1.15
CA GLY G 337 33.85 40.74 2.01
C GLY G 337 35.08 41.31 2.70
N GLU G 338 35.48 40.72 3.81
CA GLU G 338 36.65 41.17 4.56
C GLU G 338 37.52 39.98 4.92
N ARG G 339 38.82 40.24 5.08
CA ARG G 339 39.79 39.18 5.29
C ARG G 339 39.79 38.62 6.71
N GLU G 340 39.88 39.48 7.72
CA GLU G 340 39.99 39.03 9.10
C GLU G 340 38.73 38.35 9.61
N VAL G 341 37.59 38.55 8.96
CA VAL G 341 36.35 37.90 9.34
C VAL G 341 36.18 36.57 8.63
N THR G 342 36.51 36.52 7.34
CA THR G 342 36.45 35.27 6.60
C THR G 342 37.43 34.26 7.19
N LEU G 343 38.65 34.71 7.48
CA LEU G 343 39.61 33.82 8.13
C LEU G 343 39.12 33.37 9.49
N GLY G 344 38.33 34.19 10.17
CA GLY G 344 37.78 33.83 11.45
C GLY G 344 36.71 32.77 11.37
N PHE G 345 35.77 32.91 10.45
CA PHE G 345 34.63 31.99 10.43
C PHE G 345 34.82 30.82 9.48
N VAL G 346 35.95 30.72 8.76
CA VAL G 346 36.26 29.48 8.08
C VAL G 346 36.62 28.39 9.08
N ASP G 347 37.35 28.75 10.14
CA ASP G 347 37.74 27.80 11.16
C ASP G 347 36.53 27.19 11.85
N LEU G 348 35.51 28.00 12.15
CA LEU G 348 34.28 27.47 12.75
C LEU G 348 33.58 26.47 11.85
N LEU G 349 33.87 26.48 10.55
CA LEU G 349 33.30 25.51 9.62
C LEU G 349 34.15 24.28 9.40
N ARG G 350 35.47 24.40 9.48
CA ARG G 350 36.35 23.29 9.17
C ARG G 350 37.01 22.61 10.36
N ASP G 351 37.21 23.32 11.48
CA ASP G 351 38.00 22.78 12.56
C ASP G 351 37.15 21.97 13.53
N ASP G 352 37.80 21.50 14.60
CA ASP G 352 37.15 20.69 15.62
C ASP G 352 37.25 21.29 17.02
N TYR G 353 38.08 22.30 17.23
CA TYR G 353 38.21 22.93 18.54
C TYR G 353 38.77 24.33 18.34
N ILE G 354 37.95 25.34 18.62
CA ILE G 354 38.33 26.73 18.42
C ILE G 354 38.39 27.43 19.77
N GLU G 355 39.29 28.40 19.88
CA GLU G 355 39.51 29.13 21.12
C GLU G 355 39.09 30.59 20.94
N LYS G 356 38.83 31.25 22.07
CA LYS G 356 38.36 32.62 22.04
C LYS G 356 39.40 33.56 21.45
N ASP G 357 38.93 34.51 20.65
CA ASP G 357 39.82 35.50 20.02
C ASP G 357 38.96 36.68 19.60
N ARG G 358 39.21 37.84 20.22
CA ARG G 358 38.43 39.03 19.93
C ARG G 358 38.95 39.82 18.74
N SER G 359 40.13 39.50 18.23
CA SER G 359 40.65 40.16 17.05
C SER G 359 40.07 39.60 15.76
N ARG G 360 39.32 38.51 15.84
CA ARG G 360 38.69 37.90 14.68
C ARG G 360 37.18 37.77 14.84
N GLY G 361 36.61 38.23 15.95
CA GLY G 361 35.17 38.26 16.15
C GLY G 361 34.64 37.15 17.03
N ILE G 362 35.47 36.21 17.45
CA ILE G 362 35.00 35.10 18.26
C ILE G 362 34.87 35.55 19.71
N TYR G 363 33.72 35.23 20.33
CA TYR G 363 33.46 35.58 21.71
C TYR G 363 33.53 34.41 22.68
N PHE G 364 33.21 33.20 22.23
CA PHE G 364 33.11 32.04 23.12
C PHE G 364 34.01 30.92 22.62
N THR G 365 34.18 29.90 23.46
CA THR G 365 34.94 28.71 23.12
C THR G 365 33.98 27.60 22.71
N GLN G 366 34.31 26.91 21.61
CA GLN G 366 33.41 25.93 21.03
C GLN G 366 34.17 24.64 20.71
N ASP G 367 33.53 23.50 20.98
CA ASP G 367 34.03 22.20 20.59
C ASP G 367 32.89 21.38 20.01
N TRP G 368 33.16 20.64 18.94
CA TRP G 368 32.13 19.96 18.17
C TRP G 368 32.07 18.47 18.43
N VAL G 369 32.82 17.96 19.41
CA VAL G 369 32.90 16.55 19.80
C VAL G 369 32.76 15.60 18.61
N SER G 370 33.71 15.67 17.68
CA SER G 370 33.81 14.72 16.56
C SER G 370 32.59 14.79 15.64
N MET G 371 32.40 15.94 14.99
CA MET G 371 31.42 16.05 13.94
C MET G 371 32.09 16.49 12.64
N PRO G 372 31.71 15.91 11.50
CA PRO G 372 32.41 16.21 10.25
C PRO G 372 32.25 17.66 9.83
N GLY G 373 33.25 18.16 9.10
CA GLY G 373 33.29 19.53 8.65
C GLY G 373 32.61 19.73 7.31
N VAL G 374 32.71 20.97 6.81
CA VAL G 374 32.05 21.39 5.58
C VAL G 374 33.06 22.10 4.70
N LEU G 375 33.01 21.82 3.39
CA LEU G 375 33.90 22.44 2.41
C LEU G 375 33.37 23.82 2.01
N PRO G 376 34.20 24.87 2.12
CA PRO G 376 33.78 26.19 1.66
C PRO G 376 34.02 26.38 0.17
N VAL G 377 33.26 27.33 -0.41
CA VAL G 377 33.27 27.58 -1.84
C VAL G 377 33.46 29.08 -2.08
N ALA G 378 34.32 29.42 -3.03
CA ALA G 378 34.58 30.80 -3.40
C ALA G 378 34.17 31.03 -4.85
N SER G 379 33.41 32.10 -5.09
CA SER G 379 32.90 32.38 -6.43
C SER G 379 32.55 33.85 -6.56
N GLY G 380 32.48 34.31 -7.81
CA GLY G 380 32.01 35.65 -8.12
C GLY G 380 33.03 36.62 -8.66
N GLY G 381 33.03 36.79 -9.98
CA GLY G 381 33.84 37.84 -10.61
C GLY G 381 35.34 37.69 -10.47
N ILE G 382 35.88 36.50 -10.73
CA ILE G 382 37.30 36.24 -10.63
C ILE G 382 37.82 35.73 -11.97
N HIS G 383 39.05 36.09 -12.31
CA HIS G 383 39.66 35.66 -13.56
C HIS G 383 41.06 35.11 -13.24
N VAL G 384 41.85 34.91 -14.31
CA VAL G 384 43.08 34.12 -14.20
C VAL G 384 44.11 34.83 -13.32
N TRP G 385 44.12 36.15 -13.32
CA TRP G 385 45.16 36.89 -12.60
C TRP G 385 45.03 36.80 -11.09
N HIS G 386 43.92 36.26 -10.57
CA HIS G 386 43.64 36.26 -9.14
C HIS G 386 44.05 34.97 -8.46
N MET G 387 44.60 34.00 -9.20
CA MET G 387 44.90 32.68 -8.67
C MET G 387 45.96 32.67 -7.57
N PRO G 388 47.11 33.37 -7.73
CA PRO G 388 48.15 33.29 -6.69
C PRO G 388 47.80 34.08 -5.44
N ALA G 389 46.61 34.67 -5.40
CA ALA G 389 46.15 35.37 -4.22
C ALA G 389 45.02 34.59 -3.56
N LEU G 390 44.38 33.71 -4.32
CA LEU G 390 43.36 32.82 -3.80
C LEU G 390 43.91 31.49 -3.32
N THR G 391 45.04 31.05 -3.86
CA THR G 391 45.66 29.82 -3.38
C THR G 391 46.32 29.97 -2.02
N GLU G 392 46.55 31.20 -1.57
CA GLU G 392 47.26 31.44 -0.32
C GLU G 392 46.32 31.63 0.86
N ILE G 393 45.09 32.11 0.62
CA ILE G 393 44.18 32.40 1.71
C ILE G 393 43.52 31.13 2.22
N PHE G 394 42.78 30.44 1.34
CA PHE G 394 41.98 29.31 1.75
C PHE G 394 42.83 28.08 2.07
N GLY G 395 43.56 27.58 1.09
CA GLY G 395 44.39 26.41 1.29
C GLY G 395 44.08 25.35 0.26
N ASP G 396 44.24 24.09 0.68
CA ASP G 396 44.06 22.95 -0.20
C ASP G 396 42.68 22.32 -0.09
N ASP G 397 41.80 22.86 0.75
CA ASP G 397 40.45 22.32 0.94
C ASP G 397 39.44 23.41 0.61
N SER G 398 39.10 23.51 -0.67
CA SER G 398 38.14 24.52 -1.13
C SER G 398 37.71 24.18 -2.56
N VAL G 399 36.76 24.95 -3.07
CA VAL G 399 36.26 24.80 -4.43
C VAL G 399 36.30 26.16 -5.10
N LEU G 400 36.83 26.21 -6.32
CA LEU G 400 36.95 27.45 -7.08
C LEU G 400 36.06 27.37 -8.30
N GLN G 401 35.28 28.42 -8.53
CA GLN G 401 34.31 28.45 -9.63
C GLN G 401 34.56 29.68 -10.50
N PHE G 402 34.55 29.47 -11.82
CA PHE G 402 34.68 30.55 -12.79
C PHE G 402 33.48 30.47 -13.74
N GLY G 403 32.60 31.46 -13.66
CA GLY G 403 31.42 31.48 -14.50
C GLY G 403 31.60 32.24 -15.80
N GLY G 404 32.04 33.50 -15.70
CA GLY G 404 32.27 34.32 -16.87
C GLY G 404 33.68 34.27 -17.42
N GLY G 405 34.62 33.74 -16.67
CA GLY G 405 36.00 33.63 -17.11
C GLY G 405 36.28 32.46 -18.01
N THR G 406 35.29 31.63 -18.30
CA THR G 406 35.45 30.48 -19.18
C THR G 406 34.72 30.65 -20.51
N LEU G 407 33.45 31.03 -20.48
CA LEU G 407 32.69 31.21 -21.71
C LEU G 407 33.06 32.49 -22.45
N GLY G 408 33.86 33.37 -21.84
CA GLY G 408 34.23 34.61 -22.48
C GLY G 408 35.58 34.57 -23.16
N HIS G 409 36.16 33.37 -23.28
CA HIS G 409 37.46 33.24 -23.95
C HIS G 409 37.32 33.56 -25.43
N PRO G 410 38.31 34.22 -26.03
CA PRO G 410 38.21 34.59 -27.44
C PRO G 410 38.25 33.42 -28.41
N TRP G 411 38.57 32.23 -27.92
CA TRP G 411 38.70 31.06 -28.79
C TRP G 411 37.62 30.01 -28.59
N GLY G 412 36.85 30.05 -27.51
CA GLY G 412 35.78 29.10 -27.33
C GLY G 412 35.66 28.54 -25.93
N ASN G 413 35.05 27.36 -25.81
CA ASN G 413 34.84 26.73 -24.50
C ASN G 413 35.99 25.81 -24.12
N ALA G 414 36.28 24.80 -24.96
CA ALA G 414 37.35 23.86 -24.62
C ALA G 414 38.71 24.54 -24.50
N PRO G 415 39.14 25.41 -25.41
CA PRO G 415 40.40 26.11 -25.19
C PRO G 415 40.41 26.98 -23.95
N GLY G 416 39.25 27.45 -23.51
CA GLY G 416 39.16 28.32 -22.35
C GLY G 416 39.30 27.65 -21.01
N ALA G 417 39.21 26.33 -20.95
CA ALA G 417 39.34 25.61 -19.69
C ALA G 417 40.76 25.11 -19.42
N VAL G 418 41.58 24.96 -20.46
CA VAL G 418 42.97 24.55 -20.26
C VAL G 418 43.76 25.64 -19.55
N ALA G 419 43.46 26.90 -19.86
CA ALA G 419 44.17 28.01 -19.24
C ALA G 419 43.90 28.11 -17.74
N ASN G 420 42.70 27.75 -17.30
CA ASN G 420 42.36 27.81 -15.89
C ASN G 420 42.94 26.65 -15.09
N ARG G 421 43.37 25.58 -15.76
CA ARG G 421 44.03 24.46 -15.10
C ARG G 421 45.55 24.56 -15.11
N VAL G 422 46.12 25.06 -16.21
CA VAL G 422 47.57 25.22 -16.27
C VAL G 422 48.05 26.23 -15.22
N ALA G 423 47.29 27.30 -15.02
CA ALA G 423 47.67 28.30 -14.02
C ALA G 423 47.68 27.73 -12.61
N LEU G 424 46.68 26.91 -12.26
CA LEU G 424 46.63 26.33 -10.93
C LEU G 424 47.70 25.27 -10.71
N GLU G 425 47.92 24.41 -11.71
CA GLU G 425 48.95 23.39 -11.56
C GLU G 425 50.36 23.97 -11.60
N ALA G 426 50.53 25.19 -12.08
CA ALA G 426 51.81 25.89 -11.99
C ALA G 426 52.00 26.61 -10.67
N CYS G 427 50.91 27.03 -10.02
CA CYS G 427 50.99 27.64 -8.70
C CYS G 427 51.21 26.61 -7.59
N VAL G 428 50.62 25.43 -7.72
CA VAL G 428 50.85 24.40 -6.71
C VAL G 428 52.32 23.96 -6.70
N GLN G 429 52.88 23.72 -7.89
CA GLN G 429 54.27 23.31 -7.99
C GLN G 429 55.22 24.39 -7.48
N ALA G 430 54.97 25.66 -7.80
CA ALA G 430 55.79 26.75 -7.31
C ALA G 430 55.74 26.90 -5.80
N ARG G 431 54.60 26.61 -5.18
CA ARG G 431 54.49 26.62 -3.73
C ARG G 431 55.22 25.46 -3.08
N ASN G 432 55.14 24.25 -3.64
CA ASN G 432 55.83 23.13 -3.03
C ASN G 432 57.29 23.07 -3.46
N GLU G 433 57.99 24.21 -3.40
CA GLU G 433 59.43 24.24 -3.63
C GLU G 433 60.09 25.19 -2.63
N GLY G 434 59.30 26.02 -1.97
CA GLY G 434 59.80 27.01 -1.04
C GLY G 434 59.66 28.45 -1.49
N ARG G 435 59.05 28.72 -2.64
CA ARG G 435 58.86 30.08 -3.11
C ARG G 435 57.70 30.75 -2.38
N ASP G 436 57.64 32.07 -2.48
CA ASP G 436 56.60 32.87 -1.84
C ASP G 436 55.53 33.21 -2.86
N LEU G 437 54.27 32.93 -2.51
CA LEU G 437 53.16 33.14 -3.42
C LEU G 437 52.58 34.55 -3.36
N ALA G 438 52.99 35.37 -2.40
CA ALA G 438 52.44 36.72 -2.28
C ALA G 438 53.29 37.75 -2.99
N ARG G 439 54.59 37.78 -2.68
CA ARG G 439 55.48 38.76 -3.30
C ARG G 439 55.68 38.48 -4.78
N GLU G 440 55.86 37.22 -5.15
CA GLU G 440 56.08 36.82 -6.53
C GLU G 440 54.83 36.15 -7.07
N GLY G 441 53.95 36.93 -7.69
CA GLY G 441 52.72 36.38 -8.24
C GLY G 441 52.58 36.61 -9.72
N ASN G 442 53.31 37.59 -10.25
CA ASN G 442 53.22 37.86 -11.68
C ASN G 442 54.28 37.11 -12.46
N ASP G 443 55.47 36.96 -11.89
CA ASP G 443 56.54 36.23 -12.56
C ASP G 443 56.21 34.76 -12.73
N ILE G 444 55.44 34.19 -11.80
CA ILE G 444 55.05 32.79 -11.91
C ILE G 444 54.15 32.56 -13.11
N ILE G 445 53.25 33.50 -13.41
CA ILE G 445 52.29 33.34 -14.50
C ILE G 445 52.95 33.72 -15.82
N ARG G 446 53.77 34.77 -15.80
CA ARG G 446 54.43 35.24 -17.01
C ARG G 446 55.44 34.25 -17.57
N GLU G 447 55.89 33.29 -16.76
CA GLU G 447 56.75 32.22 -17.25
C GLU G 447 55.98 31.01 -17.75
N ALA G 448 54.86 30.66 -17.10
CA ALA G 448 54.04 29.58 -17.60
C ALA G 448 53.31 29.98 -18.88
N SER G 449 53.19 31.28 -19.14
CA SER G 449 52.53 31.76 -20.35
C SER G 449 53.46 31.79 -21.57
N LYS G 450 54.55 31.03 -21.53
CA LYS G 450 55.48 30.99 -22.64
C LYS G 450 55.57 29.63 -23.31
N TRP G 451 54.96 28.59 -22.75
CA TRP G 451 54.89 27.29 -23.40
C TRP G 451 53.46 26.83 -23.63
N SER G 452 52.47 27.64 -23.27
CA SER G 452 51.07 27.32 -23.51
C SER G 452 50.44 28.46 -24.30
N PRO G 453 50.13 28.25 -25.59
CA PRO G 453 49.54 29.33 -26.39
C PRO G 453 48.14 29.73 -25.99
N GLU G 454 47.42 28.90 -25.21
CA GLU G 454 46.07 29.21 -24.79
C GLU G 454 46.00 30.11 -23.57
N LEU G 455 47.10 30.27 -22.83
CA LEU G 455 47.12 31.17 -21.69
C LEU G 455 47.56 32.57 -22.07
N ALA G 456 48.46 32.69 -23.06
CA ALA G 456 48.86 34.01 -23.54
C ALA G 456 47.68 34.73 -24.17
N ALA G 457 46.81 33.99 -24.87
CA ALA G 457 45.64 34.60 -25.45
C ALA G 457 44.68 35.15 -24.40
N ALA G 458 44.59 34.49 -23.25
CA ALA G 458 43.68 34.92 -22.19
C ALA G 458 44.27 35.99 -21.29
N CYS G 459 45.60 36.07 -21.19
CA CYS G 459 46.24 37.06 -20.32
C CYS G 459 46.11 38.48 -20.83
N GLU G 460 45.69 38.68 -22.09
CA GLU G 460 45.58 40.00 -22.68
C GLU G 460 44.18 40.59 -22.62
N VAL G 461 43.13 39.77 -22.68
CA VAL G 461 41.77 40.31 -22.68
C VAL G 461 41.46 40.99 -21.35
N TRP G 462 41.74 40.31 -20.24
CA TRP G 462 41.56 40.87 -18.90
C TRP G 462 42.94 41.08 -18.30
N LYS G 463 43.36 42.34 -18.22
CA LYS G 463 44.67 42.68 -17.69
C LYS G 463 44.64 43.79 -16.65
N GLU G 464 43.67 44.71 -16.69
CA GLU G 464 43.59 45.77 -15.69
C GLU G 464 42.18 45.90 -15.13
N ILE G 465 41.43 44.80 -15.04
CA ILE G 465 40.06 44.82 -14.54
C ILE G 465 40.13 44.47 -13.05
N LYS G 466 40.07 45.49 -12.19
CA LYS G 466 40.11 45.31 -10.75
C LYS G 466 38.92 46.03 -10.12
N PHE G 467 38.39 45.45 -9.06
CA PHE G 467 37.29 46.03 -8.30
C PHE G 467 37.80 46.50 -6.95
N VAL G 468 37.74 47.80 -6.70
CA VAL G 468 38.19 48.39 -5.44
C VAL G 468 37.14 49.39 -4.99
N PHE G 469 36.65 49.23 -3.77
CA PHE G 469 35.68 50.16 -3.18
C PHE G 469 35.87 50.16 -1.67
N GLU G 470 35.09 51.00 -1.00
CA GLU G 470 35.18 51.13 0.45
C GLU G 470 34.41 49.97 1.12
N THR G 471 34.42 49.98 2.46
CA THR G 471 33.80 48.95 3.26
C THR G 471 32.75 49.56 4.16
N ILE G 472 31.68 48.80 4.40
CA ILE G 472 30.53 49.26 5.18
C ILE G 472 30.61 48.77 6.63
N ASP G 473 30.65 47.46 6.84
CA ASP G 473 30.66 46.89 8.19
C ASP G 473 32.09 46.58 8.60
N THR G 474 32.66 47.46 9.43
CA THR G 474 33.99 47.23 9.96
C THR G 474 33.95 46.19 11.07
N LEU G 475 35.13 45.82 11.55
CA LEU G 475 35.24 44.83 12.61
C LEU G 475 34.70 45.39 13.92
N GLY H 12 29.63 39.91 -35.05
CA GLY H 12 30.86 39.33 -34.56
C GLY H 12 30.79 38.94 -33.10
N PHE H 13 31.95 38.74 -32.48
CA PHE H 13 31.99 38.36 -31.07
C PHE H 13 32.60 39.48 -30.23
N LYS H 14 33.83 39.89 -30.56
CA LYS H 14 34.50 41.01 -29.89
C LYS H 14 34.48 40.89 -28.37
N ALA H 15 35.16 39.87 -27.83
CA ALA H 15 35.21 39.64 -26.39
C ALA H 15 35.80 40.85 -25.68
N GLY H 16 35.21 41.21 -24.55
CA GLY H 16 35.66 42.37 -23.80
C GLY H 16 34.67 42.71 -22.70
N VAL H 17 34.81 43.94 -22.20
CA VAL H 17 33.98 44.44 -21.10
C VAL H 17 33.37 45.76 -21.55
N LYS H 18 32.06 45.90 -21.39
CA LYS H 18 31.32 47.11 -21.74
C LYS H 18 30.40 47.51 -20.60
N ASP H 19 29.64 48.58 -20.81
CA ASP H 19 28.80 49.16 -19.79
C ASP H 19 27.43 48.49 -19.74
N TYR H 20 26.65 48.83 -18.72
CA TYR H 20 25.29 48.32 -18.57
C TYR H 20 24.26 49.23 -19.21
N ARG H 21 24.46 50.55 -19.12
CA ARG H 21 23.51 51.53 -19.64
C ARG H 21 23.28 51.39 -21.14
N LEU H 22 24.28 50.91 -21.88
CA LEU H 22 24.19 50.79 -23.33
C LEU H 22 23.15 49.76 -23.77
N THR H 23 22.67 48.92 -22.85
CA THR H 23 21.73 47.87 -23.23
C THR H 23 20.51 47.84 -22.31
N TYR H 24 20.67 48.27 -21.05
CA TYR H 24 19.63 48.09 -20.06
C TYR H 24 18.98 49.38 -19.58
N TYR H 25 19.04 50.45 -20.37
CA TYR H 25 18.40 51.72 -20.01
C TYR H 25 17.61 52.20 -21.22
N THR H 26 16.28 52.04 -21.18
CA THR H 26 15.37 52.39 -22.26
C THR H 26 14.25 53.26 -21.70
N PRO H 27 14.47 54.58 -21.55
CA PRO H 27 13.47 55.45 -20.92
C PRO H 27 12.40 55.96 -21.89
N ASP H 28 11.95 55.10 -22.80
CA ASP H 28 10.85 55.44 -23.68
C ASP H 28 9.94 54.23 -23.91
N TYR H 29 9.92 53.32 -22.94
CA TYR H 29 9.27 52.03 -23.11
C TYR H 29 7.85 52.08 -22.57
N GLU H 30 6.93 51.44 -23.29
CA GLU H 30 5.53 51.37 -22.91
C GLU H 30 5.25 50.01 -22.29
N THR H 31 4.75 50.00 -21.06
CA THR H 31 4.48 48.75 -20.36
C THR H 31 3.28 48.04 -20.96
N LYS H 32 3.30 46.71 -20.90
CA LYS H 32 2.20 45.88 -21.33
C LYS H 32 1.30 45.56 -20.15
N ASP H 33 0.27 44.76 -20.40
CA ASP H 33 -0.69 44.37 -19.38
C ASP H 33 -0.41 43.00 -18.77
N THR H 34 0.70 42.37 -19.17
CA THR H 34 1.11 41.09 -18.60
C THR H 34 2.53 41.18 -18.05
N ASP H 35 2.86 42.29 -17.39
CA ASP H 35 4.20 42.53 -16.88
C ASP H 35 4.15 42.76 -15.37
N ILE H 36 5.26 42.45 -14.71
CA ILE H 36 5.41 42.66 -13.29
C ILE H 36 6.30 43.88 -13.06
N LEU H 37 5.85 44.77 -12.18
CA LEU H 37 6.54 46.02 -11.92
C LEU H 37 6.99 46.09 -10.47
N ALA H 38 8.07 46.83 -10.23
CA ALA H 38 8.63 46.98 -8.90
C ALA H 38 9.21 48.38 -8.75
N ALA H 39 9.37 48.81 -7.50
CA ALA H 39 9.91 50.13 -7.18
C ALA H 39 10.99 49.97 -6.12
N PHE H 40 12.17 50.52 -6.40
CA PHE H 40 13.30 50.48 -5.49
C PHE H 40 13.69 51.87 -5.03
N ARG H 41 14.37 51.94 -3.89
CA ARG H 41 14.99 53.15 -3.39
C ARG H 41 16.45 52.85 -3.06
N MET H 42 17.36 53.64 -3.62
CA MET H 42 18.77 53.30 -3.58
C MET H 42 19.60 54.51 -3.21
N THR H 43 20.79 54.24 -2.65
CA THR H 43 21.76 55.26 -2.27
C THR H 43 23.08 54.96 -2.97
N PRO H 44 23.36 55.59 -4.12
CA PRO H 44 24.58 55.28 -4.85
C PRO H 44 25.83 55.68 -4.09
N GLN H 45 26.90 54.93 -4.34
CA GLN H 45 28.26 55.13 -3.84
C GLN H 45 28.91 56.32 -4.52
N PRO H 46 29.69 57.12 -3.78
CA PRO H 46 30.32 58.31 -4.40
C PRO H 46 31.13 57.98 -5.64
N GLY H 47 30.92 58.74 -6.70
CA GLY H 47 31.63 58.52 -7.95
C GLY H 47 30.92 57.64 -8.96
N VAL H 48 29.61 57.45 -8.83
CA VAL H 48 28.87 56.59 -9.76
C VAL H 48 27.60 57.33 -10.21
N PRO H 49 27.36 57.45 -11.51
CA PRO H 49 26.13 58.09 -11.99
C PRO H 49 24.91 57.27 -11.61
N PRO H 50 23.78 57.92 -11.33
CA PRO H 50 22.57 57.17 -10.96
C PRO H 50 22.11 56.19 -12.01
N GLU H 51 22.22 56.53 -13.29
CA GLU H 51 21.76 55.66 -14.36
C GLU H 51 22.55 54.36 -14.43
N GLU H 52 23.85 54.41 -14.15
CA GLU H 52 24.65 53.19 -14.16
C GLU H 52 24.17 52.20 -13.11
N ALA H 53 23.89 52.69 -11.89
CA ALA H 53 23.37 51.81 -10.85
C ALA H 53 21.97 51.32 -11.18
N GLY H 54 21.13 52.21 -11.71
CA GLY H 54 19.78 51.80 -12.09
C GLY H 54 19.77 50.73 -13.14
N ALA H 55 20.69 50.79 -14.10
CA ALA H 55 20.82 49.76 -15.12
C ALA H 55 21.47 48.49 -14.58
N ALA H 56 22.44 48.60 -13.68
CA ALA H 56 23.08 47.43 -13.10
C ALA H 56 22.16 46.63 -12.21
N VAL H 57 21.19 47.27 -11.56
CA VAL H 57 20.23 46.53 -10.74
C VAL H 57 19.41 45.59 -11.61
N ALA H 58 18.95 46.07 -12.76
CA ALA H 58 18.09 45.25 -13.62
C ALA H 58 18.87 44.15 -14.32
N ALA H 59 20.10 44.44 -14.73
CA ALA H 59 20.86 43.48 -15.54
C ALA H 59 21.18 42.22 -14.76
N GLU H 60 21.60 42.36 -13.50
CA GLU H 60 22.00 41.23 -12.68
C GLU H 60 20.82 40.48 -12.07
N SER H 61 19.60 40.73 -12.54
CA SER H 61 18.42 40.02 -12.05
C SER H 61 17.83 39.08 -13.07
N SER H 62 17.78 39.46 -14.34
CA SER H 62 17.19 38.59 -15.35
C SER H 62 18.25 37.84 -16.16
N THR H 63 19.10 38.58 -16.88
CA THR H 63 20.11 37.99 -17.76
C THR H 63 21.28 38.97 -17.82
N GLY H 64 22.39 38.62 -17.20
CA GLY H 64 23.56 39.47 -17.27
C GLY H 64 24.77 39.00 -16.48
N THR H 65 25.94 39.50 -16.86
CA THR H 65 27.17 39.22 -16.13
C THR H 65 28.15 40.38 -16.33
N TRP H 66 29.41 40.19 -15.96
CA TRP H 66 30.41 41.25 -16.02
C TRP H 66 31.22 41.26 -17.31
N THR H 67 30.90 40.39 -18.28
CA THR H 67 31.63 40.35 -19.53
C THR H 67 30.70 39.82 -20.62
N THR H 68 31.25 39.70 -21.83
CA THR H 68 30.48 39.27 -23.00
C THR H 68 30.71 37.79 -23.27
N VAL H 69 29.65 37.09 -23.66
CA VAL H 69 29.73 35.67 -23.96
C VAL H 69 29.22 35.42 -25.37
N TRP H 70 29.69 34.32 -25.96
CA TRP H 70 29.38 34.01 -27.35
C TRP H 70 28.08 33.24 -27.51
N THR H 71 27.48 32.74 -26.42
CA THR H 71 26.27 31.93 -26.51
C THR H 71 25.01 32.78 -26.57
N ASP H 72 25.13 34.09 -26.66
CA ASP H 72 23.98 34.98 -26.75
C ASP H 72 23.48 35.18 -28.17
N GLY H 73 24.22 34.71 -29.17
CA GLY H 73 23.78 34.79 -30.54
C GLY H 73 22.86 33.69 -30.98
N LEU H 74 22.61 32.70 -30.14
CA LEU H 74 21.73 31.58 -30.46
C LEU H 74 20.30 31.82 -30.01
N THR H 75 20.01 32.97 -29.41
CA THR H 75 18.68 33.26 -28.91
C THR H 75 18.41 34.75 -29.03
N SER H 76 17.13 35.11 -28.93
CA SER H 76 16.68 36.50 -29.02
C SER H 76 16.68 37.10 -27.63
N LEU H 77 17.45 38.17 -27.44
CA LEU H 77 17.59 38.81 -26.14
C LEU H 77 16.71 40.03 -25.98
N ASP H 78 15.83 40.31 -26.93
CA ASP H 78 14.94 41.45 -26.88
C ASP H 78 13.54 41.05 -26.38
N ARG H 79 13.44 39.84 -25.84
CA ARG H 79 12.18 39.35 -25.30
C ARG H 79 12.41 38.66 -23.97
N TYR H 80 13.64 38.72 -23.47
CA TYR H 80 13.94 38.09 -22.19
C TYR H 80 14.68 39.00 -21.23
N LYS H 81 14.74 40.30 -21.46
CA LYS H 81 15.52 41.21 -20.63
C LYS H 81 14.62 42.06 -19.75
N GLY H 82 15.21 42.60 -18.69
CA GLY H 82 14.53 43.55 -17.83
C GLY H 82 15.02 44.97 -18.13
N ARG H 83 14.13 45.94 -17.96
CA ARG H 83 14.40 47.31 -18.36
C ARG H 83 14.07 48.27 -17.24
N CYS H 84 14.84 49.36 -17.16
CA CYS H 84 14.56 50.47 -16.24
C CYS H 84 14.07 51.65 -17.07
N TYR H 85 12.86 52.11 -16.79
CA TYR H 85 12.20 53.10 -17.64
C TYR H 85 11.86 54.40 -16.93
N ASP H 86 12.31 54.59 -15.69
CA ASP H 86 12.02 55.83 -14.98
C ASP H 86 12.91 56.03 -13.75
N ILE H 87 13.41 57.24 -13.58
CA ILE H 87 14.19 57.62 -12.41
C ILE H 87 13.73 58.99 -11.94
N GLU H 88 13.43 59.12 -10.65
CA GLU H 88 13.04 60.39 -10.08
C GLU H 88 13.72 60.58 -8.73
N PRO H 89 14.02 61.82 -8.36
CA PRO H 89 14.73 62.05 -7.09
C PRO H 89 13.80 62.28 -5.92
N VAL H 90 14.24 61.92 -4.71
CA VAL H 90 13.44 62.13 -3.51
C VAL H 90 13.60 63.58 -3.05
N ALA H 91 12.67 64.02 -2.21
CA ALA H 91 12.66 65.38 -1.67
C ALA H 91 13.18 65.35 -0.25
N GLY H 92 14.11 66.25 0.08
CA GLY H 92 14.68 66.32 1.40
C GLY H 92 16.04 65.68 1.55
N GLU H 93 16.62 65.15 0.46
CA GLU H 93 17.93 64.51 0.51
C GLU H 93 18.73 64.95 -0.71
N GLU H 94 19.89 64.34 -0.88
CA GLU H 94 20.76 64.64 -2.02
C GLU H 94 21.39 63.39 -2.62
N ASN H 95 21.23 62.22 -2.01
CA ASN H 95 21.85 61.01 -2.51
C ASN H 95 20.87 59.83 -2.43
N GLN H 96 19.63 60.06 -2.86
CA GLN H 96 18.62 59.02 -2.82
C GLN H 96 17.66 59.22 -3.99
N TYR H 97 17.28 58.12 -4.63
CA TYR H 97 16.43 58.18 -5.82
C TYR H 97 15.43 57.04 -5.77
N ILE H 98 14.55 56.98 -6.77
CA ILE H 98 13.57 55.91 -6.90
C ILE H 98 13.62 55.40 -8.34
N ALA H 99 13.62 54.08 -8.50
CA ALA H 99 13.75 53.46 -9.82
C ALA H 99 12.60 52.51 -10.07
N TYR H 100 12.31 52.28 -11.34
CA TYR H 100 11.24 51.39 -11.78
C TYR H 100 11.80 50.34 -12.73
N VAL H 101 11.35 49.10 -12.57
CA VAL H 101 11.80 47.97 -13.38
C VAL H 101 10.59 47.20 -13.88
N ALA H 102 10.72 46.61 -15.06
CA ALA H 102 9.67 45.81 -15.67
C ALA H 102 10.21 44.44 -16.05
N TYR H 103 9.41 43.39 -15.82
CA TYR H 103 9.82 42.03 -16.10
C TYR H 103 8.82 41.33 -17.02
N PRO H 104 9.29 40.54 -17.98
CA PRO H 104 8.36 39.78 -18.82
C PRO H 104 7.69 38.66 -18.03
N LEU H 105 6.57 38.17 -18.58
CA LEU H 105 5.75 37.21 -17.87
C LEU H 105 6.38 35.82 -17.83
N ASP H 106 7.01 35.38 -18.92
CA ASP H 106 7.44 34.00 -19.04
C ASP H 106 8.75 33.70 -18.33
N LEU H 107 9.18 34.53 -17.39
CA LEU H 107 10.38 34.28 -16.61
C LEU H 107 10.10 33.56 -15.30
N PHE H 108 8.84 33.27 -15.00
CA PHE H 108 8.45 32.74 -13.70
C PHE H 108 7.75 31.39 -13.87
N GLU H 109 7.79 30.59 -12.80
CA GLU H 109 7.14 29.30 -12.76
C GLU H 109 5.77 29.43 -12.12
N GLU H 110 4.77 28.80 -12.73
CA GLU H 110 3.38 28.94 -12.29
C GLU H 110 3.17 28.16 -11.00
N GLY H 111 2.58 28.82 -10.01
CA GLY H 111 2.18 28.15 -8.79
C GLY H 111 3.23 28.08 -7.70
N SER H 112 4.34 28.81 -7.83
CA SER H 112 5.41 28.79 -6.83
C SER H 112 5.72 30.21 -6.39
N VAL H 113 5.75 30.42 -5.07
CA VAL H 113 6.18 31.70 -4.51
C VAL H 113 7.68 31.75 -4.24
N THR H 114 8.29 30.63 -3.88
CA THR H 114 9.73 30.58 -3.65
C THR H 114 10.53 30.97 -4.89
N ASN H 115 10.05 30.64 -6.07
CA ASN H 115 10.73 31.01 -7.31
C ASN H 115 10.65 32.50 -7.60
N MET H 116 9.56 33.16 -7.24
CA MET H 116 9.42 34.59 -7.47
C MET H 116 10.38 35.41 -6.63
N PHE H 117 10.56 35.07 -5.36
CA PHE H 117 11.47 35.80 -4.49
C PHE H 117 12.93 35.58 -4.82
N THR H 118 13.28 34.46 -5.45
CA THR H 118 14.67 34.16 -5.77
C THR H 118 15.19 35.00 -6.92
N SER H 119 14.32 35.48 -7.81
CA SER H 119 14.76 36.21 -8.99
C SER H 119 14.79 37.73 -8.80
N ILE H 120 14.25 38.24 -7.69
CA ILE H 120 14.20 39.67 -7.48
C ILE H 120 15.10 40.14 -6.34
N VAL H 121 15.14 39.42 -5.22
CA VAL H 121 15.96 39.84 -4.07
C VAL H 121 17.07 38.81 -3.85
N GLY H 122 17.49 38.15 -4.92
CA GLY H 122 18.48 37.09 -4.81
C GLY H 122 19.88 37.56 -4.49
N ASN H 123 20.46 38.40 -5.34
CA ASN H 123 21.87 38.76 -5.22
C ASN H 123 22.15 40.25 -5.30
N VAL H 124 21.20 41.06 -5.75
CA VAL H 124 21.46 42.47 -6.05
C VAL H 124 21.61 43.28 -4.77
N PHE H 125 21.41 42.65 -3.62
CA PHE H 125 21.42 43.35 -2.34
C PHE H 125 22.81 43.46 -1.73
N GLY H 126 23.84 42.93 -2.38
CA GLY H 126 25.17 42.95 -1.82
C GLY H 126 26.26 43.42 -2.75
N PHE H 127 25.92 44.33 -3.66
CA PHE H 127 26.90 44.86 -4.60
C PHE H 127 27.84 45.84 -3.92
N LYS H 128 29.07 45.93 -4.44
CA LYS H 128 30.06 46.83 -3.90
C LYS H 128 29.86 48.28 -4.30
N ALA H 129 28.97 48.55 -5.26
CA ALA H 129 28.75 49.90 -5.77
C ALA H 129 27.55 50.58 -5.12
N LEU H 130 26.99 50.00 -4.07
CA LEU H 130 25.81 50.53 -3.42
C LEU H 130 26.00 50.49 -1.90
N ARG H 131 25.26 51.35 -1.21
CA ARG H 131 25.32 51.39 0.26
C ARG H 131 23.97 51.13 0.91
N ALA H 132 22.88 51.08 0.15
CA ALA H 132 21.56 50.85 0.73
C ALA H 132 20.62 50.45 -0.39
N LEU H 133 19.50 49.83 0.00
CA LEU H 133 18.46 49.40 -0.93
C LEU H 133 17.25 48.97 -0.14
N ARG H 134 16.06 49.27 -0.66
CA ARG H 134 14.82 48.87 -0.01
C ARG H 134 13.71 48.69 -1.05
N LEU H 135 12.97 47.60 -0.93
CA LEU H 135 11.84 47.33 -1.81
C LEU H 135 10.57 47.90 -1.22
N GLU H 136 9.69 48.43 -2.07
CA GLU H 136 8.51 49.13 -1.62
C GLU H 136 7.20 48.47 -2.05
N ASP H 137 7.03 48.16 -3.34
CA ASP H 137 5.74 47.69 -3.81
C ASP H 137 5.92 46.80 -5.03
N LEU H 138 4.85 46.06 -5.34
CA LEU H 138 4.80 45.17 -6.50
C LEU H 138 3.42 45.26 -7.13
N ARG H 139 3.32 44.86 -8.40
CA ARG H 139 2.05 44.83 -9.13
C ARG H 139 1.88 43.47 -9.77
N ILE H 140 0.97 42.67 -9.23
CA ILE H 140 0.72 41.32 -9.74
C ILE H 140 -0.36 41.37 -10.82
N PRO H 141 -0.07 40.96 -12.05
CA PRO H 141 -1.09 40.97 -13.10
C PRO H 141 -2.14 39.91 -12.86
N PRO H 142 -3.36 40.10 -13.37
CA PRO H 142 -4.40 39.09 -13.18
C PRO H 142 -4.16 37.79 -13.92
N ALA H 143 -3.28 37.79 -14.93
CA ALA H 143 -2.98 36.56 -15.66
C ALA H 143 -2.01 35.66 -14.92
N TYR H 144 -1.42 36.13 -13.83
CA TYR H 144 -0.47 35.34 -13.04
C TYR H 144 -1.05 34.82 -11.74
N SER H 145 -2.01 35.54 -11.15
CA SER H 145 -2.59 35.14 -9.87
C SER H 145 -3.68 34.08 -10.02
N LYS H 146 -4.10 33.77 -11.23
CA LYS H 146 -5.12 32.75 -11.44
C LYS H 146 -4.58 31.33 -11.33
N THR H 147 -3.27 31.17 -11.29
CA THR H 147 -2.66 29.84 -11.17
C THR H 147 -2.46 29.40 -9.73
N PHE H 148 -2.80 30.25 -8.76
CA PHE H 148 -2.70 29.90 -7.36
C PHE H 148 -4.05 29.47 -6.81
N GLN H 149 -4.03 28.87 -5.62
CA GLN H 149 -5.25 28.39 -5.00
C GLN H 149 -5.91 29.45 -4.12
N GLY H 150 -5.13 30.19 -3.35
CA GLY H 150 -5.67 31.23 -2.49
C GLY H 150 -6.08 30.72 -1.13
N PRO H 151 -6.78 31.55 -0.37
CA PRO H 151 -7.20 31.14 0.97
C PRO H 151 -8.15 29.97 0.89
N PRO H 152 -8.12 29.07 1.88
CA PRO H 152 -9.00 27.90 1.87
C PRO H 152 -10.49 28.26 1.90
N HIS H 153 -10.91 29.07 2.88
CA HIS H 153 -12.32 29.32 3.09
C HIS H 153 -12.62 30.78 2.80
N GLY H 154 -11.97 31.72 3.47
CA GLY H 154 -12.24 33.12 3.23
C GLY H 154 -12.85 33.77 4.47
N ILE H 155 -13.82 34.65 4.25
CA ILE H 155 -14.47 35.39 5.32
C ILE H 155 -15.91 34.94 5.51
N GLN H 156 -16.71 34.98 4.44
CA GLN H 156 -18.14 34.65 4.57
C GLN H 156 -18.35 33.21 4.99
N VAL H 157 -17.57 32.29 4.42
CA VAL H 157 -17.71 30.87 4.71
C VAL H 157 -17.30 30.61 6.16
N GLU H 158 -16.48 31.48 6.71
CA GLU H 158 -16.06 31.37 8.10
C GLU H 158 -17.08 31.91 9.08
N ARG H 159 -17.79 32.99 8.75
CA ARG H 159 -18.86 33.47 9.60
C ARG H 159 -20.08 32.55 9.54
N ASP H 160 -20.36 31.98 8.37
CA ASP H 160 -21.52 31.09 8.26
C ASP H 160 -21.36 29.83 9.10
N LYS H 161 -20.15 29.26 9.16
CA LYS H 161 -19.95 28.02 9.89
C LYS H 161 -20.15 28.22 11.39
N LEU H 162 -19.63 29.32 11.94
CA LEU H 162 -19.68 29.55 13.37
C LEU H 162 -20.97 30.19 13.84
N ASN H 163 -21.79 30.72 12.93
CA ASN H 163 -23.06 31.35 13.26
C ASN H 163 -22.87 32.51 14.25
N LYS H 164 -22.13 33.53 13.79
CA LYS H 164 -21.87 34.72 14.58
C LYS H 164 -21.91 35.94 13.69
N TYR H 165 -22.81 36.88 14.00
CA TYR H 165 -22.97 38.09 13.21
C TYR H 165 -23.14 39.29 14.13
N GLY H 166 -22.64 40.45 13.68
CA GLY H 166 -22.96 41.73 14.31
C GLY H 166 -21.77 42.44 14.93
N ARG H 167 -20.89 41.69 15.60
CA ARG H 167 -19.86 42.30 16.43
C ARG H 167 -18.54 41.61 16.16
N PRO H 168 -17.42 42.26 16.49
CA PRO H 168 -16.12 41.59 16.40
C PRO H 168 -16.04 40.40 17.35
N LEU H 169 -14.94 39.65 17.23
CA LEU H 169 -14.74 38.46 18.02
C LEU H 169 -13.76 38.74 19.15
N LEU H 170 -13.56 37.74 20.02
CA LEU H 170 -12.73 37.89 21.21
C LEU H 170 -11.87 36.65 21.37
N GLY H 171 -10.82 36.78 22.18
CA GLY H 171 -9.91 35.68 22.42
C GLY H 171 -8.96 35.99 23.55
N CYS H 172 -8.20 34.97 23.93
CA CYS H 172 -7.25 35.09 25.03
C CYS H 172 -6.16 34.04 24.87
N THR H 173 -5.06 34.24 25.60
CA THR H 173 -3.93 33.32 25.58
C THR H 173 -3.46 33.08 27.00
N ILE H 174 -3.13 31.83 27.31
CA ILE H 174 -2.62 31.47 28.64
C ILE H 174 -1.19 31.99 28.78
N LYS H 175 -0.92 32.71 29.86
CA LYS H 175 0.37 33.42 29.92
C LYS H 175 1.27 33.21 31.13
N PRO H 176 1.46 31.98 31.60
CA PRO H 176 2.82 31.53 31.94
C PRO H 176 3.44 30.93 30.70
N LYS H 177 4.44 31.62 30.15
CA LYS H 177 4.90 31.30 28.81
C LYS H 177 5.42 29.87 28.71
N LEU H 178 6.20 29.44 29.70
CA LEU H 178 6.73 28.08 29.75
C LEU H 178 6.86 27.67 31.21
N GLY H 179 6.43 26.44 31.52
CA GLY H 179 6.61 25.91 32.86
C GLY H 179 5.42 25.17 33.44
N LEU H 180 4.28 25.24 32.77
CA LEU H 180 3.07 24.61 33.26
C LEU H 180 2.99 23.15 32.83
N SER H 181 2.30 22.35 33.64
CA SER H 181 2.08 20.95 33.36
C SER H 181 0.92 20.81 32.36
N ALA H 182 0.43 19.59 32.16
CA ALA H 182 -0.66 19.37 31.23
C ALA H 182 -2.04 19.53 31.85
N LYS H 183 -2.29 18.89 33.00
CA LYS H 183 -3.59 19.02 33.66
C LYS H 183 -3.88 20.45 34.08
N ASN H 184 -2.91 21.14 34.66
CA ASN H 184 -3.09 22.54 35.01
C ASN H 184 -3.30 23.43 33.78
N TYR H 185 -2.60 23.14 32.68
CA TYR H 185 -2.81 23.88 31.45
C TYR H 185 -4.22 23.69 30.93
N GLY H 186 -4.74 22.46 30.98
CA GLY H 186 -6.10 22.21 30.57
C GLY H 186 -7.16 22.78 31.49
N ARG H 187 -6.85 22.91 32.78
CA ARG H 187 -7.82 23.46 33.73
C ARG H 187 -8.11 24.93 33.49
N ALA H 188 -7.11 25.73 33.13
CA ALA H 188 -7.29 27.16 32.96
C ALA H 188 -8.08 27.52 31.71
N VAL H 189 -8.33 26.57 30.81
CA VAL H 189 -9.09 26.87 29.60
C VAL H 189 -10.59 26.86 29.89
N TYR H 190 -11.03 25.94 30.76
CA TYR H 190 -12.44 25.83 31.09
C TYR H 190 -12.96 27.11 31.75
N GLU H 191 -12.20 27.62 32.71
CA GLU H 191 -12.59 28.81 33.46
C GLU H 191 -12.59 30.05 32.63
N CYS H 192 -11.86 30.07 31.51
CA CYS H 192 -11.89 31.19 30.59
C CYS H 192 -12.98 31.05 29.53
N LEU H 193 -13.26 29.84 29.07
CA LEU H 193 -14.30 29.65 28.07
C LEU H 193 -15.70 29.75 28.66
N ARG H 194 -15.87 29.39 29.93
CA ARG H 194 -17.20 29.46 30.54
C ARG H 194 -17.57 30.91 30.87
N GLY H 195 -16.63 31.83 30.73
CA GLY H 195 -16.86 33.22 31.07
C GLY H 195 -17.57 34.02 30.00
N GLY H 196 -17.34 33.69 28.73
CA GLY H 196 -17.98 34.44 27.66
C GLY H 196 -17.10 34.70 26.46
N LEU H 197 -15.86 34.24 26.50
CA LEU H 197 -14.95 34.42 25.37
C LEU H 197 -15.30 33.44 24.25
N ASP H 198 -14.69 33.66 23.09
CA ASP H 198 -14.94 32.86 21.91
C ASP H 198 -13.80 31.93 21.52
N PHE H 199 -12.55 32.39 21.64
CA PHE H 199 -11.41 31.58 21.23
C PHE H 199 -10.38 31.56 22.35
N THR H 200 -9.41 30.66 22.21
CA THR H 200 -8.28 30.58 23.12
C THR H 200 -7.05 30.12 22.33
N KCX H 201 -5.89 30.66 22.69
CA KCX H 201 -4.69 30.47 21.89
CB KCX H 201 -4.25 31.81 21.31
CG KCX H 201 -2.97 31.78 20.50
CD KCX H 201 -2.71 33.13 19.88
CE KCX H 201 -1.33 33.19 19.25
NZ KCX H 201 -0.27 33.24 20.29
C KCX H 201 -3.55 29.83 22.70
O KCX H 201 -3.43 30.05 23.90
CX KCX H 201 0.20 34.41 20.69
OQ1 KCX H 201 -0.24 35.46 20.18
OQ2 KCX H 201 1.10 34.47 21.55
N ASP H 202 -2.73 29.03 22.02
CA ASP H 202 -1.54 28.45 22.62
C ASP H 202 -0.47 29.51 22.82
N ASP H 203 0.70 29.27 22.23
CA ASP H 203 1.80 30.23 22.27
C ASP H 203 2.77 29.93 21.14
N GLU H 204 3.58 30.91 20.74
CA GLU H 204 4.45 30.71 19.58
C GLU H 204 5.52 29.65 19.85
N ASN H 205 6.18 29.72 21.00
CA ASN H 205 7.25 28.77 21.31
C ASN H 205 6.76 27.64 22.20
N VAL H 206 5.72 26.93 21.76
CA VAL H 206 5.23 25.75 22.47
C VAL H 206 4.92 24.66 21.46
N ASN H 207 5.85 23.72 21.28
CA ASN H 207 5.63 22.57 20.40
C ASN H 207 5.65 21.26 21.17
N SER H 208 6.76 20.94 21.82
CA SER H 208 6.89 19.72 22.61
C SER H 208 8.16 19.84 23.43
N GLN H 209 8.05 19.67 24.74
CA GLN H 209 9.16 19.89 25.65
C GLN H 209 9.07 18.88 26.78
N PRO H 210 10.18 18.65 27.50
CA PRO H 210 10.19 17.58 28.51
C PRO H 210 9.18 17.75 29.63
N PHE H 211 8.62 18.94 29.83
CA PHE H 211 7.62 19.14 30.86
C PHE H 211 6.19 19.00 30.36
N MET H 212 5.96 19.03 29.05
CA MET H 212 4.61 18.91 28.51
C MET H 212 4.72 18.44 27.05
N ARG H 213 4.33 17.19 26.80
CA ARG H 213 4.25 16.69 25.45
C ARG H 213 2.91 17.04 24.83
N TRP H 214 2.77 16.77 23.53
CA TRP H 214 1.61 17.26 22.80
C TRP H 214 0.43 16.28 22.81
N ARG H 215 0.69 14.98 22.74
CA ARG H 215 -0.40 14.03 22.54
C ARG H 215 -1.36 13.96 23.72
N ASP H 216 -0.94 14.38 24.91
CA ASP H 216 -1.84 14.43 26.04
C ASP H 216 -2.41 15.81 26.30
N ARG H 217 -1.66 16.86 25.93
CA ARG H 217 -2.22 18.21 25.98
C ARG H 217 -3.43 18.32 25.06
N PHE H 218 -3.34 17.71 23.87
CA PHE H 218 -4.49 17.68 22.98
C PHE H 218 -5.71 17.07 23.64
N LEU H 219 -5.54 15.91 24.28
CA LEU H 219 -6.65 15.22 24.93
C LEU H 219 -7.24 16.05 26.06
N PHE H 220 -6.38 16.64 26.90
CA PHE H 220 -6.87 17.41 28.03
C PHE H 220 -7.59 18.68 27.58
N VAL H 221 -7.17 19.30 26.49
CA VAL H 221 -7.90 20.46 25.97
C VAL H 221 -9.24 20.03 25.37
N ALA H 222 -9.25 18.91 24.64
CA ALA H 222 -10.48 18.44 24.03
C ALA H 222 -11.52 18.07 25.09
N GLU H 223 -11.09 17.51 26.21
CA GLU H 223 -12.04 17.18 27.27
C GLU H 223 -12.73 18.41 27.82
N ALA H 224 -12.00 19.50 28.02
CA ALA H 224 -12.59 20.72 28.56
C ALA H 224 -13.45 21.46 27.55
N ILE H 225 -13.11 21.38 26.26
CA ILE H 225 -13.89 22.10 25.25
C ILE H 225 -15.33 21.60 25.24
N PHE H 226 -15.53 20.28 25.29
CA PHE H 226 -16.88 19.73 25.27
C PHE H 226 -17.66 20.15 26.52
N LYS H 227 -17.03 20.11 27.69
CA LYS H 227 -17.72 20.47 28.91
C LYS H 227 -18.12 21.94 28.93
N SER H 228 -17.24 22.83 28.48
CA SER H 228 -17.55 24.25 28.49
C SER H 228 -18.60 24.64 27.46
N GLN H 229 -18.93 23.76 26.52
CA GLN H 229 -19.86 24.11 25.45
C GLN H 229 -21.30 23.77 25.82
N ALA H 230 -21.51 22.68 26.55
CA ALA H 230 -22.86 22.23 26.85
C ALA H 230 -23.50 22.97 28.02
N GLU H 231 -22.79 23.90 28.65
CA GLU H 231 -23.31 24.64 29.78
C GLU H 231 -23.86 26.00 29.40
N THR H 232 -23.32 26.64 28.36
CA THR H 232 -23.81 27.95 27.95
C THR H 232 -24.61 27.86 26.66
N GLY H 233 -24.26 26.92 25.79
CA GLY H 233 -24.98 26.75 24.55
C GLY H 233 -24.45 27.56 23.39
N GLU H 234 -23.13 27.62 23.24
CA GLU H 234 -22.52 28.36 22.14
C GLU H 234 -21.29 27.60 21.64
N ILE H 235 -20.90 27.86 20.41
CA ILE H 235 -19.77 27.17 19.80
C ILE H 235 -18.47 27.81 20.25
N LYS H 236 -17.52 26.98 20.66
CA LYS H 236 -16.23 27.43 21.17
C LYS H 236 -15.11 26.71 20.44
N GLY H 237 -13.90 27.27 20.52
CA GLY H 237 -12.76 26.69 19.84
C GLY H 237 -11.46 27.07 20.50
N HIS H 238 -10.38 26.44 20.02
CA HIS H 238 -9.05 26.64 20.57
C HIS H 238 -8.00 26.32 19.51
N TYR H 239 -7.01 27.20 19.36
CA TYR H 239 -5.97 27.01 18.35
C TYR H 239 -4.96 25.99 18.85
N LEU H 240 -4.54 25.07 17.97
CA LEU H 240 -3.52 24.09 18.29
C LEU H 240 -2.32 24.28 17.39
N ASN H 241 -1.13 24.32 18.01
CA ASN H 241 0.11 24.56 17.28
C ASN H 241 0.53 23.28 16.55
N ALA H 242 0.88 23.41 15.28
CA ALA H 242 1.30 22.27 14.46
C ALA H 242 2.66 22.48 13.81
N THR H 243 3.52 23.29 14.44
CA THR H 243 4.86 23.51 13.94
C THR H 243 5.79 22.40 14.44
N ALA H 244 6.60 21.87 13.54
CA ALA H 244 7.50 20.77 13.86
C ALA H 244 8.85 21.06 13.22
N GLY H 245 9.78 20.11 13.33
CA GLY H 245 11.10 20.27 12.76
C GLY H 245 11.32 19.47 11.51
N THR H 246 10.33 18.67 11.12
CA THR H 246 10.43 17.84 9.93
C THR H 246 9.02 17.69 9.34
N CYS H 247 8.95 17.37 8.06
CA CYS H 247 7.69 17.41 7.32
C CYS H 247 6.82 16.18 7.53
N GLU H 248 7.35 15.07 8.03
CA GLU H 248 6.53 13.94 8.40
C GLU H 248 6.03 14.01 9.84
N GLU H 249 6.62 14.88 10.66
CA GLU H 249 6.08 15.13 11.99
C GLU H 249 4.99 16.19 12.00
N MET H 250 5.04 17.15 11.08
CA MET H 250 3.99 18.14 10.97
C MET H 250 2.68 17.56 10.47
N MET H 251 2.73 16.59 9.56
CA MET H 251 1.53 15.98 9.02
C MET H 251 0.96 14.88 9.90
N LYS H 252 1.63 14.54 10.99
CA LYS H 252 1.07 13.62 11.97
C LYS H 252 0.26 14.32 13.04
N ARG H 253 0.61 15.58 13.37
CA ARG H 253 -0.15 16.33 14.36
C ARG H 253 -1.43 16.92 13.79
N ALA H 254 -1.55 17.02 12.47
CA ALA H 254 -2.77 17.51 11.85
C ALA H 254 -3.82 16.43 11.66
N GLN H 255 -3.41 15.18 11.47
CA GLN H 255 -4.37 14.10 11.33
C GLN H 255 -5.03 13.72 12.64
N PHE H 256 -4.37 13.93 13.77
CA PHE H 256 -4.99 13.65 15.06
C PHE H 256 -6.08 14.65 15.40
N ALA H 257 -5.96 15.90 14.95
CA ALA H 257 -7.01 16.88 15.19
C ALA H 257 -8.27 16.61 14.38
N ARG H 258 -8.11 16.06 13.17
CA ARG H 258 -9.28 15.69 12.37
C ARG H 258 -10.09 14.58 13.03
N GLU H 259 -9.43 13.62 13.66
CA GLU H 259 -10.10 12.51 14.33
C GLU H 259 -10.97 12.96 15.50
N LEU H 260 -10.47 13.88 16.33
CA LEU H 260 -11.24 14.36 17.47
C LEU H 260 -12.36 15.32 17.10
N GLY H 261 -12.22 16.05 15.99
CA GLY H 261 -13.23 16.99 15.58
C GLY H 261 -12.95 18.42 16.00
N MET H 262 -11.67 18.84 15.90
CA MET H 262 -11.32 20.22 16.21
C MET H 262 -11.38 21.07 14.96
N PRO H 263 -11.74 22.35 15.08
CA PRO H 263 -12.02 23.15 13.88
C PRO H 263 -10.88 24.02 13.37
N ILE H 264 -9.77 24.15 14.10
CA ILE H 264 -8.77 25.16 13.73
C ILE H 264 -7.39 24.72 14.22
N VAL H 265 -6.37 25.14 13.47
CA VAL H 265 -4.97 24.92 13.79
C VAL H 265 -4.19 26.22 13.58
N MET H 266 -2.87 26.16 13.78
CA MET H 266 -2.04 27.36 13.68
C MET H 266 -0.65 26.98 13.20
N HIS H 267 -0.03 27.90 12.46
CA HIS H 267 1.30 27.69 11.89
C HIS H 267 2.05 29.01 11.82
N ASP H 268 3.37 28.91 11.75
CA ASP H 268 4.25 30.07 11.54
C ASP H 268 4.86 29.95 10.15
N TYR H 269 4.82 31.03 9.38
CA TYR H 269 5.18 30.99 7.97
C TYR H 269 6.49 31.68 7.63
N LEU H 270 7.23 32.18 8.62
CA LEU H 270 8.52 32.80 8.37
C LEU H 270 9.71 32.03 8.90
N THR H 271 9.55 31.26 9.97
CA THR H 271 10.59 30.37 10.45
C THR H 271 10.40 28.94 9.98
N GLY H 272 9.36 28.67 9.20
CA GLY H 272 9.13 27.34 8.67
C GLY H 272 9.27 27.29 7.17
N GLY H 273 9.11 28.44 6.52
CA GLY H 273 9.27 28.56 5.09
C GLY H 273 7.95 28.49 4.35
N PHE H 274 8.03 28.76 3.05
CA PHE H 274 6.86 28.75 2.18
C PHE H 274 6.50 27.36 1.69
N THR H 275 7.50 26.50 1.45
CA THR H 275 7.23 25.17 0.94
C THR H 275 6.39 24.36 1.91
N ALA H 276 6.70 24.42 3.20
CA ALA H 276 5.91 23.72 4.20
C ALA H 276 4.53 24.34 4.39
N ASN H 277 4.38 25.65 4.16
CA ASN H 277 3.09 26.29 4.32
C ASN H 277 2.13 25.95 3.19
N THR H 278 2.63 25.87 1.95
CA THR H 278 1.78 25.58 0.82
C THR H 278 1.19 24.17 0.87
N THR H 279 1.87 23.21 1.50
CA THR H 279 1.33 21.87 1.66
C THR H 279 0.24 21.84 2.73
N LEU H 280 0.46 22.55 3.84
CA LEU H 280 -0.56 22.60 4.89
C LEU H 280 -1.82 23.28 4.38
N ALA H 281 -1.68 24.30 3.55
CA ALA H 281 -2.86 24.95 2.98
C ALA H 281 -3.68 23.97 2.15
N HIS H 282 -3.00 23.17 1.31
CA HIS H 282 -3.71 22.18 0.49
C HIS H 282 -4.41 21.15 1.36
N TYR H 283 -3.72 20.66 2.40
CA TYR H 283 -4.32 19.67 3.28
C TYR H 283 -5.55 20.22 3.98
N CYS H 284 -5.46 21.47 4.48
CA CYS H 284 -6.61 22.08 5.14
C CYS H 284 -7.77 22.26 4.18
N ARG H 285 -7.50 22.65 2.94
CA ARG H 285 -8.56 22.78 1.95
C ARG H 285 -9.22 21.44 1.68
N ASP H 286 -8.42 20.37 1.59
CA ASP H 286 -8.95 19.06 1.24
C ASP H 286 -9.59 18.33 2.41
N ASN H 287 -9.41 18.80 3.65
CA ASN H 287 -10.00 18.11 4.80
C ASN H 287 -10.93 19.00 5.62
N GLY H 288 -11.05 20.28 5.28
CA GLY H 288 -12.03 21.13 5.95
C GLY H 288 -11.63 21.64 7.32
N LEU H 289 -10.54 22.39 7.41
CA LEU H 289 -10.09 22.99 8.66
C LEU H 289 -9.80 24.46 8.45
N LEU H 290 -9.53 25.16 9.54
CA LEU H 290 -9.20 26.58 9.50
C LEU H 290 -7.74 26.79 9.89
N LEU H 291 -7.14 27.82 9.32
CA LEU H 291 -5.72 28.08 9.49
C LEU H 291 -5.49 29.48 10.05
N HIS H 292 -4.64 29.57 11.07
CA HIS H 292 -4.27 30.83 11.70
C HIS H 292 -2.77 31.03 11.57
N ILE H 293 -2.35 32.23 11.15
CA ILE H 293 -0.97 32.52 10.81
C ILE H 293 -0.40 33.51 11.81
N HIS H 294 0.77 33.20 12.36
CA HIS H 294 1.48 34.06 13.29
C HIS H 294 2.76 34.55 12.64
N ARG H 295 2.98 35.87 12.65
CA ARG H 295 4.15 36.46 12.03
C ARG H 295 5.25 36.59 13.07
N ALA H 296 6.29 35.77 12.94
CA ALA H 296 7.45 35.82 13.82
C ALA H 296 8.69 36.11 12.99
N MET H 297 9.67 36.76 13.62
CA MET H 297 10.91 37.16 12.96
C MET H 297 10.62 38.06 11.75
N HIS H 298 9.82 39.10 11.98
CA HIS H 298 9.50 40.05 10.93
C HIS H 298 10.10 41.42 11.14
N ALA H 299 10.57 41.72 12.35
CA ALA H 299 11.21 43.00 12.62
C ALA H 299 12.68 43.02 12.22
N VAL H 300 13.26 41.86 11.92
CA VAL H 300 14.64 41.81 11.44
C VAL H 300 14.76 42.37 10.03
N ILE H 301 13.72 42.26 9.21
CA ILE H 301 13.74 42.80 7.86
C ILE H 301 13.14 44.21 7.79
N ASP H 302 12.10 44.49 8.58
CA ASP H 302 11.47 45.80 8.62
C ASP H 302 12.14 46.67 9.68
N ARG H 303 11.45 47.76 10.09
CA ARG H 303 11.83 48.60 11.21
C ARG H 303 12.97 49.56 10.85
N GLN H 304 13.52 49.42 9.65
CA GLN H 304 14.48 50.41 9.16
C GLN H 304 14.05 50.92 7.79
N ARG H 305 14.27 52.21 7.56
CA ARG H 305 13.74 52.90 6.39
C ARG H 305 14.79 53.11 5.31
N ASN H 306 15.97 52.49 5.44
CA ASN H 306 16.97 52.63 4.40
C ASN H 306 17.55 51.28 4.00
N HIS H 307 16.97 50.20 4.51
CA HIS H 307 17.41 48.85 4.16
C HIS H 307 16.38 47.80 4.56
N GLY H 308 16.02 46.92 3.63
CA GLY H 308 15.11 45.84 3.95
C GLY H 308 13.89 45.74 3.06
N ILE H 309 12.82 45.14 3.56
CA ILE H 309 11.58 44.95 2.82
C ILE H 309 10.42 45.41 3.68
N HIS H 310 9.46 46.10 3.07
CA HIS H 310 8.27 46.54 3.77
C HIS H 310 7.34 45.36 4.03
N PHE H 311 6.33 45.58 4.89
CA PHE H 311 5.38 44.54 5.24
C PHE H 311 4.24 44.41 4.23
N ARG H 312 3.87 45.49 3.54
CA ARG H 312 2.82 45.41 2.54
C ARG H 312 3.20 44.51 1.39
N VAL H 313 4.50 44.27 1.17
CA VAL H 313 4.93 43.27 0.21
C VAL H 313 4.89 41.86 0.79
N LEU H 314 5.19 41.71 2.07
CA LEU H 314 5.16 40.41 2.73
C LEU H 314 3.74 39.90 2.96
N ALA H 315 2.74 40.78 2.90
CA ALA H 315 1.35 40.36 3.04
C ALA H 315 0.71 39.92 1.73
N LYS H 316 1.04 40.58 0.62
CA LYS H 316 0.50 40.21 -0.68
C LYS H 316 1.03 38.87 -1.18
N ALA H 317 2.08 38.33 -0.56
CA ALA H 317 2.51 36.98 -0.83
C ALA H 317 1.81 35.95 0.03
N LEU H 318 1.58 36.24 1.30
CA LEU H 318 0.80 35.36 2.16
C LEU H 318 -0.63 35.24 1.67
N ARG H 319 -1.18 36.28 1.06
CA ARG H 319 -2.54 36.17 0.53
C ARG H 319 -2.63 35.09 -0.54
N MET H 320 -1.65 35.04 -1.46
CA MET H 320 -1.70 34.03 -2.50
C MET H 320 -1.28 32.66 -1.98
N SER H 321 -0.36 32.62 -1.01
CA SER H 321 0.10 31.34 -0.48
C SER H 321 -1.04 30.59 0.19
N GLY H 322 -1.80 31.25 1.05
CA GLY H 322 -2.94 30.63 1.69
C GLY H 322 -3.04 30.89 3.18
N GLY H 323 -4.21 31.33 3.63
CA GLY H 323 -4.42 31.57 5.05
C GLY H 323 -5.75 32.25 5.28
N ASP H 324 -6.18 32.21 6.54
CA ASP H 324 -7.45 32.80 6.96
C ASP H 324 -7.28 33.99 7.88
N HIS H 325 -6.47 33.87 8.93
CA HIS H 325 -6.18 34.96 9.85
C HIS H 325 -4.74 35.38 9.68
N ILE H 326 -4.44 36.62 10.09
CA ILE H 326 -3.07 37.12 10.09
C ILE H 326 -2.97 38.24 11.11
N HIS H 327 -1.82 38.33 11.75
CA HIS H 327 -1.57 39.38 12.73
C HIS H 327 -1.25 40.68 12.01
N SER H 328 -1.87 41.77 12.43
CA SER H 328 -1.62 43.07 11.85
C SER H 328 -1.10 44.10 12.85
N GLY H 329 -1.11 43.80 14.14
CA GLY H 329 -0.58 44.71 15.14
C GLY H 329 -1.57 45.81 15.50
N THR H 330 -1.29 46.47 16.61
CA THR H 330 -2.11 47.56 17.11
C THR H 330 -1.35 48.88 16.99
N VAL H 331 -2.03 49.96 17.36
CA VAL H 331 -1.48 51.30 17.28
C VAL H 331 -1.20 51.89 18.66
N VAL H 332 -1.83 51.36 19.70
CA VAL H 332 -1.71 51.92 21.03
C VAL H 332 -1.16 50.88 22.00
N GLY H 333 -0.43 49.90 21.47
CA GLY H 333 0.13 48.85 22.29
C GLY H 333 1.58 49.09 22.67
N LYS H 334 2.31 48.02 22.94
CA LYS H 334 3.72 48.10 23.32
C LYS H 334 4.66 47.84 22.16
N LEU H 335 4.16 47.73 20.94
CA LEU H 335 4.98 47.51 19.76
C LEU H 335 4.69 48.58 18.72
N GLU H 336 5.68 48.86 17.88
CA GLU H 336 5.61 50.01 16.99
C GLU H 336 4.52 49.83 15.93
N GLY H 337 3.96 50.95 15.49
CA GLY H 337 2.94 50.97 14.47
C GLY H 337 2.36 52.35 14.26
N GLU H 338 2.08 52.70 13.00
CA GLU H 338 1.63 54.05 12.67
C GLU H 338 0.21 53.95 12.12
N ARG H 339 -0.54 55.05 12.20
CA ARG H 339 -1.98 55.04 11.97
C ARG H 339 -2.35 55.10 10.50
N GLU H 340 -1.48 55.61 9.64
CA GLU H 340 -1.77 55.70 8.22
C GLU H 340 -1.36 54.48 7.44
N VAL H 341 -0.18 53.92 7.70
CA VAL H 341 0.27 52.74 6.97
C VAL H 341 -0.66 51.56 7.23
N THR H 342 -1.12 51.40 8.48
CA THR H 342 -2.01 50.31 8.82
C THR H 342 -3.32 50.40 8.04
N LEU H 343 -3.91 51.60 8.00
CA LEU H 343 -5.11 51.80 7.20
C LEU H 343 -4.85 51.58 5.72
N GLY H 344 -3.64 51.90 5.25
CA GLY H 344 -3.28 51.65 3.88
C GLY H 344 -3.24 50.19 3.51
N PHE H 345 -2.62 49.36 4.34
CA PHE H 345 -2.44 47.96 3.97
C PHE H 345 -3.50 47.03 4.53
N VAL H 346 -4.46 47.54 5.31
CA VAL H 346 -5.63 46.71 5.63
C VAL H 346 -6.51 46.53 4.39
N ASP H 347 -6.66 47.59 3.60
CA ASP H 347 -7.48 47.51 2.40
C ASP H 347 -6.92 46.51 1.40
N LEU H 348 -5.60 46.43 1.27
CA LEU H 348 -4.99 45.45 0.39
C LEU H 348 -5.27 44.02 0.83
N LEU H 349 -5.68 43.81 2.08
CA LEU H 349 -6.03 42.49 2.58
C LEU H 349 -7.53 42.20 2.49
N ARG H 350 -8.37 43.21 2.70
CA ARG H 350 -9.81 42.96 2.79
C ARG H 350 -10.59 43.30 1.52
N ASP H 351 -10.12 44.23 0.70
CA ASP H 351 -10.92 44.77 -0.38
C ASP H 351 -10.74 43.96 -1.67
N ASP H 352 -11.35 44.44 -2.75
CA ASP H 352 -11.29 43.78 -4.05
C ASP H 352 -10.78 44.67 -5.17
N TYR H 353 -10.68 45.98 -4.96
CA TYR H 353 -10.18 46.89 -5.99
C TYR H 353 -9.67 48.14 -5.29
N ILE H 354 -8.36 48.35 -5.34
CA ILE H 354 -7.71 49.46 -4.64
C ILE H 354 -7.08 50.39 -5.68
N GLU H 355 -7.26 51.69 -5.48
CA GLU H 355 -6.72 52.69 -6.38
C GLU H 355 -5.43 53.29 -5.82
N LYS H 356 -4.70 53.98 -6.69
CA LYS H 356 -3.42 54.56 -6.30
C LYS H 356 -3.62 55.70 -5.31
N ASP H 357 -2.73 55.78 -4.31
CA ASP H 357 -2.78 56.83 -3.31
C ASP H 357 -1.41 56.92 -2.67
N ARG H 358 -0.73 58.05 -2.87
CA ARG H 358 0.61 58.26 -2.34
C ARG H 358 0.62 58.77 -0.91
N SER H 359 -0.52 59.20 -0.38
CA SER H 359 -0.61 59.63 1.01
C SER H 359 -0.71 58.47 1.97
N ARG H 360 -0.89 57.25 1.47
CA ARG H 360 -0.97 56.07 2.30
C ARG H 360 0.05 55.00 1.94
N GLY H 361 0.93 55.26 0.97
CA GLY H 361 2.01 54.36 0.62
C GLY H 361 1.77 53.55 -0.63
N ILE H 362 0.58 53.60 -1.22
CA ILE H 362 0.27 52.79 -2.39
C ILE H 362 0.85 53.46 -3.63
N TYR H 363 1.56 52.68 -4.44
CA TYR H 363 2.14 53.15 -5.69
C TYR H 363 1.38 52.70 -6.93
N PHE H 364 0.90 51.46 -6.95
CA PHE H 364 0.27 50.89 -8.13
C PHE H 364 -1.19 50.56 -7.86
N THR H 365 -1.92 50.30 -8.94
CA THR H 365 -3.33 49.92 -8.87
C THR H 365 -3.45 48.41 -8.94
N GLN H 366 -4.25 47.83 -8.06
CA GLN H 366 -4.35 46.38 -7.93
C GLN H 366 -5.81 45.94 -7.94
N ASP H 367 -6.07 44.82 -8.63
CA ASP H 367 -7.37 44.16 -8.58
C ASP H 367 -7.15 42.67 -8.44
N TRP H 368 -8.03 42.03 -7.66
CA TRP H 368 -7.84 40.64 -7.27
C TRP H 368 -8.76 39.67 -7.99
N VAL H 369 -9.54 40.14 -8.96
CA VAL H 369 -10.49 39.36 -9.77
C VAL H 369 -11.16 38.25 -8.97
N SER H 370 -11.93 38.62 -7.96
CA SER H 370 -12.77 37.69 -7.20
C SER H 370 -11.95 36.63 -6.48
N MET H 371 -11.12 37.09 -5.55
CA MET H 371 -10.40 36.21 -4.65
C MET H 371 -10.76 36.55 -3.21
N PRO H 372 -11.06 35.57 -2.36
CA PRO H 372 -11.50 35.87 -1.00
C PRO H 372 -10.43 36.56 -0.18
N GLY H 373 -10.88 37.37 0.78
CA GLY H 373 -9.98 38.12 1.65
C GLY H 373 -9.67 37.39 2.94
N VAL H 374 -8.99 38.09 3.83
CA VAL H 374 -8.56 37.55 5.11
C VAL H 374 -8.93 38.54 6.22
N LEU H 375 -8.94 38.03 7.45
CA LEU H 375 -9.30 38.73 8.68
C LEU H 375 -8.06 39.21 9.43
N PRO H 376 -7.95 40.49 9.72
CA PRO H 376 -6.82 40.99 10.51
C PRO H 376 -7.05 40.80 12.02
N VAL H 377 -5.95 40.74 12.75
CA VAL H 377 -5.96 40.46 14.18
C VAL H 377 -5.13 41.52 14.89
N ALA H 378 -5.65 42.04 15.99
CA ALA H 378 -4.95 43.04 16.80
C ALA H 378 -4.67 42.46 18.18
N SER H 379 -3.43 42.60 18.64
CA SER H 379 -3.02 42.03 19.92
C SER H 379 -1.80 42.77 20.45
N GLY H 380 -1.59 42.65 21.76
CA GLY H 380 -0.39 43.16 22.40
C GLY H 380 -0.58 44.33 23.33
N GLY H 381 -0.62 44.06 24.64
CA GLY H 381 -0.61 45.10 25.65
C GLY H 381 -1.77 46.07 25.66
N ILE H 382 -3.00 45.56 25.63
CA ILE H 382 -4.20 46.38 25.61
C ILE H 382 -5.11 45.97 26.76
N HIS H 383 -5.81 46.95 27.33
CA HIS H 383 -6.74 46.70 28.43
C HIS H 383 -8.08 47.39 28.10
N VAL H 384 -8.95 47.46 29.10
CA VAL H 384 -10.35 47.84 28.87
C VAL H 384 -10.44 49.29 28.40
N TRP H 385 -9.61 50.17 28.96
CA TRP H 385 -9.71 51.59 28.68
C TRP H 385 -9.45 51.91 27.22
N HIS H 386 -8.83 50.98 26.50
CA HIS H 386 -8.49 51.17 25.09
C HIS H 386 -9.61 50.75 24.15
N MET H 387 -10.72 50.24 24.69
CA MET H 387 -11.77 49.67 23.86
C MET H 387 -12.41 50.67 22.91
N PRO H 388 -12.83 51.87 23.34
CA PRO H 388 -13.47 52.79 22.38
C PRO H 388 -12.45 53.58 21.58
N ALA H 389 -11.39 52.91 21.13
CA ALA H 389 -10.45 53.50 20.18
C ALA H 389 -10.06 52.46 19.15
N LEU H 390 -10.37 51.19 19.44
CA LEU H 390 -10.09 50.08 18.55
C LEU H 390 -11.27 49.69 17.69
N THR H 391 -12.49 49.91 18.17
CA THR H 391 -13.69 49.64 17.38
C THR H 391 -13.97 50.73 16.36
N GLU H 392 -13.24 51.84 16.41
CA GLU H 392 -13.42 52.93 15.46
C GLU H 392 -12.43 52.85 14.31
N ILE H 393 -11.28 52.22 14.51
CA ILE H 393 -10.26 52.12 13.49
C ILE H 393 -10.56 50.96 12.56
N PHE H 394 -10.62 49.75 13.10
CA PHE H 394 -10.75 48.55 12.28
C PHE H 394 -12.17 48.40 11.74
N GLY H 395 -13.15 48.27 12.61
CA GLY H 395 -14.52 48.11 12.16
C GLY H 395 -15.14 46.88 12.79
N ASP H 396 -16.06 46.27 12.04
CA ASP H 396 -16.80 45.11 12.51
C ASP H 396 -16.22 43.79 12.04
N ASP H 397 -15.11 43.81 11.32
CA ASP H 397 -14.48 42.59 10.81
C ASP H 397 -13.04 42.54 11.31
N SER H 398 -12.86 41.99 12.51
CA SER H 398 -11.54 41.88 13.12
C SER H 398 -11.63 40.94 14.31
N VAL H 399 -10.47 40.65 14.91
CA VAL H 399 -10.37 39.81 16.09
C VAL H 399 -9.55 40.56 17.13
N LEU H 400 -10.04 40.54 18.37
CA LEU H 400 -9.39 41.23 19.47
C LEU H 400 -8.93 40.20 20.50
N GLN H 401 -7.68 40.32 20.94
CA GLN H 401 -7.09 39.37 21.88
C GLN H 401 -6.57 40.10 23.10
N PHE H 402 -6.84 39.54 24.28
CA PHE H 402 -6.31 40.05 25.54
C PHE H 402 -5.59 38.90 26.26
N GLY H 403 -4.28 39.00 26.36
CA GLY H 403 -3.50 37.95 26.99
C GLY H 403 -3.27 38.19 28.47
N GLY H 404 -2.74 39.35 28.82
CA GLY H 404 -2.49 39.69 30.21
C GLY H 404 -3.59 40.45 30.90
N GLY H 405 -4.54 40.98 30.14
CA GLY H 405 -5.65 41.72 30.71
C GLY H 405 -6.78 40.88 31.24
N THR H 406 -6.67 39.55 31.15
CA THR H 406 -7.68 38.63 31.65
C THR H 406 -7.21 37.86 32.87
N LEU H 407 -6.05 37.20 32.78
CA LEU H 407 -5.53 36.44 33.91
C LEU H 407 -5.02 37.33 35.03
N GLY H 408 -4.90 38.64 34.80
CA GLY H 408 -4.45 39.58 35.80
C GLY H 408 -5.55 40.22 36.63
N HIS H 409 -6.80 39.79 36.47
CA HIS H 409 -7.89 40.37 37.24
C HIS H 409 -7.71 40.07 38.73
N PRO H 410 -8.08 40.99 39.61
CA PRO H 410 -7.93 40.76 41.05
C PRO H 410 -8.92 39.79 41.65
N TRP H 411 -9.87 39.26 40.87
CA TRP H 411 -10.88 38.36 41.40
C TRP H 411 -10.83 36.95 40.84
N GLY H 412 -10.06 36.71 39.79
CA GLY H 412 -9.94 35.37 39.26
C GLY H 412 -9.93 35.39 37.75
N ASN H 413 -10.36 34.28 37.16
CA ASN H 413 -10.39 34.11 35.71
C ASN H 413 -11.77 34.34 35.11
N ALA H 414 -12.77 33.62 35.59
CA ALA H 414 -14.13 33.78 35.07
C ALA H 414 -14.67 35.20 35.28
N PRO H 415 -14.54 35.83 36.45
CA PRO H 415 -15.00 37.22 36.57
C PRO H 415 -14.27 38.17 35.65
N GLY H 416 -13.03 37.86 35.28
CA GLY H 416 -12.25 38.74 34.44
C GLY H 416 -12.63 38.78 32.98
N ALA H 417 -13.43 37.82 32.52
CA ALA H 417 -13.87 37.80 31.13
C ALA H 417 -15.21 38.48 30.90
N VAL H 418 -16.01 38.67 31.95
CA VAL H 418 -17.29 39.35 31.79
C VAL H 418 -17.08 40.83 31.51
N ALA H 419 -16.08 41.43 32.16
CA ALA H 419 -15.82 42.85 31.97
C ALA H 419 -15.42 43.19 30.55
N ASN H 420 -14.63 42.33 29.90
CA ASN H 420 -14.24 42.58 28.52
C ASN H 420 -15.44 42.51 27.57
N ARG H 421 -16.35 41.57 27.79
CA ARG H 421 -17.52 41.46 26.93
C ARG H 421 -18.49 42.62 27.15
N VAL H 422 -18.68 43.04 28.39
CA VAL H 422 -19.60 44.14 28.68
C VAL H 422 -19.10 45.43 28.04
N ALA H 423 -17.79 45.69 28.15
CA ALA H 423 -17.22 46.91 27.60
C ALA H 423 -17.37 47.01 26.09
N LEU H 424 -17.46 45.88 25.39
CA LEU H 424 -17.66 45.88 23.94
C LEU H 424 -19.12 45.94 23.55
N GLU H 425 -19.98 45.20 24.26
CA GLU H 425 -21.41 45.27 23.97
C GLU H 425 -22.03 46.59 24.37
N ALA H 426 -21.38 47.35 25.26
CA ALA H 426 -21.83 48.70 25.57
C ALA H 426 -21.36 49.73 24.57
N CYS H 427 -20.30 49.44 23.82
CA CYS H 427 -19.83 50.33 22.77
C CYS H 427 -20.54 50.12 21.45
N VAL H 428 -20.86 48.86 21.10
CA VAL H 428 -21.60 48.62 19.88
C VAL H 428 -22.97 49.30 19.93
N GLN H 429 -23.69 49.14 21.04
CA GLN H 429 -24.99 49.79 21.21
C GLN H 429 -24.89 51.30 21.18
N ALA H 430 -23.89 51.89 21.82
CA ALA H 430 -23.68 53.32 21.79
C ALA H 430 -23.35 53.83 20.39
N ARG H 431 -22.59 53.07 19.60
CA ARG H 431 -22.32 53.47 18.23
C ARG H 431 -23.57 53.42 17.36
N ASN H 432 -24.39 52.38 17.52
CA ASN H 432 -25.58 52.29 16.68
C ASN H 432 -26.74 53.12 17.23
N GLU H 433 -26.46 54.37 17.60
CA GLU H 433 -27.52 55.31 17.97
C GLU H 433 -27.24 56.68 17.36
N GLY H 434 -25.98 56.95 17.03
CA GLY H 434 -25.61 58.24 16.47
C GLY H 434 -24.62 59.00 17.33
N ARG H 435 -24.06 58.34 18.33
CA ARG H 435 -23.09 58.97 19.22
C ARG H 435 -21.69 58.82 18.65
N ASP H 436 -20.82 59.77 18.98
CA ASP H 436 -19.45 59.77 18.51
C ASP H 436 -18.56 58.99 19.48
N LEU H 437 -17.79 58.06 18.94
CA LEU H 437 -16.96 57.18 19.74
C LEU H 437 -15.58 57.76 20.04
N ALA H 438 -15.22 58.89 19.44
CA ALA H 438 -13.89 59.48 19.64
C ALA H 438 -13.91 60.53 20.74
N ARG H 439 -14.77 61.54 20.62
CA ARG H 439 -14.84 62.58 21.64
C ARG H 439 -15.35 62.04 22.97
N GLU H 440 -16.40 61.22 22.93
CA GLU H 440 -16.97 60.65 24.14
C GLU H 440 -16.59 59.19 24.26
N GLY H 441 -15.45 58.92 24.90
CA GLY H 441 -15.01 57.55 25.08
C GLY H 441 -14.77 57.22 26.54
N ASN H 442 -14.58 58.24 27.36
CA ASN H 442 -14.39 58.06 28.79
C ASN H 442 -15.69 58.23 29.56
N ASP H 443 -16.80 58.48 28.86
CA ASP H 443 -18.11 58.60 29.49
C ASP H 443 -19.00 57.39 29.26
N ILE H 444 -18.83 56.66 28.16
CA ILE H 444 -19.60 55.44 27.95
C ILE H 444 -19.22 54.39 28.99
N ILE H 445 -17.93 54.24 29.27
CA ILE H 445 -17.48 53.21 30.21
C ILE H 445 -17.88 53.54 31.65
N ARG H 446 -17.80 54.81 32.05
CA ARG H 446 -18.14 55.20 33.40
C ARG H 446 -19.62 55.03 33.71
N GLU H 447 -20.49 55.08 32.71
CA GLU H 447 -21.91 54.78 32.90
C GLU H 447 -22.20 53.29 32.89
N ALA H 448 -21.48 52.52 32.08
CA ALA H 448 -21.64 51.07 32.12
C ALA H 448 -21.16 50.49 33.45
N SER H 449 -20.12 51.09 34.04
CA SER H 449 -19.60 50.59 35.31
C SER H 449 -20.39 51.11 36.50
N LYS H 450 -21.71 50.95 36.47
CA LYS H 450 -22.55 51.26 37.62
C LYS H 450 -23.63 50.23 37.86
N TRP H 451 -23.79 49.25 36.96
CA TRP H 451 -24.68 48.12 37.16
C TRP H 451 -23.95 46.80 37.04
N SER H 452 -22.64 46.82 36.80
CA SER H 452 -21.82 45.61 36.73
C SER H 452 -20.69 45.74 37.75
N PRO H 453 -20.75 45.02 38.87
CA PRO H 453 -19.70 45.14 39.89
C PRO H 453 -18.35 44.57 39.47
N GLU H 454 -18.29 43.78 38.39
CA GLU H 454 -17.05 43.21 37.92
C GLU H 454 -16.26 44.12 36.99
N LEU H 455 -16.83 45.25 36.58
CA LEU H 455 -16.12 46.21 35.74
C LEU H 455 -15.51 47.35 36.54
N ALA H 456 -16.16 47.77 37.63
CA ALA H 456 -15.57 48.81 38.48
C ALA H 456 -14.26 48.36 39.10
N ALA H 457 -14.15 47.09 39.47
CA ALA H 457 -12.90 46.57 40.00
C ALA H 457 -11.79 46.61 38.96
N ALA H 458 -12.08 46.29 37.70
CA ALA H 458 -11.06 46.33 36.67
C ALA H 458 -10.70 47.76 36.27
N CYS H 459 -11.65 48.69 36.37
CA CYS H 459 -11.40 50.09 36.03
C CYS H 459 -10.52 50.80 37.05
N GLU H 460 -9.99 50.09 38.05
CA GLU H 460 -9.17 50.70 39.08
C GLU H 460 -7.72 50.24 39.08
N VAL H 461 -7.46 48.97 38.72
CA VAL H 461 -6.09 48.49 38.75
C VAL H 461 -5.25 49.17 37.68
N TRP H 462 -5.76 49.20 36.44
CA TRP H 462 -5.08 49.85 35.33
C TRP H 462 -5.88 51.11 34.97
N LYS H 463 -5.33 52.27 35.29
CA LYS H 463 -6.00 53.53 35.02
C LYS H 463 -5.10 54.58 34.39
N GLU H 464 -3.79 54.51 34.59
CA GLU H 464 -2.88 55.49 34.00
C GLU H 464 -1.67 54.78 33.40
N ILE H 465 -1.91 53.67 32.71
CA ILE H 465 -0.86 52.89 32.06
C ILE H 465 -0.92 53.17 30.58
N LYS H 466 -0.05 54.05 30.10
CA LYS H 466 0.02 54.41 28.68
C LYS H 466 1.43 54.20 28.17
N PHE H 467 1.55 53.85 26.90
CA PHE H 467 2.83 53.67 26.23
C PHE H 467 2.95 54.73 25.14
N VAL H 468 3.85 55.70 25.34
CA VAL H 468 4.05 56.80 24.40
C VAL H 468 5.56 56.92 24.17
N PHE H 469 5.99 56.76 22.93
CA PHE H 469 7.37 56.96 22.53
C PHE H 469 7.41 57.53 21.12
N GLU H 470 8.62 57.81 20.64
CA GLU H 470 8.80 58.37 19.31
C GLU H 470 8.67 57.27 18.25
N THR H 471 8.86 57.65 16.99
CA THR H 471 8.70 56.76 15.86
C THR H 471 9.96 56.74 15.02
N ILE H 472 10.29 55.56 14.50
CA ILE H 472 11.49 55.35 13.68
C ILE H 472 11.15 55.36 12.21
N ASP H 473 10.27 54.45 11.78
CA ASP H 473 9.86 54.36 10.37
C ASP H 473 8.73 55.36 10.07
N THR H 474 9.14 56.59 9.78
CA THR H 474 8.18 57.66 9.51
C THR H 474 7.94 57.76 8.00
N LEU H 475 6.80 57.22 7.56
CA LEU H 475 6.33 57.21 6.17
C LEU H 475 7.41 57.36 5.10
N MET I 1 30.10 -49.42 -24.91
CA MET I 1 29.45 -48.13 -24.76
C MET I 1 30.08 -47.09 -25.69
N GLN I 2 29.39 -45.97 -25.86
CA GLN I 2 29.88 -44.89 -26.71
C GLN I 2 29.41 -43.56 -26.12
N VAL I 3 30.08 -42.49 -26.53
CA VAL I 3 29.88 -41.17 -25.95
C VAL I 3 29.44 -40.21 -27.05
N TRP I 4 28.35 -39.50 -26.81
CA TRP I 4 27.91 -38.44 -27.71
C TRP I 4 28.91 -37.28 -27.67
N ASN I 5 29.23 -36.74 -28.84
CA ASN I 5 30.22 -35.67 -28.91
C ASN I 5 29.59 -34.34 -28.54
N PRO I 6 30.07 -33.66 -27.51
CA PRO I 6 29.48 -32.38 -27.09
C PRO I 6 30.17 -31.14 -27.64
N ILE I 7 31.12 -31.26 -28.54
CA ILE I 7 31.91 -30.12 -29.01
C ILE I 7 31.61 -29.90 -30.49
N ASP I 8 31.10 -28.69 -30.80
CA ASP I 8 30.88 -28.24 -32.17
C ASP I 8 29.98 -29.21 -32.95
N ASN I 9 28.76 -29.37 -32.42
CA ASN I 9 27.76 -30.25 -33.01
C ASN I 9 26.40 -29.56 -33.00
N PRO I 10 26.20 -28.57 -33.85
CA PRO I 10 24.90 -27.90 -33.91
C PRO I 10 23.89 -28.68 -34.72
N LYS I 11 22.62 -28.49 -34.38
CA LYS I 11 21.50 -29.14 -35.06
C LYS I 11 20.56 -28.08 -35.63
N PHE I 12 19.74 -28.49 -36.60
CA PHE I 12 18.88 -27.57 -37.33
C PHE I 12 17.43 -28.06 -37.42
N GLU I 13 16.90 -28.62 -36.34
CA GLU I 13 15.47 -28.90 -36.17
C GLU I 13 15.04 -30.16 -36.90
N THR I 14 13.96 -30.05 -37.68
CA THR I 14 13.32 -31.22 -38.27
C THR I 14 14.21 -31.86 -39.34
N LEU I 15 14.21 -33.20 -39.36
CA LEU I 15 14.95 -33.98 -40.33
C LEU I 15 16.45 -33.72 -40.27
N SER I 16 16.94 -33.29 -39.12
CA SER I 16 18.36 -33.00 -38.93
C SER I 16 19.12 -34.14 -38.28
N TYR I 17 18.45 -35.24 -37.94
CA TYR I 17 19.09 -36.40 -37.33
C TYR I 17 19.23 -37.56 -38.30
N LEU I 18 18.87 -37.37 -39.56
CA LEU I 18 18.93 -38.38 -40.62
C LEU I 18 20.17 -38.18 -41.47
N PRO I 19 20.51 -39.13 -42.34
CA PRO I 19 21.59 -38.92 -43.30
C PRO I 19 21.27 -37.75 -44.21
N PRO I 20 22.30 -37.11 -44.81
CA PRO I 20 22.06 -35.89 -45.59
C PRO I 20 21.08 -36.07 -46.73
N LEU I 21 20.27 -35.04 -46.98
CA LEU I 21 19.21 -35.09 -47.97
C LEU I 21 19.81 -35.00 -49.37
N THR I 22 19.20 -35.73 -50.31
CA THR I 22 19.62 -35.74 -51.70
C THR I 22 18.44 -35.37 -52.59
N ASP I 23 18.74 -35.10 -53.86
CA ASP I 23 17.68 -34.92 -54.84
C ASP I 23 16.93 -36.24 -55.05
N ASN I 24 15.69 -36.12 -55.49
CA ASN I 24 14.66 -37.15 -55.53
C ASN I 24 14.18 -37.49 -54.12
N GLN I 25 14.74 -36.86 -53.08
CA GLN I 25 14.14 -36.87 -51.75
C GLN I 25 13.55 -35.52 -51.37
N ILE I 26 13.99 -34.43 -52.03
CA ILE I 26 13.38 -33.13 -51.84
C ILE I 26 12.16 -32.93 -52.73
N ALA I 27 12.16 -33.50 -53.94
CA ALA I 27 11.06 -33.35 -54.87
C ALA I 27 9.80 -34.08 -54.41
N ARG I 28 9.91 -35.03 -53.49
CA ARG I 28 8.75 -35.75 -52.99
C ARG I 28 8.09 -35.06 -51.81
N GLU I 29 8.83 -34.25 -51.06
CA GLU I 29 8.24 -33.44 -50.00
C GLU I 29 7.49 -32.23 -50.53
N ILE I 30 7.68 -31.87 -51.79
CA ILE I 30 6.89 -30.80 -52.41
C ILE I 30 5.63 -31.35 -53.08
N ASP I 31 5.67 -32.57 -53.63
CA ASP I 31 4.47 -33.17 -54.19
C ASP I 31 3.42 -33.40 -53.12
N TYR I 32 3.82 -33.87 -51.94
CA TYR I 32 2.90 -34.06 -50.83
C TYR I 32 2.29 -32.76 -50.34
N MET I 33 2.99 -31.64 -50.48
CA MET I 33 2.47 -30.34 -50.09
C MET I 33 1.45 -29.79 -51.08
N LEU I 34 1.68 -29.98 -52.38
CA LEU I 34 0.78 -29.44 -53.39
C LEU I 34 -0.54 -30.17 -53.49
N ARG I 35 -0.57 -31.47 -53.21
CA ARG I 35 -1.83 -32.21 -53.26
C ARG I 35 -2.70 -31.97 -52.03
N ASN I 36 -2.19 -31.23 -51.04
CA ASN I 36 -3.01 -30.73 -49.94
C ASN I 36 -3.37 -29.26 -50.10
N LYS I 37 -3.07 -28.65 -51.24
CA LYS I 37 -3.39 -27.25 -51.52
C LYS I 37 -2.75 -26.29 -50.51
N TRP I 38 -1.43 -26.24 -50.49
CA TRP I 38 -0.70 -25.28 -49.68
C TRP I 38 0.22 -24.46 -50.57
N ILE I 39 0.77 -23.39 -50.02
CA ILE I 39 1.49 -22.36 -50.78
C ILE I 39 2.95 -22.37 -50.34
N PRO I 40 3.90 -22.51 -51.25
CA PRO I 40 5.31 -22.50 -50.86
C PRO I 40 5.88 -21.09 -50.73
N CYS I 41 7.09 -21.02 -50.18
CA CYS I 41 7.80 -19.75 -50.01
C CYS I 41 9.26 -20.06 -49.74
N LEU I 42 10.08 -19.01 -49.75
CA LEU I 42 11.52 -19.14 -49.56
C LEU I 42 12.01 -18.08 -48.59
N GLU I 43 13.17 -18.35 -47.98
CA GLU I 43 13.77 -17.45 -47.00
C GLU I 43 15.27 -17.62 -47.00
N PHE I 44 15.98 -16.62 -46.46
CA PHE I 44 17.42 -16.70 -46.31
C PHE I 44 17.87 -15.75 -45.19
N ASP I 45 19.04 -16.05 -44.62
CA ASP I 45 19.63 -15.28 -43.53
C ASP I 45 21.07 -15.72 -43.28
N PRO I 46 21.96 -14.80 -42.91
CA PRO I 46 23.36 -15.20 -42.72
C PRO I 46 23.64 -16.02 -41.48
N SER I 47 23.08 -15.65 -40.32
CA SER I 47 23.45 -16.29 -39.06
C SER I 47 22.21 -16.77 -38.30
N GLY I 48 22.23 -18.05 -37.94
CA GLY I 48 21.16 -18.67 -37.18
C GLY I 48 21.40 -18.74 -35.68
N THR I 49 21.47 -17.60 -35.00
CA THR I 49 21.69 -17.56 -33.55
C THR I 49 20.53 -16.87 -32.86
N ILE I 50 20.33 -17.20 -31.58
CA ILE I 50 19.22 -16.68 -30.81
C ILE I 50 19.74 -16.04 -29.53
N THR I 51 18.94 -15.12 -28.97
CA THR I 51 19.26 -14.44 -27.72
C THR I 51 18.04 -14.42 -26.80
N THR I 52 18.17 -13.76 -25.66
CA THR I 52 17.09 -13.70 -24.67
C THR I 52 17.04 -12.28 -24.10
N LEU I 53 16.18 -12.09 -23.10
CA LEU I 53 16.02 -10.85 -22.36
C LEU I 53 16.08 -11.13 -20.86
N PRO I 54 16.43 -10.13 -20.04
CA PRO I 54 16.60 -10.37 -18.60
C PRO I 54 15.42 -11.05 -17.91
N GLY I 55 14.23 -10.43 -17.96
CA GLY I 55 13.12 -10.93 -17.19
C GLY I 55 11.78 -10.99 -17.91
N GLN I 56 11.81 -11.23 -19.21
CA GLN I 56 10.58 -11.28 -20.01
C GLN I 56 10.34 -12.68 -20.53
N PRO I 57 9.36 -13.42 -19.99
CA PRO I 57 9.07 -14.76 -20.51
C PRO I 57 8.53 -14.69 -21.93
N GLY I 58 8.84 -15.72 -22.72
CA GLY I 58 8.30 -15.83 -24.05
C GLY I 58 8.86 -14.86 -25.07
N TYR I 59 10.08 -14.37 -24.87
CA TYR I 59 10.73 -13.48 -25.81
C TYR I 59 12.07 -14.04 -26.22
N TYR I 60 12.33 -14.09 -27.53
CA TYR I 60 13.60 -14.55 -28.06
C TYR I 60 13.92 -13.75 -29.31
N GLY I 61 15.21 -13.67 -29.63
CA GLY I 61 15.69 -12.97 -30.81
C GLY I 61 16.13 -13.96 -31.87
N GLY I 62 16.03 -13.55 -33.12
CA GLY I 62 16.45 -14.37 -34.23
C GLY I 62 15.42 -15.32 -34.78
N ARG I 63 14.17 -14.90 -34.94
CA ARG I 63 13.13 -15.76 -35.48
C ARG I 63 12.59 -15.28 -36.82
N TYR I 64 13.01 -14.12 -37.31
CA TYR I 64 12.54 -13.57 -38.58
C TYR I 64 13.66 -13.61 -39.60
N TRP I 65 13.36 -14.11 -40.78
CA TRP I 65 14.28 -14.12 -41.91
C TRP I 65 13.70 -13.29 -43.04
N THR I 66 14.49 -13.12 -44.10
CA THR I 66 14.10 -12.29 -45.24
C THR I 66 13.39 -13.13 -46.30
N MET I 67 12.32 -12.58 -46.86
CA MET I 67 11.53 -13.26 -47.87
C MET I 67 12.12 -13.01 -49.26
N TRP I 68 12.21 -14.07 -50.06
CA TRP I 68 12.90 -13.97 -51.34
C TRP I 68 12.23 -13.00 -52.31
N LYS I 69 11.07 -13.36 -52.86
CA LYS I 69 10.34 -12.42 -53.70
C LYS I 69 8.91 -12.18 -53.22
N LEU I 70 8.13 -13.25 -53.14
CA LEU I 70 6.70 -13.21 -52.83
C LEU I 70 6.17 -14.63 -52.80
N PRO I 71 5.10 -14.89 -52.05
CA PRO I 71 4.47 -16.20 -52.09
C PRO I 71 3.94 -16.51 -53.48
N MET I 72 3.95 -17.79 -53.83
CA MET I 72 3.53 -18.25 -55.16
C MET I 72 2.07 -18.68 -55.07
N PHE I 73 1.17 -17.78 -55.48
CA PHE I 73 -0.26 -18.05 -55.48
C PHE I 73 -0.64 -18.68 -56.80
N GLY I 74 -0.92 -19.98 -56.79
CA GLY I 74 -1.45 -20.64 -57.97
C GLY I 74 -0.49 -21.59 -58.66
N CYS I 75 0.53 -22.05 -57.94
CA CYS I 75 1.47 -23.01 -58.48
C CYS I 75 0.83 -24.40 -58.54
N ASN I 76 1.11 -25.13 -59.62
CA ASN I 76 0.54 -26.45 -59.81
C ASN I 76 1.56 -27.53 -60.16
N ASN I 77 2.80 -27.18 -60.43
CA ASN I 77 3.84 -28.15 -60.74
C ASN I 77 5.07 -27.89 -59.89
N ALA I 78 5.86 -28.94 -59.69
CA ALA I 78 7.04 -28.89 -58.83
C ALA I 78 8.30 -28.51 -59.61
N GLY I 79 8.14 -27.87 -60.76
CA GLY I 79 9.28 -27.44 -61.54
C GLY I 79 9.67 -26.01 -61.28
N TYR I 80 8.69 -25.11 -61.24
CA TYR I 80 8.95 -23.71 -60.95
C TYR I 80 9.47 -23.49 -59.55
N VAL I 81 9.13 -24.36 -58.59
CA VAL I 81 9.69 -24.29 -57.25
C VAL I 81 11.09 -24.85 -57.18
N LEU I 82 11.45 -25.78 -58.06
CA LEU I 82 12.79 -26.32 -58.11
C LEU I 82 13.73 -25.52 -58.99
N ARG I 83 13.22 -24.59 -59.79
CA ARG I 83 14.07 -23.72 -60.59
C ARG I 83 14.36 -22.39 -59.91
N GLU I 84 13.70 -22.09 -58.79
CA GLU I 84 13.93 -20.84 -58.07
C GLU I 84 14.96 -20.98 -56.95
N ILE I 85 15.40 -22.20 -56.64
CA ILE I 85 16.42 -22.41 -55.63
C ILE I 85 17.82 -22.19 -56.18
N GLU I 86 17.96 -22.14 -57.50
CA GLU I 86 19.25 -21.91 -58.14
C GLU I 86 19.57 -20.44 -58.34
N HIS I 87 18.56 -19.61 -58.65
CA HIS I 87 18.78 -18.17 -58.71
C HIS I 87 19.16 -17.60 -57.36
N CYS I 88 18.60 -18.14 -56.27
CA CYS I 88 18.90 -17.64 -54.93
C CYS I 88 20.29 -18.04 -54.46
N LYS I 89 20.78 -19.22 -54.82
CA LYS I 89 22.07 -19.68 -54.37
C LYS I 89 23.21 -19.21 -55.26
N ASN I 90 22.91 -18.46 -56.31
CA ASN I 90 23.95 -17.83 -57.13
C ASN I 90 24.11 -16.34 -56.86
N ALA I 91 23.16 -15.72 -56.16
CA ALA I 91 23.27 -14.31 -55.79
C ALA I 91 23.75 -14.12 -54.36
N TYR I 92 23.41 -15.03 -53.45
CA TYR I 92 23.84 -14.98 -52.06
C TYR I 92 24.41 -16.33 -51.68
N PRO I 93 25.64 -16.64 -52.13
CA PRO I 93 26.20 -17.98 -51.86
C PRO I 93 26.74 -18.15 -50.45
N GLY I 94 26.60 -17.17 -49.58
CA GLY I 94 27.11 -17.28 -48.23
C GLY I 94 26.04 -17.18 -47.15
N CYS I 95 24.88 -17.80 -47.38
CA CYS I 95 23.76 -17.71 -46.45
C CYS I 95 23.00 -19.03 -46.45
N PHE I 96 22.12 -19.18 -45.46
CA PHE I 96 21.25 -20.34 -45.33
C PHE I 96 19.98 -20.13 -46.15
N ILE I 97 19.29 -21.22 -46.44
CA ILE I 97 18.06 -21.19 -47.21
C ILE I 97 17.06 -22.16 -46.59
N ARG I 98 15.80 -21.70 -46.46
CA ARG I 98 14.73 -22.50 -45.87
C ARG I 98 13.52 -22.49 -46.80
N VAL I 99 12.70 -23.53 -46.66
CA VAL I 99 11.47 -23.68 -47.45
C VAL I 99 10.30 -23.82 -46.49
N LEU I 100 9.23 -23.06 -46.75
CA LEU I 100 8.06 -23.03 -45.88
C LEU I 100 6.82 -23.49 -46.65
N GLY I 101 5.67 -23.40 -45.98
CA GLY I 101 4.39 -23.73 -46.57
C GLY I 101 3.24 -23.21 -45.71
N PHE I 102 2.29 -22.51 -46.33
CA PHE I 102 1.24 -21.82 -45.61
C PHE I 102 -0.10 -22.52 -45.78
N ASP I 103 -0.99 -22.28 -44.82
CA ASP I 103 -2.37 -22.69 -44.87
C ASP I 103 -3.24 -21.52 -44.45
N ASN I 104 -4.29 -21.24 -45.23
CA ASN I 104 -5.14 -20.08 -44.99
C ASN I 104 -6.44 -20.40 -44.28
N ILE I 105 -6.90 -21.66 -44.30
CA ILE I 105 -8.08 -22.02 -43.55
C ILE I 105 -7.85 -21.95 -42.05
N ARG I 106 -6.69 -22.43 -41.57
CA ARG I 106 -6.36 -22.40 -40.15
C ARG I 106 -5.31 -21.36 -39.79
N GLN I 107 -4.72 -20.70 -40.77
CA GLN I 107 -3.74 -19.63 -40.54
C GLN I 107 -2.55 -20.12 -39.72
N VAL I 108 -1.79 -21.07 -40.26
CA VAL I 108 -0.60 -21.60 -39.60
C VAL I 108 0.28 -22.26 -40.65
N GLN I 109 1.57 -22.38 -40.35
CA GLN I 109 2.52 -23.03 -41.24
C GLN I 109 2.44 -24.54 -41.11
N CYS I 110 3.06 -25.23 -42.07
CA CYS I 110 2.99 -26.69 -42.10
C CYS I 110 4.33 -27.40 -42.27
N CYS I 111 5.32 -26.79 -42.90
CA CYS I 111 6.59 -27.45 -43.15
C CYS I 111 7.73 -26.44 -43.01
N ALA I 112 8.90 -26.95 -42.64
CA ALA I 112 10.12 -26.14 -42.58
C ALA I 112 11.36 -27.02 -42.55
N PHE I 113 12.22 -26.92 -43.57
CA PHE I 113 13.47 -27.65 -43.58
C PHE I 113 14.51 -26.91 -44.42
N ILE I 114 15.78 -27.21 -44.15
CA ILE I 114 16.92 -26.51 -44.74
C ILE I 114 17.37 -27.26 -46.00
N VAL I 115 17.84 -26.52 -46.99
CA VAL I 115 18.30 -27.10 -48.25
C VAL I 115 19.67 -26.62 -48.67
N HIS I 116 20.32 -25.75 -47.89
CA HIS I 116 21.64 -25.26 -48.27
C HIS I 116 22.35 -24.74 -47.02
N LYS I 117 23.66 -24.97 -46.97
CA LYS I 117 24.50 -24.47 -45.88
C LYS I 117 25.69 -23.76 -46.49
N PRO I 118 26.20 -22.67 -45.88
CA PRO I 118 27.35 -21.93 -46.41
C PRO I 118 28.62 -22.75 -46.42
N MET J 1 -58.29 -20.61 12.25
CA MET J 1 -56.91 -20.16 12.45
C MET J 1 -56.80 -19.33 13.72
N GLN J 2 -55.55 -19.07 14.13
CA GLN J 2 -55.28 -18.29 15.32
C GLN J 2 -53.98 -17.52 15.12
N VAL J 3 -53.80 -16.47 15.91
CA VAL J 3 -52.69 -15.54 15.74
C VAL J 3 -51.86 -15.51 17.02
N TRP J 4 -50.56 -15.70 16.87
CA TRP J 4 -49.64 -15.54 17.99
C TRP J 4 -49.58 -14.08 18.41
N ASN J 5 -49.59 -13.85 19.71
CA ASN J 5 -49.60 -12.49 20.23
C ASN J 5 -48.19 -11.91 20.21
N PRO J 6 -47.97 -10.80 19.51
CA PRO J 6 -46.63 -10.21 19.42
C PRO J 6 -46.34 -9.09 20.41
N ILE J 7 -47.26 -8.77 21.31
CA ILE J 7 -47.13 -7.62 22.20
C ILE J 7 -46.92 -8.13 23.62
N ASP J 8 -45.80 -7.72 24.22
CA ASP J 8 -45.49 -8.01 25.62
C ASP J 8 -45.50 -9.51 25.92
N ASN J 9 -44.64 -10.27 25.26
CA ASN J 9 -44.59 -11.71 25.48
C ASN J 9 -43.15 -12.20 25.52
N PRO J 10 -42.40 -11.91 26.57
CA PRO J 10 -41.02 -12.38 26.65
C PRO J 10 -40.92 -13.84 27.03
N LYS J 11 -39.79 -14.44 26.69
CA LYS J 11 -39.50 -15.83 26.99
C LYS J 11 -38.17 -15.93 27.75
N PHE J 12 -37.97 -17.08 28.40
CA PHE J 12 -36.80 -17.26 29.27
C PHE J 12 -36.10 -18.59 29.03
N GLU J 13 -35.99 -19.01 27.76
CA GLU J 13 -35.13 -20.12 27.33
C GLU J 13 -35.75 -21.48 27.61
N THR J 14 -34.99 -22.35 28.27
CA THR J 14 -35.38 -23.74 28.42
C THR J 14 -36.59 -23.89 29.34
N LEU J 15 -37.50 -24.79 28.97
CA LEU J 15 -38.70 -25.11 29.72
C LEU J 15 -39.62 -23.90 29.91
N SER J 16 -39.50 -22.89 29.04
CA SER J 16 -40.32 -21.70 29.13
C SER J 16 -41.56 -21.75 28.26
N TYR J 17 -41.79 -22.85 27.55
CA TYR J 17 -42.96 -22.99 26.69
C TYR J 17 -44.00 -23.95 27.24
N LEU J 18 -43.73 -24.61 28.35
CA LEU J 18 -44.63 -25.54 29.01
C LEU J 18 -45.48 -24.83 30.05
N PRO J 19 -46.50 -25.49 30.60
CA PRO J 19 -47.26 -24.89 31.70
C PRO J 19 -46.35 -24.56 32.88
N PRO J 20 -46.78 -23.66 33.76
CA PRO J 20 -45.89 -23.20 34.84
C PRO J 20 -45.39 -24.31 35.74
N LEU J 21 -44.18 -24.16 36.26
CA LEU J 21 -43.54 -25.19 37.07
C LEU J 21 -44.09 -25.18 38.49
N THR J 22 -44.19 -26.37 39.07
CA THR J 22 -44.70 -26.54 40.43
C THR J 22 -43.70 -27.34 41.24
N ASP J 23 -43.89 -27.33 42.56
CA ASP J 23 -43.11 -28.20 43.42
C ASP J 23 -43.48 -29.66 43.14
N ASN J 24 -42.55 -30.55 43.50
CA ASN J 24 -42.50 -31.97 43.12
C ASN J 24 -42.18 -32.12 41.64
N GLN J 25 -42.04 -31.03 40.89
CA GLN J 25 -41.45 -31.04 39.56
C GLN J 25 -40.07 -30.39 39.53
N ILE J 26 -39.76 -29.56 40.52
CA ILE J 26 -38.41 -29.02 40.65
C ILE J 26 -37.51 -29.99 41.38
N ALA J 27 -38.04 -30.70 42.38
CA ALA J 27 -37.24 -31.62 43.18
C ALA J 27 -36.74 -32.82 42.39
N ARG J 28 -37.34 -33.13 41.25
CA ARG J 28 -36.92 -34.26 40.43
C ARG J 28 -35.79 -33.90 39.48
N GLU J 29 -35.65 -32.63 39.10
CA GLU J 29 -34.53 -32.19 38.29
C GLU J 29 -33.24 -32.01 39.07
N ILE J 30 -33.32 -31.98 40.40
CA ILE J 30 -32.12 -31.93 41.23
C ILE J 30 -31.62 -33.31 41.60
N ASP J 31 -32.44 -34.35 41.43
CA ASP J 31 -31.99 -35.72 41.64
C ASP J 31 -31.26 -36.29 40.45
N TYR J 32 -31.77 -36.06 39.24
CA TYR J 32 -31.10 -36.47 38.02
C TYR J 32 -29.74 -35.82 37.86
N MET J 33 -29.56 -34.60 38.38
CA MET J 33 -28.27 -33.94 38.39
C MET J 33 -27.32 -34.51 39.42
N LEU J 34 -27.81 -34.84 40.62
CA LEU J 34 -26.95 -35.40 41.66
C LEU J 34 -26.53 -36.83 41.39
N ARG J 35 -27.37 -37.63 40.72
CA ARG J 35 -26.99 -39.00 40.43
C ARG J 35 -26.01 -39.11 39.26
N ASN J 36 -25.73 -38.00 38.58
CA ASN J 36 -24.64 -37.92 37.61
C ASN J 36 -23.40 -37.22 38.15
N LYS J 37 -23.35 -36.94 39.46
CA LYS J 37 -22.20 -36.31 40.11
C LYS J 37 -21.89 -34.94 39.53
N TRP J 38 -22.82 -33.99 39.69
CA TRP J 38 -22.61 -32.60 39.28
C TRP J 38 -22.82 -31.69 40.48
N ILE J 39 -22.35 -30.45 40.36
CA ILE J 39 -22.29 -29.51 41.48
C ILE J 39 -23.33 -28.41 41.24
N PRO J 40 -24.26 -28.20 42.17
CA PRO J 40 -25.24 -27.12 41.99
C PRO J 40 -24.68 -25.76 42.36
N CYS J 41 -25.45 -24.72 42.01
CA CYS J 41 -25.09 -23.35 42.32
C CYS J 41 -26.33 -22.47 42.17
N LEU J 42 -26.18 -21.20 42.52
CA LEU J 42 -27.29 -20.24 42.48
C LEU J 42 -26.83 -18.90 41.95
N GLU J 43 -27.78 -18.11 41.45
CA GLU J 43 -27.49 -16.81 40.87
C GLU J 43 -28.71 -15.91 41.00
N PHE J 44 -28.48 -14.60 40.86
CA PHE J 44 -29.58 -13.64 40.87
C PHE J 44 -29.12 -12.35 40.20
N ASP J 45 -30.10 -11.59 39.68
CA ASP J 45 -29.87 -10.33 38.99
C ASP J 45 -31.20 -9.62 38.75
N PRO J 46 -31.23 -8.29 38.78
CA PRO J 46 -32.51 -7.57 38.66
C PRO J 46 -32.92 -7.21 37.23
N SER J 47 -32.24 -7.71 36.20
CA SER J 47 -32.63 -7.34 34.84
C SER J 47 -32.24 -8.45 33.87
N GLY J 48 -32.94 -8.50 32.74
CA GLY J 48 -32.68 -9.52 31.74
C GLY J 48 -32.57 -9.03 30.31
N THR J 49 -31.97 -7.84 30.11
CA THR J 49 -31.85 -7.25 28.79
C THR J 49 -30.46 -7.48 28.24
N ILE J 50 -30.31 -7.32 26.93
CA ILE J 50 -29.05 -7.55 26.24
C ILE J 50 -28.71 -6.34 25.37
N THR J 51 -27.45 -6.24 24.99
CA THR J 51 -26.96 -5.13 24.17
C THR J 51 -25.91 -5.63 23.18
N THR J 52 -25.55 -4.79 22.22
CA THR J 52 -24.61 -5.18 21.16
C THR J 52 -23.56 -4.09 21.04
N LEU J 53 -22.69 -4.24 20.03
CA LEU J 53 -21.64 -3.29 19.70
C LEU J 53 -21.71 -2.99 18.21
N PRO J 54 -21.17 -1.84 17.78
CA PRO J 54 -21.26 -1.46 16.36
C PRO J 54 -20.77 -2.52 15.39
N GLY J 55 -19.51 -2.93 15.50
CA GLY J 55 -18.94 -3.81 14.49
C GLY J 55 -18.09 -4.95 15.03
N GLN J 56 -18.44 -5.47 16.21
CA GLN J 56 -17.68 -6.56 16.80
C GLN J 56 -18.52 -7.84 16.81
N PRO J 57 -18.24 -8.80 15.94
CA PRO J 57 -18.99 -10.06 15.95
C PRO J 57 -18.75 -10.83 17.25
N GLY J 58 -19.78 -11.55 17.68
CA GLY J 58 -19.64 -12.42 18.84
C GLY J 58 -19.53 -11.72 20.17
N TYR J 59 -20.01 -10.50 20.28
CA TYR J 59 -19.99 -9.75 21.53
C TYR J 59 -21.41 -9.36 21.93
N TYR J 60 -21.77 -9.64 23.18
CA TYR J 60 -23.07 -9.26 23.71
C TYR J 60 -22.92 -8.85 25.17
N GLY J 61 -23.87 -8.07 25.64
CA GLY J 61 -23.85 -7.58 27.01
C GLY J 61 -25.01 -8.15 27.80
N GLY J 62 -24.75 -8.43 29.09
CA GLY J 62 -25.78 -8.94 29.96
C GLY J 62 -25.81 -10.46 30.07
N ARG J 63 -24.64 -11.06 30.23
CA ARG J 63 -24.53 -12.51 30.37
C ARG J 63 -23.99 -12.95 31.73
N TYR J 64 -23.40 -12.06 32.51
CA TYR J 64 -22.88 -12.40 33.82
C TYR J 64 -23.86 -11.97 34.91
N TRP J 65 -24.10 -12.86 35.86
CA TRP J 65 -24.93 -12.57 37.03
C TRP J 65 -24.09 -12.72 38.29
N THR J 66 -24.73 -12.52 39.44
CA THR J 66 -24.05 -12.57 40.72
C THR J 66 -24.22 -13.93 41.38
N MET J 67 -23.15 -14.39 42.04
CA MET J 67 -23.13 -15.71 42.67
C MET J 67 -23.51 -15.60 44.13
N TRP J 68 -24.38 -16.50 44.59
CA TRP J 68 -24.97 -16.36 45.92
C TRP J 68 -23.95 -16.44 47.05
N LYS J 69 -23.40 -17.62 47.32
CA LYS J 69 -22.33 -17.74 48.30
C LYS J 69 -21.13 -18.41 47.66
N LEU J 70 -21.26 -19.63 47.15
CA LEU J 70 -20.17 -20.47 46.68
C LEU J 70 -20.76 -21.76 46.13
N PRO J 71 -20.07 -22.43 45.22
CA PRO J 71 -20.50 -23.77 44.79
C PRO J 71 -20.49 -24.73 45.97
N MET J 72 -21.43 -25.68 45.95
CA MET J 72 -21.58 -26.64 47.04
C MET J 72 -20.81 -27.90 46.68
N PHE J 73 -19.60 -28.02 47.20
CA PHE J 73 -18.75 -29.18 46.96
C PHE J 73 -19.06 -30.23 48.01
N GLY J 74 -19.64 -31.35 47.57
CA GLY J 74 -19.85 -32.47 48.46
C GLY J 74 -21.26 -32.60 48.98
N CYS J 75 -22.24 -32.19 48.18
CA CYS J 75 -23.65 -32.30 48.54
C CYS J 75 -24.20 -33.65 48.11
N ASN J 76 -25.01 -34.26 48.98
CA ASN J 76 -25.58 -35.57 48.71
C ASN J 76 -27.08 -35.63 48.89
N ASN J 77 -27.70 -34.64 49.51
CA ASN J 77 -29.14 -34.62 49.73
C ASN J 77 -29.78 -33.50 48.93
N ALA J 78 -31.06 -33.68 48.60
CA ALA J 78 -31.80 -32.73 47.78
C ALA J 78 -32.58 -31.72 48.62
N GLY J 79 -32.44 -31.78 49.94
CA GLY J 79 -33.13 -30.84 50.80
C GLY J 79 -32.28 -29.63 51.13
N TYR J 80 -30.96 -29.83 51.17
CA TYR J 80 -30.04 -28.74 51.44
C TYR J 80 -30.05 -27.69 50.35
N VAL J 81 -30.26 -28.08 49.09
CA VAL J 81 -30.41 -27.14 48.00
C VAL J 81 -31.80 -26.54 47.95
N LEU J 82 -32.81 -27.22 48.51
CA LEU J 82 -34.15 -26.71 48.55
C LEU J 82 -34.42 -25.80 49.75
N ARG J 83 -33.53 -25.77 50.73
CA ARG J 83 -33.64 -24.85 51.85
C ARG J 83 -32.87 -23.56 51.65
N GLU J 84 -32.06 -23.45 50.59
CA GLU J 84 -31.30 -22.25 50.31
C GLU J 84 -32.00 -21.31 49.34
N ILE J 85 -33.10 -21.74 48.73
CA ILE J 85 -33.87 -20.89 47.82
C ILE J 85 -34.80 -19.97 48.59
N GLU J 86 -35.04 -20.25 49.87
CA GLU J 86 -35.90 -19.42 50.70
C GLU J 86 -35.17 -18.28 51.38
N HIS J 87 -33.92 -18.49 51.79
CA HIS J 87 -33.12 -17.38 52.31
C HIS J 87 -32.85 -16.33 51.26
N CYS J 88 -32.63 -16.74 50.01
CA CYS J 88 -32.38 -15.79 48.93
C CYS J 88 -33.60 -14.97 48.54
N LYS J 89 -34.78 -15.58 48.56
CA LYS J 89 -36.00 -14.88 48.15
C LYS J 89 -36.61 -14.06 49.26
N ASN J 90 -36.04 -14.10 50.46
CA ASN J 90 -36.47 -13.23 51.56
C ASN J 90 -35.54 -12.05 51.78
N ALA J 91 -34.36 -12.02 51.15
CA ALA J 91 -33.45 -10.91 51.25
C ALA J 91 -33.48 -10.00 50.03
N TYR J 92 -33.75 -10.57 48.85
CA TYR J 92 -33.85 -9.81 47.60
C TYR J 92 -35.13 -10.23 46.89
N PRO J 93 -36.29 -9.75 47.37
CA PRO J 93 -37.56 -10.17 46.78
C PRO J 93 -37.91 -9.51 45.46
N GLY J 94 -37.02 -8.67 44.91
CA GLY J 94 -37.28 -8.01 43.65
C GLY J 94 -36.30 -8.35 42.56
N CYS J 95 -35.90 -9.63 42.46
CA CYS J 95 -34.91 -10.04 41.48
C CYS J 95 -35.26 -11.44 40.98
N PHE J 96 -34.59 -11.84 39.91
CA PHE J 96 -34.73 -13.16 39.32
C PHE J 96 -33.77 -14.14 40.00
N ILE J 97 -34.08 -15.43 39.89
CA ILE J 97 -33.25 -16.48 40.47
C ILE J 97 -33.11 -17.60 39.46
N ARG J 98 -31.89 -18.10 39.30
CA ARG J 98 -31.59 -19.14 38.33
C ARG J 98 -30.68 -20.19 38.98
N VAL J 99 -30.82 -21.44 38.53
CA VAL J 99 -30.07 -22.57 39.09
C VAL J 99 -29.17 -23.16 38.02
N LEU J 100 -27.94 -23.49 38.39
CA LEU J 100 -26.94 -23.99 37.46
C LEU J 100 -26.48 -25.40 37.88
N GLY J 101 -25.46 -25.89 37.16
CA GLY J 101 -24.84 -27.16 37.46
C GLY J 101 -23.57 -27.33 36.65
N PHE J 102 -22.47 -27.69 37.31
CA PHE J 102 -21.16 -27.72 36.69
C PHE J 102 -20.67 -29.14 36.48
N ASP J 103 -19.75 -29.29 35.51
CA ASP J 103 -19.01 -30.51 35.27
C ASP J 103 -17.53 -30.17 35.16
N ASN J 104 -16.69 -30.94 35.83
CA ASN J 104 -15.26 -30.65 35.87
C ASN J 104 -14.45 -31.52 34.92
N ILE J 105 -14.97 -32.68 34.50
CA ILE J 105 -14.25 -33.49 33.53
C ILE J 105 -14.21 -32.81 32.16
N ARG J 106 -15.33 -32.25 31.70
CA ARG J 106 -15.39 -31.57 30.41
C ARG J 106 -15.39 -30.06 30.52
N GLN J 107 -15.49 -29.50 31.73
CA GLN J 107 -15.43 -28.06 31.96
C GLN J 107 -16.53 -27.32 31.22
N VAL J 108 -17.80 -27.67 31.48
CA VAL J 108 -18.94 -26.98 30.90
C VAL J 108 -20.12 -27.09 31.86
N GLN J 109 -21.13 -26.26 31.62
CA GLN J 109 -22.37 -26.31 32.36
C GLN J 109 -23.31 -27.35 31.75
N CYS J 110 -24.33 -27.73 32.52
CA CYS J 110 -25.24 -28.78 32.10
C CYS J 110 -26.72 -28.43 32.22
N CYS J 111 -27.10 -27.53 33.12
CA CYS J 111 -28.50 -27.21 33.33
C CYS J 111 -28.63 -25.72 33.66
N ALA J 112 -29.78 -25.16 33.29
CA ALA J 112 -30.11 -23.78 33.62
C ALA J 112 -31.60 -23.52 33.47
N PHE J 113 -32.27 -23.18 34.56
CA PHE J 113 -33.69 -22.84 34.51
C PHE J 113 -34.05 -21.91 35.66
N ILE J 114 -35.15 -21.17 35.49
CA ILE J 114 -35.54 -20.10 36.39
C ILE J 114 -36.60 -20.62 37.35
N VAL J 115 -36.54 -20.17 38.61
CA VAL J 115 -37.44 -20.68 39.64
C VAL J 115 -38.17 -19.55 40.36
N HIS J 116 -37.94 -18.31 39.94
CA HIS J 116 -38.62 -17.18 40.59
C HIS J 116 -38.65 -16.00 39.64
N LYS J 117 -39.74 -15.23 39.71
CA LYS J 117 -39.90 -14.03 38.89
C LYS J 117 -40.48 -12.93 39.77
N PRO J 118 -40.04 -11.67 39.62
CA PRO J 118 -40.54 -10.53 40.39
C PRO J 118 -42.06 -10.37 40.29
N MET K 1 10.84 -9.02 -61.40
CA MET K 1 10.97 -8.48 -60.05
C MET K 1 12.43 -8.33 -59.66
N GLN K 2 12.67 -7.65 -58.54
CA GLN K 2 14.02 -7.43 -58.05
C GLN K 2 13.99 -7.41 -56.52
N VAL K 3 15.14 -7.63 -55.91
CA VAL K 3 15.27 -7.78 -54.47
C VAL K 3 16.19 -6.71 -53.93
N TRP K 4 15.72 -6.00 -52.90
CA TRP K 4 16.57 -5.05 -52.20
C TRP K 4 17.66 -5.79 -51.43
N ASN K 5 18.88 -5.27 -51.50
CA ASN K 5 20.00 -5.95 -50.86
C ASN K 5 20.02 -5.65 -49.36
N PRO K 6 19.93 -6.66 -48.50
CA PRO K 6 19.90 -6.43 -47.06
C PRO K 6 21.25 -6.55 -46.35
N ILE K 7 22.35 -6.70 -47.07
CA ILE K 7 23.65 -6.97 -46.46
C ILE K 7 24.57 -5.79 -46.73
N ASP K 8 25.05 -5.15 -45.67
CA ASP K 8 26.05 -4.08 -45.72
C ASP K 8 25.58 -2.94 -46.62
N ASN K 9 24.45 -2.35 -46.23
CA ASN K 9 23.87 -1.23 -46.97
C ASN K 9 23.37 -0.17 -45.98
N PRO K 10 24.29 0.57 -45.37
CA PRO K 10 23.89 1.63 -44.44
C PRO K 10 23.48 2.89 -45.16
N LYS K 11 22.60 3.66 -44.51
CA LYS K 11 22.12 4.93 -45.03
C LYS K 11 22.46 6.05 -44.06
N PHE K 12 22.41 7.29 -44.56
CA PHE K 12 22.84 8.45 -43.79
C PHE K 12 21.84 9.59 -43.86
N GLU K 13 20.53 9.29 -43.78
CA GLU K 13 19.46 10.26 -43.58
C GLU K 13 19.10 11.03 -44.84
N THR K 14 19.05 12.35 -44.75
CA THR K 14 18.51 13.18 -45.83
C THR K 14 19.43 13.16 -47.03
N LEU K 15 18.82 13.13 -48.23
CA LEU K 15 19.54 13.16 -49.51
C LEU K 15 20.49 11.98 -49.67
N SER K 16 20.21 10.86 -48.98
CA SER K 16 21.05 9.68 -49.06
C SER K 16 20.52 8.64 -50.02
N TYR K 17 19.38 8.89 -50.67
CA TYR K 17 18.81 7.97 -51.64
C TYR K 17 18.99 8.43 -53.08
N LEU K 18 19.71 9.51 -53.30
CA LEU K 18 19.97 10.11 -54.60
C LEU K 18 21.35 9.70 -55.10
N PRO K 19 21.66 9.98 -56.36
CA PRO K 19 23.03 9.76 -56.83
C PRO K 19 24.01 10.63 -56.05
N PRO K 20 25.29 10.24 -56.02
CA PRO K 20 26.26 10.95 -55.18
C PRO K 20 26.35 12.45 -55.47
N LEU K 21 26.54 13.25 -54.43
CA LEU K 21 26.57 14.69 -54.55
C LEU K 21 27.87 15.16 -55.16
N THR K 22 27.78 16.18 -56.01
CA THR K 22 28.94 16.76 -56.68
C THR K 22 29.02 18.25 -56.36
N ASP K 23 30.15 18.85 -56.74
CA ASP K 23 30.28 20.30 -56.63
C ASP K 23 29.35 20.98 -57.63
N ASN K 24 29.04 22.24 -57.34
CA ASN K 24 27.98 23.06 -57.94
C ASN K 24 26.61 22.56 -57.52
N GLN K 25 26.52 21.46 -56.77
CA GLN K 25 25.30 21.06 -56.10
C GLN K 25 25.37 21.29 -54.59
N ILE K 26 26.57 21.33 -54.02
CA ILE K 26 26.75 21.72 -52.64
C ILE K 26 26.74 23.23 -52.48
N ALA K 27 27.31 23.96 -53.44
CA ALA K 27 27.35 25.42 -53.38
C ALA K 27 25.98 26.06 -53.56
N ARG K 28 25.02 25.34 -54.14
CA ARG K 28 23.68 25.86 -54.34
C ARG K 28 22.78 25.64 -53.15
N GLU K 29 23.11 24.70 -52.26
CA GLU K 29 22.37 24.51 -51.03
C GLU K 29 22.80 25.46 -49.92
N ILE K 30 23.92 26.16 -50.09
CA ILE K 30 24.35 27.19 -49.14
C ILE K 30 23.82 28.56 -49.50
N ASP K 31 23.65 28.86 -50.79
CA ASP K 31 23.04 30.12 -51.18
C ASP K 31 21.60 30.24 -50.69
N TYR K 32 20.84 29.15 -50.77
CA TYR K 32 19.47 29.12 -50.24
C TYR K 32 19.42 29.33 -48.74
N MET K 33 20.44 28.90 -48.01
CA MET K 33 20.49 29.09 -46.57
C MET K 33 20.83 30.52 -46.18
N LEU K 34 21.75 31.17 -46.90
CA LEU K 34 22.17 32.52 -46.55
C LEU K 34 21.12 33.57 -46.86
N ARG K 35 20.30 33.36 -47.89
CA ARG K 35 19.27 34.34 -48.22
C ARG K 35 18.05 34.24 -47.33
N ASN K 36 18.00 33.25 -46.43
CA ASN K 36 17.03 33.22 -45.35
C ASN K 36 17.62 33.62 -44.00
N LYS K 37 18.84 34.15 -43.98
CA LYS K 37 19.50 34.62 -42.77
C LYS K 37 19.65 33.53 -41.71
N TRP K 38 20.44 32.50 -42.04
CA TRP K 38 20.76 31.45 -41.08
C TRP K 38 22.29 31.35 -40.95
N ILE K 39 22.73 30.67 -39.90
CA ILE K 39 24.14 30.65 -39.51
C ILE K 39 24.70 29.25 -39.76
N PRO K 40 25.76 29.11 -40.55
CA PRO K 40 26.33 27.79 -40.80
C PRO K 40 27.22 27.33 -39.65
N CYS K 41 27.62 26.05 -39.72
CA CYS K 41 28.51 25.45 -38.74
C CYS K 41 29.07 24.16 -39.31
N LEU K 42 29.95 23.51 -38.55
CA LEU K 42 30.62 22.29 -38.98
C LEU K 42 30.78 21.33 -37.82
N GLU K 43 30.92 20.04 -38.14
CA GLU K 43 31.04 18.99 -37.13
C GLU K 43 31.85 17.82 -37.71
N PHE K 44 32.36 16.98 -36.82
CA PHE K 44 33.06 15.78 -37.24
C PHE K 44 33.04 14.75 -36.10
N ASP K 45 33.18 13.48 -36.48
CA ASP K 45 33.16 12.36 -35.54
C ASP K 45 33.63 11.08 -36.23
N PRO K 46 34.32 10.18 -35.53
CA PRO K 46 34.82 8.97 -36.19
C PRO K 46 33.76 7.94 -36.52
N SER K 47 32.83 7.64 -35.60
CA SER K 47 31.91 6.53 -35.78
C SER K 47 30.47 6.96 -35.55
N GLY K 48 29.62 6.69 -36.55
CA GLY K 48 28.20 6.99 -36.47
C GLY K 48 27.30 5.84 -36.05
N THR K 49 27.45 5.35 -34.81
CA THR K 49 26.65 4.25 -34.30
C THR K 49 25.83 4.71 -33.11
N ILE K 50 24.71 4.03 -32.87
CA ILE K 50 23.80 4.40 -31.80
C ILE K 50 23.56 3.20 -30.88
N THR K 51 23.18 3.48 -29.64
CA THR K 51 22.88 2.46 -28.64
C THR K 51 21.57 2.82 -27.96
N THR K 52 21.19 2.04 -26.95
CA THR K 52 19.94 2.24 -26.22
C THR K 52 20.17 1.98 -24.74
N LEU K 53 19.08 2.03 -23.98
CA LEU K 53 19.05 1.75 -22.55
C LEU K 53 17.99 0.71 -22.26
N PRO K 54 18.13 -0.08 -21.17
CA PRO K 54 17.15 -1.13 -20.88
C PRO K 54 15.70 -0.68 -20.87
N GLY K 55 15.34 0.27 -20.01
CA GLY K 55 13.95 0.62 -19.85
C GLY K 55 13.65 2.10 -19.79
N GLN K 56 14.41 2.91 -20.51
CA GLN K 56 14.21 4.35 -20.52
C GLN K 56 13.73 4.81 -21.88
N PRO K 57 12.46 5.18 -22.05
CA PRO K 57 11.99 5.68 -23.34
C PRO K 57 12.65 7.00 -23.70
N GLY K 58 12.85 7.21 -24.99
CA GLY K 58 13.38 8.48 -25.46
C GLY K 58 14.83 8.73 -25.15
N TYR K 59 15.63 7.69 -24.98
CA TYR K 59 17.06 7.83 -24.71
C TYR K 59 17.85 7.04 -25.74
N TYR K 60 18.84 7.69 -26.35
CA TYR K 60 19.73 7.05 -27.30
C TYR K 60 21.12 7.66 -27.17
N GLY K 61 22.13 6.89 -27.60
CA GLY K 61 23.51 7.33 -27.56
C GLY K 61 24.03 7.60 -28.95
N GLY K 62 24.98 8.53 -29.05
CA GLY K 62 25.59 8.83 -30.33
C GLY K 62 24.88 9.92 -31.11
N ARG K 63 24.48 10.99 -30.43
CA ARG K 63 23.83 12.12 -31.07
C ARG K 63 24.63 13.41 -31.01
N TYR K 64 25.75 13.44 -30.29
CA TYR K 64 26.56 14.64 -30.16
C TYR K 64 27.89 14.44 -30.90
N TRP K 65 28.26 15.42 -31.70
CA TRP K 65 29.53 15.44 -32.41
C TRP K 65 30.34 16.65 -31.95
N THR K 66 31.57 16.74 -32.43
CA THR K 66 32.49 17.80 -32.01
C THR K 66 32.40 18.99 -32.96
N MET K 67 32.46 20.20 -32.41
CA MET K 67 32.34 21.43 -33.18
C MET K 67 33.72 21.90 -33.63
N TRP K 68 33.80 22.34 -34.90
CA TRP K 68 35.10 22.65 -35.48
C TRP K 68 35.82 23.80 -34.81
N LYS K 69 35.34 25.04 -34.99
CA LYS K 69 35.91 26.17 -34.27
C LYS K 69 34.81 26.91 -33.54
N LEU K 70 33.79 27.41 -34.22
CA LEU K 70 32.77 28.29 -33.67
C LEU K 70 31.76 28.60 -34.77
N PRO K 71 30.51 28.93 -34.40
CA PRO K 71 29.56 29.38 -35.42
C PRO K 71 30.03 30.68 -36.07
N MET K 72 29.70 30.83 -37.35
CA MET K 72 30.14 31.99 -38.12
C MET K 72 29.05 33.05 -38.07
N PHE K 73 29.24 34.03 -37.19
CA PHE K 73 28.27 35.12 -37.03
C PHE K 73 28.65 36.25 -37.98
N GLY K 74 27.88 36.40 -39.06
CA GLY K 74 28.07 37.54 -39.94
C GLY K 74 28.57 37.20 -41.32
N CYS K 75 28.57 35.92 -41.69
CA CYS K 75 29.00 35.50 -43.01
C CYS K 75 28.00 35.99 -44.06
N ASN K 76 28.52 36.40 -45.21
CA ASN K 76 27.68 36.93 -46.28
C ASN K 76 28.01 36.36 -47.65
N ASN K 77 29.07 35.56 -47.78
CA ASN K 77 29.45 34.97 -49.05
C ASN K 77 29.73 33.49 -48.86
N ALA K 78 29.53 32.72 -49.93
CA ALA K 78 29.69 31.26 -49.89
C ALA K 78 31.13 30.82 -50.20
N GLY K 79 32.09 31.71 -50.00
CA GLY K 79 33.49 31.36 -50.24
C GLY K 79 34.20 30.94 -48.98
N TYR K 80 34.02 31.70 -47.90
CA TYR K 80 34.63 31.35 -46.63
C TYR K 80 34.07 30.06 -46.04
N VAL K 81 32.84 29.67 -46.41
CA VAL K 81 32.30 28.39 -45.99
C VAL K 81 32.80 27.24 -46.83
N LEU K 82 33.16 27.50 -48.09
CA LEU K 82 33.72 26.47 -48.95
C LEU K 82 35.24 26.36 -48.84
N ARG K 83 35.89 27.30 -48.16
CA ARG K 83 37.32 27.19 -47.94
C ARG K 83 37.67 26.58 -46.59
N GLU K 84 36.69 26.40 -45.71
CA GLU K 84 36.93 25.80 -44.40
C GLU K 84 36.72 24.29 -44.38
N ILE K 85 36.19 23.71 -45.46
CA ILE K 85 36.00 22.27 -45.54
C ILE K 85 37.29 21.56 -45.95
N GLU K 86 38.28 22.30 -46.45
CA GLU K 86 39.55 21.74 -46.86
C GLU K 86 40.56 21.68 -45.72
N HIS K 87 40.55 22.66 -44.83
CA HIS K 87 41.40 22.58 -43.65
C HIS K 87 40.99 21.44 -42.73
N CYS K 88 39.69 21.18 -42.61
CA CYS K 88 39.21 20.11 -41.75
C CYS K 88 39.51 18.73 -42.30
N LYS K 89 39.48 18.55 -43.61
CA LYS K 89 39.72 17.25 -44.22
C LYS K 89 41.20 16.96 -44.46
N ASN K 90 42.07 17.90 -44.11
CA ASN K 90 43.51 17.66 -44.16
C ASN K 90 44.12 17.42 -42.80
N ALA K 91 43.41 17.71 -41.71
CA ALA K 91 43.89 17.45 -40.36
C ALA K 91 43.32 16.16 -39.78
N TYR K 92 42.09 15.80 -40.15
CA TYR K 92 41.42 14.58 -39.68
C TYR K 92 40.86 13.84 -40.89
N PRO K 93 41.73 13.19 -41.67
CA PRO K 93 41.25 12.53 -42.90
C PRO K 93 40.55 11.21 -42.67
N GLY K 94 40.35 10.78 -41.42
CA GLY K 94 39.69 9.53 -41.15
C GLY K 94 38.40 9.67 -40.35
N CYS K 95 37.60 10.68 -40.66
CA CYS K 95 36.37 10.94 -39.92
C CYS K 95 35.31 11.49 -40.87
N PHE K 96 34.08 11.51 -40.39
CA PHE K 96 32.94 12.05 -41.12
C PHE K 96 32.85 13.56 -40.91
N ILE K 97 32.17 14.23 -41.84
CA ILE K 97 31.96 15.68 -41.77
C ILE K 97 30.52 15.99 -42.12
N ARG K 98 29.88 16.86 -41.34
CA ARG K 98 28.49 17.21 -41.53
C ARG K 98 28.31 18.70 -41.36
N VAL K 99 27.37 19.28 -42.12
CA VAL K 99 27.14 20.73 -42.13
C VAL K 99 25.76 21.02 -41.54
N LEU K 100 25.66 22.07 -40.73
CA LEU K 100 24.44 22.43 -40.03
C LEU K 100 23.99 23.84 -40.44
N GLY K 101 22.95 24.31 -39.77
CA GLY K 101 22.43 25.66 -39.94
C GLY K 101 21.43 26.00 -38.85
N PHE K 102 21.60 27.15 -38.20
CA PHE K 102 20.81 27.50 -37.03
C PHE K 102 19.81 28.60 -37.34
N ASP K 103 18.78 28.67 -36.51
CA ASP K 103 17.81 29.76 -36.50
C ASP K 103 17.60 30.21 -35.06
N ASN K 104 17.61 31.52 -34.83
CA ASN K 104 17.51 32.05 -33.49
C ASN K 104 16.12 32.56 -33.13
N ILE K 105 15.29 32.90 -34.11
CA ILE K 105 13.91 33.29 -33.81
C ILE K 105 13.11 32.14 -33.23
N ARG K 106 13.23 30.93 -33.81
CA ARG K 106 12.51 29.76 -33.33
C ARG K 106 13.38 28.77 -32.59
N GLN K 107 14.70 28.97 -32.56
CA GLN K 107 15.63 28.13 -31.83
C GLN K 107 15.58 26.67 -32.27
N VAL K 108 15.76 26.42 -33.55
CA VAL K 108 15.83 25.06 -34.08
C VAL K 108 16.84 25.04 -35.23
N GLN K 109 17.26 23.83 -35.60
CA GLN K 109 18.10 23.66 -36.78
C GLN K 109 17.23 23.54 -38.03
N CYS K 110 17.88 23.68 -39.19
CA CYS K 110 17.15 23.70 -40.46
C CYS K 110 17.74 22.80 -41.53
N CYS K 111 19.02 22.44 -41.44
CA CYS K 111 19.65 21.65 -42.49
C CYS K 111 20.67 20.71 -41.88
N ALA K 112 20.91 19.59 -42.58
CA ALA K 112 21.94 18.64 -42.20
C ALA K 112 22.22 17.66 -43.33
N PHE K 113 23.49 17.55 -43.76
CA PHE K 113 23.86 16.58 -44.77
C PHE K 113 25.36 16.34 -44.73
N ILE K 114 25.77 15.17 -45.21
CA ILE K 114 27.15 14.70 -45.14
C ILE K 114 27.88 15.14 -46.40
N VAL K 115 29.17 15.47 -46.26
CA VAL K 115 29.99 15.90 -47.38
C VAL K 115 31.30 15.15 -47.49
N HIS K 116 31.57 14.18 -46.60
CA HIS K 116 32.81 13.43 -46.68
C HIS K 116 32.64 12.10 -45.95
N LYS K 117 33.26 11.05 -46.49
CA LYS K 117 33.25 9.73 -45.87
C LYS K 117 34.69 9.24 -45.80
N PRO K 118 35.09 8.51 -44.75
CA PRO K 118 36.45 7.99 -44.61
C PRO K 118 36.82 6.99 -45.69
N MET L 1 -51.64 36.03 2.64
CA MET L 1 -50.79 34.85 2.70
C MET L 1 -51.17 33.98 3.89
N GLN L 2 -50.60 32.77 3.93
CA GLN L 2 -50.87 31.83 5.00
C GLN L 2 -49.62 31.00 5.24
N VAL L 3 -49.54 30.39 6.42
CA VAL L 3 -48.35 29.68 6.87
C VAL L 3 -48.71 28.23 7.14
N TRP L 4 -47.93 27.31 6.56
CA TRP L 4 -48.07 25.90 6.88
C TRP L 4 -47.64 25.64 8.31
N ASN L 5 -48.40 24.81 9.02
CA ASN L 5 -48.11 24.54 10.42
C ASN L 5 -47.01 23.50 10.53
N PRO L 6 -45.88 23.83 11.17
CA PRO L 6 -44.77 22.87 11.30
C PRO L 6 -44.74 22.06 12.59
N ILE L 7 -45.73 22.20 13.46
CA ILE L 7 -45.70 21.57 14.78
C ILE L 7 -46.76 20.48 14.82
N ASP L 8 -46.32 19.25 15.10
CA ASP L 8 -47.21 18.11 15.29
C ASP L 8 -48.12 17.86 14.09
N ASN L 9 -47.53 17.60 12.93
CA ASN L 9 -48.33 17.36 11.74
C ASN L 9 -47.76 16.21 10.92
N PRO L 10 -47.88 14.98 11.38
CA PRO L 10 -47.35 13.84 10.61
C PRO L 10 -48.24 13.48 9.44
N LYS L 11 -47.64 12.82 8.46
CA LYS L 11 -48.31 12.35 7.26
C LYS L 11 -48.09 10.85 7.09
N PHE L 12 -48.95 10.22 6.29
CA PHE L 12 -48.95 8.77 6.14
C PHE L 12 -49.00 8.33 4.68
N GLU L 13 -48.30 9.04 3.80
CA GLU L 13 -48.03 8.62 2.42
C GLU L 13 -49.20 8.86 1.49
N THR L 14 -49.62 7.82 0.76
CA THR L 14 -50.59 7.98 -0.32
C THR L 14 -51.97 8.31 0.25
N LEU L 15 -52.68 9.19 -0.44
CA LEU L 15 -54.03 9.62 -0.09
C LEU L 15 -54.12 10.24 1.29
N SER L 16 -53.00 10.75 1.82
CA SER L 16 -52.98 11.36 3.14
C SER L 16 -53.13 12.88 3.09
N TYR L 17 -53.32 13.46 1.91
CA TYR L 17 -53.48 14.90 1.78
C TYR L 17 -54.90 15.33 1.43
N LEU L 18 -55.80 14.38 1.20
CA LEU L 18 -57.20 14.60 0.88
C LEU L 18 -58.05 14.62 2.15
N PRO L 19 -59.31 15.04 2.06
CA PRO L 19 -60.21 14.93 3.21
C PRO L 19 -60.31 13.49 3.71
N PRO L 20 -60.72 13.29 4.96
CA PRO L 20 -60.71 11.93 5.53
C PRO L 20 -61.56 10.94 4.75
N LEU L 21 -61.13 9.68 4.75
CA LEU L 21 -61.77 8.62 3.99
C LEU L 21 -63.04 8.15 4.69
N THR L 22 -64.03 7.78 3.88
CA THR L 22 -65.31 7.30 4.38
C THR L 22 -65.64 5.98 3.72
N ASP L 23 -66.63 5.28 4.28
CA ASP L 23 -67.16 4.10 3.63
C ASP L 23 -67.88 4.49 2.34
N ASN L 24 -67.99 3.53 1.42
CA ASN L 24 -68.37 3.68 0.02
C ASN L 24 -67.27 4.39 -0.77
N GLN L 25 -66.18 4.78 -0.12
CA GLN L 25 -64.96 5.18 -0.81
C GLN L 25 -63.84 4.16 -0.64
N ILE L 26 -63.90 3.33 0.40
CA ILE L 26 -62.96 2.25 0.55
C ILE L 26 -63.39 1.05 -0.28
N ALA L 27 -64.69 0.80 -0.39
CA ALA L 27 -65.20 -0.36 -1.12
C ALA L 27 -64.95 -0.28 -2.62
N ARG L 28 -64.67 0.90 -3.16
CA ARG L 28 -64.41 1.06 -4.59
C ARG L 28 -62.95 0.84 -4.94
N GLU L 29 -62.03 1.01 -3.99
CA GLU L 29 -60.62 0.73 -4.22
C GLU L 29 -60.30 -0.76 -4.12
N ILE L 30 -61.22 -1.58 -3.62
CA ILE L 30 -61.04 -3.02 -3.60
C ILE L 30 -61.62 -3.69 -4.83
N ASP L 31 -62.57 -3.05 -5.50
CA ASP L 31 -63.10 -3.57 -6.76
C ASP L 31 -62.12 -3.38 -7.92
N TYR L 32 -61.50 -2.22 -8.01
CA TYR L 32 -60.49 -1.97 -9.03
C TYR L 32 -59.29 -2.88 -8.89
N MET L 33 -58.95 -3.31 -7.68
CA MET L 33 -57.89 -4.28 -7.46
C MET L 33 -58.30 -5.70 -7.82
N LEU L 34 -59.53 -6.10 -7.49
CA LEU L 34 -60.00 -7.44 -7.81
C LEU L 34 -60.25 -7.64 -9.30
N ARG L 35 -60.69 -6.60 -10.02
CA ARG L 35 -60.92 -6.74 -11.44
C ARG L 35 -59.63 -6.70 -12.26
N ASN L 36 -58.48 -6.46 -11.62
CA ASN L 36 -57.19 -6.65 -12.24
C ASN L 36 -56.48 -7.92 -11.78
N LYS L 37 -57.17 -8.80 -11.07
CA LYS L 37 -56.62 -10.08 -10.60
C LYS L 37 -55.40 -9.90 -9.70
N TRP L 38 -55.60 -9.27 -8.54
CA TRP L 38 -54.56 -9.14 -7.54
C TRP L 38 -55.06 -9.72 -6.22
N ILE L 39 -54.15 -9.87 -5.27
CA ILE L 39 -54.40 -10.60 -4.03
C ILE L 39 -54.30 -9.62 -2.86
N PRO L 40 -55.32 -9.52 -2.02
CA PRO L 40 -55.26 -8.63 -0.86
C PRO L 40 -54.52 -9.26 0.33
N CYS L 41 -54.25 -8.42 1.33
CA CYS L 41 -53.59 -8.85 2.56
C CYS L 41 -53.81 -7.76 3.61
N LEU L 42 -53.38 -8.03 4.84
CA LEU L 42 -53.56 -7.10 5.94
C LEU L 42 -52.30 -7.05 6.79
N GLU L 43 -52.15 -5.97 7.55
CA GLU L 43 -50.97 -5.76 8.39
C GLU L 43 -51.36 -4.88 9.57
N PHE L 44 -50.53 -4.92 10.62
CA PHE L 44 -50.72 -4.05 11.77
C PHE L 44 -49.41 -3.92 12.53
N ASP L 45 -49.28 -2.81 13.26
CA ASP L 45 -48.09 -2.50 14.05
C ASP L 45 -48.37 -1.31 14.97
N PRO L 46 -47.79 -1.27 16.17
CA PRO L 46 -48.12 -0.19 17.11
C PRO L 46 -47.26 1.07 17.01
N SER L 47 -46.44 1.20 15.96
CA SER L 47 -45.58 2.37 15.87
C SER L 47 -45.28 2.65 14.40
N GLY L 48 -44.85 3.89 14.14
CA GLY L 48 -44.55 4.31 12.78
C GLY L 48 -43.30 5.15 12.62
N THR L 49 -42.28 4.89 13.45
CA THR L 49 -41.05 5.66 13.41
C THR L 49 -39.98 4.90 12.64
N ILE L 50 -38.95 5.63 12.21
CA ILE L 50 -37.87 5.07 11.42
C ILE L 50 -36.53 5.47 12.04
N THR L 51 -35.48 4.74 11.66
CA THR L 51 -34.14 4.96 12.18
C THR L 51 -33.11 4.77 11.06
N THR L 52 -31.86 5.14 11.32
CA THR L 52 -30.81 5.06 10.32
C THR L 52 -29.58 4.39 10.94
N LEU L 53 -28.50 4.36 10.18
CA LEU L 53 -27.21 3.82 10.59
C LEU L 53 -26.13 4.84 10.30
N PRO L 54 -24.99 4.77 11.00
CA PRO L 54 -23.94 5.78 10.83
C PRO L 54 -23.48 5.97 9.39
N GLY L 55 -22.99 4.91 8.76
CA GLY L 55 -22.40 5.06 7.43
C GLY L 55 -22.82 4.03 6.41
N GLN L 56 -24.07 3.57 6.47
CA GLN L 56 -24.55 2.55 5.55
C GLN L 56 -25.63 3.14 4.65
N PRO L 57 -25.33 3.43 3.38
CA PRO L 57 -26.35 3.94 2.47
C PRO L 57 -27.44 2.91 2.22
N GLY L 58 -28.66 3.38 2.02
CA GLY L 58 -29.76 2.51 1.67
C GLY L 58 -30.24 1.59 2.75
N TYR L 59 -30.02 1.93 4.01
CA TYR L 59 -30.50 1.12 5.14
C TYR L 59 -31.40 1.97 6.03
N TYR L 60 -32.58 1.44 6.35
CA TYR L 60 -33.51 2.11 7.24
C TYR L 60 -34.20 1.06 8.11
N GLY L 61 -34.71 1.51 9.25
CA GLY L 61 -35.38 0.64 10.18
C GLY L 61 -36.85 0.99 10.31
N GLY L 62 -37.67 -0.03 10.51
CA GLY L 62 -39.10 0.18 10.69
C GLY L 62 -39.89 0.08 9.41
N ARG L 63 -39.62 -0.95 8.61
CA ARG L 63 -40.33 -1.18 7.37
C ARG L 63 -41.14 -2.47 7.34
N TYR L 64 -40.87 -3.41 8.24
CA TYR L 64 -41.61 -4.66 8.30
C TYR L 64 -42.69 -4.59 9.37
N TRP L 65 -43.89 -5.06 9.01
CA TRP L 65 -45.01 -5.15 9.94
C TRP L 65 -45.44 -6.60 10.04
N THR L 66 -46.46 -6.85 10.86
CA THR L 66 -46.94 -8.20 11.12
C THR L 66 -48.11 -8.54 10.22
N MET L 67 -48.16 -9.79 9.76
CA MET L 67 -49.18 -10.26 8.83
C MET L 67 -50.32 -10.90 9.60
N TRP L 68 -51.56 -10.57 9.22
CA TRP L 68 -52.72 -10.96 10.01
C TRP L 68 -52.92 -12.47 10.09
N LYS L 69 -53.34 -13.11 9.00
CA LYS L 69 -53.42 -14.57 8.97
C LYS L 69 -52.62 -15.10 7.79
N LEU L 70 -52.94 -14.71 6.57
CA LEU L 70 -52.39 -15.28 5.34
C LEU L 70 -52.97 -14.52 4.17
N PRO L 71 -52.28 -14.50 3.02
CA PRO L 71 -52.89 -13.92 1.82
C PRO L 71 -54.11 -14.74 1.40
N MET L 72 -55.08 -14.05 0.81
CA MET L 72 -56.33 -14.68 0.40
C MET L 72 -56.22 -15.12 -1.05
N PHE L 73 -55.94 -16.41 -1.26
CA PHE L 73 -55.78 -16.96 -2.60
C PHE L 73 -57.13 -17.47 -3.12
N GLY L 74 -57.80 -16.60 -3.87
CA GLY L 74 -59.02 -17.03 -4.54
C GLY L 74 -60.24 -16.19 -4.25
N CYS L 75 -60.07 -15.09 -3.51
CA CYS L 75 -61.19 -14.22 -3.20
C CYS L 75 -61.74 -13.60 -4.49
N ASN L 76 -63.06 -13.57 -4.62
CA ASN L 76 -63.70 -13.03 -5.81
C ASN L 76 -64.79 -12.00 -5.49
N ASN L 77 -65.04 -11.71 -4.23
CA ASN L 77 -66.02 -10.71 -3.85
C ASN L 77 -65.43 -9.80 -2.77
N ALA L 78 -65.97 -8.58 -2.69
CA ALA L 78 -65.46 -7.55 -1.80
C ALA L 78 -66.18 -7.55 -0.45
N GLY L 79 -66.75 -8.69 -0.06
CA GLY L 79 -67.42 -8.77 1.21
C GLY L 79 -66.59 -9.43 2.29
N TYR L 80 -65.92 -10.53 1.94
CA TYR L 80 -65.05 -11.22 2.88
C TYR L 80 -63.84 -10.37 3.27
N VAL L 81 -63.39 -9.46 2.41
CA VAL L 81 -62.33 -8.53 2.76
C VAL L 81 -62.81 -7.40 3.65
N LEU L 82 -64.09 -7.03 3.54
CA LEU L 82 -64.67 -6.01 4.39
C LEU L 82 -65.19 -6.55 5.71
N ARG L 83 -65.31 -7.87 5.85
CA ARG L 83 -65.70 -8.47 7.12
C ARG L 83 -64.52 -8.89 7.98
N GLU L 84 -63.29 -8.77 7.47
CA GLU L 84 -62.11 -9.13 8.23
C GLU L 84 -61.42 -7.95 8.89
N ILE L 85 -61.82 -6.72 8.55
CA ILE L 85 -61.27 -5.53 9.18
C ILE L 85 -61.90 -5.27 10.55
N GLU L 86 -63.01 -5.93 10.86
CA GLU L 86 -63.68 -5.77 12.15
C GLU L 86 -63.16 -6.72 13.20
N HIS L 87 -62.81 -7.96 12.84
CA HIS L 87 -62.19 -8.86 13.80
C HIS L 87 -60.83 -8.35 14.24
N CYS L 88 -60.08 -7.71 13.35
CA CYS L 88 -58.76 -7.20 13.70
C CYS L 88 -58.83 -5.97 14.60
N LYS L 89 -59.81 -5.11 14.42
CA LYS L 89 -59.92 -3.89 15.21
C LYS L 89 -60.63 -4.10 16.53
N ASN L 90 -61.11 -5.32 16.80
CA ASN L 90 -61.68 -5.65 18.10
C ASN L 90 -60.73 -6.46 18.97
N ALA L 91 -59.62 -6.96 18.43
CA ALA L 91 -58.63 -7.68 19.21
C ALA L 91 -57.42 -6.83 19.54
N TYR L 92 -57.04 -5.91 18.65
CA TYR L 92 -55.90 -5.00 18.86
C TYR L 92 -56.38 -3.59 18.57
N PRO L 93 -57.13 -2.98 19.50
CA PRO L 93 -57.68 -1.63 19.25
C PRO L 93 -56.67 -0.50 19.42
N GLY L 94 -55.41 -0.80 19.68
CA GLY L 94 -54.41 0.24 19.86
C GLY L 94 -53.27 0.18 18.85
N CYS L 95 -53.58 -0.11 17.59
CA CYS L 95 -52.55 -0.24 16.58
C CYS L 95 -53.07 0.30 15.25
N PHE L 96 -52.15 0.44 14.29
CA PHE L 96 -52.48 0.89 12.94
C PHE L 96 -52.84 -0.31 12.08
N ILE L 97 -53.48 -0.05 10.95
CA ILE L 97 -53.89 -1.11 10.03
C ILE L 97 -53.63 -0.64 8.60
N ARG L 98 -53.06 -1.53 7.79
CA ARG L 98 -52.76 -1.24 6.40
C ARG L 98 -53.31 -2.34 5.50
N VAL L 99 -53.56 -1.99 4.25
CA VAL L 99 -54.08 -2.92 3.25
C VAL L 99 -53.13 -2.92 2.06
N LEU L 100 -52.76 -4.11 1.59
CA LEU L 100 -51.79 -4.28 0.53
C LEU L 100 -52.41 -5.02 -0.66
N GLY L 101 -51.58 -5.23 -1.68
CA GLY L 101 -51.97 -6.01 -2.84
C GLY L 101 -50.73 -6.55 -3.52
N PHE L 102 -50.86 -7.72 -4.13
CA PHE L 102 -49.72 -8.42 -4.69
C PHE L 102 -49.95 -8.74 -6.17
N ASP L 103 -48.86 -8.77 -6.93
CA ASP L 103 -48.85 -9.23 -8.30
C ASP L 103 -47.75 -10.28 -8.44
N ASN L 104 -48.09 -11.43 -9.02
CA ASN L 104 -47.14 -12.53 -9.14
C ASN L 104 -46.42 -12.57 -10.49
N ILE L 105 -46.96 -11.92 -11.51
CA ILE L 105 -46.27 -11.87 -12.80
C ILE L 105 -45.02 -11.01 -12.73
N ARG L 106 -45.09 -9.83 -12.11
CA ARG L 106 -43.95 -8.94 -11.98
C ARG L 106 -43.34 -8.93 -10.59
N GLN L 107 -43.97 -9.59 -9.62
CA GLN L 107 -43.44 -9.75 -8.27
C GLN L 107 -43.20 -8.41 -7.57
N VAL L 108 -44.23 -7.58 -7.50
CA VAL L 108 -44.16 -6.31 -6.78
C VAL L 108 -45.53 -6.02 -6.18
N GLN L 109 -45.55 -5.10 -5.21
CA GLN L 109 -46.80 -4.63 -4.64
C GLN L 109 -47.44 -3.59 -5.56
N CYS L 110 -48.73 -3.33 -5.30
CA CYS L 110 -49.48 -2.41 -6.15
C CYS L 110 -50.26 -1.34 -5.39
N CYS L 111 -50.66 -1.58 -4.14
CA CYS L 111 -51.46 -0.61 -3.41
C CYS L 111 -51.06 -0.66 -1.95
N ALA L 112 -51.22 0.49 -1.28
CA ALA L 112 -50.98 0.58 0.16
C ALA L 112 -51.62 1.84 0.74
N PHE L 113 -52.59 1.68 1.63
CA PHE L 113 -53.23 2.82 2.30
C PHE L 113 -53.76 2.40 3.65
N ILE L 114 -53.88 3.38 4.56
CA ILE L 114 -54.22 3.12 5.95
C ILE L 114 -55.72 3.31 6.15
N VAL L 115 -56.33 2.47 6.99
CA VAL L 115 -57.76 2.50 7.21
C VAL L 115 -58.12 2.62 8.69
N HIS L 116 -57.16 2.77 9.59
CA HIS L 116 -57.47 2.90 11.01
C HIS L 116 -56.32 3.57 11.72
N LYS L 117 -56.65 4.40 12.72
CA LYS L 117 -55.64 5.10 13.52
C LYS L 117 -56.05 5.01 14.98
N PRO L 118 -55.09 4.81 15.91
CA PRO L 118 -55.35 4.73 17.35
C PRO L 118 -56.10 5.94 17.89
N MET M 1 42.92 30.77 -34.35
CA MET M 1 42.30 29.81 -33.45
C MET M 1 42.96 28.44 -33.56
N GLN M 2 42.69 27.57 -32.60
CA GLN M 2 43.26 26.24 -32.58
C GLN M 2 42.25 25.29 -31.96
N VAL M 3 42.41 23.99 -32.25
CA VAL M 3 41.45 22.97 -31.87
C VAL M 3 42.13 21.96 -30.96
N TRP M 4 41.52 21.68 -29.81
CA TRP M 4 41.97 20.60 -28.95
C TRP M 4 41.75 19.25 -29.62
N ASN M 5 42.74 18.37 -29.52
CA ASN M 5 42.64 17.08 -30.19
C ASN M 5 41.81 16.12 -29.36
N PRO M 6 40.70 15.59 -29.90
CA PRO M 6 39.84 14.70 -29.14
C PRO M 6 40.09 13.21 -29.35
N ILE M 7 41.14 12.82 -30.07
CA ILE M 7 41.36 11.43 -30.43
C ILE M 7 42.63 10.94 -29.74
N ASP M 8 42.49 9.92 -28.90
CA ASP M 8 43.62 9.23 -28.25
C ASP M 8 44.48 10.20 -27.46
N ASN M 9 43.84 10.85 -26.48
CA ASN M 9 44.50 11.82 -25.61
C ASN M 9 44.07 11.59 -24.17
N PRO M 10 44.54 10.53 -23.54
CA PRO M 10 44.19 10.28 -22.13
C PRO M 10 45.02 11.12 -21.19
N LYS M 11 44.45 11.38 -20.00
CA LYS M 11 45.10 12.14 -18.96
C LYS M 11 45.17 11.31 -17.68
N PHE M 12 46.08 11.71 -16.77
CA PHE M 12 46.35 10.93 -15.57
C PHE M 12 46.35 11.78 -14.32
N GLU M 13 45.41 12.72 -14.20
CA GLU M 13 45.11 13.45 -12.96
C GLU M 13 46.10 14.56 -12.67
N THR M 14 46.63 14.60 -11.45
CA THR M 14 47.42 15.73 -10.99
C THR M 14 48.75 15.80 -11.72
N LEU M 15 49.18 17.03 -12.04
CA LEU M 15 50.46 17.30 -12.69
C LEU M 15 50.56 16.64 -14.06
N SER M 16 49.42 16.37 -14.69
CA SER M 16 49.41 15.73 -16.00
C SER M 16 49.24 16.71 -17.15
N TYR M 17 49.16 18.01 -16.86
CA TYR M 17 49.02 19.02 -17.90
C TYR M 17 50.28 19.85 -18.11
N LEU M 18 51.33 19.59 -17.35
CA LEU M 18 52.62 20.26 -17.45
C LEU M 18 53.57 19.48 -18.35
N PRO M 19 54.71 20.07 -18.72
CA PRO M 19 55.72 19.31 -19.46
C PRO M 19 56.15 18.08 -18.70
N PRO M 20 56.72 17.08 -19.39
CA PRO M 20 57.04 15.80 -18.72
C PRO M 20 58.00 15.96 -17.54
N LEU M 21 57.81 15.15 -16.52
CA LEU M 21 58.57 15.23 -15.29
C LEU M 21 59.97 14.65 -15.49
N THR M 22 60.94 15.26 -14.82
CA THR M 22 62.33 14.82 -14.88
C THR M 22 62.85 14.59 -13.47
N ASP M 23 64.06 14.04 -13.38
CA ASP M 23 64.73 13.93 -12.10
C ASP M 23 65.15 15.32 -11.62
N ASN M 24 65.45 15.40 -10.33
CA ASN M 24 65.68 16.66 -9.62
C ASN M 24 64.39 17.47 -9.57
N GLN M 25 63.30 16.88 -10.06
CA GLN M 25 61.95 17.39 -9.85
C GLN M 25 61.08 16.40 -9.09
N ILE M 26 61.43 15.11 -9.12
CA ILE M 26 60.76 14.13 -8.28
C ILE M 26 61.36 14.11 -6.87
N ALA M 27 62.67 14.35 -6.75
CA ALA M 27 63.31 14.34 -5.45
C ALA M 27 62.90 15.51 -4.56
N ARG M 28 62.36 16.58 -5.14
CA ARG M 28 61.92 17.74 -4.36
C ARG M 28 60.51 17.59 -3.83
N GLU M 29 59.66 16.79 -4.49
CA GLU M 29 58.33 16.50 -3.98
C GLU M 29 58.34 15.48 -2.86
N ILE M 30 59.46 14.77 -2.65
CA ILE M 30 59.58 13.88 -1.50
C ILE M 30 60.16 14.58 -0.29
N ASP M 31 61.05 15.56 -0.48
CA ASP M 31 61.55 16.34 0.64
C ASP M 31 60.45 17.12 1.33
N TYR M 32 59.55 17.72 0.55
CA TYR M 32 58.40 18.43 1.10
C TYR M 32 57.47 17.52 1.88
N MET M 33 57.36 16.25 1.51
CA MET M 33 56.53 15.30 2.22
C MET M 33 57.14 14.84 3.53
N LEU M 34 58.45 14.62 3.59
CA LEU M 34 59.09 14.13 4.79
C LEU M 34 59.19 15.18 5.89
N ARG M 35 59.29 16.46 5.55
CA ARG M 35 59.37 17.50 6.57
C ARG M 35 58.02 17.85 7.17
N ASN M 36 56.93 17.28 6.64
CA ASN M 36 55.63 17.32 7.29
C ASN M 36 55.28 16.02 8.00
N LYS M 37 56.24 15.09 8.14
CA LYS M 37 56.05 13.83 8.84
C LYS M 37 54.93 12.99 8.24
N TRP M 38 55.10 12.55 6.99
CA TRP M 38 54.17 11.64 6.35
C TRP M 38 54.91 10.40 5.89
N ILE M 39 54.16 9.38 5.49
CA ILE M 39 54.69 8.04 5.23
C ILE M 39 54.50 7.72 3.75
N PRO M 40 55.56 7.35 3.04
CA PRO M 40 55.42 7.01 1.61
C PRO M 40 54.95 5.58 1.40
N CYS M 41 54.63 5.28 0.15
CA CYS M 41 54.20 3.95 -0.27
C CYS M 41 54.29 3.86 -1.79
N LEU M 42 54.08 2.65 -2.31
CA LEU M 42 54.17 2.40 -3.74
C LEU M 42 53.02 1.50 -4.18
N GLU M 43 52.71 1.54 -5.48
CA GLU M 43 51.62 0.76 -6.05
C GLU M 43 51.92 0.47 -7.52
N PHE M 44 51.23 -0.53 -8.06
CA PHE M 44 51.34 -0.84 -9.48
C PHE M 44 50.09 -1.59 -9.94
N ASP M 45 49.84 -1.52 -11.24
CA ASP M 45 48.67 -2.14 -11.88
C ASP M 45 48.80 -2.11 -13.39
N PRO M 46 48.31 -3.13 -14.10
CA PRO M 46 48.47 -3.14 -15.56
C PRO M 46 47.59 -2.15 -16.31
N SER M 47 46.30 -2.04 -15.97
CA SER M 47 45.36 -1.26 -16.76
C SER M 47 44.60 -0.28 -15.89
N GLY M 48 44.64 0.99 -16.30
CA GLY M 48 43.92 2.06 -15.62
C GLY M 48 42.57 2.43 -16.21
N THR M 49 41.60 1.51 -16.18
CA THR M 49 40.28 1.76 -16.72
C THR M 49 39.23 1.64 -15.62
N ILE M 50 38.08 2.29 -15.82
CA ILE M 50 37.02 2.33 -14.82
C ILE M 50 35.71 1.90 -15.48
N THR M 51 34.81 1.36 -14.65
CA THR M 51 33.47 0.96 -15.09
C THR M 51 32.42 1.54 -14.16
N THR M 52 31.16 1.17 -14.38
CA THR M 52 30.04 1.68 -13.57
C THR M 52 29.08 0.52 -13.32
N LEU M 53 27.94 0.85 -12.69
CA LEU M 53 26.85 -0.07 -12.41
C LEU M 53 25.53 0.53 -12.88
N PRO M 54 24.53 -0.31 -13.18
CA PRO M 54 23.26 0.21 -13.73
C PRO M 54 22.62 1.34 -12.94
N GLY M 55 22.31 1.11 -11.67
CA GLY M 55 21.54 2.09 -10.92
C GLY M 55 22.02 2.37 -9.51
N GLN M 56 23.33 2.27 -9.27
CA GLN M 56 23.88 2.49 -7.94
C GLN M 56 24.75 3.74 -7.93
N PRO M 57 24.31 4.83 -7.31
CA PRO M 57 25.15 6.03 -7.24
C PRO M 57 26.38 5.79 -6.38
N GLY M 58 27.47 6.46 -6.72
CA GLY M 58 28.67 6.40 -5.92
C GLY M 58 29.44 5.10 -5.99
N TYR M 59 29.29 4.33 -7.06
CA TYR M 59 30.02 3.07 -7.23
C TYR M 59 30.78 3.12 -8.54
N TYR M 60 32.07 2.77 -8.48
CA TYR M 60 32.91 2.68 -9.66
C TYR M 60 33.91 1.54 -9.48
N GLY M 61 34.39 1.02 -10.61
CA GLY M 61 35.37 -0.05 -10.61
C GLY M 61 36.74 0.47 -11.01
N GLY M 62 37.78 -0.17 -10.51
CA GLY M 62 39.14 0.19 -10.84
C GLY M 62 39.76 1.26 -9.98
N ARG M 63 39.59 1.18 -8.66
CA ARG M 63 40.18 2.16 -7.75
C ARG M 63 41.21 1.56 -6.81
N TYR M 64 41.41 0.24 -6.81
CA TYR M 64 42.37 -0.41 -5.95
C TYR M 64 43.54 -0.96 -6.77
N TRP M 65 44.75 -0.71 -6.31
CA TRP M 65 45.96 -1.24 -6.92
C TRP M 65 46.68 -2.12 -5.90
N THR M 66 47.80 -2.72 -6.33
CA THR M 66 48.53 -3.65 -5.50
C THR M 66 49.68 -2.95 -4.78
N MET M 67 49.88 -3.29 -3.51
CA MET M 67 50.92 -2.67 -2.69
C MET M 67 52.23 -3.41 -2.84
N TRP M 68 53.32 -2.65 -2.96
CA TRP M 68 54.62 -3.25 -3.28
C TRP M 68 55.13 -4.20 -2.20
N LYS M 69 55.57 -3.67 -1.05
CA LYS M 69 55.94 -4.53 0.07
C LYS M 69 55.16 -4.13 1.30
N LEU M 70 55.25 -2.88 1.77
CA LEU M 70 54.70 -2.42 3.03
C LEU M 70 55.00 -0.93 3.17
N PRO M 71 54.19 -0.21 3.94
CA PRO M 71 54.51 1.20 4.22
C PRO M 71 55.83 1.30 4.98
N MET M 72 56.56 2.38 4.72
CA MET M 72 57.88 2.59 5.31
C MET M 72 57.72 3.44 6.57
N PHE M 73 57.70 2.77 7.73
CA PHE M 73 57.55 3.44 9.02
C PHE M 73 58.93 3.80 9.53
N GLY M 74 59.26 5.09 9.50
CA GLY M 74 60.49 5.56 10.10
C GLY M 74 61.56 6.03 9.14
N CYS M 75 61.18 6.24 7.88
CA CYS M 75 62.12 6.75 6.88
C CYS M 75 62.47 8.20 7.18
N ASN M 76 63.73 8.56 6.96
CA ASN M 76 64.21 9.90 7.25
C ASN M 76 65.04 10.51 6.14
N ASN M 77 65.34 9.77 5.08
CA ASN M 77 66.12 10.29 3.97
C ASN M 77 65.47 9.88 2.66
N ALA M 78 65.70 10.68 1.62
CA ALA M 78 65.08 10.47 0.32
C ALA M 78 65.92 9.58 -0.58
N GLY M 79 66.75 8.71 -0.01
CA GLY M 79 67.55 7.81 -0.80
C GLY M 79 66.96 6.42 -0.87
N TYR M 80 66.48 5.91 0.27
CA TYR M 80 65.84 4.61 0.29
C TYR M 80 64.52 4.59 -0.47
N VAL M 81 63.86 5.74 -0.61
CA VAL M 81 62.66 5.82 -1.44
C VAL M 81 62.97 5.95 -2.92
N LEU M 82 64.14 6.49 -3.26
CA LEU M 82 64.57 6.59 -4.64
C LEU M 82 65.31 5.35 -5.13
N ARG M 83 65.70 4.46 -4.23
CA ARG M 83 66.34 3.20 -4.64
C ARG M 83 65.34 2.05 -4.76
N GLU M 84 64.09 2.23 -4.32
CA GLU M 84 63.09 1.19 -4.41
C GLU M 84 62.24 1.28 -5.67
N ILE M 85 62.38 2.34 -6.45
CA ILE M 85 61.65 2.49 -7.70
C ILE M 85 62.34 1.74 -8.83
N GLU M 86 63.59 1.33 -8.65
CA GLU M 86 64.34 0.60 -9.65
C GLU M 86 64.14 -0.91 -9.55
N HIS M 87 64.01 -1.44 -8.34
CA HIS M 87 63.68 -2.85 -8.20
C HIS M 87 62.30 -3.17 -8.73
N CYS M 88 61.34 -2.26 -8.55
CA CYS M 88 59.98 -2.48 -9.04
C CYS M 88 59.87 -2.42 -10.55
N LYS M 89 60.65 -1.55 -11.21
CA LYS M 89 60.57 -1.40 -12.65
C LYS M 89 61.46 -2.38 -13.39
N ASN M 90 62.18 -3.24 -12.68
CA ASN M 90 62.94 -4.31 -13.31
C ASN M 90 62.28 -5.68 -13.16
N ALA M 91 61.25 -5.80 -12.32
CA ALA M 91 60.51 -7.05 -12.17
C ALA M 91 59.19 -7.04 -12.92
N TYR M 92 58.54 -5.88 -13.02
CA TYR M 92 57.28 -5.71 -13.73
C TYR M 92 57.41 -4.54 -14.69
N PRO M 93 58.12 -4.72 -15.81
CA PRO M 93 58.36 -3.60 -16.73
C PRO M 93 57.17 -3.25 -17.61
N GLY M 94 56.03 -3.91 -17.46
CA GLY M 94 54.87 -3.62 -18.28
C GLY M 94 53.66 -3.14 -17.49
N CYS M 95 53.88 -2.29 -16.48
CA CYS M 95 52.80 -1.83 -15.63
C CYS M 95 53.07 -0.39 -15.22
N PHE M 96 52.03 0.27 -14.70
CA PHE M 96 52.11 1.63 -14.18
C PHE M 96 52.62 1.61 -12.74
N ILE M 97 53.10 2.77 -12.29
CA ILE M 97 53.63 2.91 -10.94
C ILE M 97 53.16 4.25 -10.37
N ARG M 98 52.73 4.23 -9.10
CA ARG M 98 52.24 5.42 -8.43
C ARG M 98 52.89 5.54 -7.06
N VAL M 99 52.96 6.77 -6.56
CA VAL M 99 53.55 7.08 -5.26
C VAL M 99 52.51 7.79 -4.41
N LEU M 100 52.35 7.35 -3.17
CA LEU M 100 51.33 7.88 -2.26
C LEU M 100 51.98 8.49 -1.02
N GLY M 101 51.13 8.89 -0.07
CA GLY M 101 51.58 9.45 1.19
C GLY M 101 50.43 9.51 2.19
N PHE M 102 50.66 9.04 3.41
CA PHE M 102 49.60 8.88 4.39
C PHE M 102 49.76 9.88 5.53
N ASP M 103 48.63 10.17 6.17
CA ASP M 103 48.58 10.97 7.39
C ASP M 103 47.76 10.22 8.42
N ASN M 104 48.32 10.06 9.62
CA ASN M 104 47.68 9.27 10.66
C ASN M 104 46.94 10.10 11.69
N ILE M 105 46.94 11.42 11.57
CA ILE M 105 46.17 12.26 12.48
C ILE M 105 44.76 12.49 11.95
N ARG M 106 44.61 12.79 10.65
CA ARG M 106 43.32 12.96 10.02
C ARG M 106 42.87 11.77 9.21
N GLN M 107 43.73 10.76 9.05
CA GLN M 107 43.40 9.52 8.34
C GLN M 107 42.96 9.78 6.91
N VAL M 108 43.82 10.45 6.13
CA VAL M 108 43.59 10.68 4.71
C VAL M 108 44.93 10.62 3.99
N GLN M 109 44.88 10.63 2.67
CA GLN M 109 46.10 10.70 1.86
C GLN M 109 46.43 12.16 1.57
N CYS M 110 47.62 12.38 1.00
CA CYS M 110 48.12 13.73 0.77
C CYS M 110 48.58 14.00 -0.66
N CYS M 111 49.08 13.01 -1.39
CA CYS M 111 49.54 13.25 -2.74
C CYS M 111 49.54 11.94 -3.51
N ALA M 112 49.50 12.04 -4.83
CA ALA M 112 49.54 10.86 -5.70
C ALA M 112 49.92 11.32 -7.11
N PHE M 113 51.03 10.81 -7.63
CA PHE M 113 51.46 11.10 -8.99
C PHE M 113 52.19 9.90 -9.57
N ILE M 114 52.21 9.84 -10.90
CA ILE M 114 52.74 8.70 -11.66
C ILE M 114 54.18 8.98 -12.05
N VAL M 115 55.01 7.93 -12.05
CA VAL M 115 56.43 8.09 -12.32
C VAL M 115 56.91 7.12 -13.40
N HIS M 116 56.01 6.33 -13.95
CA HIS M 116 56.40 5.38 -14.99
C HIS M 116 55.18 5.01 -15.84
N LYS M 117 55.42 4.80 -17.13
CA LYS M 117 54.38 4.36 -18.06
C LYS M 117 54.94 3.20 -18.86
N PRO M 118 54.11 2.21 -19.23
CA PRO M 118 54.58 1.05 -20.01
C PRO M 118 55.05 1.43 -21.41
N MET N 1 -14.80 39.28 47.02
CA MET N 1 -14.89 38.48 45.81
C MET N 1 -16.31 37.97 45.59
N GLN N 2 -16.58 37.49 44.39
CA GLN N 2 -17.90 36.97 44.05
C GLN N 2 -17.73 35.84 43.05
N VAL N 3 -18.75 34.99 42.95
CA VAL N 3 -18.68 33.76 42.16
C VAL N 3 -19.77 33.80 41.09
N TRP N 4 -19.36 33.53 39.85
CA TRP N 4 -20.31 33.40 38.75
C TRP N 4 -21.14 32.14 38.93
N ASN N 5 -22.44 32.25 38.70
CA ASN N 5 -23.33 31.11 38.91
C ASN N 5 -23.24 30.15 37.73
N PRO N 6 -22.87 28.89 37.96
CA PRO N 6 -22.75 27.91 36.87
C PRO N 6 -23.97 27.04 36.63
N ILE N 7 -25.09 27.26 37.32
CA ILE N 7 -26.24 26.38 37.25
C ILE N 7 -27.38 27.13 36.58
N ASP N 8 -27.87 26.58 35.46
CA ASP N 8 -29.04 27.10 34.76
C ASP N 8 -28.89 28.56 34.38
N ASN N 9 -27.87 28.88 33.58
CA ASN N 9 -27.63 30.25 33.14
C ASN N 9 -27.30 30.26 31.65
N PRO N 10 -28.29 29.99 30.80
CA PRO N 10 -28.04 30.01 29.36
C PRO N 10 -27.95 31.42 28.81
N LYS N 11 -27.24 31.56 27.71
CA LYS N 11 -27.07 32.82 27.02
C LYS N 11 -27.53 32.70 25.58
N PHE N 12 -27.79 33.85 24.95
CA PHE N 12 -28.37 33.89 23.61
C PHE N 12 -27.64 34.85 22.67
N GLU N 13 -26.30 34.90 22.76
CA GLU N 13 -25.43 35.57 21.80
C GLU N 13 -25.38 37.07 21.99
N THR N 14 -25.64 37.82 20.91
CA THR N 14 -25.42 39.27 20.92
C THR N 14 -26.43 39.98 21.81
N LEU N 15 -25.95 40.99 22.53
CA LEU N 15 -26.77 41.84 23.40
C LEU N 15 -27.46 41.02 24.50
N SER N 16 -26.91 39.86 24.84
CA SER N 16 -27.48 39.00 25.87
C SER N 16 -26.84 39.21 27.23
N TYR N 17 -25.86 40.11 27.35
CA TYR N 17 -25.21 40.37 28.62
C TYR N 17 -25.62 41.70 29.23
N LEU N 18 -26.42 42.50 28.53
CA LEU N 18 -26.91 43.80 28.99
C LEU N 18 -28.23 43.63 29.73
N PRO N 19 -28.72 44.67 30.41
CA PRO N 19 -30.05 44.61 31.01
C PRO N 19 -31.11 44.32 29.96
N PRO N 20 -32.28 43.83 30.38
CA PRO N 20 -33.30 43.41 29.41
C PRO N 20 -33.74 44.52 28.46
N LEU N 21 -34.09 44.15 27.23
CA LEU N 21 -34.43 45.09 26.19
C LEU N 21 -35.88 45.58 26.36
N THR N 22 -36.09 46.86 26.04
CA THR N 22 -37.40 47.48 26.15
C THR N 22 -37.76 48.12 24.82
N ASP N 23 -39.03 48.50 24.69
CA ASP N 23 -39.45 49.29 23.54
C ASP N 23 -38.80 50.67 23.61
N ASN N 24 -38.71 51.30 22.44
CA ASN N 24 -37.92 52.49 22.15
C ASN N 24 -36.43 52.18 22.16
N GLN N 25 -36.04 50.94 22.48
CA GLN N 25 -34.69 50.45 22.22
C GLN N 25 -34.65 49.44 21.09
N ILE N 26 -35.77 48.81 20.76
CA ILE N 26 -35.84 47.96 19.60
C ILE N 26 -36.12 48.77 18.33
N ALA N 27 -36.93 49.83 18.43
CA ALA N 27 -37.29 50.63 17.28
C ALA N 27 -36.12 51.41 16.70
N ARG N 28 -35.03 51.57 17.44
CA ARG N 28 -33.86 52.30 16.97
C ARG N 28 -32.89 51.40 16.22
N GLU N 29 -32.88 50.10 16.49
CA GLU N 29 -32.06 49.16 15.74
C GLU N 29 -32.65 48.81 14.38
N ILE N 30 -33.92 49.12 14.14
CA ILE N 30 -34.52 48.93 12.83
C ILE N 30 -34.39 50.15 11.95
N ASP N 31 -34.06 51.30 12.51
CA ASP N 31 -33.78 52.49 11.72
C ASP N 31 -32.37 52.51 11.17
N TYR N 32 -31.38 52.16 11.99
CA TYR N 32 -30.00 52.04 11.55
C TYR N 32 -29.83 51.01 10.46
N MET N 33 -30.64 49.96 10.45
CA MET N 33 -30.63 48.97 9.38
C MET N 33 -31.29 49.46 8.10
N LEU N 34 -32.39 50.21 8.21
CA LEU N 34 -33.06 50.74 7.02
C LEU N 34 -32.31 51.87 6.36
N ARG N 35 -31.59 52.70 7.13
CA ARG N 35 -30.84 53.77 6.50
C ARG N 35 -29.55 53.28 5.84
N ASN N 36 -29.21 51.99 6.00
CA ASN N 36 -28.15 51.37 5.24
C ASN N 36 -28.66 50.47 4.12
N LYS N 37 -29.96 50.53 3.81
CA LYS N 37 -30.57 49.75 2.73
C LYS N 37 -30.38 48.25 2.90
N TRP N 38 -30.96 47.68 3.96
CA TRP N 38 -30.95 46.24 4.18
C TRP N 38 -32.39 45.75 4.33
N ILE N 39 -32.56 44.44 4.18
CA ILE N 39 -33.89 43.83 4.08
C ILE N 39 -34.17 43.07 5.37
N PRO N 40 -35.24 43.39 6.10
CA PRO N 40 -35.56 42.64 7.32
C PRO N 40 -36.21 41.30 7.03
N CYS N 41 -36.33 40.49 8.08
CA CYS N 41 -36.97 39.19 8.01
C CYS N 41 -37.29 38.71 9.41
N LEU N 42 -37.95 37.55 9.51
CA LEU N 42 -38.38 37.00 10.79
C LEU N 42 -38.22 35.48 10.79
N GLU N 43 -38.14 34.92 12.00
CA GLU N 43 -37.92 33.50 12.17
C GLU N 43 -38.51 33.06 13.51
N PHE N 44 -38.71 31.75 13.65
CA PHE N 44 -39.19 31.18 14.90
C PHE N 44 -38.88 29.69 14.94
N ASP N 45 -38.74 29.17 16.17
CA ASP N 45 -38.43 27.76 16.41
C ASP N 45 -38.62 27.43 17.89
N PRO N 46 -39.06 26.21 18.23
CA PRO N 46 -39.34 25.90 19.64
C PRO N 46 -38.17 25.34 20.43
N SER N 47 -36.95 25.41 19.91
CA SER N 47 -35.82 24.82 20.63
C SER N 47 -34.55 25.57 20.27
N GLY N 48 -33.55 25.46 21.16
CA GLY N 48 -32.28 26.13 20.95
C GLY N 48 -31.06 25.30 21.31
N THR N 49 -31.13 23.98 21.09
CA THR N 49 -30.05 23.08 21.44
C THR N 49 -29.25 22.72 20.20
N ILE N 50 -28.02 22.24 20.42
CA ILE N 50 -27.11 21.90 19.34
C ILE N 50 -26.61 20.47 19.51
N THR N 51 -26.07 19.90 18.44
CA THR N 51 -25.57 18.54 18.43
C THR N 51 -24.32 18.45 17.57
N THR N 52 -23.59 17.34 17.65
CA THR N 52 -22.33 17.16 16.93
C THR N 52 -22.37 15.80 16.23
N LEU N 53 -21.25 15.45 15.62
CA LEU N 53 -21.03 14.19 14.93
C LEU N 53 -19.73 13.57 15.41
N PRO N 54 -19.58 12.25 15.28
CA PRO N 54 -18.37 11.58 15.77
C PRO N 54 -17.06 12.18 15.27
N GLY N 55 -16.85 12.23 13.96
CA GLY N 55 -15.55 12.63 13.44
C GLY N 55 -15.58 13.56 12.26
N GLN N 56 -16.60 14.41 12.17
CA GLN N 56 -16.69 15.36 11.07
C GLN N 56 -16.46 16.78 11.57
N PRO N 57 -15.32 17.38 11.26
CA PRO N 57 -15.08 18.77 11.68
C PRO N 57 -16.04 19.73 10.97
N GLY N 58 -16.40 20.80 11.68
CA GLY N 58 -17.21 21.84 11.07
C GLY N 58 -18.65 21.47 10.81
N TYR N 59 -19.20 20.50 11.53
CA TYR N 59 -20.60 20.12 11.38
C TYR N 59 -21.31 20.27 12.72
N TYR N 60 -22.47 20.92 12.70
CA TYR N 60 -23.29 21.10 13.88
C TYR N 60 -24.76 21.02 13.49
N GLY N 61 -25.60 20.69 14.47
CA GLY N 61 -27.01 20.56 14.24
C GLY N 61 -27.78 21.62 15.02
N GLY N 62 -28.87 22.10 14.41
CA GLY N 62 -29.70 23.09 15.05
C GLY N 62 -29.37 24.53 14.69
N ARG N 63 -29.12 24.77 13.41
CA ARG N 63 -28.82 26.11 12.93
C ARG N 63 -29.88 26.71 12.01
N TYR N 64 -30.76 25.88 11.45
CA TYR N 64 -31.81 26.37 10.58
C TYR N 64 -33.12 26.52 11.35
N TRP N 65 -33.80 27.64 11.13
CA TRP N 65 -35.11 27.91 11.71
C TRP N 65 -36.12 28.11 10.60
N THR N 66 -37.37 28.35 10.99
CA THR N 66 -38.47 28.48 10.03
C THR N 66 -38.72 29.95 9.69
N MET N 67 -38.94 30.24 8.41
CA MET N 67 -39.15 31.59 7.94
C MET N 67 -40.64 31.94 8.00
N TRP N 68 -40.95 33.13 8.51
CA TRP N 68 -42.34 33.48 8.79
C TRP N 68 -43.19 33.55 7.53
N LYS N 69 -43.00 34.57 6.68
CA LYS N 69 -43.73 34.60 5.42
C LYS N 69 -42.82 34.72 4.21
N LEU N 70 -42.02 35.79 4.17
CA LEU N 70 -41.18 36.15 3.05
C LEU N 70 -40.39 37.40 3.43
N PRO N 71 -39.22 37.62 2.82
CA PRO N 71 -38.50 38.87 3.06
C PRO N 71 -39.30 40.06 2.52
N MET N 72 -39.12 41.21 3.17
CA MET N 72 -39.84 42.43 2.81
C MET N 72 -39.00 43.20 1.78
N PHE N 73 -39.35 43.05 0.51
CA PHE N 73 -38.63 43.72 -0.58
C PHE N 73 -39.27 45.07 -0.87
N GLY N 74 -38.81 46.09 -0.15
CA GLY N 74 -39.25 47.44 -0.44
C GLY N 74 -39.74 48.24 0.74
N CYS N 75 -39.63 47.68 1.95
CA CYS N 75 -40.06 48.38 3.15
C CYS N 75 -39.23 49.63 3.35
N ASN N 76 -39.89 50.74 3.68
CA ASN N 76 -39.22 52.02 3.88
C ASN N 76 -39.55 52.68 5.21
N ASN N 77 -40.43 52.08 6.01
CA ASN N 77 -40.78 52.63 7.31
C ASN N 77 -40.72 51.52 8.37
N ALA N 78 -40.53 51.93 9.61
CA ALA N 78 -40.33 51.00 10.73
C ALA N 78 -41.64 50.69 11.44
N GLY N 79 -42.77 50.85 10.76
CA GLY N 79 -44.05 50.54 11.37
C GLY N 79 -44.59 49.19 10.97
N TYR N 80 -44.49 48.87 9.67
CA TYR N 80 -44.94 47.56 9.19
C TYR N 80 -44.10 46.42 9.74
N VAL N 81 -42.83 46.66 10.10
CA VAL N 81 -42.00 45.66 10.75
C VAL N 81 -42.34 45.51 12.23
N LEU N 82 -42.86 46.56 12.86
CA LEU N 82 -43.28 46.49 14.25
C LEU N 82 -44.71 46.02 14.42
N ARG N 83 -45.50 45.97 13.35
CA ARG N 83 -46.85 45.44 13.43
C ARG N 83 -46.93 43.96 13.06
N GLU N 84 -45.83 43.37 12.60
CA GLU N 84 -45.81 41.95 12.24
C GLU N 84 -45.30 41.05 13.35
N ILE N 85 -44.77 41.63 14.44
CA ILE N 85 -44.29 40.84 15.57
C ILE N 85 -45.44 40.46 16.50
N GLU N 86 -46.61 41.08 16.34
CA GLU N 86 -47.77 40.77 17.16
C GLU N 86 -48.62 39.65 16.60
N HIS N 87 -48.74 39.57 15.27
CA HIS N 87 -49.42 38.44 14.66
C HIS N 87 -48.68 37.14 14.91
N CYS N 88 -47.35 37.16 14.89
CA CYS N 88 -46.57 35.94 15.12
C CYS N 88 -46.66 35.45 16.56
N LYS N 89 -46.70 36.37 17.53
CA LYS N 89 -46.71 36.00 18.93
C LYS N 89 -48.12 35.69 19.44
N ASN N 90 -49.14 35.83 18.60
CA ASN N 90 -50.49 35.42 18.95
C ASN N 90 -50.90 34.10 18.33
N ALA N 91 -50.13 33.58 17.37
CA ALA N 91 -50.42 32.29 16.75
C ALA N 91 -49.54 31.18 17.30
N TYR N 92 -48.29 31.49 17.68
CA TYR N 92 -47.35 30.53 18.24
C TYR N 92 -46.77 31.12 19.53
N PRO N 93 -47.55 31.15 20.62
CA PRO N 93 -47.08 31.77 21.86
C PRO N 93 -46.09 30.93 22.65
N GLY N 94 -45.68 29.77 22.15
CA GLY N 94 -44.73 28.94 22.86
C GLY N 94 -43.44 28.70 22.12
N CYS N 95 -42.90 29.73 21.47
CA CYS N 95 -41.70 29.59 20.66
C CYS N 95 -40.87 30.85 20.77
N PHE N 96 -39.63 30.77 20.30
CA PHE N 96 -38.72 31.90 20.24
C PHE N 96 -38.92 32.68 18.95
N ILE N 97 -38.47 33.93 18.95
CA ILE N 97 -38.57 34.79 17.78
C ILE N 97 -37.25 35.54 17.60
N ARG N 98 -36.76 35.60 16.37
CA ARG N 98 -35.50 36.24 16.05
C ARG N 98 -35.66 37.12 14.82
N VAL N 99 -34.88 38.19 14.73
CA VAL N 99 -34.96 39.16 13.65
C VAL N 99 -33.62 39.18 12.92
N LEU N 100 -33.67 39.22 11.59
CA LEU N 100 -32.49 39.16 10.74
C LEU N 100 -32.39 40.41 9.86
N GLY N 101 -31.42 40.40 8.97
CA GLY N 101 -31.22 41.46 7.99
C GLY N 101 -30.20 41.05 6.94
N PHE N 102 -30.54 41.21 5.67
CA PHE N 102 -29.73 40.70 4.58
C PHE N 102 -29.03 41.83 3.83
N ASP N 103 -27.95 41.45 3.15
CA ASP N 103 -27.24 42.31 2.22
C ASP N 103 -26.98 41.53 0.94
N ASN N 104 -27.26 42.14 -0.20
CA ASN N 104 -27.13 41.46 -1.48
C ASN N 104 -25.83 41.78 -2.22
N ILE N 105 -25.18 42.89 -1.90
CA ILE N 105 -23.91 43.20 -2.54
C ILE N 105 -22.83 42.22 -2.10
N ARG N 106 -22.77 41.89 -0.81
CA ARG N 106 -21.78 40.97 -0.27
C ARG N 106 -22.34 39.61 0.09
N GLN N 107 -23.66 39.44 0.04
CA GLN N 107 -24.32 38.15 0.30
C GLN N 107 -24.01 37.62 1.69
N VAL N 108 -24.19 38.44 2.72
CA VAL N 108 -24.03 38.02 4.10
C VAL N 108 -25.13 38.66 4.94
N GLN N 109 -25.36 38.09 6.12
CA GLN N 109 -26.26 38.71 7.08
C GLN N 109 -25.54 39.81 7.86
N CYS N 110 -26.32 40.63 8.54
CA CYS N 110 -25.78 41.78 9.24
C CYS N 110 -26.23 41.92 10.69
N CYS N 111 -27.41 41.42 11.05
CA CYS N 111 -27.92 41.58 12.41
C CYS N 111 -28.68 40.33 12.81
N ALA N 112 -28.68 40.06 14.12
CA ALA N 112 -29.44 38.97 14.69
C ALA N 112 -29.61 39.14 16.19
N PHE N 113 -30.84 39.29 16.66
CA PHE N 113 -31.11 39.40 18.09
C PHE N 113 -32.52 38.93 18.40
N ILE N 114 -32.71 38.44 19.63
CA ILE N 114 -33.96 37.80 20.03
C ILE N 114 -34.87 38.83 20.68
N VAL N 115 -36.18 38.72 20.41
CA VAL N 115 -37.16 39.68 20.91
C VAL N 115 -38.29 39.04 21.69
N HIS N 116 -38.27 37.72 21.89
CA HIS N 116 -39.32 37.05 22.64
C HIS N 116 -38.81 35.74 23.20
N LYS N 117 -39.27 35.38 24.39
CA LYS N 117 -38.89 34.14 25.05
C LYS N 117 -40.13 33.51 25.65
N PRO N 118 -40.30 32.18 25.55
CA PRO N 118 -41.44 31.44 26.10
C PRO N 118 -41.65 31.70 27.58
N MET O 1 62.22 -9.68 2.17
CA MET O 1 60.80 -9.81 1.84
C MET O 1 60.63 -10.29 0.40
N GLN O 2 59.41 -10.74 0.08
CA GLN O 2 59.11 -11.23 -1.26
C GLN O 2 57.66 -10.90 -1.58
N VAL O 3 57.34 -10.89 -2.86
CA VAL O 3 56.05 -10.44 -3.36
C VAL O 3 55.36 -11.57 -4.10
N TRP O 4 54.11 -11.85 -3.75
CA TRP O 4 53.30 -12.79 -4.48
C TRP O 4 52.97 -12.23 -5.87
N ASN O 5 53.08 -13.08 -6.88
CA ASN O 5 52.85 -12.64 -8.25
C ASN O 5 51.36 -12.56 -8.55
N PRO O 6 50.84 -11.40 -8.91
CA PRO O 6 49.40 -11.27 -9.18
C PRO O 6 48.99 -11.38 -10.64
N ILE O 7 49.89 -11.74 -11.55
CA ILE O 7 49.61 -11.73 -12.98
C ILE O 7 49.67 -13.17 -13.49
N ASP O 8 48.54 -13.63 -14.03
CA ASP O 8 48.44 -14.94 -14.70
C ASP O 8 48.87 -16.08 -13.77
N ASN O 9 48.14 -16.18 -12.67
CA ASN O 9 48.40 -17.22 -11.66
C ASN O 9 47.09 -17.81 -11.19
N PRO O 10 46.45 -18.62 -12.02
CA PRO O 10 45.19 -19.26 -11.60
C PRO O 10 45.43 -20.49 -10.73
N LYS O 11 44.46 -20.77 -9.88
CA LYS O 11 44.49 -21.92 -8.99
C LYS O 11 43.29 -22.83 -9.28
N PHE O 12 43.39 -24.07 -8.81
CA PHE O 12 42.39 -25.10 -9.11
C PHE O 12 41.95 -25.87 -7.88
N GLU O 13 41.78 -25.19 -6.74
CA GLU O 13 41.11 -25.73 -5.55
C GLU O 13 42.03 -26.63 -4.74
N THR O 14 41.54 -27.82 -4.38
CA THR O 14 42.22 -28.68 -3.43
C THR O 14 43.51 -29.23 -4.02
N LEU O 15 44.55 -29.31 -3.18
CA LEU O 15 45.85 -29.85 -3.54
C LEU O 15 46.51 -29.08 -4.67
N SER O 16 46.13 -27.82 -4.86
CA SER O 16 46.68 -26.98 -5.91
C SER O 16 47.81 -26.08 -5.43
N TYR O 17 48.20 -26.18 -4.16
CA TYR O 17 49.28 -25.36 -3.63
C TYR O 17 50.54 -26.15 -3.34
N LEU O 18 50.53 -27.46 -3.56
CA LEU O 18 51.66 -28.36 -3.34
C LEU O 18 52.44 -28.53 -4.64
N PRO O 19 53.62 -29.14 -4.59
CA PRO O 19 54.34 -29.46 -5.82
C PRO O 19 53.51 -30.34 -6.73
N PRO O 20 53.82 -30.38 -8.04
CA PRO O 20 52.96 -31.10 -8.99
C PRO O 20 52.80 -32.58 -8.66
N LEU O 21 51.63 -33.13 -8.96
CA LEU O 21 51.30 -34.50 -8.63
C LEU O 21 51.98 -35.46 -9.59
N THR O 22 52.39 -36.61 -9.06
CA THR O 22 53.05 -37.65 -9.84
C THR O 22 52.30 -38.97 -9.63
N ASP O 23 52.67 -39.97 -10.43
CA ASP O 23 52.16 -41.31 -10.22
C ASP O 23 52.74 -41.89 -8.93
N ASN O 24 52.09 -42.95 -8.44
CA ASN O 24 52.34 -43.52 -7.13
C ASN O 24 51.94 -42.55 -6.04
N GLN O 25 51.39 -41.40 -6.44
CA GLN O 25 50.71 -40.48 -5.55
C GLN O 25 49.23 -40.33 -5.89
N ILE O 26 48.85 -40.60 -7.13
CA ILE O 26 47.44 -40.68 -7.50
C ILE O 26 46.85 -42.03 -7.16
N ALA O 27 47.63 -43.10 -7.23
CA ALA O 27 47.14 -44.44 -6.94
C ALA O 27 46.86 -44.67 -5.47
N ARG O 28 47.35 -43.80 -4.58
CA ARG O 28 47.12 -43.94 -3.15
C ARG O 28 45.86 -43.23 -2.69
N GLU O 29 45.42 -42.18 -3.40
CA GLU O 29 44.17 -41.52 -3.10
C GLU O 29 42.96 -42.30 -3.58
N ILE O 30 43.14 -43.27 -4.47
CA ILE O 30 42.05 -44.16 -4.87
C ILE O 30 41.94 -45.36 -3.96
N ASP O 31 43.04 -45.83 -3.38
CA ASP O 31 42.98 -46.89 -2.40
C ASP O 31 42.26 -46.48 -1.13
N TYR O 32 42.51 -45.27 -0.65
CA TYR O 32 41.81 -44.73 0.52
C TYR O 32 40.32 -44.56 0.28
N MET O 33 39.92 -44.29 -0.96
CA MET O 33 38.50 -44.16 -1.29
C MET O 33 37.78 -45.48 -1.36
N LEU O 34 38.42 -46.53 -1.88
CA LEU O 34 37.77 -47.82 -2.03
C LEU O 34 37.58 -48.57 -0.70
N ARG O 35 38.47 -48.37 0.26
CA ARG O 35 38.33 -49.03 1.55
C ARG O 35 37.30 -48.35 2.45
N ASN O 36 36.76 -47.22 2.03
CA ASN O 36 35.60 -46.62 2.67
C ASN O 36 34.31 -46.86 1.91
N LYS O 37 34.32 -47.72 0.88
CA LYS O 37 33.15 -48.07 0.09
C LYS O 37 32.51 -46.86 -0.57
N TRP O 38 33.23 -46.21 -1.48
CA TRP O 38 32.70 -45.11 -2.27
C TRP O 38 32.84 -45.44 -3.75
N ILE O 39 32.17 -44.66 -4.59
CA ILE O 39 32.02 -44.95 -6.02
C ILE O 39 32.78 -43.89 -6.81
N PRO O 40 33.71 -44.26 -7.68
CA PRO O 40 34.42 -43.27 -8.49
C PRO O 40 33.61 -42.83 -9.70
N CYS O 41 34.12 -41.80 -10.38
CA CYS O 41 33.51 -41.26 -11.58
C CYS O 41 34.54 -40.38 -12.28
N LEU O 42 34.15 -39.85 -13.45
CA LEU O 42 35.03 -39.01 -14.26
C LEU O 42 34.24 -37.89 -14.92
N GLU O 43 34.97 -36.84 -15.31
CA GLU O 43 34.35 -35.66 -15.90
C GLU O 43 35.36 -34.96 -16.81
N PHE O 44 34.86 -34.10 -17.70
CA PHE O 44 35.72 -33.30 -18.54
C PHE O 44 34.95 -32.08 -19.04
N ASP O 45 35.70 -31.03 -19.39
CA ASP O 45 35.14 -29.77 -19.86
C ASP O 45 36.24 -28.89 -20.45
N PRO O 46 35.94 -28.10 -21.48
CA PRO O 46 37.01 -27.28 -22.10
C PRO O 46 37.45 -26.09 -21.27
N SER O 47 36.52 -25.32 -20.69
CA SER O 47 36.88 -24.06 -20.05
C SER O 47 36.32 -23.99 -18.63
N GLY O 48 37.21 -23.71 -17.68
CA GLY O 48 36.83 -23.56 -16.28
C GLY O 48 36.62 -22.13 -15.81
N THR O 49 35.61 -21.44 -16.34
CA THR O 49 35.32 -20.07 -15.96
C THR O 49 33.92 -19.98 -15.37
N ILE O 50 33.70 -18.95 -14.53
CA ILE O 50 32.44 -18.77 -13.83
C ILE O 50 31.92 -17.37 -14.09
N THR O 51 30.59 -17.22 -13.98
CA THR O 51 29.93 -15.93 -14.15
C THR O 51 28.95 -15.68 -13.01
N THR O 52 28.21 -14.58 -13.06
CA THR O 52 27.25 -14.23 -12.03
C THR O 52 25.98 -13.71 -12.71
N LEU O 53 25.06 -13.22 -11.87
CA LEU O 53 23.79 -12.62 -12.28
C LEU O 53 23.64 -11.28 -11.56
N PRO O 54 22.88 -10.32 -12.12
CA PRO O 54 22.75 -9.01 -11.47
C PRO O 54 22.37 -9.01 -9.99
N GLY O 55 21.23 -9.61 -9.64
CA GLY O 55 20.75 -9.48 -8.29
C GLY O 55 20.22 -10.75 -7.66
N GLN O 56 20.77 -11.89 -8.02
CA GLN O 56 20.31 -13.17 -7.47
C GLN O 56 21.39 -13.78 -6.59
N PRO O 57 21.23 -13.77 -5.27
CA PRO O 57 22.22 -14.41 -4.40
C PRO O 57 22.26 -15.92 -4.63
N GLY O 58 23.45 -16.49 -4.47
CA GLY O 58 23.61 -17.92 -4.55
C GLY O 58 23.48 -18.53 -5.93
N TYR O 59 23.74 -17.76 -6.98
CA TYR O 59 23.69 -18.24 -8.35
C TYR O 59 25.03 -17.98 -9.03
N TYR O 60 25.57 -19.02 -9.67
CA TYR O 60 26.80 -18.91 -10.43
C TYR O 60 26.73 -19.83 -11.64
N GLY O 61 27.51 -19.49 -12.67
CA GLY O 61 27.58 -20.28 -13.88
C GLY O 61 28.88 -21.07 -13.94
N GLY O 62 28.84 -22.20 -14.62
CA GLY O 62 30.01 -23.02 -14.81
C GLY O 62 30.30 -24.01 -13.70
N ARG O 63 29.28 -24.74 -13.21
CA ARG O 63 29.48 -25.73 -12.17
C ARG O 63 29.17 -27.15 -12.62
N TYR O 64 28.68 -27.35 -13.84
CA TYR O 64 28.35 -28.66 -14.36
C TYR O 64 29.31 -29.04 -15.48
N TRP O 65 29.83 -30.27 -15.41
CA TRP O 65 30.69 -30.83 -16.44
C TRP O 65 30.03 -32.07 -17.02
N THR O 66 30.65 -32.64 -18.05
CA THR O 66 30.10 -33.80 -18.74
C THR O 66 30.63 -35.10 -18.13
N MET O 67 29.78 -36.12 -18.10
CA MET O 67 30.11 -37.40 -17.50
C MET O 67 30.60 -38.37 -18.56
N TRP O 68 31.67 -39.10 -18.23
CA TRP O 68 32.34 -39.93 -19.23
C TRP O 68 31.46 -41.05 -19.77
N LYS O 69 31.19 -42.09 -18.97
CA LYS O 69 30.26 -43.12 -19.39
C LYS O 69 29.17 -43.28 -18.34
N LEU O 70 29.52 -43.60 -17.09
CA LEU O 70 28.57 -43.95 -16.04
C LEU O 70 29.37 -44.19 -14.75
N PRO O 71 28.74 -44.01 -13.59
CA PRO O 71 29.41 -44.40 -12.35
C PRO O 71 29.69 -45.91 -12.33
N MET O 72 30.82 -46.27 -11.72
CA MET O 72 31.25 -47.67 -11.68
C MET O 72 30.69 -48.32 -10.42
N PHE O 73 29.62 -49.08 -10.58
CA PHE O 73 28.95 -49.75 -9.46
C PHE O 73 29.54 -51.14 -9.28
N GLY O 74 30.48 -51.24 -8.34
CA GLY O 74 31.00 -52.55 -7.96
C GLY O 74 32.49 -52.73 -8.19
N CYS O 75 33.20 -51.64 -8.46
CA CYS O 75 34.64 -51.72 -8.65
C CYS O 75 35.33 -52.11 -7.35
N ASN O 76 36.37 -52.93 -7.45
CA ASN O 76 37.07 -53.40 -6.27
C ASN O 76 38.58 -53.34 -6.39
N ASN O 77 39.13 -52.90 -7.52
CA ASN O 77 40.56 -52.79 -7.72
C ASN O 77 40.88 -51.45 -8.38
N ALA O 78 42.09 -50.95 -8.13
CA ALA O 78 42.51 -49.65 -8.63
C ALA O 78 43.20 -49.74 -9.98
N GLY O 79 42.90 -50.78 -10.76
CA GLY O 79 43.47 -50.91 -12.08
C GLY O 79 42.51 -50.47 -13.17
N TYR O 80 41.24 -50.86 -13.02
CA TYR O 80 40.21 -50.45 -13.97
C TYR O 80 39.93 -48.95 -13.93
N VAL O 81 40.19 -48.30 -12.80
CA VAL O 81 40.06 -46.85 -12.71
C VAL O 81 41.29 -46.14 -13.25
N LEU O 82 42.44 -46.81 -13.27
CA LEU O 82 43.65 -46.23 -13.82
C LEU O 82 43.83 -46.54 -15.30
N ARG O 83 43.04 -47.46 -15.86
CA ARG O 83 43.09 -47.72 -17.30
C ARG O 83 42.05 -46.94 -18.08
N GLU O 84 41.15 -46.22 -17.40
CA GLU O 84 40.12 -45.44 -18.08
C GLU O 84 40.51 -43.97 -18.24
N ILE O 85 41.59 -43.53 -17.61
CA ILE O 85 42.08 -42.16 -17.77
C ILE O 85 42.90 -41.99 -19.03
N GLU O 86 43.26 -43.10 -19.69
CA GLU O 86 44.02 -43.07 -20.93
C GLU O 86 43.14 -43.03 -22.16
N HIS O 87 42.00 -43.74 -22.15
CA HIS O 87 41.06 -43.64 -23.25
C HIS O 87 40.46 -42.24 -23.36
N CYS O 88 40.25 -41.57 -22.23
CA CYS O 88 39.68 -40.24 -22.24
C CYS O 88 40.65 -39.17 -22.71
N LYS O 89 41.95 -39.32 -22.46
CA LYS O 89 42.93 -38.33 -22.84
C LYS O 89 43.47 -38.54 -24.25
N ASN O 90 43.00 -39.57 -24.95
CA ASN O 90 43.32 -39.75 -26.36
C ASN O 90 42.18 -39.40 -27.29
N ALA O 91 40.96 -39.22 -26.78
CA ALA O 91 39.84 -38.81 -27.60
C ALA O 91 39.59 -37.31 -27.52
N TYR O 92 39.86 -36.71 -26.35
CA TYR O 92 39.69 -35.27 -26.13
C TYR O 92 40.97 -34.74 -25.49
N PRO O 93 42.04 -34.57 -26.27
CA PRO O 93 43.31 -34.12 -25.69
C PRO O 93 43.38 -32.64 -25.39
N GLY O 94 42.29 -31.89 -25.60
CA GLY O 94 42.31 -30.46 -25.34
C GLY O 94 41.30 -30.01 -24.29
N CYS O 95 41.16 -30.79 -23.22
CA CYS O 95 40.19 -30.49 -22.18
C CYS O 95 40.74 -30.91 -20.82
N PHE O 96 40.10 -30.41 -19.77
CA PHE O 96 40.44 -30.75 -18.40
C PHE O 96 39.78 -32.06 -18.00
N ILE O 97 40.30 -32.69 -16.94
CA ILE O 97 39.77 -33.96 -16.44
C ILE O 97 39.75 -33.91 -14.92
N ARG O 98 38.65 -34.37 -14.33
CA ARG O 98 38.48 -34.38 -12.88
C ARG O 98 38.02 -35.77 -12.44
N VAL O 99 38.30 -36.08 -11.17
CA VAL O 99 37.93 -37.35 -10.56
C VAL O 99 37.11 -37.07 -9.32
N LEU O 100 35.97 -37.77 -9.18
CA LEU O 100 35.04 -37.55 -8.09
C LEU O 100 34.84 -38.83 -7.28
N GLY O 101 34.01 -38.72 -6.25
CA GLY O 101 33.61 -39.87 -5.45
C GLY O 101 32.26 -39.60 -4.83
N PHE O 102 31.50 -40.67 -4.63
CA PHE O 102 30.11 -40.54 -4.21
C PHE O 102 29.88 -41.33 -2.93
N ASP O 103 28.96 -40.84 -2.11
CA ASP O 103 28.46 -41.53 -0.94
C ASP O 103 26.94 -41.58 -0.99
N ASN O 104 26.38 -42.77 -0.81
CA ASN O 104 24.94 -42.97 -0.95
C ASN O 104 24.22 -43.09 0.38
N ILE O 105 24.92 -42.97 1.50
CA ILE O 105 24.26 -42.95 2.80
C ILE O 105 23.90 -41.52 3.21
N ARG O 106 24.81 -40.57 3.00
CA ARG O 106 24.57 -39.16 3.30
C ARG O 106 24.30 -38.33 2.06
N GLN O 107 24.44 -38.90 0.87
CA GLN O 107 24.13 -38.22 -0.40
C GLN O 107 24.97 -36.97 -0.58
N VAL O 108 26.29 -37.11 -0.59
CA VAL O 108 27.22 -36.01 -0.86
C VAL O 108 28.46 -36.59 -1.54
N GLN O 109 29.27 -35.69 -2.09
CA GLN O 109 30.56 -36.08 -2.65
C GLN O 109 31.63 -36.04 -1.57
N CYS O 110 32.78 -36.63 -1.87
CA CYS O 110 33.86 -36.73 -0.90
C CYS O 110 35.23 -36.31 -1.41
N CYS O 111 35.48 -36.38 -2.71
CA CYS O 111 36.80 -36.05 -3.25
C CYS O 111 36.65 -35.35 -4.58
N ALA O 112 37.62 -34.49 -4.90
CA ALA O 112 37.67 -33.81 -6.19
C ALA O 112 39.06 -33.24 -6.45
N PHE O 113 39.74 -33.74 -7.49
CA PHE O 113 41.05 -33.20 -7.88
C PHE O 113 41.29 -33.45 -9.36
N ILE O 114 42.20 -32.66 -9.92
CA ILE O 114 42.46 -32.63 -11.36
C ILE O 114 43.69 -33.46 -11.67
N VAL O 115 43.68 -34.13 -12.82
CA VAL O 115 44.76 -35.04 -13.18
C VAL O 115 45.30 -34.74 -14.58
N HIS O 116 44.76 -33.71 -15.24
CA HIS O 116 45.23 -33.38 -16.58
C HIS O 116 44.92 -31.92 -16.88
N LYS O 117 45.82 -31.28 -17.63
CA LYS O 117 45.62 -29.90 -18.08
C LYS O 117 45.93 -29.86 -19.58
N PRO O 118 45.23 -29.02 -20.36
CA PRO O 118 45.47 -28.91 -21.80
C PRO O 118 46.86 -28.38 -22.13
N MET P 1 -21.39 -17.35 56.69
CA MET P 1 -21.02 -16.54 55.54
C MET P 1 -21.95 -15.34 55.39
N GLN P 2 -21.53 -14.36 54.60
CA GLN P 2 -22.31 -13.16 54.38
C GLN P 2 -22.08 -12.68 52.95
N VAL P 3 -23.02 -11.88 52.45
CA VAL P 3 -23.03 -11.46 51.06
C VAL P 3 -22.92 -9.94 50.98
N TRP P 4 -21.98 -9.47 50.16
CA TRP P 4 -21.87 -8.05 49.88
C TRP P 4 -23.06 -7.59 49.06
N ASN P 5 -23.61 -6.43 49.43
CA ASN P 5 -24.81 -5.93 48.75
C ASN P 5 -24.42 -5.28 47.42
N PRO P 6 -24.95 -5.76 46.30
CA PRO P 6 -24.60 -5.18 44.99
C PRO P 6 -25.56 -4.12 44.46
N ILE P 7 -26.58 -3.73 45.22
CA ILE P 7 -27.62 -2.83 44.73
C ILE P 7 -27.48 -1.49 45.45
N ASP P 8 -27.29 -0.42 44.68
CA ASP P 8 -27.26 0.94 45.19
C ASP P 8 -26.21 1.14 46.27
N ASN P 9 -24.95 0.88 45.94
CA ASN P 9 -23.88 1.05 46.92
C ASN P 9 -22.69 1.77 46.29
N PRO P 10 -22.82 3.06 45.99
CA PRO P 10 -21.70 3.79 45.39
C PRO P 10 -20.63 4.11 46.42
N LYS P 11 -19.41 4.28 45.93
CA LYS P 11 -18.25 4.64 46.75
C LYS P 11 -17.62 5.91 46.22
N PHE P 12 -16.81 6.56 47.06
CA PHE P 12 -16.23 7.85 46.74
C PHE P 12 -14.74 7.93 47.03
N GLU P 13 -13.99 6.85 46.75
CA GLU P 13 -12.53 6.84 46.71
C GLU P 13 -11.92 6.73 48.11
N THR P 14 -11.00 7.65 48.42
CA THR P 14 -10.19 7.54 49.63
C THR P 14 -11.04 7.77 50.87
N LEU P 15 -10.77 7.00 51.92
CA LEU P 15 -11.44 7.09 53.22
C LEU P 15 -12.95 6.87 53.11
N SER P 16 -13.41 6.19 52.06
CA SER P 16 -14.83 5.94 51.86
C SER P 16 -15.27 4.59 52.39
N TYR P 17 -14.36 3.80 52.98
CA TYR P 17 -14.70 2.50 53.51
C TYR P 17 -14.73 2.44 55.03
N LEU P 18 -14.37 3.52 55.72
CA LEU P 18 -14.36 3.64 57.16
C LEU P 18 -15.68 4.19 57.65
N PRO P 19 -15.93 4.16 58.97
CA PRO P 19 -17.13 4.81 59.51
C PRO P 19 -17.17 6.28 59.15
N PRO P 20 -18.35 6.90 59.19
CA PRO P 20 -18.48 8.29 58.72
C PRO P 20 -17.59 9.27 59.47
N LEU P 21 -17.14 10.31 58.77
CA LEU P 21 -16.21 11.28 59.31
C LEU P 21 -16.93 12.28 60.20
N THR P 22 -16.24 12.72 61.25
CA THR P 22 -16.77 13.67 62.20
C THR P 22 -15.80 14.83 62.37
N ASP P 23 -16.28 15.91 62.99
CA ASP P 23 -15.40 16.99 63.36
C ASP P 23 -14.43 16.52 64.44
N ASN P 24 -13.29 17.22 64.52
CA ASN P 24 -12.07 16.84 65.25
C ASN P 24 -11.38 15.67 64.56
N GLN P 25 -11.94 15.12 63.49
CA GLN P 25 -11.22 14.22 62.59
C GLN P 25 -10.91 14.86 61.25
N ILE P 26 -11.62 15.92 60.87
CA ILE P 26 -11.28 16.70 59.69
C ILE P 26 -10.22 17.75 59.97
N ALA P 27 -10.22 18.33 61.18
CA ALA P 27 -9.26 19.37 61.54
C ALA P 27 -7.85 18.85 61.70
N ARG P 28 -7.65 17.54 61.79
CA ARG P 28 -6.32 16.96 61.91
C ARG P 28 -5.69 16.64 60.57
N GLU P 29 -6.49 16.38 59.54
CA GLU P 29 -5.97 16.20 58.20
C GLU P 29 -5.55 17.51 57.55
N ILE P 30 -5.98 18.65 58.09
CA ILE P 30 -5.51 19.95 57.62
C ILE P 30 -4.24 20.39 58.34
N ASP P 31 -4.09 20.06 59.62
CA ASP P 31 -2.83 20.36 60.32
C ASP P 31 -1.65 19.62 59.71
N TYR P 32 -1.84 18.35 59.36
CA TYR P 32 -0.78 17.58 58.71
C TYR P 32 -0.43 18.14 57.33
N MET P 33 -1.37 18.76 56.64
CA MET P 33 -1.09 19.36 55.34
C MET P 33 -0.32 20.66 55.45
N LEU P 34 -0.62 21.49 56.45
CA LEU P 34 0.03 22.79 56.59
C LEU P 34 1.48 22.70 57.06
N ARG P 35 1.81 21.69 57.87
CA ARG P 35 3.17 21.55 58.35
C ARG P 35 4.10 20.93 57.31
N ASN P 36 3.57 20.51 56.17
CA ASN P 36 4.37 20.17 55.01
C ASN P 36 4.37 21.25 53.94
N LYS P 37 3.85 22.44 54.25
CA LYS P 37 3.82 23.58 53.34
C LYS P 37 3.11 23.27 52.03
N TRP P 38 1.82 22.99 52.10
CA TRP P 38 0.99 22.78 50.92
C TRP P 38 -0.18 23.76 50.95
N ILE P 39 -0.81 23.94 49.81
CA ILE P 39 -1.81 24.99 49.59
C ILE P 39 -3.18 24.34 49.48
N PRO P 40 -4.15 24.72 50.30
CA PRO P 40 -5.49 24.15 50.20
C PRO P 40 -6.31 24.79 49.09
N CYS P 41 -7.47 24.18 48.81
CA CYS P 41 -8.41 24.66 47.81
C CYS P 41 -9.75 23.98 48.03
N LEU P 42 -10.74 24.39 47.25
CA LEU P 42 -12.10 23.87 47.37
C LEU P 42 -12.72 23.67 45.99
N GLU P 43 -13.74 22.81 45.94
CA GLU P 43 -14.41 22.47 44.68
C GLU P 43 -15.85 22.05 44.96
N PHE P 44 -16.67 22.08 43.92
CA PHE P 44 -18.05 21.62 44.03
C PHE P 44 -18.59 21.29 42.64
N ASP P 45 -19.57 20.39 42.60
CA ASP P 45 -20.21 19.94 41.37
C ASP P 45 -21.47 19.14 41.69
N PRO P 46 -22.52 19.21 40.87
CA PRO P 46 -23.78 18.54 41.22
C PRO P 46 -23.91 17.10 40.73
N SER P 47 -22.84 16.48 40.24
CA SER P 47 -22.96 15.12 39.73
C SER P 47 -21.62 14.42 39.86
N GLY P 48 -21.66 13.09 39.82
CA GLY P 48 -20.46 12.29 39.96
C GLY P 48 -20.36 11.10 39.02
N THR P 49 -20.89 11.23 37.81
CA THR P 49 -20.90 10.15 36.84
C THR P 49 -19.76 10.32 35.85
N ILE P 50 -19.43 9.23 35.14
CA ILE P 50 -18.33 9.21 34.19
C ILE P 50 -18.83 8.64 32.86
N THR P 51 -18.06 8.91 31.80
CA THR P 51 -18.41 8.47 30.45
C THR P 51 -17.14 8.07 29.70
N THR P 52 -17.29 7.41 28.56
CA THR P 52 -16.16 6.91 27.78
C THR P 52 -16.35 7.33 26.32
N LEU P 53 -15.45 6.85 25.47
CA LEU P 53 -15.48 7.07 24.03
C LEU P 53 -15.33 5.74 23.33
N PRO P 54 -15.79 5.64 22.06
CA PRO P 54 -15.76 4.36 21.36
C PRO P 54 -14.39 3.69 21.31
N GLY P 55 -13.39 4.37 20.75
CA GLY P 55 -12.10 3.74 20.54
C GLY P 55 -10.90 4.58 20.93
N GLN P 56 -11.03 5.38 21.98
CA GLN P 56 -9.93 6.24 22.42
C GLN P 56 -9.43 5.80 23.79
N PRO P 57 -8.28 5.15 23.86
CA PRO P 57 -7.73 4.76 25.17
C PRO P 57 -7.36 5.98 26.00
N GLY P 58 -7.53 5.86 27.31
CA GLY P 58 -7.10 6.89 28.23
C GLY P 58 -7.93 8.16 28.21
N TYR P 59 -9.19 8.08 27.79
CA TYR P 59 -10.07 9.23 27.77
C TYR P 59 -11.31 8.93 28.61
N TYR P 60 -11.64 9.84 29.52
CA TYR P 60 -12.83 9.72 30.35
C TYR P 60 -13.45 11.10 30.53
N GLY P 61 -14.74 11.11 30.84
CA GLY P 61 -15.47 12.34 31.05
C GLY P 61 -15.95 12.46 32.47
N GLY P 62 -15.93 13.69 32.99
CA GLY P 62 -16.39 13.96 34.33
C GLY P 62 -15.28 13.99 35.36
N ARG P 63 -14.18 14.68 35.04
CA ARG P 63 -13.06 14.81 35.96
C ARG P 63 -12.78 16.24 36.38
N TYR P 64 -13.48 17.23 35.84
CA TYR P 64 -13.25 18.62 36.17
C TYR P 64 -14.43 19.17 36.98
N TRP P 65 -14.11 19.88 38.06
CA TRP P 65 -15.10 20.49 38.92
C TRP P 65 -14.86 22.00 38.95
N THR P 66 -15.74 22.71 39.64
CA THR P 66 -15.66 24.17 39.68
C THR P 66 -14.96 24.64 40.95
N MET P 67 -14.10 25.66 40.78
CA MET P 67 -13.28 26.19 41.87
C MET P 67 -14.03 27.30 42.59
N TRP P 68 -13.95 27.29 43.92
CA TRP P 68 -14.73 28.22 44.74
C TRP P 68 -14.34 29.68 44.50
N LYS P 69 -13.17 30.10 44.98
CA LYS P 69 -12.71 31.46 44.68
C LYS P 69 -11.33 31.48 44.04
N LEU P 70 -10.34 30.93 44.75
CA LEU P 70 -8.93 30.99 44.39
C LEU P 70 -8.16 30.18 45.41
N PRO P 71 -6.99 29.66 45.06
CA PRO P 71 -6.13 29.01 46.06
C PRO P 71 -5.69 30.00 47.12
N MET P 72 -5.49 29.51 48.34
CA MET P 72 -5.11 30.33 49.47
C MET P 72 -3.59 30.37 49.56
N PHE P 73 -2.99 31.44 49.03
CA PHE P 73 -1.54 31.59 49.03
C PHE P 73 -1.10 32.33 50.28
N GLY P 74 -0.77 31.55 51.32
CA GLY P 74 -0.20 32.13 52.51
C GLY P 74 -0.90 31.78 53.80
N CYS P 75 -1.88 30.89 53.74
CA CYS P 75 -2.61 30.49 54.94
C CYS P 75 -1.67 29.77 55.90
N ASN P 76 -1.76 30.10 57.19
CA ASN P 76 -0.90 29.50 58.20
C ASN P 76 -1.68 28.94 59.38
N ASN P 77 -2.99 29.07 59.41
CA ASN P 77 -3.82 28.53 60.48
C ASN P 77 -4.99 27.77 59.89
N ALA P 78 -5.52 26.83 60.68
CA ALA P 78 -6.59 25.94 60.23
C ALA P 78 -7.97 26.47 60.59
N GLY P 79 -8.10 27.78 60.76
CA GLY P 79 -9.38 28.37 61.08
C GLY P 79 -10.06 28.99 59.88
N TYR P 80 -9.29 29.72 59.07
CA TYR P 80 -9.84 30.33 57.87
C TYR P 80 -10.26 29.29 56.83
N VAL P 81 -9.66 28.09 56.85
CA VAL P 81 -10.09 27.01 55.98
C VAL P 81 -11.33 26.31 56.51
N LEU P 82 -11.55 26.33 57.82
CA LEU P 82 -12.75 25.76 58.41
C LEU P 82 -13.92 26.72 58.44
N ARG P 83 -13.68 28.01 58.23
CA ARG P 83 -14.78 28.98 58.14
C ARG P 83 -15.27 29.21 56.72
N GLU P 84 -14.59 28.66 55.71
CA GLU P 84 -15.00 28.83 54.33
C GLU P 84 -15.86 27.67 53.82
N ILE P 85 -16.02 26.61 54.60
CA ILE P 85 -16.86 25.48 54.21
C ILE P 85 -18.32 25.74 54.55
N GLU P 86 -18.61 26.78 55.35
CA GLU P 86 -19.98 27.12 55.70
C GLU P 86 -20.61 28.11 54.74
N HIS P 87 -19.85 29.06 54.20
CA HIS P 87 -20.38 29.92 53.16
C HIS P 87 -20.73 29.15 51.90
N CYS P 88 -19.95 28.15 51.54
CA CYS P 88 -20.21 27.35 50.36
C CYS P 88 -21.44 26.46 50.50
N LYS P 89 -21.68 25.90 51.67
CA LYS P 89 -22.80 24.99 51.88
C LYS P 89 -24.10 25.73 52.19
N ASN P 90 -24.06 27.05 52.29
CA ASN P 90 -25.28 27.84 52.43
C ASN P 90 -25.71 28.52 51.14
N ALA P 91 -24.87 28.50 50.10
CA ALA P 91 -25.23 29.07 48.80
C ALA P 91 -25.60 28.01 47.79
N TYR P 92 -24.99 26.82 47.86
CA TYR P 92 -25.28 25.70 46.97
C TYR P 92 -25.51 24.46 47.82
N PRO P 93 -26.67 24.35 48.48
CA PRO P 93 -26.93 23.21 49.36
C PRO P 93 -27.28 21.92 48.64
N GLY P 94 -27.24 21.89 47.32
CA GLY P 94 -27.55 20.67 46.59
C GLY P 94 -26.42 20.16 45.74
N CYS P 95 -25.19 20.21 46.27
CA CYS P 95 -24.02 19.79 45.51
C CYS P 95 -23.02 19.14 46.44
N PHE P 96 -22.02 18.49 45.84
CA PHE P 96 -20.94 17.85 46.57
C PHE P 96 -19.83 18.88 46.84
N ILE P 97 -18.96 18.56 47.79
CA ILE P 97 -17.85 19.45 48.14
C ILE P 97 -16.60 18.58 48.35
N ARG P 98 -15.49 19.05 47.80
CA ARG P 98 -14.23 18.31 47.85
C ARG P 98 -13.10 19.26 48.22
N VAL P 99 -12.06 18.71 48.85
CA VAL P 99 -10.93 19.49 49.34
C VAL P 99 -9.66 18.96 48.71
N LEU P 100 -8.80 19.87 48.25
CA LEU P 100 -7.56 19.51 47.54
C LEU P 100 -6.34 20.01 48.30
N GLY P 101 -5.18 19.84 47.67
CA GLY P 101 -3.91 20.32 48.19
C GLY P 101 -2.82 20.22 47.15
N PHE P 102 -2.07 21.29 46.94
CA PHE P 102 -1.11 21.37 45.84
C PHE P 102 0.32 21.39 46.36
N ASP P 103 1.24 20.93 45.50
CA ASP P 103 2.67 21.02 45.71
C ASP P 103 3.30 21.62 44.45
N ASN P 104 4.16 22.62 44.64
CA ASN P 104 4.75 23.30 43.50
C ASN P 104 6.13 22.78 43.13
N ILE P 105 6.85 22.17 44.07
CA ILE P 105 8.16 21.61 43.74
C ILE P 105 8.02 20.45 42.75
N ARG P 106 7.06 19.56 42.97
CA ARG P 106 6.84 18.41 42.10
C ARG P 106 5.65 18.55 41.17
N GLN P 107 4.84 19.60 41.33
CA GLN P 107 3.71 19.88 40.46
C GLN P 107 2.72 18.73 40.42
N VAL P 108 2.21 18.31 41.59
CA VAL P 108 1.19 17.29 41.68
C VAL P 108 0.31 17.56 42.89
N GLN P 109 -0.87 16.94 42.90
CA GLN P 109 -1.75 17.02 44.05
C GLN P 109 -1.28 16.05 45.13
N CYS P 110 -1.82 16.24 46.34
CA CYS P 110 -1.38 15.46 47.50
C CYS P 110 -2.51 14.73 48.22
N CYS P 111 -3.72 15.28 48.25
CA CYS P 111 -4.82 14.61 48.96
C CYS P 111 -6.13 15.13 48.40
N ALA P 112 -7.18 14.32 48.56
CA ALA P 112 -8.52 14.68 48.12
C ALA P 112 -9.57 13.83 48.82
N PHE P 113 -10.46 14.44 49.59
CA PHE P 113 -11.53 13.73 50.27
C PHE P 113 -12.78 14.59 50.34
N ILE P 114 -13.93 13.93 50.45
CA ILE P 114 -15.24 14.60 50.38
C ILE P 114 -15.72 14.90 51.79
N VAL P 115 -16.35 16.07 51.96
CA VAL P 115 -16.82 16.52 53.27
C VAL P 115 -18.29 16.88 53.29
N HIS P 116 -19.02 16.67 52.20
CA HIS P 116 -20.45 16.97 52.19
C HIS P 116 -21.14 16.18 51.09
N LYS P 117 -22.37 15.76 51.37
CA LYS P 117 -23.17 15.00 50.41
C LYS P 117 -24.60 15.54 50.43
N PRO P 118 -25.25 15.69 49.27
CA PRO P 118 -26.62 16.18 49.15
C PRO P 118 -27.61 15.40 50.01
MG MG Q . -7.74 4.49 -40.96
C1 CAP R . -6.72 5.63 -44.65
C2 CAP R . -7.27 5.40 -43.24
C3 CAP R . -7.48 6.71 -42.50
C4 CAP R . -8.45 7.63 -43.23
C5 CAP R . -9.32 8.42 -42.26
C CAP R . -8.59 4.66 -43.32
O1 CAP R . -6.37 4.42 -45.25
O2 CAP R . -6.34 4.58 -42.49
O3 CAP R . -7.97 6.44 -41.21
O4 CAP R . -7.73 8.56 -44.02
O5 CAP R . -9.51 9.72 -42.78
O6 CAP R . -9.04 4.04 -42.34
O7 CAP R . -9.25 4.67 -44.39
P1 CAP R . -5.93 4.38 -46.80
P2 CAP R . -9.34 11.00 -41.83
O1P CAP R . -5.31 3.04 -47.10
O2P CAP R . -4.93 5.47 -47.08
O3P CAP R . -7.15 4.57 -47.67
O4P CAP R . -8.40 11.97 -42.50
O5P CAP R . -8.80 10.60 -40.48
O6P CAP R . -10.68 11.68 -41.65
MG MG S . -32.00 22.07 -16.30
C1 CAP T . -35.78 22.56 -16.83
C2 CAP T . -34.31 22.19 -16.81
C3 CAP T . -34.06 20.82 -17.44
C4 CAP T . -34.62 20.76 -18.86
C5 CAP T . -33.69 19.96 -19.79
C CAP T . -33.49 23.24 -17.53
O1 CAP T . -36.03 23.61 -15.92
O2 CAP T . -33.86 22.13 -15.44
O3 CAP T . -32.67 20.58 -17.47
O4 CAP T . -35.88 20.13 -18.85
O5 CAP T . -34.44 19.50 -20.89
O6 CAP T . -33.82 24.45 -17.49
O7 CAP T . -32.46 22.92 -18.14
P1 CAP T . -37.48 24.30 -15.83
P2 CAP T . -34.43 17.95 -21.31
O1P CAP T . -37.48 25.27 -14.67
O2P CAP T . -38.53 23.25 -15.61
O3P CAP T . -37.76 25.05 -17.10
O4P CAP T . -35.82 17.56 -21.73
O5P CAP T . -33.98 17.11 -20.14
O6P CAP T . -33.48 17.75 -22.47
MG MG U . 3.56 -39.78 -13.35
C1 CAP V . 4.08 -42.44 -16.14
C2 CAP V . 3.64 -41.39 -15.12
C3 CAP V . 2.37 -40.67 -15.54
C4 CAP V . 1.25 -41.66 -15.90
C5 CAP V . -0.10 -41.17 -15.39
C CAP V . 3.45 -42.04 -13.76
O1 CAP V . 5.44 -42.77 -15.93
O2 CAP V . 4.70 -40.40 -15.00
O3 CAP V . 1.95 -39.84 -14.48
O4 CAP V . 1.18 -41.81 -17.30
O5 CAP V . -1.12 -41.78 -16.14
O6 CAP V . 4.25 -42.89 -13.34
O7 CAP V . 2.50 -41.69 -13.03
P1 CAP V . 6.13 -43.95 -16.78
P2 CAP V . -2.28 -40.91 -16.83
O1P CAP V . 7.60 -43.96 -16.47
O2P CAP V . 5.93 -43.70 -18.25
O3P CAP V . 5.52 -45.28 -16.40
O4P CAP V . -2.55 -41.46 -18.19
O5P CAP V . -1.85 -39.47 -16.94
O6P CAP V . -3.54 -40.99 -16.00
MG MG W . -30.81 -28.50 1.01
C1 CAP X . -33.37 -30.70 3.03
C2 CAP X . -32.24 -30.08 2.22
C3 CAP X . -30.88 -30.65 2.63
C4 CAP X . -30.82 -32.16 2.43
C5 CAP X . -29.43 -32.60 1.98
C CAP X . -32.47 -30.34 0.75
O1 CAP X . -34.59 -30.04 2.73
O2 CAP X . -32.22 -28.64 2.44
O3 CAP X . -29.88 -30.03 1.85
O4 CAP X . -31.12 -32.81 3.65
O5 CAP X . -29.20 -33.92 2.43
O6 CAP X . -31.95 -29.60 -0.11
O7 CAP X . -33.21 -31.28 0.39
P1 CAP X . -35.98 -30.63 3.28
P2 CAP X . -27.87 -34.29 3.25
O1P CAP X . -37.05 -29.59 3.07
O2P CAP X . -35.87 -30.94 4.75
O3P CAP X . -36.33 -31.89 2.52
O4P CAP X . -28.23 -35.22 4.38
O5P CAP X . -27.23 -33.04 3.78
O6P CAP X . -26.91 -35.00 2.32
MG MG Y . 35.91 -11.58 18.22
C1 CAP Z . 39.31 -13.93 18.24
C2 CAP Z . 37.97 -13.21 18.39
C3 CAP Z . 36.84 -14.18 18.71
C4 CAP Z . 37.10 -14.94 20.00
C5 CAP Z . 35.81 -15.17 20.78
C CAP Z . 38.06 -12.17 19.49
O1 CAP Z . 40.29 -13.05 17.75
O2 CAP Z . 37.66 -12.53 17.14
O3 CAP Z . 35.64 -13.46 18.82
O4 CAP Z . 37.67 -16.19 19.71
O5 CAP Z . 35.88 -16.44 21.39
O6 CAP Z . 37.26 -11.22 19.54
O7 CAP Z . 38.96 -12.26 20.36
P1 CAP Z . 41.83 -13.51 17.70
P2 CAP Z . 34.63 -17.45 21.33
O1P CAP Z . 42.60 -12.51 16.87
O2P CAP Z . 41.93 -14.87 17.06
O3P CAP Z . 42.39 -13.55 19.09
O4P CAP Z . 35.11 -18.78 20.81
O5P CAP Z . 33.57 -16.90 20.42
O6P CAP Z . 34.06 -17.64 22.72
MG MG AA . 3.71 -14.59 39.14
C1 CAP BA . 3.34 -14.21 43.01
C2 CAP BA . 3.76 -14.33 41.54
C3 CAP BA . 4.89 -13.36 41.21
C4 CAP BA . 6.13 -13.62 42.07
C5 CAP BA . 7.41 -13.36 41.29
C CAP BA . 4.21 -15.75 41.26
O1 CAP BA . 2.20 -15.00 43.26
O2 CAP BA . 2.62 -14.03 40.69
O3 CAP BA . 5.23 -13.51 39.85
O4 CAP BA . 6.11 -12.76 43.19
O5 CAP BA . 8.35 -12.79 42.17
O6 CAP BA . 4.24 -16.19 40.09
O7 CAP BA . 4.55 -16.50 42.20
P1 CAP BA . 1.67 -15.19 44.77
P2 CAP BA . 9.20 -11.49 41.74
O1P CAP BA . 0.31 -15.84 44.73
O2P CAP BA . 1.56 -13.84 45.44
O3P CAP BA . 2.62 -16.07 45.54
O4P CAP BA . 9.04 -10.44 42.81
O5P CAP BA . 8.70 -10.96 40.42
O6P CAP BA . 10.66 -11.85 41.63
MG MG CA . 24.70 32.40 -9.56
C1 CAP DA . 28.43 34.03 -10.24
C2 CAP DA . 27.06 33.51 -9.78
C3 CAP DA . 27.07 33.18 -8.30
C4 CAP DA . 27.42 34.39 -7.45
C5 CAP DA . 26.61 34.41 -6.16
C CAP DA . 26.01 34.55 -10.06
O1 CAP DA . 28.49 34.10 -11.65
O2 CAP DA . 26.74 32.31 -10.54
O3 CAP DA . 25.78 32.70 -7.94
O4 CAP DA . 28.78 34.34 -7.12
O5 CAP DA . 27.34 35.11 -5.17
O6 CAP DA . 24.80 34.24 -10.13
O7 CAP DA . 26.33 35.75 -10.23
P1 CAP DA . 29.75 34.77 -12.37
P2 CAP DA . 27.57 34.47 -3.72
O1P CAP DA . 29.70 34.44 -13.84
O2P CAP DA . 31.03 34.22 -11.79
O3P CAP DA . 29.71 36.26 -12.19
O4P CAP DA . 28.96 34.82 -3.26
O5P CAP DA . 27.40 32.98 -3.78
O6P CAP DA . 26.58 35.05 -2.75
MG MG EA . 2.60 35.66 21.82
C1 CAP FA . 0.94 39.05 23.29
C2 CAP FA . 1.65 37.91 22.56
C3 CAP FA . 1.66 38.13 21.06
C4 CAP FA . 2.30 39.45 20.67
C5 CAP FA . 3.09 39.34 19.38
C CAP FA . 3.08 37.81 23.07
O1 CAP FA . 0.78 38.74 24.65
O2 CAP FA . 0.97 36.66 22.85
O3 CAP FA . 2.35 37.07 20.45
O4 CAP FA . 1.30 40.43 20.50
O5 CAP FA . 3.09 40.60 18.74
O6 CAP FA . 3.73 36.75 22.92
O7 CAP FA . 3.62 38.79 23.62
P1 CAP FA . 0.21 39.83 25.69
P2 CAP FA . 2.64 40.73 17.20
O1P CAP FA . -0.08 39.14 27.00
O2P CAP FA . -1.06 40.43 25.15
O3P CAP FA . 1.24 40.91 25.91
O4P CAP FA . 1.74 41.94 17.08
O5P CAP FA . 1.88 39.50 16.78
O6P CAP FA . 3.84 40.92 16.33
#